data_8ZXS
#
_entry.id   8ZXS
#
_cell.length_a   121.392
_cell.length_b   165.939
_cell.length_c   249.032
_cell.angle_alpha   90.000
_cell.angle_beta   90.000
_cell.angle_gamma   90.000
#
_symmetry.space_group_name_H-M   'P 21 21 21'
#
loop_
_entity.id
_entity.type
_entity.pdbx_description
1 polymer 'Efflux pump membrane transporter'
2 non-polymer DODECYL-BETA-D-MALTOSIDE
3 non-polymer GLYCEROL
4 water water
#
_entity_poly.entity_id   1
_entity_poly.type   'polypeptide(L)'
_entity_poly.pdbx_seq_one_letter_code
;MDFSRFFIDRPIFAAVLSILIFITGLIAIPLLPVSEYPDVVPPSVQVRAEYPGANPKVIAETVATPLEEAINGVENMMYM
KSVAGSDGVLVTTVTFRPGTDPDQAQVQVQNRVAQAEARLPEDVRRLGITTQKQSPTLTLVVHLFSPNGKYDSLYMRNYA
TLKVKDELARLPGVGQIQIFGSGEYAMRVWLDPNKVAARGLTASDVVTAMQEQNVQVSAGQLGAEPLPQESDFLISINAQ
GRLHTEEEFGNIILKTAQDGSLVRLRDVARIEMGSGSYALRSQLNNKDAVGIGIFQSPGANAIDLSNAVRAKMAELATRF
PEDMQWAAPYDPTVFVRDSIRAVVQTLLEAVVLVVLVVILFLQTWRASIIPLIAVPVSVVGTFSILYLLGFSLNTLSLFG
LVLAIGIVVDDAIVVVENVERNIEEGLAPLAAAHQAMREVSGPIIAIALVLCAVFVPMAFLSGVTGQFYKQFAVTIAIST
VISAINSLTLSPALAALLLKPHGAKKDLPTRLIDRLFGWIFRPFNRFFLRSSNGYQGLVSKTLGRRGAVFAVYLLLLCAA
GVMFKVVPGGFIPTQDKLYLIGGVKMPEGSSLARTDAVIRKMSEIGMNTEGVDYAVAFPGLNALQFTNTPNTGTVFFGLK
PFDQRKHTAAEINAEINAKIAQIQQGFGFSILPPPILGLGQGSGYSLYIQDRGGLGYGALQSAVNAMSGAIMQTPGMHFP
ISTYQANVPQLDVQVDRDKAKAQGVSLTELFGTLQTYLGSSYVNDFNQFGRTWRVMAQADGPYRESVEDIANLRTRNNQG
EMVPIGSMVNISTTYGPDPVIRYNGYPAADLIGDADPRVLSSSQAMTHLEELSKQILPNGMNIEWTDLSFQQATQGNTAL
IVFPVAVLLAFLVLAALYESWTLPLAVILIVPMTMLSALFGVWLTGGDNNVFVQVGLVVLMGLACKNAILIVEFARELEI
QGKGIMEAALEACRLRLRPIVMTSIAFIAGTIPLILGHGAGAEVRGVTGITVFSGMLGVTLFGLFLTPVFYVTLRKLVTR
RKPVQEDLPAHHHHHH
;
_entity_poly.pdbx_strand_id   A,B,C
#
loop_
_chem_comp.id
_chem_comp.type
_chem_comp.name
_chem_comp.formula
GOL non-polymer GLYCEROL 'C3 H8 O3'
LMT D-saccharide DODECYL-BETA-D-MALTOSIDE 'C24 H46 O11'
#
# COMPACT_ATOMS: atom_id res chain seq x y z
N MET A 1 25.95 39.58 -6.19
CA MET A 1 27.17 39.00 -6.72
C MET A 1 28.06 38.47 -5.59
N ASP A 2 27.91 39.06 -4.41
CA ASP A 2 28.47 38.51 -3.18
C ASP A 2 27.29 37.97 -2.38
N PHE A 3 27.01 36.69 -2.58
CA PHE A 3 25.85 36.07 -1.94
C PHE A 3 26.07 35.75 -0.47
N SER A 4 27.29 35.96 0.04
CA SER A 4 27.64 35.59 1.40
C SER A 4 27.71 36.78 2.36
N ARG A 5 27.32 37.97 1.92
CA ARG A 5 27.55 39.16 2.74
C ARG A 5 26.72 39.13 4.02
N PHE A 6 25.48 38.66 3.94
CA PHE A 6 24.64 38.50 5.13
C PHE A 6 25.39 37.71 6.20
N PHE A 7 25.72 36.46 5.89
CA PHE A 7 26.35 35.60 6.87
C PHE A 7 27.76 36.04 7.21
N ILE A 8 28.40 36.83 6.36
CA ILE A 8 29.71 37.39 6.68
C ILE A 8 29.57 38.42 7.79
N ASP A 9 28.64 39.36 7.63
CA ASP A 9 28.51 40.46 8.59
C ASP A 9 27.73 40.06 9.84
N ARG A 10 26.92 39.01 9.76
CA ARG A 10 26.19 38.46 10.92
C ARG A 10 26.50 36.97 11.04
N PRO A 11 27.74 36.62 11.45
CA PRO A 11 28.18 35.23 11.38
C PRO A 11 27.31 34.22 12.11
N ILE A 12 26.81 34.56 13.28
CA ILE A 12 26.15 33.54 14.10
C ILE A 12 24.85 33.06 13.47
N PHE A 13 24.30 33.79 12.49
CA PHE A 13 23.24 33.23 11.65
C PHE A 13 23.76 32.03 10.86
N ALA A 14 24.92 32.18 10.22
CA ALA A 14 25.54 31.04 9.55
C ALA A 14 25.86 29.94 10.54
N ALA A 15 26.31 30.32 11.74
CA ALA A 15 26.56 29.33 12.78
C ALA A 15 25.32 28.51 13.07
N VAL A 16 24.20 29.19 13.33
CA VAL A 16 22.96 28.49 13.66
C VAL A 16 22.53 27.58 12.50
N LEU A 17 22.70 28.05 11.26
CA LEU A 17 22.29 27.23 10.12
C LEU A 17 23.15 25.97 10.00
N SER A 18 24.46 26.10 10.17
CA SER A 18 25.33 24.93 10.03
C SER A 18 25.15 23.95 11.18
N ILE A 19 24.97 24.45 12.40
CA ILE A 19 24.68 23.53 13.50
C ILE A 19 23.36 22.82 13.25
N LEU A 20 22.40 23.51 12.64
CA LEU A 20 21.13 22.87 12.29
C LEU A 20 21.33 21.71 11.32
N ILE A 21 22.07 21.96 10.24
CA ILE A 21 22.31 20.89 9.27
C ILE A 21 23.03 19.72 9.94
N PHE A 22 24.04 20.04 10.75
CA PHE A 22 24.82 19.02 11.45
C PHE A 22 23.94 18.17 12.36
N ILE A 23 23.13 18.81 13.20
CA ILE A 23 22.35 18.03 14.16
C ILE A 23 21.30 17.21 13.43
N THR A 24 20.72 17.75 12.35
CA THR A 24 19.74 16.97 11.60
C THR A 24 20.37 15.70 11.04
N GLY A 25 21.60 15.79 10.54
CA GLY A 25 22.33 14.58 10.17
C GLY A 25 22.50 13.63 11.35
N LEU A 26 22.79 14.18 12.54
CA LEU A 26 22.99 13.31 13.70
C LEU A 26 21.71 12.58 14.11
N ILE A 27 20.55 13.24 14.00
CA ILE A 27 19.34 12.48 14.32
C ILE A 27 19.00 11.53 13.18
N ALA A 28 19.41 11.85 11.96
CA ALA A 28 19.11 10.96 10.85
C ALA A 28 19.85 9.64 10.98
N ILE A 29 21.14 9.67 11.35
CA ILE A 29 21.97 8.46 11.25
C ILE A 29 21.46 7.28 12.08
N PRO A 30 20.99 7.44 13.32
CA PRO A 30 20.47 6.25 14.03
C PRO A 30 19.22 5.66 13.38
N LEU A 31 18.41 6.48 12.73
CA LEU A 31 17.23 6.01 12.02
C LEU A 31 17.54 5.51 10.62
N LEU A 32 18.79 5.63 10.17
CA LEU A 32 19.15 5.28 8.81
C LEU A 32 19.45 3.78 8.72
N PRO A 33 18.79 3.05 7.81
CA PRO A 33 19.03 1.61 7.71
C PRO A 33 20.46 1.28 7.30
N VAL A 34 20.93 0.13 7.78
CA VAL A 34 22.28 -0.36 7.50
C VAL A 34 22.19 -1.75 6.90
N SER A 35 22.94 -1.97 5.83
CA SER A 35 23.06 -3.27 5.18
C SER A 35 24.25 -3.22 4.24
N GLU A 36 24.63 -4.38 3.71
CA GLU A 36 25.76 -4.43 2.79
C GLU A 36 25.43 -3.70 1.48
N TYR A 37 24.30 -4.04 0.88
CA TYR A 37 23.91 -3.57 -0.44
C TYR A 37 22.49 -3.02 -0.39
N PRO A 38 22.15 -2.12 -1.31
CA PRO A 38 20.74 -1.76 -1.48
C PRO A 38 19.95 -2.92 -2.08
N ASP A 39 18.62 -2.82 -1.96
CA ASP A 39 17.73 -3.93 -2.30
C ASP A 39 17.65 -4.08 -3.81
N VAL A 40 18.65 -4.76 -4.37
CA VAL A 40 18.71 -5.00 -5.81
C VAL A 40 18.24 -6.40 -6.19
N VAL A 41 17.95 -7.26 -5.23
CA VAL A 41 17.47 -8.61 -5.51
C VAL A 41 16.00 -8.56 -5.87
N PRO A 42 15.59 -9.06 -7.04
CA PRO A 42 14.17 -9.07 -7.38
C PRO A 42 13.38 -9.89 -6.38
N PRO A 43 12.20 -9.43 -5.99
CA PRO A 43 11.42 -10.17 -4.98
C PRO A 43 10.96 -11.51 -5.54
N SER A 44 10.93 -12.51 -4.68
CA SER A 44 10.51 -13.84 -5.07
C SER A 44 9.55 -14.40 -4.04
N VAL A 45 8.68 -15.29 -4.49
CA VAL A 45 7.73 -15.99 -3.65
C VAL A 45 7.91 -17.48 -3.85
N GLN A 46 8.02 -18.22 -2.74
CA GLN A 46 8.23 -19.66 -2.75
C GLN A 46 6.92 -20.36 -2.40
N VAL A 47 6.53 -21.32 -3.22
CA VAL A 47 5.38 -22.17 -2.99
C VAL A 47 5.90 -23.58 -2.75
N ARG A 48 5.61 -24.15 -1.58
CA ARG A 48 6.16 -25.43 -1.18
C ARG A 48 5.06 -26.45 -0.98
N ALA A 49 5.21 -27.61 -1.59
CA ALA A 49 4.25 -28.70 -1.54
C ALA A 49 4.95 -29.99 -1.13
N GLU A 50 4.20 -30.90 -0.52
CA GLU A 50 4.73 -32.19 -0.11
C GLU A 50 3.85 -33.31 -0.65
N TYR A 51 4.49 -34.39 -1.06
CA TYR A 51 3.80 -35.57 -1.58
C TYR A 51 4.61 -36.78 -1.15
N PRO A 52 4.42 -37.23 0.10
CA PRO A 52 5.31 -38.27 0.66
C PRO A 52 5.35 -39.53 -0.18
N GLY A 53 6.57 -39.91 -0.58
CA GLY A 53 6.77 -41.12 -1.34
C GLY A 53 6.49 -41.02 -2.83
N ALA A 54 6.38 -39.82 -3.37
CA ALA A 54 6.04 -39.64 -4.78
C ALA A 54 7.29 -39.47 -5.64
N ASN A 55 7.24 -40.04 -6.84
CA ASN A 55 8.29 -39.83 -7.83
C ASN A 55 8.32 -38.36 -8.23
N PRO A 56 9.51 -37.78 -8.41
CA PRO A 56 9.59 -36.47 -9.08
C PRO A 56 8.73 -36.37 -10.33
N LYS A 57 8.63 -37.45 -11.10
CA LYS A 57 7.82 -37.42 -12.32
C LYS A 57 6.37 -37.08 -12.00
N VAL A 58 5.75 -37.81 -11.07
CA VAL A 58 4.34 -37.57 -10.82
C VAL A 58 4.11 -36.33 -9.96
N ILE A 59 5.10 -35.91 -9.17
CA ILE A 59 5.01 -34.58 -8.56
C ILE A 59 4.94 -33.51 -9.64
N ALA A 60 5.78 -33.62 -10.66
CA ALA A 60 5.75 -32.67 -11.76
C ALA A 60 4.43 -32.76 -12.53
N GLU A 61 3.95 -33.97 -12.78
CA GLU A 61 2.77 -34.16 -13.62
C GLU A 61 1.50 -33.70 -12.93
N THR A 62 1.32 -34.07 -11.66
CA THR A 62 0.04 -33.92 -10.98
C THR A 62 0.04 -32.88 -9.87
N VAL A 63 1.19 -32.31 -9.54
CA VAL A 63 1.29 -31.26 -8.53
C VAL A 63 1.90 -29.98 -9.12
N ALA A 64 3.07 -30.10 -9.76
CA ALA A 64 3.70 -28.93 -10.35
C ALA A 64 2.90 -28.42 -11.55
N THR A 65 2.47 -29.31 -12.44
CA THR A 65 1.78 -28.87 -13.64
C THR A 65 0.48 -28.13 -13.34
N PRO A 66 -0.45 -28.64 -12.53
CA PRO A 66 -1.68 -27.88 -12.30
C PRO A 66 -1.45 -26.59 -11.53
N LEU A 67 -0.57 -26.61 -10.53
CA LEU A 67 -0.17 -25.37 -9.87
C LEU A 67 0.27 -24.36 -10.92
N GLU A 68 1.31 -24.70 -11.69
CA GLU A 68 1.85 -23.79 -12.70
C GLU A 68 0.76 -23.28 -13.63
N GLU A 69 -0.17 -24.14 -14.04
CA GLU A 69 -1.31 -23.67 -14.82
C GLU A 69 -2.11 -22.62 -14.07
N ALA A 70 -2.12 -22.68 -12.73
CA ALA A 70 -2.86 -21.67 -11.98
C ALA A 70 -2.06 -20.37 -11.79
N ILE A 71 -0.79 -20.47 -11.40
CA ILE A 71 -0.07 -19.23 -11.07
C ILE A 71 0.31 -18.44 -12.32
N ASN A 72 0.34 -19.08 -13.48
CA ASN A 72 0.79 -18.39 -14.69
C ASN A 72 -0.09 -17.20 -15.01
N GLY A 73 0.55 -16.09 -15.41
CA GLY A 73 -0.13 -14.84 -15.64
C GLY A 73 -0.22 -13.92 -14.45
N VAL A 74 0.31 -14.30 -13.29
CA VAL A 74 0.20 -13.47 -12.10
C VAL A 74 0.88 -12.12 -12.37
N GLU A 75 0.36 -11.07 -11.73
CA GLU A 75 0.79 -9.71 -12.01
C GLU A 75 2.25 -9.50 -11.63
N ASN A 76 3.00 -8.82 -12.50
CA ASN A 76 4.40 -8.42 -12.35
C ASN A 76 5.36 -9.59 -12.35
N MET A 77 4.92 -10.79 -12.76
CA MET A 77 5.81 -11.95 -12.72
C MET A 77 6.83 -11.87 -13.84
N MET A 78 8.09 -12.10 -13.50
CA MET A 78 9.14 -12.23 -14.50
C MET A 78 9.25 -13.68 -14.98
N TYR A 79 9.37 -14.63 -14.06
CA TYR A 79 9.46 -16.03 -14.45
C TYR A 79 9.26 -16.93 -13.24
N MET A 80 8.96 -18.19 -13.50
CA MET A 80 8.78 -19.17 -12.43
C MET A 80 9.52 -20.46 -12.78
N LYS A 81 10.00 -21.13 -11.74
CA LYS A 81 10.62 -22.44 -11.88
C LYS A 81 10.05 -23.39 -10.85
N SER A 82 10.09 -24.69 -11.17
CA SER A 82 9.57 -25.74 -10.32
C SER A 82 10.63 -26.84 -10.20
N VAL A 83 11.03 -27.16 -8.96
CA VAL A 83 11.96 -28.24 -8.69
C VAL A 83 11.24 -29.30 -7.88
N ALA A 84 11.19 -30.53 -8.40
CA ALA A 84 10.53 -31.65 -7.74
C ALA A 84 11.54 -32.76 -7.49
N GLY A 85 11.87 -32.99 -6.21
CA GLY A 85 12.85 -33.98 -5.84
C GLY A 85 12.22 -35.30 -5.38
N SER A 86 13.10 -36.29 -5.17
CA SER A 86 12.68 -37.60 -4.73
C SER A 86 12.40 -37.68 -3.24
N ASP A 87 12.62 -36.59 -2.50
CA ASP A 87 12.19 -36.50 -1.11
C ASP A 87 10.71 -36.11 -1.00
N GLY A 88 9.98 -36.10 -2.11
CA GLY A 88 8.56 -35.79 -2.09
C GLY A 88 8.20 -34.33 -1.95
N VAL A 89 9.15 -33.41 -2.15
CA VAL A 89 8.92 -31.99 -1.94
C VAL A 89 9.00 -31.27 -3.27
N LEU A 90 8.03 -30.41 -3.54
CA LEU A 90 8.02 -29.52 -4.68
C LEU A 90 8.27 -28.09 -4.20
N VAL A 91 9.19 -27.39 -4.84
CA VAL A 91 9.44 -25.98 -4.58
C VAL A 91 9.27 -25.21 -5.88
N THR A 92 8.34 -24.26 -5.88
CA THR A 92 8.08 -23.40 -7.03
C THR A 92 8.43 -21.97 -6.67
N THR A 93 9.41 -21.41 -7.38
CA THR A 93 9.86 -20.04 -7.15
C THR A 93 9.29 -19.16 -8.24
N VAL A 94 8.55 -18.12 -7.85
CA VAL A 94 8.03 -17.12 -8.76
C VAL A 94 8.78 -15.82 -8.50
N THR A 95 9.50 -15.35 -9.51
CA THR A 95 10.28 -14.13 -9.44
C THR A 95 9.58 -13.04 -10.23
N PHE A 96 9.45 -11.86 -9.61
CA PHE A 96 8.70 -10.72 -10.11
C PHE A 96 9.64 -9.60 -10.55
N ARG A 97 9.09 -8.66 -11.33
CA ARG A 97 9.88 -7.53 -11.78
C ARG A 97 10.34 -6.70 -10.58
N PRO A 98 11.56 -6.18 -10.60
CA PRO A 98 12.03 -5.38 -9.46
C PRO A 98 11.13 -4.19 -9.21
N GLY A 99 10.95 -3.85 -7.94
CA GLY A 99 9.97 -2.87 -7.53
C GLY A 99 8.61 -3.42 -7.21
N THR A 100 8.36 -4.70 -7.48
CA THR A 100 7.09 -5.31 -7.13
C THR A 100 6.94 -5.40 -5.61
N ASP A 101 5.73 -5.18 -5.13
CA ASP A 101 5.47 -5.32 -3.70
C ASP A 101 5.56 -6.79 -3.34
N PRO A 102 6.46 -7.20 -2.43
CA PRO A 102 6.54 -8.62 -2.07
C PRO A 102 5.28 -9.14 -1.40
N ASP A 103 4.67 -8.37 -0.50
CA ASP A 103 3.46 -8.81 0.16
C ASP A 103 2.31 -8.97 -0.84
N GLN A 104 2.17 -8.02 -1.75
CA GLN A 104 1.15 -8.12 -2.78
C GLN A 104 1.40 -9.31 -3.69
N ALA A 105 2.66 -9.54 -4.05
CA ALA A 105 2.99 -10.71 -4.85
C ALA A 105 2.58 -11.99 -4.11
N GLN A 106 2.86 -12.04 -2.81
CA GLN A 106 2.53 -13.22 -2.03
C GLN A 106 1.03 -13.46 -1.97
N VAL A 107 0.24 -12.40 -1.76
CA VAL A 107 -1.20 -12.60 -1.69
C VAL A 107 -1.76 -13.04 -3.04
N GLN A 108 -1.23 -12.49 -4.14
CA GLN A 108 -1.71 -12.94 -5.46
C GLN A 108 -1.34 -14.39 -5.73
N VAL A 109 -0.12 -14.78 -5.37
CA VAL A 109 0.30 -16.16 -5.61
C VAL A 109 -0.54 -17.12 -4.77
N GLN A 110 -0.80 -16.77 -3.51
CA GLN A 110 -1.63 -17.67 -2.72
C GLN A 110 -3.07 -17.68 -3.21
N ASN A 111 -3.56 -16.59 -3.79
CA ASN A 111 -4.86 -16.61 -4.44
C ASN A 111 -4.89 -17.66 -5.53
N ARG A 112 -3.85 -17.69 -6.37
CA ARG A 112 -3.85 -18.65 -7.47
C ARG A 112 -3.63 -20.08 -6.98
N VAL A 113 -2.81 -20.28 -5.95
CA VAL A 113 -2.69 -21.66 -5.43
C VAL A 113 -3.99 -22.08 -4.76
N ALA A 114 -4.73 -21.13 -4.16
CA ALA A 114 -6.02 -21.47 -3.57
C ALA A 114 -7.00 -21.93 -4.64
N GLN A 115 -6.99 -21.26 -5.78
CA GLN A 115 -7.78 -21.75 -6.90
C GLN A 115 -7.31 -23.13 -7.35
N ALA A 116 -6.00 -23.38 -7.28
CA ALA A 116 -5.44 -24.64 -7.80
C ALA A 116 -5.66 -25.83 -6.88
N GLU A 117 -5.80 -25.60 -5.57
CA GLU A 117 -5.74 -26.69 -4.60
C GLU A 117 -6.82 -27.75 -4.80
N ALA A 118 -7.89 -27.42 -5.51
CA ALA A 118 -8.99 -28.38 -5.67
C ALA A 118 -8.59 -29.57 -6.54
N ARG A 119 -7.66 -29.38 -7.48
CA ARG A 119 -7.29 -30.42 -8.43
C ARG A 119 -5.98 -31.11 -8.07
N LEU A 120 -5.40 -30.81 -6.91
CA LEU A 120 -4.22 -31.50 -6.44
C LEU A 120 -4.59 -32.85 -5.84
N PRO A 121 -3.63 -33.77 -5.74
CA PRO A 121 -3.92 -35.05 -5.07
C PRO A 121 -4.32 -34.83 -3.63
N GLU A 122 -5.14 -35.74 -3.12
CA GLU A 122 -5.68 -35.56 -1.77
C GLU A 122 -4.57 -35.45 -0.75
N ASP A 123 -3.62 -36.38 -0.77
CA ASP A 123 -2.57 -36.38 0.24
C ASP A 123 -1.64 -35.18 0.12
N VAL A 124 -1.57 -34.56 -1.07
CA VAL A 124 -0.78 -33.34 -1.22
C VAL A 124 -1.42 -32.20 -0.44
N ARG A 125 -2.73 -32.00 -0.62
CA ARG A 125 -3.36 -30.86 0.02
C ARG A 125 -3.70 -31.13 1.49
N ARG A 126 -3.75 -32.40 1.89
CA ARG A 126 -3.97 -32.71 3.29
C ARG A 126 -2.81 -32.22 4.15
N LEU A 127 -1.60 -32.27 3.62
CA LEU A 127 -0.44 -31.71 4.30
C LEU A 127 -0.37 -30.19 4.16
N GLY A 128 -1.13 -29.59 3.25
CA GLY A 128 -1.08 -28.17 3.03
C GLY A 128 0.08 -27.75 2.15
N ILE A 129 -0.08 -26.65 1.41
CA ILE A 129 0.99 -26.10 0.58
C ILE A 129 1.16 -24.64 0.94
N THR A 130 2.39 -24.23 1.22
CA THR A 130 2.65 -22.95 1.87
C THR A 130 3.26 -21.97 0.88
N THR A 131 2.68 -20.77 0.80
CA THR A 131 3.14 -19.70 -0.06
C THR A 131 3.74 -18.62 0.81
N GLN A 132 5.00 -18.25 0.54
CA GLN A 132 5.66 -17.26 1.38
C GLN A 132 6.70 -16.48 0.58
N LYS A 133 6.69 -15.17 0.77
CA LYS A 133 7.68 -14.31 0.13
C LYS A 133 9.05 -14.54 0.76
N GLN A 134 10.09 -14.44 -0.06
CA GLN A 134 11.45 -14.71 0.36
C GLN A 134 12.16 -13.44 0.80
N SER A 135 12.86 -13.52 1.92
CA SER A 135 13.74 -12.44 2.36
C SER A 135 15.13 -12.73 1.82
N PRO A 136 15.67 -11.91 0.92
CA PRO A 136 16.88 -12.32 0.19
C PRO A 136 18.18 -12.07 0.92
N THR A 137 18.22 -11.13 1.87
CA THR A 137 19.47 -10.68 2.46
C THR A 137 19.70 -11.42 3.77
N LEU A 138 20.68 -12.32 3.77
CA LEU A 138 21.03 -13.08 4.96
C LEU A 138 21.90 -12.21 5.88
N THR A 139 21.57 -12.19 7.17
CA THR A 139 22.32 -11.39 8.12
C THR A 139 23.18 -12.20 9.08
N LEU A 140 22.86 -13.48 9.30
CA LEU A 140 23.63 -14.31 10.22
C LEU A 140 23.13 -15.74 10.10
N VAL A 141 24.06 -16.70 10.16
CA VAL A 141 23.72 -18.12 10.27
C VAL A 141 24.30 -18.65 11.57
N VAL A 142 23.44 -19.17 12.44
CA VAL A 142 23.88 -19.81 13.67
C VAL A 142 23.74 -21.31 13.52
N HIS A 143 24.44 -22.02 14.40
CA HIS A 143 24.41 -23.48 14.44
C HIS A 143 24.32 -23.95 15.87
N LEU A 144 23.34 -24.80 16.17
CA LEU A 144 23.36 -25.62 17.37
C LEU A 144 24.11 -26.90 17.04
N PHE A 145 25.04 -27.30 17.90
CA PHE A 145 25.85 -28.47 17.63
C PHE A 145 26.25 -29.17 18.91
N SER A 146 26.54 -30.48 18.77
CA SER A 146 26.89 -31.35 19.89
C SER A 146 28.29 -31.92 19.69
N PRO A 147 29.31 -31.35 20.35
CA PRO A 147 30.69 -31.76 20.08
C PRO A 147 30.99 -33.22 20.39
N ASN A 148 30.37 -33.78 21.43
CA ASN A 148 30.74 -35.14 21.85
C ASN A 148 29.91 -36.20 21.12
N GLY A 149 28.60 -36.01 21.04
CA GLY A 149 27.78 -36.94 20.28
C GLY A 149 26.49 -37.34 20.95
N LYS A 150 26.18 -36.76 22.11
CA LYS A 150 24.96 -37.11 22.82
C LYS A 150 23.74 -36.81 21.96
N TYR A 151 23.69 -35.63 21.36
CA TYR A 151 22.54 -35.22 20.57
C TYR A 151 22.83 -35.40 19.09
N ASP A 152 21.83 -35.92 18.37
CA ASP A 152 21.86 -36.01 16.93
C ASP A 152 21.18 -34.78 16.33
N SER A 153 21.23 -34.67 15.01
CA SER A 153 20.64 -33.51 14.34
C SER A 153 19.14 -33.42 14.58
N LEU A 154 18.47 -34.57 14.72
CA LEU A 154 17.02 -34.55 14.96
C LEU A 154 16.70 -33.82 16.27
N TYR A 155 17.37 -34.20 17.36
CA TYR A 155 17.08 -33.60 18.65
C TYR A 155 17.36 -32.10 18.63
N MET A 156 18.49 -31.70 18.04
CA MET A 156 18.88 -30.30 18.06
C MET A 156 17.98 -29.45 17.16
N ARG A 157 17.62 -29.99 15.99
CA ARG A 157 16.70 -29.25 15.12
C ARG A 157 15.36 -29.05 15.79
N ASN A 158 14.83 -30.08 16.45
CA ASN A 158 13.53 -29.90 17.10
C ASN A 158 13.65 -29.05 18.35
N TYR A 159 14.80 -29.06 19.01
CA TYR A 159 15.01 -28.10 20.10
C TYR A 159 15.03 -26.69 19.55
N ALA A 160 15.57 -26.50 18.36
CA ALA A 160 15.51 -25.20 17.71
C ALA A 160 14.07 -24.80 17.43
N THR A 161 13.29 -25.72 16.87
CA THR A 161 11.86 -25.49 16.65
C THR A 161 11.15 -25.08 17.94
N LEU A 162 11.50 -25.73 19.05
CA LEU A 162 10.73 -25.58 20.28
C LEU A 162 11.20 -24.45 21.18
N LYS A 163 12.45 -24.02 21.08
CA LYS A 163 12.97 -23.11 22.09
C LYS A 163 13.59 -21.83 21.53
N VAL A 164 14.25 -21.89 20.37
CA VAL A 164 14.92 -20.72 19.83
C VAL A 164 14.24 -20.15 18.59
N LYS A 165 13.51 -20.97 17.83
CA LYS A 165 12.86 -20.46 16.60
C LYS A 165 11.87 -19.35 16.92
N ASP A 166 10.91 -19.62 17.81
CA ASP A 166 9.85 -18.64 18.05
C ASP A 166 10.36 -17.39 18.73
N GLU A 167 11.39 -17.51 19.56
CA GLU A 167 11.93 -16.35 20.27
C GLU A 167 13.00 -15.63 19.48
N LEU A 168 13.33 -16.10 18.28
CA LEU A 168 14.16 -15.37 17.34
C LEU A 168 13.32 -14.60 16.32
N ALA A 169 12.24 -15.21 15.83
CA ALA A 169 11.38 -14.60 14.84
C ALA A 169 10.60 -13.41 15.37
N ARG A 170 10.55 -13.22 16.69
CA ARG A 170 9.87 -12.08 17.29
C ARG A 170 10.83 -10.98 17.71
N LEU A 171 12.09 -11.05 17.27
CA LEU A 171 13.05 -10.00 17.54
C LEU A 171 12.79 -8.78 16.65
N PRO A 172 13.25 -7.60 17.08
CA PRO A 172 12.98 -6.38 16.29
C PRO A 172 13.84 -6.26 15.04
N GLY A 173 13.39 -6.84 13.93
CA GLY A 173 14.05 -6.59 12.67
C GLY A 173 14.18 -7.79 11.74
N VAL A 174 13.88 -8.99 12.23
CA VAL A 174 14.00 -10.18 11.40
C VAL A 174 12.93 -10.16 10.32
N GLY A 175 13.21 -10.85 9.22
CA GLY A 175 12.21 -11.01 8.19
C GLY A 175 11.84 -12.46 7.97
N GLN A 176 12.81 -13.35 8.18
CA GLN A 176 12.58 -14.77 7.98
C GLN A 176 13.70 -15.61 8.59
N ILE A 177 13.35 -16.60 9.40
CA ILE A 177 14.33 -17.57 9.87
C ILE A 177 14.05 -18.90 9.16
N GLN A 178 15.12 -19.64 8.90
CA GLN A 178 15.04 -20.92 8.20
C GLN A 178 15.85 -21.96 8.95
N ILE A 179 15.30 -23.18 9.01
CA ILE A 179 15.95 -24.30 9.68
C ILE A 179 16.53 -25.21 8.60
N PHE A 180 17.78 -25.62 8.79
CA PHE A 180 18.43 -26.59 7.91
C PHE A 180 18.97 -27.71 8.78
N GLY A 181 18.38 -28.90 8.66
CA GLY A 181 18.87 -30.06 9.35
C GLY A 181 17.79 -31.03 9.81
N SER A 182 17.96 -32.31 9.45
CA SER A 182 17.06 -33.41 9.82
C SER A 182 15.63 -33.00 9.49
N GLY A 183 14.70 -33.11 10.43
CA GLY A 183 13.32 -32.74 10.18
C GLY A 183 12.55 -32.72 11.49
N GLU A 184 11.29 -32.32 11.40
CA GLU A 184 10.46 -32.25 12.59
C GLU A 184 10.16 -33.65 13.11
N TYR A 185 9.88 -33.72 14.41
CA TYR A 185 9.57 -34.99 15.05
C TYR A 185 8.34 -35.62 14.41
N ALA A 186 8.36 -36.94 14.28
CA ALA A 186 7.20 -37.68 13.78
C ALA A 186 7.18 -39.06 14.38
N MET A 187 5.99 -39.49 14.81
CA MET A 187 5.80 -40.86 15.31
C MET A 187 5.87 -41.82 14.13
N ARG A 188 7.04 -42.43 13.94
CA ARG A 188 7.26 -43.40 12.88
C ARG A 188 6.87 -44.79 13.39
N VAL A 189 5.93 -45.41 12.69
CA VAL A 189 5.54 -46.80 12.90
C VAL A 189 6.16 -47.58 11.76
N TRP A 190 7.28 -48.25 12.01
CA TRP A 190 8.01 -49.00 10.99
C TRP A 190 7.43 -50.41 10.93
N LEU A 191 6.57 -50.64 9.94
CA LEU A 191 5.91 -51.92 9.76
C LEU A 191 6.89 -52.99 9.27
N ASP A 192 6.66 -54.22 9.72
CA ASP A 192 7.24 -55.38 9.05
C ASP A 192 6.15 -55.99 8.18
N PRO A 193 6.27 -55.92 6.85
CA PRO A 193 5.21 -56.50 6.00
C PRO A 193 4.97 -57.97 6.24
N ASN A 194 6.01 -58.75 6.52
CA ASN A 194 5.85 -60.19 6.70
C ASN A 194 4.99 -60.51 7.91
N LYS A 195 5.28 -59.86 9.04
CA LYS A 195 4.47 -60.07 10.24
C LYS A 195 3.04 -59.57 10.05
N VAL A 196 2.86 -58.46 9.33
CA VAL A 196 1.52 -57.97 9.06
C VAL A 196 0.73 -59.00 8.25
N ALA A 197 1.35 -59.53 7.20
CA ALA A 197 0.65 -60.50 6.36
C ALA A 197 0.42 -61.82 7.10
N ALA A 198 1.27 -62.14 8.08
CA ALA A 198 1.11 -63.38 8.81
C ALA A 198 -0.21 -63.44 9.56
N ARG A 199 -0.62 -62.32 10.16
CA ARG A 199 -1.88 -62.23 10.88
C ARG A 199 -3.07 -61.95 9.96
N GLY A 200 -2.94 -62.17 8.66
CA GLY A 200 -4.03 -61.88 7.74
C GLY A 200 -4.41 -60.42 7.64
N LEU A 201 -3.46 -59.51 7.82
CA LEU A 201 -3.71 -58.08 7.83
C LEU A 201 -3.09 -57.40 6.61
N THR A 202 -3.69 -56.29 6.21
CA THR A 202 -3.19 -55.48 5.12
C THR A 202 -2.76 -54.12 5.64
N ALA A 203 -1.89 -53.45 4.87
CA ALA A 203 -1.46 -52.11 5.25
C ALA A 203 -2.64 -51.20 5.48
N SER A 204 -3.68 -51.31 4.64
CA SER A 204 -4.87 -50.49 4.81
C SER A 204 -5.52 -50.77 6.17
N ASP A 205 -5.59 -52.04 6.56
CA ASP A 205 -6.15 -52.39 7.86
C ASP A 205 -5.38 -51.72 8.99
N VAL A 206 -4.05 -51.77 8.93
CA VAL A 206 -3.25 -51.14 9.97
C VAL A 206 -3.50 -49.64 10.01
N VAL A 207 -3.54 -48.99 8.83
CA VAL A 207 -3.73 -47.55 8.77
C VAL A 207 -5.10 -47.17 9.33
N THR A 208 -6.14 -47.92 8.96
CA THR A 208 -7.48 -47.66 9.51
C THR A 208 -7.54 -47.93 11.01
N ALA A 209 -6.77 -48.89 11.52
CA ALA A 209 -6.71 -49.07 12.96
C ALA A 209 -6.08 -47.86 13.65
N MET A 210 -4.96 -47.38 13.11
CA MET A 210 -4.32 -46.20 13.70
C MET A 210 -5.24 -44.98 13.62
N GLN A 211 -6.01 -44.86 12.54
CA GLN A 211 -6.89 -43.71 12.39
C GLN A 211 -8.07 -43.80 13.35
N GLU A 212 -8.68 -44.99 13.45
CA GLU A 212 -9.82 -45.17 14.34
C GLU A 212 -9.44 -45.04 15.81
N GLN A 213 -8.20 -45.39 16.18
CA GLN A 213 -7.82 -45.47 17.58
C GLN A 213 -6.96 -44.32 18.06
N ASN A 214 -6.56 -43.40 17.18
CA ASN A 214 -5.84 -42.18 17.59
C ASN A 214 -6.64 -40.98 17.12
N VAL A 215 -7.55 -40.52 17.96
CA VAL A 215 -8.45 -39.42 17.64
C VAL A 215 -8.76 -38.67 18.93
N GLN A 216 -8.85 -37.36 18.84
CA GLN A 216 -9.58 -36.64 19.86
C GLN A 216 -11.08 -36.75 19.55
N VAL A 217 -11.90 -36.29 20.48
CA VAL A 217 -13.34 -36.37 20.32
C VAL A 217 -13.97 -35.43 21.35
N SER A 218 -15.17 -34.95 21.05
CA SER A 218 -15.80 -33.89 21.84
C SER A 218 -16.96 -34.48 22.65
N ALA A 219 -16.74 -34.65 23.95
CA ALA A 219 -17.68 -35.40 24.77
C ALA A 219 -18.84 -34.56 25.29
N GLY A 220 -18.89 -33.27 25.00
CA GLY A 220 -20.06 -32.51 25.40
C GLY A 220 -20.12 -32.22 26.90
N GLN A 221 -21.32 -31.88 27.35
CA GLN A 221 -21.53 -31.41 28.72
C GLN A 221 -22.71 -32.13 29.36
N LEU A 222 -22.75 -32.08 30.69
CA LEU A 222 -23.86 -32.59 31.48
C LEU A 222 -24.63 -31.40 32.05
N GLY A 223 -25.93 -31.37 31.81
CA GLY A 223 -26.78 -30.31 32.34
C GLY A 223 -26.93 -29.09 31.47
N ALA A 224 -26.68 -29.22 30.16
CA ALA A 224 -26.84 -28.11 29.23
C ALA A 224 -28.27 -28.07 28.69
N GLU A 225 -28.62 -26.95 28.06
CA GLU A 225 -29.95 -26.75 27.52
C GLU A 225 -30.21 -27.76 26.40
N PRO A 226 -31.49 -28.03 26.08
CA PRO A 226 -32.74 -27.51 26.64
C PRO A 226 -33.19 -28.30 27.86
N LEU A 227 -33.77 -27.61 28.85
CA LEU A 227 -34.19 -28.29 30.05
C LEU A 227 -35.53 -27.75 30.53
N PRO A 228 -36.40 -28.63 31.07
CA PRO A 228 -37.70 -28.15 31.57
C PRO A 228 -37.58 -27.24 32.78
N GLN A 229 -36.47 -27.28 33.50
CA GLN A 229 -36.22 -26.35 34.60
C GLN A 229 -34.74 -25.98 34.61
N GLU A 230 -34.46 -24.89 35.31
CA GLU A 230 -33.09 -24.40 35.40
C GLU A 230 -32.18 -25.45 36.03
N SER A 231 -31.05 -25.70 35.40
CA SER A 231 -30.06 -26.61 35.95
C SER A 231 -29.23 -25.90 37.02
N ASP A 232 -28.68 -26.70 37.92
CA ASP A 232 -27.84 -26.16 38.99
C ASP A 232 -26.37 -26.10 38.63
N PHE A 233 -25.93 -27.01 37.75
CA PHE A 233 -24.52 -27.21 37.48
C PHE A 233 -24.30 -27.33 35.99
N LEU A 234 -23.12 -26.92 35.54
CA LEU A 234 -22.64 -27.19 34.19
C LEU A 234 -21.31 -27.91 34.31
N ILE A 235 -21.20 -29.07 33.66
CA ILE A 235 -20.04 -29.93 33.77
C ILE A 235 -19.64 -30.37 32.38
N SER A 236 -18.42 -30.03 31.97
CA SER A 236 -17.92 -30.47 30.68
C SER A 236 -17.33 -31.87 30.81
N ILE A 237 -17.39 -32.63 29.71
CA ILE A 237 -17.00 -34.03 29.71
C ILE A 237 -15.78 -34.19 28.80
N ASN A 238 -14.79 -34.92 29.30
CA ASN A 238 -13.57 -35.22 28.54
C ASN A 238 -13.49 -36.72 28.30
N ALA A 239 -13.23 -37.10 27.06
CA ALA A 239 -13.23 -38.49 26.63
C ALA A 239 -12.00 -38.80 25.80
N GLN A 240 -10.83 -38.47 26.34
CA GLN A 240 -9.59 -38.47 25.56
C GLN A 240 -9.34 -39.82 24.87
N GLY A 241 -9.04 -39.76 23.58
CA GLY A 241 -8.69 -40.92 22.80
C GLY A 241 -7.43 -40.72 21.99
N ARG A 242 -6.67 -39.69 22.34
CA ARG A 242 -5.40 -39.40 21.67
C ARG A 242 -4.26 -40.07 22.41
N LEU A 243 -3.38 -40.74 21.65
CA LEU A 243 -2.17 -41.33 22.20
C LEU A 243 -1.03 -40.32 22.23
N HIS A 244 -0.16 -40.44 23.23
CA HIS A 244 0.91 -39.48 23.45
C HIS A 244 2.31 -40.07 23.40
N THR A 245 2.46 -41.39 23.51
CA THR A 245 3.78 -42.01 23.59
C THR A 245 3.85 -43.22 22.66
N GLU A 246 5.08 -43.69 22.45
CA GLU A 246 5.32 -44.82 21.56
C GLU A 246 4.62 -46.09 22.06
N GLU A 247 4.63 -46.31 23.38
CA GLU A 247 4.05 -47.54 23.92
C GLU A 247 2.54 -47.61 23.67
N GLU A 248 1.85 -46.48 23.84
CA GLU A 248 0.41 -46.46 23.55
C GLU A 248 0.14 -46.81 22.10
N PHE A 249 0.92 -46.24 21.16
CA PHE A 249 0.76 -46.58 19.76
C PHE A 249 1.01 -48.06 19.54
N GLY A 250 2.06 -48.61 20.15
CA GLY A 250 2.30 -50.04 20.07
C GLY A 250 1.18 -50.88 20.64
N ASN A 251 0.36 -50.31 21.52
CA ASN A 251 -0.74 -51.02 22.14
C ASN A 251 -2.03 -51.00 21.31
N ILE A 252 -2.01 -50.37 20.13
CA ILE A 252 -3.18 -50.38 19.26
C ILE A 252 -3.57 -51.83 18.96
N ILE A 253 -4.87 -52.10 19.01
CA ILE A 253 -5.39 -53.44 18.71
C ILE A 253 -5.75 -53.50 17.24
N LEU A 254 -5.20 -54.49 16.54
CA LEU A 254 -5.46 -54.71 15.12
C LEU A 254 -6.54 -55.77 14.88
N LYS A 255 -6.49 -56.90 15.59
CA LYS A 255 -7.42 -57.99 15.37
C LYS A 255 -7.42 -58.89 16.59
N THR A 256 -8.28 -59.91 16.56
CA THR A 256 -8.29 -60.97 17.56
C THR A 256 -7.84 -62.27 16.90
N ALA A 257 -7.03 -63.03 17.63
CA ALA A 257 -6.48 -64.28 17.12
C ALA A 257 -7.39 -65.46 17.44
N GLN A 258 -7.15 -66.58 16.75
CA GLN A 258 -7.75 -67.85 17.16
C GLN A 258 -7.35 -68.19 18.58
N ASP A 259 -6.12 -67.84 18.97
CA ASP A 259 -5.71 -67.82 20.37
C ASP A 259 -6.75 -67.12 21.25
N GLY A 260 -7.46 -66.14 20.71
CA GLY A 260 -8.25 -65.24 21.52
C GLY A 260 -7.44 -64.09 22.08
N SER A 261 -6.12 -64.08 21.87
CA SER A 261 -5.25 -63.01 22.28
C SER A 261 -5.39 -61.80 21.36
N LEU A 262 -5.05 -60.63 21.89
CA LEU A 262 -5.14 -59.39 21.13
C LEU A 262 -3.86 -59.16 20.33
N VAL A 263 -4.00 -59.08 19.01
CA VAL A 263 -2.89 -58.72 18.14
C VAL A 263 -2.69 -57.22 18.22
N ARG A 264 -1.46 -56.80 18.51
CA ARG A 264 -1.16 -55.40 18.77
C ARG A 264 -0.11 -54.87 17.80
N LEU A 265 -0.04 -53.54 17.69
CA LEU A 265 0.80 -52.92 16.67
C LEU A 265 2.26 -53.25 16.88
N ARG A 266 2.72 -53.23 18.13
CA ARG A 266 4.10 -53.57 18.43
C ARG A 266 4.42 -55.04 18.12
N ASP A 267 3.41 -55.87 17.90
CA ASP A 267 3.65 -57.23 17.43
C ASP A 267 4.14 -57.26 15.98
N VAL A 268 3.87 -56.20 15.21
CA VAL A 268 4.18 -56.23 13.79
C VAL A 268 4.98 -55.00 13.36
N ALA A 269 5.37 -54.16 14.30
CA ALA A 269 6.05 -52.93 13.90
C ALA A 269 6.94 -52.43 15.03
N ARG A 270 8.01 -51.74 14.64
CA ARG A 270 8.84 -51.01 15.59
C ARG A 270 8.36 -49.56 15.66
N ILE A 271 8.09 -49.08 16.87
CA ILE A 271 7.52 -47.75 17.08
C ILE A 271 8.61 -46.84 17.62
N GLU A 272 8.76 -45.66 17.02
CA GLU A 272 9.72 -44.69 17.52
C GLU A 272 9.21 -43.30 17.21
N MET A 273 9.75 -42.30 17.90
CA MET A 273 9.53 -40.91 17.49
C MET A 273 10.81 -40.47 16.80
N GLY A 274 10.80 -40.57 15.47
CA GLY A 274 11.95 -40.21 14.68
C GLY A 274 11.71 -38.94 13.89
N SER A 275 12.24 -38.89 12.67
CA SER A 275 12.16 -37.69 11.85
C SER A 275 11.11 -37.83 10.76
N GLY A 276 10.47 -36.72 10.43
CA GLY A 276 9.58 -36.69 9.28
C GLY A 276 10.27 -36.54 7.94
N SER A 277 11.57 -36.22 7.94
CA SER A 277 12.34 -36.11 6.72
C SER A 277 13.75 -36.63 6.96
N TYR A 278 14.19 -37.57 6.13
CA TYR A 278 15.54 -38.11 6.18
C TYR A 278 16.37 -37.62 4.99
N ALA A 279 16.12 -36.38 4.54
CA ALA A 279 16.62 -35.92 3.25
C ALA A 279 17.82 -34.99 3.36
N LEU A 280 18.09 -34.39 4.51
CA LEU A 280 19.18 -33.44 4.63
C LEU A 280 19.79 -33.49 6.02
N ARG A 281 21.12 -33.61 6.05
CA ARG A 281 21.89 -33.60 7.28
C ARG A 281 22.62 -32.28 7.45
N SER A 282 23.09 -32.04 8.67
CA SER A 282 23.82 -30.81 8.98
C SER A 282 24.92 -31.12 10.00
N GLN A 283 26.15 -30.76 9.66
CA GLN A 283 27.28 -30.92 10.56
C GLN A 283 28.11 -29.65 10.57
N LEU A 284 28.48 -29.20 11.77
CA LEU A 284 29.45 -28.11 11.94
C LEU A 284 30.71 -28.70 12.55
N ASN A 285 31.83 -28.54 11.85
CA ASN A 285 33.12 -29.08 12.29
C ASN A 285 33.03 -30.59 12.50
N ASN A 286 32.28 -31.26 11.62
CA ASN A 286 32.11 -32.71 11.59
C ASN A 286 31.36 -33.25 12.81
N LYS A 287 30.90 -32.37 13.69
CA LYS A 287 29.97 -32.76 14.74
C LYS A 287 28.54 -32.52 14.27
N ASP A 288 27.61 -33.30 14.80
CA ASP A 288 26.22 -33.15 14.41
C ASP A 288 25.72 -31.77 14.80
N ALA A 289 24.91 -31.16 13.93
CA ALA A 289 24.49 -29.78 14.13
C ALA A 289 23.16 -29.53 13.42
N VAL A 290 22.62 -28.34 13.64
CA VAL A 290 21.50 -27.81 12.87
C VAL A 290 21.78 -26.34 12.58
N GLY A 291 21.62 -25.93 11.32
CA GLY A 291 21.95 -24.58 10.91
C GLY A 291 20.71 -23.70 10.85
N ILE A 292 20.79 -22.54 11.49
CA ILE A 292 19.71 -21.57 11.47
C ILE A 292 20.13 -20.41 10.58
N GLY A 293 19.36 -20.15 9.53
CA GLY A 293 19.61 -19.04 8.65
C GLY A 293 18.70 -17.88 8.97
N ILE A 294 19.29 -16.76 9.39
CA ILE A 294 18.55 -15.57 9.78
C ILE A 294 18.61 -14.55 8.65
N PHE A 295 17.44 -14.07 8.22
CA PHE A 295 17.33 -13.13 7.13
C PHE A 295 16.57 -11.90 7.64
N GLN A 296 17.22 -10.74 7.55
CA GLN A 296 16.61 -9.50 7.99
C GLN A 296 15.59 -9.01 6.96
N SER A 297 14.61 -8.26 7.44
CA SER A 297 13.57 -7.56 6.69
C SER A 297 14.08 -6.19 6.23
N PRO A 298 13.74 -5.78 5.01
CA PRO A 298 14.35 -4.57 4.44
C PRO A 298 14.07 -3.34 5.31
N GLY A 299 15.09 -2.50 5.46
CA GLY A 299 15.02 -1.32 6.28
C GLY A 299 15.59 -1.48 7.68
N ALA A 300 16.12 -2.64 8.02
CA ALA A 300 16.63 -2.89 9.36
C ALA A 300 18.10 -2.47 9.47
N ASN A 301 18.58 -2.43 10.71
CA ASN A 301 19.99 -2.16 11.02
C ASN A 301 20.67 -3.51 11.19
N ALA A 302 21.40 -3.94 10.16
CA ALA A 302 21.97 -5.28 10.14
C ALA A 302 22.96 -5.49 11.28
N ILE A 303 23.81 -4.50 11.56
CA ILE A 303 24.76 -4.62 12.65
C ILE A 303 24.03 -4.78 13.98
N ASP A 304 23.06 -3.90 14.23
CA ASP A 304 22.30 -3.96 15.48
C ASP A 304 21.51 -5.26 15.56
N LEU A 305 20.94 -5.71 14.44
CA LEU A 305 20.16 -6.95 14.45
C LEU A 305 21.03 -8.16 14.75
N SER A 306 22.22 -8.23 14.14
CA SER A 306 23.11 -9.35 14.43
C SER A 306 23.55 -9.34 15.88
N ASN A 307 23.86 -8.15 16.42
CA ASN A 307 24.18 -8.06 17.84
C ASN A 307 23.00 -8.56 18.69
N ALA A 308 21.78 -8.20 18.28
CA ALA A 308 20.60 -8.59 19.04
C ALA A 308 20.41 -10.10 19.04
N VAL A 309 20.55 -10.74 17.87
CA VAL A 309 20.35 -12.19 17.82
C VAL A 309 21.47 -12.90 18.57
N ARG A 310 22.70 -12.38 18.52
CA ARG A 310 23.79 -12.98 19.28
C ARG A 310 23.51 -12.89 20.78
N ALA A 311 23.06 -11.72 21.25
CA ALA A 311 22.74 -11.56 22.66
C ALA A 311 21.56 -12.46 23.06
N LYS A 312 20.56 -12.58 22.18
CA LYS A 312 19.45 -13.47 22.49
C LYS A 312 19.93 -14.91 22.64
N MET A 313 20.79 -15.37 21.73
CA MET A 313 21.35 -16.71 21.83
C MET A 313 22.10 -16.88 23.15
N ALA A 314 22.86 -15.86 23.55
CA ALA A 314 23.52 -15.90 24.85
C ALA A 314 22.51 -15.96 25.99
N GLU A 315 21.30 -15.40 25.80
CA GLU A 315 20.28 -15.52 26.84
C GLU A 315 19.73 -16.93 26.91
N LEU A 316 19.44 -17.54 25.76
CA LEU A 316 19.01 -18.94 25.78
C LEU A 316 20.14 -19.86 26.21
N ALA A 317 21.37 -19.34 26.31
CA ALA A 317 22.48 -20.15 26.81
C ALA A 317 22.19 -20.76 28.18
N THR A 318 21.50 -20.03 29.05
CA THR A 318 21.28 -20.50 30.41
C THR A 318 20.47 -21.80 30.44
N ARG A 319 19.65 -22.05 29.42
CA ARG A 319 18.71 -23.17 29.45
C ARG A 319 19.08 -24.32 28.52
N PHE A 320 20.30 -24.31 27.95
CA PHE A 320 20.65 -25.48 27.15
C PHE A 320 21.01 -26.67 28.05
N PRO A 321 20.63 -27.88 27.67
CA PRO A 321 21.25 -29.08 28.25
C PRO A 321 22.72 -29.16 27.87
N GLU A 322 23.48 -29.88 28.69
CA GLU A 322 24.91 -30.03 28.48
C GLU A 322 25.20 -30.83 27.21
N ASP A 323 26.36 -30.55 26.60
CA ASP A 323 26.83 -31.11 25.34
C ASP A 323 26.10 -30.56 24.12
N MET A 324 25.43 -29.41 24.27
CA MET A 324 24.82 -28.72 23.14
C MET A 324 25.20 -27.25 23.24
N GLN A 325 25.98 -26.77 22.28
CA GLN A 325 26.35 -25.36 22.25
C GLN A 325 26.02 -24.75 20.89
N TRP A 326 26.42 -23.50 20.68
CA TRP A 326 26.05 -22.79 19.46
C TRP A 326 27.22 -21.97 18.96
N ALA A 327 27.19 -21.70 17.66
CA ALA A 327 28.22 -20.94 16.98
C ALA A 327 27.58 -20.06 15.91
N ALA A 328 28.36 -19.11 15.41
CA ALA A 328 27.96 -18.26 14.29
C ALA A 328 29.04 -18.37 13.23
N PRO A 329 29.00 -19.44 12.43
CA PRO A 329 30.09 -19.68 11.47
C PRO A 329 30.25 -18.61 10.40
N TYR A 330 29.24 -17.76 10.19
CA TYR A 330 29.33 -16.75 9.15
C TYR A 330 28.54 -15.51 9.56
N ASP A 331 29.18 -14.35 9.46
CA ASP A 331 28.54 -13.06 9.77
C ASP A 331 28.77 -12.11 8.60
N PRO A 332 27.76 -11.89 7.75
CA PRO A 332 27.93 -11.01 6.58
C PRO A 332 27.75 -9.53 6.87
N THR A 333 27.52 -9.11 8.11
CA THR A 333 27.38 -7.68 8.37
C THR A 333 28.73 -7.00 8.53
N VAL A 334 29.78 -7.75 8.85
CA VAL A 334 31.09 -7.15 9.14
C VAL A 334 31.52 -6.21 8.02
N PHE A 335 31.24 -6.59 6.76
CA PHE A 335 31.59 -5.75 5.63
C PHE A 335 31.11 -4.32 5.83
N VAL A 336 29.80 -4.13 6.03
CA VAL A 336 29.29 -2.77 6.18
C VAL A 336 29.93 -2.10 7.39
N ARG A 337 30.14 -2.87 8.47
CA ARG A 337 30.82 -2.34 9.64
C ARG A 337 32.15 -1.75 9.23
N ASP A 338 32.96 -2.52 8.50
CA ASP A 338 34.24 -2.02 8.02
C ASP A 338 34.04 -0.73 7.24
N SER A 339 33.09 -0.73 6.29
CA SER A 339 32.83 0.47 5.50
C SER A 339 32.50 1.64 6.41
N ILE A 340 31.67 1.39 7.43
CA ILE A 340 31.33 2.46 8.36
C ILE A 340 32.59 3.02 8.98
N ARG A 341 33.45 2.15 9.51
CA ARG A 341 34.68 2.65 10.11
C ARG A 341 35.51 3.39 9.08
N ALA A 342 35.55 2.88 7.85
CA ALA A 342 36.25 3.59 6.79
C ALA A 342 35.74 5.02 6.69
N VAL A 343 34.41 5.18 6.59
CA VAL A 343 33.86 6.51 6.39
C VAL A 343 34.17 7.43 7.56
N VAL A 344 34.42 6.87 8.75
CA VAL A 344 34.84 7.75 9.84
C VAL A 344 36.35 7.92 9.84
N GLN A 345 37.11 6.83 9.62
CA GLN A 345 38.56 6.93 9.63
C GLN A 345 39.03 7.97 8.63
N THR A 346 38.66 7.76 7.36
CA THR A 346 38.99 8.71 6.32
C THR A 346 38.60 10.13 6.73
N LEU A 347 37.41 10.29 7.30
CA LEU A 347 36.97 11.63 7.68
C LEU A 347 37.98 12.29 8.60
N LEU A 348 38.35 11.61 9.68
CA LEU A 348 39.35 12.17 10.58
C LEU A 348 40.66 12.40 9.83
N GLU A 349 41.06 11.42 9.03
CA GLU A 349 42.22 11.59 8.16
C GLU A 349 42.05 12.83 7.30
N ALA A 350 40.89 12.94 6.63
CA ALA A 350 40.64 14.10 5.78
C ALA A 350 40.76 15.40 6.56
N VAL A 351 40.37 15.39 7.84
CA VAL A 351 40.61 16.56 8.67
C VAL A 351 42.10 16.77 8.86
N VAL A 352 42.78 15.77 9.44
CA VAL A 352 44.17 15.95 9.84
C VAL A 352 44.99 16.48 8.68
N LEU A 353 45.01 15.71 7.59
CA LEU A 353 45.80 16.12 6.43
C LEU A 353 45.48 17.54 6.02
N VAL A 354 44.18 17.86 5.87
CA VAL A 354 43.83 19.18 5.34
C VAL A 354 44.38 20.27 6.25
N VAL A 355 44.28 20.08 7.57
CA VAL A 355 44.76 21.14 8.45
C VAL A 355 46.27 21.31 8.28
N LEU A 356 46.99 20.19 8.20
CA LEU A 356 48.41 20.26 7.90
C LEU A 356 48.64 21.10 6.65
N VAL A 357 47.92 20.78 5.57
CA VAL A 357 48.17 21.48 4.31
C VAL A 357 47.98 22.97 4.50
N VAL A 358 46.91 23.38 5.18
CA VAL A 358 46.65 24.82 5.23
C VAL A 358 47.74 25.51 6.04
N ILE A 359 48.21 24.88 7.12
CA ILE A 359 49.25 25.54 7.90
C ILE A 359 50.56 25.59 7.12
N LEU A 360 50.71 24.73 6.11
CA LEU A 360 51.91 24.81 5.28
C LEU A 360 51.82 25.96 4.28
N PHE A 361 50.61 26.34 3.87
CA PHE A 361 50.44 27.37 2.85
C PHE A 361 49.92 28.67 3.43
N LEU A 362 48.83 28.63 4.19
CA LEU A 362 48.33 29.78 4.93
C LEU A 362 48.77 29.59 6.38
N GLN A 363 50.03 29.96 6.62
CA GLN A 363 50.77 29.53 7.81
C GLN A 363 50.26 30.28 9.05
N THR A 364 49.10 29.86 9.53
CA THR A 364 48.53 30.43 10.74
C THR A 364 47.56 29.42 11.35
N TRP A 365 47.53 29.36 12.68
CA TRP A 365 46.52 28.57 13.36
C TRP A 365 45.11 29.08 13.09
N ARG A 366 44.99 30.36 12.73
CA ARG A 366 43.69 30.95 12.41
C ARG A 366 42.94 30.13 11.36
N ALA A 367 43.54 29.99 10.17
CA ALA A 367 42.82 29.43 9.03
C ALA A 367 42.55 27.94 9.22
N SER A 368 43.53 27.20 9.75
CA SER A 368 43.43 25.76 9.90
C SER A 368 42.13 25.32 10.57
N ILE A 369 41.52 26.21 11.35
CA ILE A 369 40.31 25.86 12.09
C ILE A 369 39.18 25.51 11.13
N ILE A 370 38.97 26.33 10.12
CA ILE A 370 37.66 26.32 9.47
C ILE A 370 37.37 25.13 8.55
N PRO A 371 38.35 24.40 7.92
CA PRO A 371 37.93 23.19 7.20
C PRO A 371 37.68 22.09 8.21
N LEU A 372 38.40 22.15 9.34
CA LEU A 372 38.18 21.22 10.44
C LEU A 372 36.72 21.22 10.88
N ILE A 373 36.06 22.38 10.81
CA ILE A 373 34.62 22.43 11.04
C ILE A 373 33.83 22.16 9.77
N ALA A 374 34.34 22.62 8.62
CA ALA A 374 33.55 22.60 7.40
C ALA A 374 33.28 21.18 6.92
N VAL A 375 34.32 20.35 6.86
CA VAL A 375 34.17 19.04 6.22
C VAL A 375 33.35 18.05 7.05
N PRO A 376 33.36 18.06 8.41
CA PRO A 376 32.45 17.16 9.13
C PRO A 376 30.98 17.53 8.94
N VAL A 377 30.61 18.78 9.24
CA VAL A 377 29.21 19.17 9.22
C VAL A 377 28.62 19.00 7.83
N SER A 378 29.45 18.96 6.79
CA SER A 378 28.96 18.60 5.48
C SER A 378 28.60 17.12 5.42
N VAL A 379 29.60 16.24 5.63
CA VAL A 379 29.38 14.82 5.42
C VAL A 379 28.28 14.31 6.35
N VAL A 380 28.35 14.68 7.63
CA VAL A 380 27.31 14.31 8.58
C VAL A 380 25.98 14.86 8.12
N GLY A 381 25.95 16.12 7.68
CA GLY A 381 24.71 16.69 7.17
C GLY A 381 24.13 15.90 6.03
N THR A 382 24.99 15.28 5.22
CA THR A 382 24.55 14.44 4.12
C THR A 382 23.51 13.42 4.61
N PHE A 383 23.81 12.77 5.75
CA PHE A 383 22.93 11.72 6.25
C PHE A 383 21.49 12.20 6.33
N SER A 384 21.28 13.43 6.80
CA SER A 384 19.91 13.92 6.94
C SER A 384 19.15 13.84 5.63
N ILE A 385 19.72 14.40 4.56
CA ILE A 385 19.04 14.32 3.28
C ILE A 385 18.98 12.88 2.80
N LEU A 386 20.04 12.10 3.07
CA LEU A 386 20.02 10.68 2.72
C LEU A 386 18.83 9.98 3.37
N TYR A 387 18.44 10.41 4.57
CA TYR A 387 17.26 9.83 5.21
C TYR A 387 16.00 10.24 4.45
N LEU A 388 15.87 11.52 4.11
CA LEU A 388 14.62 12.03 3.55
C LEU A 388 14.28 11.36 2.23
N LEU A 389 15.28 11.00 1.44
CA LEU A 389 15.06 10.31 0.17
C LEU A 389 15.00 8.80 0.31
N GLY A 390 14.89 8.30 1.55
CA GLY A 390 14.65 6.89 1.78
C GLY A 390 15.83 5.96 1.57
N PHE A 391 17.04 6.49 1.43
CA PHE A 391 18.20 5.66 1.21
C PHE A 391 18.60 4.95 2.51
N SER A 392 19.63 4.13 2.41
CA SER A 392 20.16 3.41 3.56
C SER A 392 21.68 3.49 3.54
N LEU A 393 22.28 3.35 4.73
CA LEU A 393 23.71 3.16 4.78
C LEU A 393 24.06 1.80 4.20
N ASN A 394 24.98 1.77 3.26
CA ASN A 394 25.45 0.53 2.67
C ASN A 394 26.85 0.74 2.15
N THR A 395 27.49 -0.36 1.73
CA THR A 395 28.86 -0.28 1.24
C THR A 395 29.00 0.78 0.16
N LEU A 396 28.05 0.83 -0.77
CA LEU A 396 28.14 1.72 -1.92
C LEU A 396 27.88 3.18 -1.53
N SER A 397 26.83 3.43 -0.75
CA SER A 397 26.53 4.80 -0.35
C SER A 397 27.64 5.37 0.53
N LEU A 398 28.15 4.57 1.46
CA LEU A 398 29.26 5.02 2.28
C LEU A 398 30.52 5.23 1.45
N PHE A 399 30.71 4.40 0.42
CA PHE A 399 31.77 4.65 -0.54
C PHE A 399 31.63 6.03 -1.17
N GLY A 400 30.42 6.36 -1.60
CA GLY A 400 30.17 7.68 -2.17
C GLY A 400 30.46 8.80 -1.18
N LEU A 401 30.14 8.58 0.09
CA LEU A 401 30.46 9.56 1.13
C LEU A 401 31.97 9.75 1.25
N VAL A 402 32.72 8.65 1.23
CA VAL A 402 34.18 8.73 1.30
C VAL A 402 34.73 9.50 0.11
N LEU A 403 34.12 9.31 -1.06
CA LEU A 403 34.56 10.08 -2.22
C LEU A 403 34.20 11.55 -2.09
N ALA A 404 33.05 11.85 -1.48
CA ALA A 404 32.53 13.21 -1.44
C ALA A 404 33.25 14.10 -0.42
N ILE A 405 33.80 13.49 0.63
CA ILE A 405 34.56 14.30 1.60
C ILE A 405 35.63 15.11 0.89
N GLY A 406 36.17 14.58 -0.21
CA GLY A 406 37.23 15.27 -0.90
C GLY A 406 36.80 16.58 -1.55
N ILE A 407 35.67 16.55 -2.26
CA ILE A 407 35.18 17.80 -2.83
C ILE A 407 34.77 18.75 -1.72
N VAL A 408 34.29 18.22 -0.58
CA VAL A 408 33.96 19.09 0.54
C VAL A 408 35.20 19.85 1.01
N VAL A 409 36.31 19.13 1.23
CA VAL A 409 37.54 19.83 1.60
C VAL A 409 37.88 20.85 0.52
N ASP A 410 37.89 20.43 -0.75
CA ASP A 410 38.34 21.30 -1.83
C ASP A 410 37.62 22.65 -1.78
N ASP A 411 36.30 22.62 -1.54
CA ASP A 411 35.57 23.88 -1.40
C ASP A 411 36.08 24.68 -0.21
N ALA A 412 36.30 24.02 0.93
CA ALA A 412 36.83 24.76 2.09
C ALA A 412 38.15 25.43 1.76
N ILE A 413 39.08 24.68 1.14
CA ILE A 413 40.38 25.27 0.82
C ILE A 413 40.20 26.47 -0.11
N VAL A 414 39.45 26.33 -1.20
CA VAL A 414 39.37 27.47 -2.13
C VAL A 414 38.85 28.71 -1.39
N VAL A 415 37.85 28.54 -0.51
CA VAL A 415 37.29 29.69 0.20
C VAL A 415 38.39 30.39 0.99
N VAL A 416 39.19 29.63 1.71
CA VAL A 416 40.11 30.29 2.64
C VAL A 416 41.48 30.63 2.07
N GLU A 417 41.93 29.90 1.05
CA GLU A 417 42.98 30.41 0.18
C GLU A 417 42.62 31.82 -0.28
N ASN A 418 41.39 32.02 -0.77
CA ASN A 418 41.05 33.34 -1.29
C ASN A 418 40.96 34.38 -0.19
N VAL A 419 40.36 34.03 0.96
CA VAL A 419 40.25 35.04 2.02
C VAL A 419 41.63 35.42 2.57
N GLU A 420 42.52 34.44 2.78
CA GLU A 420 43.83 34.78 3.31
C GLU A 420 44.73 35.43 2.26
N ARG A 421 44.48 35.14 0.99
CA ARG A 421 45.15 35.90 -0.07
C ARG A 421 44.67 37.35 -0.07
N ASN A 422 43.39 37.58 0.22
CA ASN A 422 42.93 38.95 0.44
C ASN A 422 43.71 39.63 1.56
N ILE A 423 43.78 38.95 2.72
CA ILE A 423 44.54 39.48 3.85
C ILE A 423 46.00 39.75 3.45
N GLU A 424 46.56 38.89 2.62
CA GLU A 424 47.93 39.07 2.13
C GLU A 424 48.06 40.35 1.30
N GLU A 425 47.13 40.56 0.37
CA GLU A 425 47.16 41.81 -0.40
C GLU A 425 46.82 43.02 0.45
N GLY A 426 46.45 42.81 1.71
CA GLY A 426 46.45 43.92 2.64
C GLY A 426 45.08 44.50 2.91
N LEU A 427 44.12 43.61 3.16
CA LEU A 427 42.77 44.00 3.49
C LEU A 427 42.43 43.52 4.90
N ALA A 428 41.58 44.28 5.57
CA ALA A 428 41.07 43.84 6.86
C ALA A 428 40.34 42.52 6.67
N PRO A 429 40.41 41.61 7.65
CA PRO A 429 39.85 40.25 7.42
C PRO A 429 38.39 40.27 7.00
N LEU A 430 37.59 41.18 7.54
CA LEU A 430 36.20 41.28 7.13
C LEU A 430 36.07 41.73 5.67
N ALA A 431 36.77 42.81 5.31
CA ALA A 431 36.78 43.26 3.92
C ALA A 431 37.48 42.24 3.02
N ALA A 432 38.46 41.54 3.57
CA ALA A 432 39.08 40.44 2.86
C ALA A 432 38.04 39.40 2.47
N ALA A 433 37.22 38.98 3.43
CA ALA A 433 36.17 38.00 3.13
C ALA A 433 35.15 38.55 2.14
N HIS A 434 34.80 39.83 2.29
CA HIS A 434 33.88 40.45 1.34
C HIS A 434 34.39 40.35 -0.09
N GLN A 435 35.62 40.79 -0.33
CA GLN A 435 36.18 40.73 -1.68
C GLN A 435 36.30 39.29 -2.15
N ALA A 436 36.71 38.40 -1.25
CA ALA A 436 36.90 37.00 -1.60
C ALA A 436 35.61 36.38 -2.10
N MET A 437 34.53 36.60 -1.38
CA MET A 437 33.28 35.99 -1.79
C MET A 437 32.68 36.71 -2.98
N ARG A 438 32.90 38.01 -3.14
CA ARG A 438 32.54 38.64 -4.41
C ARG A 438 33.26 37.95 -5.56
N GLU A 439 34.49 37.48 -5.32
CA GLU A 439 35.24 36.82 -6.39
C GLU A 439 34.73 35.42 -6.72
N VAL A 440 34.40 34.60 -5.71
CA VAL A 440 34.13 33.19 -5.98
C VAL A 440 32.72 32.73 -5.61
N SER A 441 31.81 33.61 -5.20
CA SER A 441 30.55 33.14 -4.63
C SER A 441 29.63 32.57 -5.70
N GLY A 442 29.22 33.40 -6.67
CA GLY A 442 28.43 32.93 -7.79
C GLY A 442 29.07 31.81 -8.57
N PRO A 443 30.39 31.85 -8.81
CA PRO A 443 31.08 30.64 -9.26
C PRO A 443 30.62 29.41 -8.48
N ILE A 444 30.73 29.41 -7.14
CA ILE A 444 30.51 28.18 -6.39
C ILE A 444 29.13 27.59 -6.63
N ILE A 445 28.09 28.44 -6.69
CA ILE A 445 26.76 27.90 -7.01
C ILE A 445 26.75 27.36 -8.43
N ALA A 446 27.49 28.01 -9.36
CA ALA A 446 27.55 27.46 -10.71
C ALA A 446 28.22 26.08 -10.73
N ILE A 447 29.31 25.91 -9.97
CA ILE A 447 29.97 24.60 -10.01
C ILE A 447 29.14 23.55 -9.28
N ALA A 448 28.44 23.93 -8.20
CA ALA A 448 27.50 22.99 -7.62
C ALA A 448 26.45 22.55 -8.64
N LEU A 449 25.99 23.51 -9.46
CA LEU A 449 24.98 23.19 -10.46
C LEU A 449 25.52 22.26 -11.55
N VAL A 450 26.75 22.49 -12.02
CA VAL A 450 27.29 21.60 -13.05
C VAL A 450 27.62 20.23 -12.47
N LEU A 451 28.12 20.19 -11.22
CA LEU A 451 28.37 18.91 -10.59
C LEU A 451 27.09 18.12 -10.45
N CYS A 452 25.99 18.78 -10.05
CA CYS A 452 24.69 18.11 -10.06
C CYS A 452 24.32 17.68 -11.48
N ALA A 453 24.60 18.52 -12.48
CA ALA A 453 24.26 18.19 -13.85
C ALA A 453 24.96 16.93 -14.33
N VAL A 454 26.16 16.66 -13.82
CA VAL A 454 26.85 15.44 -14.19
C VAL A 454 26.52 14.26 -13.27
N PHE A 455 26.12 14.51 -12.02
CA PHE A 455 25.93 13.44 -11.04
C PHE A 455 24.49 12.96 -10.93
N VAL A 456 23.52 13.88 -10.91
CA VAL A 456 22.12 13.47 -10.76
C VAL A 456 21.65 12.58 -11.90
N PRO A 457 21.96 12.83 -13.18
CA PRO A 457 21.52 11.91 -14.23
C PRO A 457 22.06 10.49 -14.07
N MET A 458 23.13 10.29 -13.30
CA MET A 458 23.65 8.94 -13.06
C MET A 458 22.67 8.07 -12.28
N ALA A 459 21.74 8.68 -11.54
CA ALA A 459 20.76 7.93 -10.77
C ALA A 459 19.65 7.32 -11.64
N PHE A 460 19.59 7.69 -12.92
CA PHE A 460 18.56 7.19 -13.83
C PHE A 460 19.14 6.23 -14.86
N LEU A 461 20.31 5.66 -14.58
CA LEU A 461 20.87 4.62 -15.42
C LEU A 461 20.12 3.31 -15.19
N SER A 462 20.27 2.39 -16.15
CA SER A 462 19.57 1.12 -16.12
C SER A 462 20.51 -0.03 -15.76
N GLY A 463 19.92 -1.14 -15.34
CA GLY A 463 20.65 -2.33 -14.96
C GLY A 463 21.24 -2.24 -13.56
N VAL A 464 21.32 -3.39 -12.88
CA VAL A 464 21.78 -3.40 -11.49
C VAL A 464 23.06 -2.58 -11.34
N THR A 465 23.91 -2.58 -12.37
CA THR A 465 24.99 -1.62 -12.45
C THR A 465 24.47 -0.20 -12.22
N GLY A 466 23.36 0.14 -12.89
CA GLY A 466 22.76 1.44 -12.71
C GLY A 466 22.24 1.65 -11.29
N GLN A 467 21.68 0.61 -10.70
CA GLN A 467 21.19 0.77 -9.32
C GLN A 467 22.34 0.97 -8.32
N PHE A 468 23.55 0.54 -8.67
CA PHE A 468 24.71 0.84 -7.83
C PHE A 468 25.21 2.27 -8.07
N TYR A 469 25.27 2.65 -9.35
CA TYR A 469 25.58 4.02 -9.72
C TYR A 469 24.65 5.00 -9.01
N LYS A 470 23.40 4.60 -8.80
CA LYS A 470 22.42 5.51 -8.20
C LYS A 470 22.80 5.87 -6.77
N GLN A 471 23.17 4.88 -5.96
CA GLN A 471 23.66 5.16 -4.61
C GLN A 471 24.86 6.10 -4.66
N PHE A 472 25.85 5.74 -5.49
CA PHE A 472 27.03 6.60 -5.60
C PHE A 472 26.64 8.03 -5.92
N ALA A 473 25.81 8.20 -6.94
CA ALA A 473 25.51 9.51 -7.49
C ALA A 473 24.71 10.36 -6.52
N VAL A 474 23.65 9.79 -5.93
CA VAL A 474 22.82 10.59 -5.04
C VAL A 474 23.62 11.02 -3.82
N THR A 475 24.39 10.11 -3.23
CA THR A 475 25.18 10.50 -2.07
C THR A 475 26.13 11.64 -2.43
N ILE A 476 26.86 11.50 -3.54
CA ILE A 476 27.84 12.52 -3.92
C ILE A 476 27.16 13.85 -4.19
N ALA A 477 26.02 13.84 -4.89
CA ALA A 477 25.37 15.08 -5.28
C ALA A 477 24.82 15.84 -4.08
N ILE A 478 24.14 15.14 -3.17
CA ILE A 478 23.64 15.86 -2.00
C ILE A 478 24.79 16.34 -1.13
N SER A 479 25.90 15.59 -1.07
CA SER A 479 27.07 16.09 -0.37
C SER A 479 27.60 17.36 -1.03
N THR A 480 27.60 17.40 -2.36
CA THR A 480 28.02 18.60 -3.08
C THR A 480 27.17 19.80 -2.71
N VAL A 481 25.85 19.62 -2.70
CA VAL A 481 24.96 20.75 -2.42
C VAL A 481 25.16 21.24 -0.99
N ILE A 482 25.22 20.32 -0.03
CA ILE A 482 25.40 20.72 1.37
C ILE A 482 26.76 21.40 1.56
N SER A 483 27.80 20.86 0.92
CA SER A 483 29.13 21.47 1.02
C SER A 483 29.15 22.85 0.39
N ALA A 484 28.42 23.06 -0.70
CA ALA A 484 28.35 24.39 -1.30
C ALA A 484 27.66 25.37 -0.37
N ILE A 485 26.57 24.95 0.26
CA ILE A 485 25.89 25.81 1.22
C ILE A 485 26.84 26.16 2.36
N ASN A 486 27.61 25.18 2.84
CA ASN A 486 28.58 25.46 3.89
C ASN A 486 29.67 26.41 3.42
N SER A 487 30.18 26.21 2.20
CA SER A 487 31.23 27.04 1.65
C SER A 487 30.75 28.46 1.39
N LEU A 488 29.44 28.68 1.32
CA LEU A 488 28.90 30.01 1.09
C LEU A 488 28.46 30.72 2.37
N THR A 489 28.27 29.98 3.47
CA THR A 489 27.75 30.59 4.70
C THR A 489 28.75 30.54 5.84
N LEU A 490 29.23 29.36 6.24
CA LEU A 490 29.98 29.23 7.48
C LEU A 490 31.47 29.49 7.31
N SER A 491 32.09 28.91 6.27
CA SER A 491 33.52 29.05 6.10
C SER A 491 33.98 30.51 5.90
N PRO A 492 33.40 31.30 4.98
CA PRO A 492 33.86 32.69 4.86
C PRO A 492 33.65 33.50 6.12
N ALA A 493 32.52 33.32 6.80
CA ALA A 493 32.29 34.06 8.04
C ALA A 493 33.32 33.69 9.09
N LEU A 494 33.48 32.39 9.34
CA LEU A 494 34.47 31.92 10.30
C LEU A 494 35.87 32.40 9.94
N ALA A 495 36.17 32.55 8.65
CA ALA A 495 37.42 33.18 8.26
C ALA A 495 37.45 34.65 8.69
N ALA A 496 36.35 35.36 8.49
CA ALA A 496 36.31 36.77 8.87
C ALA A 496 36.61 36.96 10.36
N LEU A 497 35.93 36.19 11.21
CA LEU A 497 36.15 36.36 12.65
C LEU A 497 37.47 35.76 13.12
N LEU A 498 37.78 34.55 12.66
CA LEU A 498 38.95 33.83 13.16
C LEU A 498 40.24 34.53 12.78
N LEU A 499 40.39 34.85 11.49
CA LEU A 499 41.62 35.42 11.00
C LEU A 499 41.69 36.90 11.33
N LYS A 500 42.89 37.34 11.69
CA LYS A 500 43.22 38.75 11.92
C LYS A 500 44.19 39.21 10.83
N PRO A 501 44.46 40.51 10.73
CA PRO A 501 45.36 40.99 9.67
C PRO A 501 46.71 40.31 9.74
N HIS A 502 47.30 40.08 8.56
CA HIS A 502 48.60 39.45 8.47
C HIS A 502 49.64 40.25 9.25
N GLY A 503 50.71 39.58 9.62
CA GLY A 503 51.72 40.20 10.44
C GLY A 503 51.29 40.29 11.88
N ALA A 504 50.27 41.13 12.15
CA ALA A 504 49.69 41.39 13.47
C ALA A 504 50.63 41.03 14.60
N LYS A 505 50.58 39.77 15.01
CA LYS A 505 51.57 39.17 15.89
C LYS A 505 51.37 37.67 15.87
N LYS A 506 52.44 36.89 15.69
CA LYS A 506 52.28 35.45 15.80
C LYS A 506 51.85 35.16 17.23
N ASP A 507 50.56 34.85 17.42
CA ASP A 507 49.99 34.77 18.75
C ASP A 507 50.43 33.49 19.44
N LEU A 508 49.88 33.24 20.64
CA LEU A 508 50.20 32.06 21.42
C LEU A 508 50.21 30.84 20.50
N PRO A 509 49.08 30.47 19.86
CA PRO A 509 49.16 29.31 18.95
C PRO A 509 50.23 29.54 17.89
N THR A 510 50.08 30.64 17.15
CA THR A 510 50.95 30.89 16.00
C THR A 510 52.42 30.93 16.41
N ARG A 511 52.73 31.48 17.59
CA ARG A 511 54.12 31.43 18.06
C ARG A 511 54.56 29.99 18.33
N LEU A 512 53.66 29.16 18.86
CA LEU A 512 54.02 27.75 19.07
C LEU A 512 54.37 27.08 17.74
N ILE A 513 53.50 27.22 16.73
CA ILE A 513 53.84 26.57 15.45
C ILE A 513 55.07 27.21 14.84
N ASP A 514 55.24 28.52 14.99
CA ASP A 514 56.39 29.22 14.41
C ASP A 514 57.69 28.65 14.95
N ARG A 515 57.81 28.53 16.27
CA ARG A 515 59.04 27.99 16.83
C ARG A 515 59.18 26.49 16.58
N LEU A 516 58.11 25.73 16.83
CA LEU A 516 58.22 24.28 16.83
C LEU A 516 58.41 23.71 15.43
N PHE A 517 57.61 24.17 14.46
CA PHE A 517 57.62 23.59 13.13
C PHE A 517 58.16 24.54 12.07
N GLY A 518 58.74 25.67 12.46
CA GLY A 518 59.59 26.40 11.53
C GLY A 518 60.80 25.64 11.05
N TRP A 519 60.96 24.39 11.52
CA TRP A 519 62.00 23.48 11.06
C TRP A 519 62.10 23.44 9.53
N ILE A 520 60.96 23.28 8.85
CA ILE A 520 60.96 23.04 7.41
C ILE A 520 60.06 24.03 6.68
N PHE A 521 59.71 25.13 7.35
CA PHE A 521 58.90 26.17 6.73
C PHE A 521 59.60 26.78 5.52
N ARG A 522 60.69 27.53 5.80
CA ARG A 522 61.24 28.45 4.82
C ARG A 522 61.78 27.77 3.57
N PRO A 523 62.57 26.68 3.66
CA PRO A 523 63.17 26.13 2.43
C PRO A 523 62.14 25.90 1.34
N PHE A 524 61.00 25.32 1.68
CA PHE A 524 60.05 25.02 0.65
C PHE A 524 58.95 26.08 0.47
N ASN A 525 58.80 27.08 1.36
CA ASN A 525 58.09 28.26 0.88
C ASN A 525 58.84 28.89 -0.29
N ARG A 526 60.16 29.04 -0.14
CA ARG A 526 60.90 29.71 -1.21
C ARG A 526 61.05 28.82 -2.43
N PHE A 527 61.16 27.50 -2.22
CA PHE A 527 61.08 26.57 -3.34
C PHE A 527 59.74 26.67 -4.04
N PHE A 528 58.66 26.90 -3.28
CA PHE A 528 57.36 27.10 -3.90
C PHE A 528 57.34 28.37 -4.74
N LEU A 529 57.98 29.44 -4.27
CA LEU A 529 58.06 30.66 -5.07
C LEU A 529 58.79 30.39 -6.40
N ARG A 530 59.92 29.69 -6.33
CA ARG A 530 60.68 29.39 -7.54
C ARG A 530 59.90 28.49 -8.48
N SER A 531 59.24 27.47 -7.94
CA SER A 531 58.40 26.60 -8.77
C SER A 531 57.22 27.37 -9.35
N SER A 532 56.61 28.27 -8.58
CA SER A 532 55.64 29.14 -9.20
C SER A 532 56.25 29.78 -10.45
N ASN A 533 57.29 30.58 -10.24
CA ASN A 533 57.89 31.35 -11.34
C ASN A 533 58.16 30.46 -12.57
N GLY A 534 58.71 29.27 -12.34
CA GLY A 534 58.86 28.33 -13.42
C GLY A 534 57.53 28.01 -14.09
N TYR A 535 56.48 27.87 -13.30
CA TYR A 535 55.15 27.57 -13.85
C TYR A 535 54.68 28.65 -14.80
N GLN A 536 54.77 29.95 -14.41
CA GLN A 536 54.26 30.94 -15.39
C GLN A 536 55.20 31.02 -16.59
N GLY A 537 56.49 30.73 -16.42
CA GLY A 537 57.35 30.63 -17.60
C GLY A 537 56.90 29.54 -18.57
N LEU A 538 56.63 28.36 -18.03
CA LEU A 538 56.21 27.24 -18.86
C LEU A 538 54.91 27.54 -19.59
N VAL A 539 53.92 28.08 -18.87
CA VAL A 539 52.66 28.39 -19.53
C VAL A 539 52.86 29.48 -20.57
N SER A 540 53.66 30.52 -20.25
CA SER A 540 53.88 31.60 -21.20
C SER A 540 54.49 31.08 -22.50
N LYS A 541 55.38 30.08 -22.41
CA LYS A 541 55.90 29.50 -23.65
C LYS A 541 54.86 28.61 -24.33
N THR A 542 54.14 27.78 -23.57
CA THR A 542 53.14 26.92 -24.18
C THR A 542 51.99 27.73 -24.79
N LEU A 543 51.63 28.86 -24.18
CA LEU A 543 50.64 29.74 -24.78
C LEU A 543 51.11 30.36 -26.08
N GLY A 544 52.39 30.25 -26.41
CA GLY A 544 52.87 30.65 -27.71
C GLY A 544 52.76 29.53 -28.72
N ARG A 545 53.15 28.33 -28.32
CA ARG A 545 53.07 27.16 -29.20
C ARG A 545 51.78 26.38 -28.93
N ARG A 546 50.65 27.08 -29.10
CA ARG A 546 49.36 26.44 -28.84
C ARG A 546 49.03 25.37 -29.87
N GLY A 547 49.56 25.50 -31.09
CA GLY A 547 49.32 24.48 -32.09
C GLY A 547 49.87 23.13 -31.69
N ALA A 548 51.05 23.12 -31.06
CA ALA A 548 51.63 21.85 -30.60
C ALA A 548 50.81 21.27 -29.44
N VAL A 549 50.30 22.14 -28.57
CA VAL A 549 49.44 21.68 -27.48
C VAL A 549 48.18 21.03 -28.04
N PHE A 550 47.58 21.65 -29.06
CA PHE A 550 46.45 21.04 -29.74
C PHE A 550 46.85 19.73 -30.40
N ALA A 551 48.06 19.67 -30.97
CA ALA A 551 48.51 18.48 -31.67
C ALA A 551 48.72 17.31 -30.72
N VAL A 552 49.10 17.57 -29.46
CA VAL A 552 49.27 16.48 -28.51
C VAL A 552 47.92 16.08 -27.89
N TYR A 553 47.10 17.07 -27.52
CA TYR A 553 45.74 16.78 -27.08
C TYR A 553 45.02 15.90 -28.08
N LEU A 554 45.15 16.23 -29.36
CA LEU A 554 44.80 15.30 -30.42
C LEU A 554 45.75 14.12 -30.38
N LEU A 555 45.18 12.93 -30.54
CA LEU A 555 45.83 11.63 -30.39
C LEU A 555 46.10 11.28 -28.93
N LEU A 556 46.09 12.28 -28.02
CA LEU A 556 46.01 11.88 -26.62
C LEU A 556 44.58 11.47 -26.29
N LEU A 557 43.59 12.19 -26.83
CA LEU A 557 42.22 11.75 -26.66
C LEU A 557 41.93 10.46 -27.43
N CYS A 558 42.64 10.21 -28.54
CA CYS A 558 42.51 8.93 -29.23
C CYS A 558 43.07 7.79 -28.39
N ALA A 559 44.22 8.01 -27.75
CA ALA A 559 44.71 7.04 -26.77
C ALA A 559 43.70 6.84 -25.66
N ALA A 560 43.04 7.91 -25.22
CA ALA A 560 42.01 7.79 -24.19
C ALA A 560 40.88 6.88 -24.64
N GLY A 561 40.45 7.00 -25.89
CA GLY A 561 39.37 6.14 -26.39
C GLY A 561 39.80 4.68 -26.49
N VAL A 562 40.95 4.43 -27.12
CA VAL A 562 41.40 3.04 -27.27
C VAL A 562 41.59 2.42 -25.90
N MET A 563 41.99 3.21 -24.91
CA MET A 563 42.22 2.69 -23.58
C MET A 563 40.90 2.51 -22.82
N PHE A 564 39.93 3.39 -23.07
CA PHE A 564 38.59 3.20 -22.54
C PHE A 564 38.02 1.86 -22.99
N LYS A 565 38.42 1.39 -24.18
CA LYS A 565 37.88 0.13 -24.67
C LYS A 565 38.83 -1.06 -24.63
N VAL A 566 40.06 -0.92 -24.13
CA VAL A 566 40.93 -2.07 -23.90
C VAL A 566 41.01 -2.44 -22.41
N VAL A 567 40.99 -1.45 -21.52
CA VAL A 567 40.91 -1.75 -20.09
C VAL A 567 39.58 -2.43 -19.82
N PRO A 568 39.53 -3.47 -18.98
CA PRO A 568 38.30 -4.28 -18.86
C PRO A 568 37.07 -3.45 -18.52
N GLY A 569 35.92 -3.94 -18.95
CA GLY A 569 34.66 -3.25 -18.77
C GLY A 569 34.28 -3.11 -17.30
N GLY A 570 33.05 -2.64 -17.09
CA GLY A 570 32.65 -2.32 -15.74
C GLY A 570 31.47 -3.07 -15.17
N PHE A 571 31.76 -3.97 -14.23
CA PHE A 571 30.76 -4.70 -13.47
C PHE A 571 31.25 -4.80 -12.03
N ILE A 572 30.44 -5.42 -11.18
CA ILE A 572 30.75 -5.55 -9.75
C ILE A 572 31.96 -6.46 -9.57
N PRO A 573 33.03 -6.00 -8.91
CA PRO A 573 34.20 -6.87 -8.70
C PRO A 573 33.97 -7.81 -7.53
N THR A 574 34.28 -9.09 -7.75
CA THR A 574 34.15 -10.09 -6.69
C THR A 574 35.20 -9.86 -5.60
N GLN A 575 34.81 -10.16 -4.37
CA GLN A 575 35.65 -9.91 -3.21
C GLN A 575 35.66 -11.14 -2.31
N ASP A 576 36.65 -11.19 -1.42
CA ASP A 576 36.66 -12.18 -0.35
C ASP A 576 35.45 -11.96 0.54
N LYS A 577 34.54 -12.95 0.56
CA LYS A 577 33.32 -12.86 1.33
C LYS A 577 33.37 -13.66 2.61
N LEU A 578 34.58 -13.99 3.08
CA LEU A 578 34.82 -14.68 4.35
C LEU A 578 34.33 -16.12 4.36
N TYR A 579 34.02 -16.69 3.19
CA TYR A 579 33.66 -18.10 3.11
C TYR A 579 33.91 -18.62 1.71
N LEU A 580 34.05 -19.93 1.61
CA LEU A 580 34.22 -20.66 0.35
C LEU A 580 33.07 -21.64 0.19
N ILE A 581 32.71 -21.97 -1.04
CA ILE A 581 31.59 -22.86 -1.31
C ILE A 581 32.12 -24.10 -2.00
N GLY A 582 32.14 -25.22 -1.31
CA GLY A 582 32.54 -26.48 -1.91
C GLY A 582 31.38 -27.45 -1.94
N GLY A 583 31.49 -28.47 -2.77
CA GLY A 583 30.39 -29.41 -2.89
C GLY A 583 30.86 -30.67 -3.59
N VAL A 584 29.89 -31.55 -3.81
CA VAL A 584 30.17 -32.84 -4.42
C VAL A 584 28.93 -33.31 -5.16
N LYS A 585 29.14 -33.90 -6.34
CA LYS A 585 28.15 -34.69 -7.05
C LYS A 585 28.66 -36.12 -7.15
N MET A 586 27.86 -37.07 -6.71
CA MET A 586 28.17 -38.49 -6.73
C MET A 586 27.42 -39.18 -7.86
N PRO A 587 27.80 -40.41 -8.20
CA PRO A 587 27.18 -41.07 -9.36
C PRO A 587 25.67 -41.15 -9.22
N GLU A 588 24.98 -41.01 -10.36
CA GLU A 588 23.53 -41.03 -10.36
C GLU A 588 23.02 -42.33 -9.76
N GLY A 589 22.06 -42.23 -8.85
CA GLY A 589 21.56 -43.37 -8.12
C GLY A 589 22.27 -43.64 -6.81
N SER A 590 23.24 -42.81 -6.43
CA SER A 590 23.92 -43.00 -5.17
C SER A 590 22.97 -42.73 -4.00
N SER A 591 23.39 -43.16 -2.82
CA SER A 591 22.65 -42.92 -1.60
C SER A 591 23.26 -41.75 -0.83
N LEU A 592 22.49 -41.22 0.11
CA LEU A 592 22.95 -40.07 0.89
C LEU A 592 24.11 -40.44 1.81
N ALA A 593 24.25 -41.72 2.17
CA ALA A 593 25.35 -42.13 3.04
C ALA A 593 26.71 -41.93 2.35
N ARG A 594 26.82 -42.31 1.08
CA ARG A 594 28.06 -42.10 0.34
C ARG A 594 28.40 -40.61 0.25
N THR A 595 27.40 -39.78 -0.05
CA THR A 595 27.62 -38.33 -0.08
C THR A 595 28.08 -37.84 1.29
N ASP A 596 27.51 -38.42 2.36
CA ASP A 596 27.90 -38.02 3.70
C ASP A 596 29.38 -38.33 3.96
N ALA A 597 29.81 -39.52 3.56
CA ALA A 597 31.23 -39.88 3.72
C ALA A 597 32.13 -38.90 2.98
N VAL A 598 31.81 -38.62 1.71
CA VAL A 598 32.66 -37.74 0.91
C VAL A 598 32.66 -36.33 1.50
N ILE A 599 31.50 -35.86 1.96
CA ILE A 599 31.40 -34.52 2.54
C ILE A 599 32.19 -34.43 3.82
N ARG A 600 32.15 -35.47 4.66
CA ARG A 600 32.95 -35.46 5.89
C ARG A 600 34.44 -35.41 5.57
N LYS A 601 34.86 -36.15 4.53
CA LYS A 601 36.26 -36.10 4.13
C LYS A 601 36.66 -34.70 3.70
N MET A 602 35.85 -34.05 2.84
CA MET A 602 36.25 -32.70 2.43
C MET A 602 36.13 -31.70 3.57
N SER A 603 35.21 -31.93 4.51
CA SER A 603 35.13 -31.07 5.68
C SER A 603 36.44 -31.12 6.45
N GLU A 604 36.90 -32.33 6.80
CA GLU A 604 38.15 -32.43 7.55
C GLU A 604 39.33 -31.91 6.75
N ILE A 605 39.27 -32.02 5.41
CA ILE A 605 40.27 -31.37 4.58
C ILE A 605 40.28 -29.87 4.82
N GLY A 606 39.09 -29.26 4.84
CA GLY A 606 39.00 -27.83 5.08
C GLY A 606 39.49 -27.44 6.47
N MET A 607 39.22 -28.29 7.47
CA MET A 607 39.68 -27.98 8.83
C MET A 607 41.19 -28.01 8.90
N ASN A 608 41.81 -29.06 8.35
CA ASN A 608 43.26 -29.14 8.37
C ASN A 608 43.90 -28.03 7.54
N THR A 609 43.11 -27.38 6.69
CA THR A 609 43.52 -26.14 6.03
C THR A 609 43.66 -25.00 7.03
N GLU A 610 44.73 -24.22 6.89
CA GLU A 610 44.88 -23.01 7.67
C GLU A 610 43.82 -21.98 7.28
N GLY A 611 43.47 -21.11 8.22
CA GLY A 611 42.60 -20.00 7.95
C GLY A 611 41.15 -20.35 7.79
N VAL A 612 40.82 -21.62 7.57
CA VAL A 612 39.43 -22.07 7.57
C VAL A 612 39.03 -22.30 9.03
N ASP A 613 38.18 -21.41 9.55
CA ASP A 613 37.70 -21.58 10.92
C ASP A 613 36.68 -22.71 11.01
N TYR A 614 35.77 -22.79 10.05
CA TYR A 614 34.62 -23.69 10.16
C TYR A 614 34.42 -24.46 8.86
N ALA A 615 33.82 -25.64 9.00
CA ALA A 615 33.41 -26.48 7.87
C ALA A 615 31.92 -26.77 8.06
N VAL A 616 31.07 -25.87 7.58
CA VAL A 616 29.62 -25.99 7.69
C VAL A 616 29.15 -26.96 6.61
N ALA A 617 28.67 -28.13 7.00
CA ALA A 617 28.37 -29.21 6.06
C ALA A 617 26.86 -29.44 5.97
N PHE A 618 26.37 -29.54 4.73
CA PHE A 618 25.00 -29.96 4.44
C PHE A 618 25.08 -31.01 3.35
N PRO A 619 25.32 -32.27 3.70
CA PRO A 619 25.18 -33.34 2.72
C PRO A 619 23.72 -33.54 2.35
N GLY A 620 23.47 -33.66 1.05
CA GLY A 620 22.11 -33.71 0.53
C GLY A 620 21.63 -32.40 -0.07
N LEU A 621 22.37 -31.31 0.13
CA LEU A 621 21.98 -30.00 -0.36
C LEU A 621 22.57 -29.75 -1.73
N ASN A 622 21.73 -29.39 -2.69
CA ASN A 622 22.17 -28.93 -4.01
C ASN A 622 22.26 -27.41 -3.98
N ALA A 623 23.48 -26.89 -4.21
CA ALA A 623 23.71 -25.45 -4.04
C ALA A 623 22.99 -24.62 -5.10
N LEU A 624 22.76 -25.19 -6.30
CA LEU A 624 22.15 -24.39 -7.37
C LEU A 624 20.69 -24.11 -7.10
N GLN A 625 19.95 -25.11 -6.60
CA GLN A 625 18.52 -24.96 -6.36
C GLN A 625 18.16 -24.85 -4.88
N PHE A 626 19.07 -25.20 -3.98
CA PHE A 626 18.79 -25.34 -2.55
C PHE A 626 17.62 -26.29 -2.31
N THR A 627 17.50 -27.30 -3.17
CA THR A 627 16.61 -28.42 -2.96
C THR A 627 17.43 -29.60 -2.42
N ASN A 628 16.75 -30.70 -2.10
CA ASN A 628 17.40 -31.89 -1.56
C ASN A 628 17.44 -32.97 -2.63
N THR A 629 18.65 -33.37 -3.02
CA THR A 629 18.84 -34.53 -3.89
C THR A 629 19.78 -35.51 -3.21
N PRO A 630 19.58 -36.81 -3.41
CA PRO A 630 20.33 -37.80 -2.62
C PRO A 630 21.80 -37.91 -3.00
N ASN A 631 22.21 -37.47 -4.19
CA ASN A 631 23.58 -37.69 -4.66
C ASN A 631 24.38 -36.40 -4.78
N THR A 632 24.00 -35.35 -4.06
CA THR A 632 24.73 -34.09 -4.07
C THR A 632 24.91 -33.60 -2.64
N GLY A 633 25.93 -32.79 -2.42
CA GLY A 633 26.15 -32.23 -1.10
C GLY A 633 26.96 -30.95 -1.16
N THR A 634 26.80 -30.12 -0.13
CA THR A 634 27.44 -28.81 -0.05
C THR A 634 28.18 -28.66 1.28
N VAL A 635 29.25 -27.87 1.27
CA VAL A 635 29.95 -27.50 2.50
C VAL A 635 30.59 -26.13 2.32
N PHE A 636 30.27 -25.21 3.22
CA PHE A 636 30.87 -23.90 3.23
C PHE A 636 32.06 -23.89 4.19
N PHE A 637 33.20 -23.43 3.70
CA PHE A 637 34.37 -23.24 4.54
C PHE A 637 34.35 -21.81 5.06
N GLY A 638 34.02 -21.64 6.34
CA GLY A 638 34.00 -20.34 6.98
C GLY A 638 35.40 -19.89 7.36
N LEU A 639 35.89 -18.86 6.68
CA LEU A 639 37.27 -18.41 6.83
C LEU A 639 37.45 -17.53 8.06
N LYS A 640 38.63 -17.62 8.65
CA LYS A 640 38.99 -16.72 9.73
C LYS A 640 39.16 -15.30 9.19
N PRO A 641 38.99 -14.28 10.03
CA PRO A 641 39.21 -12.91 9.58
C PRO A 641 40.64 -12.72 9.08
N PHE A 642 40.80 -11.79 8.13
CA PHE A 642 42.08 -11.64 7.44
C PHE A 642 43.21 -11.34 8.41
N ASP A 643 42.98 -10.46 9.39
CA ASP A 643 44.02 -10.08 10.33
C ASP A 643 44.59 -11.27 11.10
N GLN A 644 43.90 -12.42 11.08
CA GLN A 644 44.43 -13.65 11.63
C GLN A 644 44.80 -14.68 10.58
N ARG A 645 44.52 -14.40 9.30
CA ARG A 645 44.87 -15.27 8.20
C ARG A 645 46.15 -14.80 7.52
N LYS A 646 46.82 -15.72 6.83
CA LYS A 646 48.02 -15.40 6.07
C LYS A 646 47.98 -16.04 4.70
N HIS A 647 46.79 -16.09 4.11
CA HIS A 647 46.60 -16.63 2.77
C HIS A 647 45.32 -16.02 2.21
N THR A 648 45.35 -15.63 0.93
CA THR A 648 44.16 -15.05 0.32
C THR A 648 43.16 -16.15 -0.03
N ALA A 649 41.87 -15.81 0.08
CA ALA A 649 40.81 -16.81 -0.06
C ALA A 649 40.93 -17.59 -1.36
N ALA A 650 41.46 -16.96 -2.42
CA ALA A 650 41.72 -17.69 -3.65
C ALA A 650 42.80 -18.75 -3.44
N GLU A 651 43.80 -18.47 -2.61
CA GLU A 651 44.85 -19.45 -2.37
C GLU A 651 44.36 -20.58 -1.48
N ILE A 652 43.54 -20.26 -0.47
CA ILE A 652 42.87 -21.34 0.26
C ILE A 652 42.03 -22.17 -0.70
N ASN A 653 41.34 -21.52 -1.63
CA ASN A 653 40.52 -22.24 -2.58
C ASN A 653 41.36 -23.20 -3.40
N ALA A 654 42.51 -22.72 -3.91
CA ALA A 654 43.37 -23.58 -4.71
C ALA A 654 43.92 -24.74 -3.89
N GLU A 655 44.29 -24.49 -2.64
CA GLU A 655 44.85 -25.55 -1.80
C GLU A 655 43.80 -26.61 -1.46
N ILE A 656 42.63 -26.17 -0.99
CA ILE A 656 41.56 -27.12 -0.69
C ILE A 656 41.13 -27.86 -1.95
N ASN A 657 41.12 -27.17 -3.09
CA ASN A 657 40.71 -27.82 -4.33
C ASN A 657 41.71 -28.88 -4.76
N ALA A 658 43.01 -28.60 -4.62
CA ALA A 658 44.01 -29.62 -4.90
C ALA A 658 43.88 -30.78 -3.93
N LYS A 659 43.46 -30.52 -2.70
CA LYS A 659 43.32 -31.60 -1.72
C LYS A 659 42.10 -32.48 -2.03
N ILE A 660 40.97 -31.88 -2.42
CA ILE A 660 39.77 -32.70 -2.66
C ILE A 660 39.68 -33.22 -4.09
N ALA A 661 40.53 -32.76 -5.00
CA ALA A 661 40.63 -33.40 -6.29
C ALA A 661 41.16 -34.82 -6.19
N GLN A 662 41.74 -35.19 -5.05
CA GLN A 662 42.23 -36.54 -4.81
C GLN A 662 41.12 -37.54 -4.53
N ILE A 663 39.90 -37.08 -4.23
CA ILE A 663 38.79 -37.98 -3.96
C ILE A 663 38.30 -38.57 -5.28
N GLN A 664 38.42 -39.88 -5.43
CA GLN A 664 37.93 -40.55 -6.63
C GLN A 664 36.45 -40.93 -6.53
N GLN A 665 35.90 -40.97 -5.32
CA GLN A 665 34.53 -41.48 -5.16
C GLN A 665 33.53 -40.69 -5.99
N GLY A 666 33.75 -39.39 -6.15
CA GLY A 666 32.85 -38.58 -6.96
C GLY A 666 33.50 -37.35 -7.55
N PHE A 667 32.70 -36.35 -7.91
CA PHE A 667 33.19 -35.09 -8.47
C PHE A 667 33.00 -34.01 -7.42
N GLY A 668 34.09 -33.58 -6.81
CA GLY A 668 34.07 -32.55 -5.78
C GLY A 668 34.71 -31.28 -6.28
N PHE A 669 34.27 -30.15 -5.71
CA PHE A 669 34.74 -28.84 -6.14
C PHE A 669 34.75 -27.89 -4.96
N SER A 670 35.50 -26.80 -5.10
CA SER A 670 35.46 -25.70 -4.15
C SER A 670 35.69 -24.42 -4.93
N ILE A 671 34.80 -23.44 -4.77
CA ILE A 671 34.83 -22.21 -5.53
C ILE A 671 34.65 -21.02 -4.60
N LEU A 672 34.94 -19.84 -5.15
CA LEU A 672 34.83 -18.55 -4.49
C LEU A 672 33.39 -18.04 -4.62
N PRO A 673 32.85 -17.46 -3.55
CA PRO A 673 31.44 -17.07 -3.56
C PRO A 673 31.20 -15.87 -4.46
N PRO A 674 29.98 -15.71 -4.96
CA PRO A 674 29.62 -14.46 -5.61
C PRO A 674 29.61 -13.32 -4.60
N PRO A 675 29.91 -12.09 -5.04
CA PRO A 675 29.95 -10.97 -4.09
C PRO A 675 28.58 -10.51 -3.62
N ILE A 676 27.50 -11.03 -4.20
CA ILE A 676 26.16 -10.57 -3.88
C ILE A 676 25.25 -11.78 -3.69
N LEU A 677 24.56 -11.82 -2.55
CA LEU A 677 23.67 -12.93 -2.22
C LEU A 677 22.27 -12.61 -2.75
N GLY A 678 21.82 -13.40 -3.72
CA GLY A 678 20.49 -13.20 -4.29
C GLY A 678 20.50 -13.14 -5.80
N LEU A 679 21.57 -12.56 -6.37
CA LEU A 679 21.68 -12.50 -7.82
C LEU A 679 22.21 -13.81 -8.41
N GLY A 680 23.01 -14.55 -7.65
CA GLY A 680 23.54 -15.83 -8.07
C GLY A 680 24.92 -15.77 -8.67
N GLN A 681 25.36 -14.60 -9.11
CA GLN A 681 26.64 -14.47 -9.82
C GLN A 681 27.23 -13.09 -9.57
N GLY A 682 28.54 -12.99 -9.80
CA GLY A 682 29.20 -11.71 -9.85
C GLY A 682 29.63 -11.39 -11.27
N SER A 683 29.46 -12.38 -12.15
CA SER A 683 29.75 -12.28 -13.57
C SER A 683 29.16 -13.53 -14.23
N GLY A 684 29.23 -13.56 -15.55
CA GLY A 684 28.81 -14.75 -16.26
C GLY A 684 27.36 -14.78 -16.69
N TYR A 685 26.76 -15.97 -16.68
CA TYR A 685 25.45 -16.18 -17.31
C TYR A 685 24.71 -17.32 -16.63
N SER A 686 23.39 -17.31 -16.80
CA SER A 686 22.52 -18.38 -16.35
C SER A 686 21.32 -18.49 -17.29
N LEU A 687 20.96 -19.72 -17.64
CA LEU A 687 19.95 -20.00 -18.64
C LEU A 687 19.20 -21.26 -18.26
N TYR A 688 18.09 -21.50 -18.96
CA TYR A 688 17.40 -22.79 -18.91
C TYR A 688 17.15 -23.25 -20.33
N ILE A 689 17.42 -24.52 -20.59
CA ILE A 689 17.02 -25.17 -21.83
C ILE A 689 15.62 -25.72 -21.63
N GLN A 690 14.72 -25.38 -22.54
CA GLN A 690 13.31 -25.74 -22.47
C GLN A 690 12.97 -26.75 -23.56
N ASP A 691 12.29 -27.84 -23.17
CA ASP A 691 11.77 -28.85 -24.08
C ASP A 691 10.27 -28.59 -24.25
N ARG A 692 9.91 -27.97 -25.39
CA ARG A 692 8.52 -27.71 -25.69
C ARG A 692 7.92 -28.67 -26.71
N GLY A 693 8.76 -29.40 -27.44
CA GLY A 693 8.26 -30.36 -28.40
C GLY A 693 7.95 -31.73 -27.84
N GLY A 694 8.05 -31.90 -26.52
CA GLY A 694 7.85 -33.21 -25.93
C GLY A 694 8.91 -34.21 -26.37
N LEU A 695 10.17 -33.79 -26.39
CA LEU A 695 11.26 -34.61 -26.89
C LEU A 695 11.85 -35.53 -25.83
N GLY A 696 11.41 -35.44 -24.58
CA GLY A 696 11.83 -36.37 -23.56
C GLY A 696 13.07 -35.91 -22.80
N TYR A 697 13.29 -36.55 -21.65
CA TYR A 697 14.39 -36.17 -20.77
C TYR A 697 15.74 -36.63 -21.30
N GLY A 698 15.78 -37.76 -22.02
CA GLY A 698 17.04 -38.17 -22.63
C GLY A 698 17.52 -37.18 -23.67
N ALA A 699 16.62 -36.71 -24.53
CA ALA A 699 16.99 -35.71 -25.53
C ALA A 699 17.43 -34.41 -24.87
N LEU A 700 16.74 -34.00 -23.81
CA LEU A 700 17.14 -32.78 -23.11
C LEU A 700 18.50 -32.94 -22.45
N GLN A 701 18.79 -34.13 -21.90
CA GLN A 701 20.11 -34.37 -21.34
C GLN A 701 21.18 -34.31 -22.42
N SER A 702 20.91 -34.89 -23.58
CA SER A 702 21.88 -34.84 -24.68
C SER A 702 22.13 -33.41 -25.12
N ALA A 703 21.06 -32.61 -25.18
CA ALA A 703 21.20 -31.19 -25.49
C ALA A 703 22.06 -30.48 -24.46
N VAL A 704 21.82 -30.76 -23.17
CA VAL A 704 22.63 -30.18 -22.10
C VAL A 704 24.09 -30.49 -22.31
N ASN A 705 24.39 -31.75 -22.60
CA ASN A 705 25.79 -32.16 -22.74
C ASN A 705 26.44 -31.52 -23.96
N ALA A 706 25.75 -31.55 -25.11
CA ALA A 706 26.31 -30.96 -26.32
C ALA A 706 26.58 -29.48 -26.14
N MET A 707 25.63 -28.75 -25.55
CA MET A 707 25.87 -27.36 -25.22
C MET A 707 27.10 -27.25 -24.32
N SER A 708 27.01 -27.80 -23.10
CA SER A 708 28.09 -27.68 -22.13
C SER A 708 29.47 -27.88 -22.76
N GLY A 709 29.60 -28.91 -23.58
CA GLY A 709 30.85 -29.12 -24.30
C GLY A 709 31.18 -27.97 -25.23
N ALA A 710 30.18 -27.46 -25.95
CA ALA A 710 30.42 -26.33 -26.84
C ALA A 710 30.89 -25.11 -26.06
N ILE A 711 30.24 -24.80 -24.94
CA ILE A 711 30.66 -23.62 -24.18
C ILE A 711 32.08 -23.80 -23.65
N MET A 712 32.43 -25.01 -23.20
CA MET A 712 33.79 -25.20 -22.72
C MET A 712 34.81 -25.11 -23.86
N GLN A 713 34.42 -25.50 -25.07
CA GLN A 713 35.37 -25.54 -26.19
C GLN A 713 35.87 -24.16 -26.58
N THR A 714 35.01 -23.16 -26.51
CA THR A 714 35.36 -21.81 -26.91
C THR A 714 36.45 -21.26 -26.00
N PRO A 715 37.20 -20.25 -26.46
CA PRO A 715 38.34 -19.76 -25.65
C PRO A 715 37.94 -18.96 -24.42
N GLY A 716 36.66 -18.73 -24.18
CA GLY A 716 36.29 -17.80 -23.13
C GLY A 716 35.61 -18.36 -21.90
N MET A 717 34.92 -19.50 -22.03
CA MET A 717 34.03 -19.95 -20.97
C MET A 717 34.34 -21.38 -20.54
N HIS A 718 34.16 -21.63 -19.25
CA HIS A 718 34.39 -22.94 -18.66
C HIS A 718 33.20 -23.87 -18.91
N PHE A 719 33.32 -25.10 -18.43
CA PHE A 719 32.20 -26.04 -18.47
C PHE A 719 31.13 -25.56 -17.49
N PRO A 720 29.90 -25.37 -17.93
CA PRO A 720 28.83 -24.95 -17.00
C PRO A 720 28.29 -26.12 -16.21
N ILE A 721 27.85 -25.82 -14.99
CA ILE A 721 27.27 -26.82 -14.11
C ILE A 721 25.75 -26.79 -14.25
N SER A 722 25.11 -27.88 -13.82
CA SER A 722 23.69 -28.03 -14.00
C SER A 722 23.14 -28.97 -12.94
N THR A 723 21.97 -28.63 -12.41
CA THR A 723 21.24 -29.55 -11.54
C THR A 723 20.71 -30.75 -12.31
N TYR A 724 20.64 -30.66 -13.63
CA TYR A 724 19.99 -31.69 -14.42
C TYR A 724 20.78 -32.99 -14.42
N GLN A 725 20.05 -34.10 -14.31
CA GLN A 725 20.61 -35.44 -14.51
C GLN A 725 19.45 -36.38 -14.86
N ALA A 726 19.37 -36.78 -16.12
CA ALA A 726 18.26 -37.60 -16.60
C ALA A 726 18.55 -39.09 -16.54
N ASN A 727 19.68 -39.49 -15.97
CA ASN A 727 20.07 -40.89 -15.98
C ASN A 727 20.20 -41.43 -14.56
N VAL A 728 19.24 -41.14 -13.71
CA VAL A 728 19.19 -41.67 -12.35
C VAL A 728 18.43 -43.00 -12.39
N PRO A 729 19.04 -44.11 -11.97
CA PRO A 729 18.35 -45.40 -12.04
C PRO A 729 17.11 -45.43 -11.16
N GLN A 730 16.07 -46.07 -11.66
CA GLN A 730 14.77 -46.08 -11.01
C GLN A 730 14.05 -47.37 -11.36
N LEU A 731 12.91 -47.60 -10.73
CA LEU A 731 12.06 -48.73 -11.06
C LEU A 731 10.67 -48.24 -11.44
N ASP A 732 10.01 -49.02 -12.29
CA ASP A 732 8.64 -48.79 -12.72
C ASP A 732 7.81 -50.03 -12.40
N VAL A 733 6.75 -49.84 -11.62
CA VAL A 733 5.82 -50.92 -11.27
C VAL A 733 4.53 -50.70 -12.04
N GLN A 734 4.22 -51.62 -12.96
CA GLN A 734 3.01 -51.54 -13.78
C GLN A 734 2.11 -52.75 -13.51
N VAL A 735 0.83 -52.47 -13.24
CA VAL A 735 -0.15 -53.50 -12.92
C VAL A 735 -0.74 -54.07 -14.20
N ASP A 736 -0.88 -55.40 -14.25
CA ASP A 736 -1.71 -56.03 -15.27
C ASP A 736 -3.13 -56.03 -14.72
N ARG A 737 -3.93 -55.08 -15.20
CA ARG A 737 -5.29 -54.92 -14.69
C ARG A 737 -6.12 -56.18 -14.96
N ASP A 738 -5.98 -56.74 -16.16
CA ASP A 738 -6.70 -57.97 -16.47
C ASP A 738 -6.35 -59.07 -15.49
N LYS A 739 -5.06 -59.21 -15.16
CA LYS A 739 -4.63 -60.24 -14.22
C LYS A 739 -5.20 -59.99 -12.82
N ALA A 740 -5.16 -58.73 -12.36
CA ALA A 740 -5.70 -58.43 -11.03
C ALA A 740 -7.19 -58.73 -10.97
N LYS A 741 -7.92 -58.46 -12.05
CA LYS A 741 -9.32 -58.87 -12.11
C LYS A 741 -9.45 -60.39 -12.08
N ALA A 742 -8.61 -61.09 -12.82
CA ALA A 742 -8.69 -62.55 -12.89
C ALA A 742 -8.37 -63.19 -11.55
N GLN A 743 -7.36 -62.67 -10.84
CA GLN A 743 -6.96 -63.20 -9.55
C GLN A 743 -7.73 -62.59 -8.39
N GLY A 744 -8.74 -61.77 -8.67
CA GLY A 744 -9.62 -61.27 -7.65
C GLY A 744 -9.03 -60.32 -6.63
N VAL A 745 -8.22 -59.36 -7.07
CA VAL A 745 -7.71 -58.30 -6.19
C VAL A 745 -8.00 -56.95 -6.83
N SER A 746 -8.43 -56.00 -6.01
CA SER A 746 -8.81 -54.69 -6.51
C SER A 746 -7.59 -53.78 -6.68
N LEU A 747 -7.71 -52.84 -7.61
CA LEU A 747 -6.61 -51.91 -7.86
C LEU A 747 -6.32 -51.05 -6.64
N THR A 748 -7.35 -50.72 -5.86
CA THR A 748 -7.16 -49.78 -4.76
C THR A 748 -6.41 -50.41 -3.60
N GLU A 749 -6.71 -51.67 -3.27
CA GLU A 749 -5.98 -52.32 -2.19
C GLU A 749 -4.53 -52.56 -2.58
N LEU A 750 -4.29 -52.91 -3.85
CA LEU A 750 -2.93 -53.06 -4.35
C LEU A 750 -2.16 -51.75 -4.26
N PHE A 751 -2.76 -50.67 -4.78
CA PHE A 751 -2.13 -49.36 -4.75
C PHE A 751 -1.90 -48.91 -3.31
N GLY A 752 -2.84 -49.21 -2.41
CA GLY A 752 -2.66 -48.84 -1.02
C GLY A 752 -1.52 -49.60 -0.36
N THR A 753 -1.37 -50.89 -0.67
CA THR A 753 -0.27 -51.64 -0.09
C THR A 753 1.06 -51.07 -0.56
N LEU A 754 1.17 -50.79 -1.86
CA LEU A 754 2.37 -50.14 -2.38
C LEU A 754 2.62 -48.80 -1.69
N GLN A 755 1.56 -48.01 -1.53
CA GLN A 755 1.69 -46.65 -0.98
C GLN A 755 2.14 -46.69 0.48
N THR A 756 1.48 -47.52 1.28
CA THR A 756 1.77 -47.52 2.72
C THR A 756 3.10 -48.21 3.02
N TYR A 757 3.37 -49.36 2.39
CA TYR A 757 4.62 -50.05 2.69
C TYR A 757 5.82 -49.30 2.12
N LEU A 758 5.74 -48.90 0.86
CA LEU A 758 6.91 -48.39 0.16
C LEU A 758 7.04 -46.87 0.26
N GLY A 759 5.93 -46.15 0.07
CA GLY A 759 5.95 -44.70 0.04
C GLY A 759 5.52 -44.00 1.30
N SER A 760 5.12 -44.74 2.33
CA SER A 760 4.65 -44.21 3.62
C SER A 760 3.27 -43.58 3.48
N SER A 761 2.51 -43.60 4.58
CA SER A 761 1.15 -43.10 4.63
C SER A 761 1.02 -42.15 5.81
N TYR A 762 0.64 -40.91 5.55
CA TYR A 762 0.22 -40.01 6.62
C TYR A 762 -1.15 -40.47 7.12
N VAL A 763 -1.30 -40.58 8.44
CA VAL A 763 -2.52 -41.12 9.02
C VAL A 763 -3.28 -40.07 9.84
N ASN A 764 -2.59 -39.41 10.78
CA ASN A 764 -3.15 -38.27 11.51
C ASN A 764 -2.04 -37.65 12.37
N ASP A 765 -2.45 -36.79 13.30
CA ASP A 765 -1.56 -36.01 14.15
C ASP A 765 -1.61 -36.49 15.60
N PHE A 766 -0.60 -36.11 16.36
CA PHE A 766 -0.58 -36.31 17.80
C PHE A 766 0.22 -35.18 18.44
N ASN A 767 0.00 -34.99 19.74
CA ASN A 767 0.58 -33.87 20.47
C ASN A 767 1.75 -34.33 21.33
N GLN A 768 2.80 -33.50 21.37
CA GLN A 768 3.98 -33.76 22.17
C GLN A 768 4.80 -32.47 22.26
N PHE A 769 5.41 -32.26 23.42
CA PHE A 769 6.24 -31.07 23.68
C PHE A 769 5.45 -29.78 23.47
N GLY A 770 4.12 -29.86 23.62
CA GLY A 770 3.26 -28.72 23.41
C GLY A 770 2.91 -28.45 21.96
N ARG A 771 3.59 -29.09 21.00
CA ARG A 771 3.31 -28.92 19.58
C ARG A 771 2.58 -30.15 19.05
N THR A 772 2.26 -30.11 17.76
CA THR A 772 1.61 -31.23 17.08
C THR A 772 2.54 -31.74 15.99
N TRP A 773 2.50 -33.06 15.78
CA TRP A 773 3.37 -33.72 14.82
C TRP A 773 2.57 -34.79 14.10
N ARG A 774 3.09 -35.22 12.95
CA ARG A 774 2.46 -36.30 12.21
C ARG A 774 2.86 -37.66 12.80
N VAL A 775 1.97 -38.63 12.68
CA VAL A 775 2.34 -40.03 12.90
C VAL A 775 2.25 -40.73 11.55
N MET A 776 3.34 -41.41 11.18
CA MET A 776 3.50 -41.98 9.86
C MET A 776 3.59 -43.50 9.95
N ALA A 777 3.15 -44.17 8.90
CA ALA A 777 3.20 -45.63 8.81
C ALA A 777 3.89 -46.02 7.52
N GLN A 778 5.01 -46.73 7.65
CA GLN A 778 5.76 -47.21 6.50
C GLN A 778 6.45 -48.50 6.87
N ALA A 779 6.80 -49.29 5.87
CA ALA A 779 7.64 -50.46 6.10
C ALA A 779 8.98 -50.03 6.66
N ASP A 780 9.51 -50.83 7.61
CA ASP A 780 10.86 -50.57 8.09
C ASP A 780 11.85 -50.81 6.96
N GLY A 781 12.92 -50.01 6.96
CA GLY A 781 13.91 -50.01 5.91
C GLY A 781 14.31 -51.36 5.34
N PRO A 782 14.75 -52.28 6.22
CA PRO A 782 15.25 -53.58 5.73
C PRO A 782 14.23 -54.42 4.96
N TYR A 783 12.97 -54.00 4.87
CA TYR A 783 11.95 -54.73 4.13
C TYR A 783 11.60 -54.06 2.79
N ARG A 784 12.31 -53.00 2.42
CA ARG A 784 12.10 -52.32 1.14
C ARG A 784 13.44 -52.00 0.49
N GLU A 785 14.33 -53.00 0.41
CA GLU A 785 15.64 -52.81 -0.19
C GLU A 785 15.78 -53.42 -1.57
N SER A 786 14.95 -54.40 -1.93
CA SER A 786 15.11 -55.14 -3.16
C SER A 786 13.82 -55.17 -3.95
N VAL A 787 13.95 -55.54 -5.23
CA VAL A 787 12.79 -55.74 -6.08
C VAL A 787 11.90 -56.85 -5.54
N GLU A 788 12.53 -57.97 -5.14
CA GLU A 788 11.77 -59.08 -4.57
C GLU A 788 11.03 -58.64 -3.30
N ASP A 789 11.59 -57.69 -2.55
CA ASP A 789 10.87 -57.14 -1.41
C ASP A 789 9.55 -56.52 -1.86
N ILE A 790 9.56 -55.79 -2.98
CA ILE A 790 8.32 -55.25 -3.54
C ILE A 790 7.39 -56.39 -3.97
N ALA A 791 7.92 -57.37 -4.70
CA ALA A 791 7.10 -58.46 -5.19
C ALA A 791 6.51 -59.29 -4.06
N ASN A 792 7.07 -59.17 -2.86
CA ASN A 792 6.70 -60.01 -1.74
C ASN A 792 5.61 -59.41 -0.87
N LEU A 793 5.33 -58.12 -1.00
CA LEU A 793 4.25 -57.52 -0.23
C LEU A 793 2.93 -58.20 -0.57
N ARG A 794 2.11 -58.44 0.45
CA ARG A 794 0.93 -59.25 0.29
C ARG A 794 -0.32 -58.43 0.59
N THR A 795 -1.45 -58.89 0.05
CA THR A 795 -2.73 -58.23 0.25
C THR A 795 -3.83 -59.28 0.14
N ARG A 796 -5.08 -58.82 0.22
CA ARG A 796 -6.24 -59.70 0.34
C ARG A 796 -7.03 -59.74 -0.97
N ASN A 797 -7.42 -60.94 -1.37
CA ASN A 797 -8.21 -61.16 -2.57
C ASN A 797 -9.70 -61.25 -2.22
N ASN A 798 -10.52 -61.65 -3.18
CA ASN A 798 -11.96 -61.69 -3.02
C ASN A 798 -12.46 -62.95 -2.31
N GLN A 799 -11.55 -63.85 -1.91
CA GLN A 799 -11.91 -65.02 -1.12
C GLN A 799 -11.21 -65.05 0.23
N GLY A 800 -10.63 -63.92 0.66
CA GLY A 800 -10.01 -63.82 1.95
C GLY A 800 -8.57 -64.30 2.03
N GLU A 801 -7.97 -64.72 0.91
CA GLU A 801 -6.63 -65.29 0.91
C GLU A 801 -5.58 -64.19 0.75
N MET A 802 -4.41 -64.41 1.37
CA MET A 802 -3.29 -63.49 1.27
C MET A 802 -2.44 -63.84 0.06
N VAL A 803 -2.39 -62.94 -0.90
CA VAL A 803 -1.69 -63.15 -2.17
C VAL A 803 -0.60 -62.09 -2.29
N PRO A 804 0.59 -62.44 -2.77
CA PRO A 804 1.61 -61.42 -3.03
C PRO A 804 1.34 -60.66 -4.32
N ILE A 805 1.81 -59.41 -4.36
CA ILE A 805 1.49 -58.54 -5.50
C ILE A 805 2.32 -58.84 -6.73
N GLY A 806 3.44 -59.57 -6.60
CA GLY A 806 4.30 -59.79 -7.74
C GLY A 806 3.63 -60.47 -8.91
N SER A 807 2.59 -61.28 -8.63
CA SER A 807 1.93 -62.03 -9.70
C SER A 807 1.11 -61.12 -10.61
N MET A 808 0.62 -59.99 -10.10
CA MET A 808 -0.21 -59.08 -10.87
C MET A 808 0.54 -57.87 -11.41
N VAL A 809 1.84 -57.75 -11.14
CA VAL A 809 2.60 -56.57 -11.54
C VAL A 809 3.85 -57.00 -12.30
N ASN A 810 4.35 -56.07 -13.11
CA ASN A 810 5.68 -56.16 -13.71
C ASN A 810 6.51 -55.05 -13.12
N ILE A 811 7.75 -55.37 -12.74
CA ILE A 811 8.67 -54.40 -12.15
C ILE A 811 9.86 -54.30 -13.09
N SER A 812 10.19 -53.09 -13.53
CA SER A 812 11.17 -52.87 -14.58
C SER A 812 12.20 -51.85 -14.14
N THR A 813 13.46 -52.11 -14.48
CA THR A 813 14.47 -51.07 -14.35
C THR A 813 14.26 -49.99 -15.41
N THR A 814 14.45 -48.74 -15.02
CA THR A 814 14.33 -47.62 -15.93
C THR A 814 15.26 -46.50 -15.46
N TYR A 815 15.21 -45.38 -16.17
CA TYR A 815 16.01 -44.22 -15.79
C TYR A 815 15.10 -43.00 -15.77
N GLY A 816 15.46 -42.04 -14.94
CA GLY A 816 14.72 -40.80 -14.87
C GLY A 816 15.53 -39.67 -14.28
N PRO A 817 15.04 -38.44 -14.45
CA PRO A 817 15.67 -37.30 -13.81
C PRO A 817 15.29 -37.19 -12.33
N ASP A 818 16.23 -36.69 -11.55
CA ASP A 818 15.98 -36.37 -10.15
C ASP A 818 16.94 -35.28 -9.70
N PRO A 819 16.47 -34.04 -9.49
CA PRO A 819 15.06 -33.62 -9.55
C PRO A 819 14.54 -33.39 -10.96
N VAL A 820 13.21 -33.29 -11.08
CA VAL A 820 12.57 -32.82 -12.31
C VAL A 820 12.45 -31.31 -12.21
N ILE A 821 12.91 -30.63 -13.26
CA ILE A 821 12.98 -29.18 -13.28
C ILE A 821 12.08 -28.67 -14.39
N ARG A 822 11.23 -27.69 -14.08
CA ARG A 822 10.35 -27.05 -15.04
C ARG A 822 10.63 -25.54 -15.02
N TYR A 823 10.75 -24.94 -16.21
CA TYR A 823 10.94 -23.51 -16.34
C TYR A 823 9.88 -22.94 -17.27
N ASN A 824 9.09 -21.98 -16.78
CA ASN A 824 8.03 -21.36 -17.56
C ASN A 824 7.09 -22.40 -18.16
N GLY A 825 6.76 -23.43 -17.37
CA GLY A 825 5.79 -24.42 -17.77
C GLY A 825 6.28 -25.50 -18.71
N TYR A 826 7.59 -25.64 -18.89
CA TYR A 826 8.14 -26.69 -19.73
C TYR A 826 9.26 -27.42 -18.99
N PRO A 827 9.48 -28.70 -19.30
CA PRO A 827 10.66 -29.37 -18.76
C PRO A 827 11.90 -28.59 -19.15
N ALA A 828 12.83 -28.47 -18.22
CA ALA A 828 13.95 -27.57 -18.41
C ALA A 828 15.19 -28.10 -17.69
N ALA A 829 16.34 -27.59 -18.12
CA ALA A 829 17.61 -27.85 -17.47
C ALA A 829 18.36 -26.54 -17.27
N ASP A 830 18.85 -26.32 -16.06
CA ASP A 830 19.55 -25.09 -15.74
C ASP A 830 21.01 -25.18 -16.18
N LEU A 831 21.52 -24.08 -16.73
CA LEU A 831 22.93 -23.94 -17.06
C LEU A 831 23.44 -22.65 -16.41
N ILE A 832 24.50 -22.76 -15.63
CA ILE A 832 25.08 -21.61 -14.95
C ILE A 832 26.58 -21.62 -15.20
N GLY A 833 27.12 -20.49 -15.64
CA GLY A 833 28.53 -20.44 -16.00
C GLY A 833 29.11 -19.07 -15.83
N ASP A 834 30.44 -19.01 -15.97
CA ASP A 834 31.19 -17.77 -15.86
C ASP A 834 31.77 -17.39 -17.22
N ALA A 835 32.18 -16.13 -17.33
CA ALA A 835 32.85 -15.62 -18.52
C ALA A 835 33.92 -14.64 -18.09
N ASP A 836 35.12 -14.78 -18.66
CA ASP A 836 36.24 -13.92 -18.29
C ASP A 836 36.07 -12.53 -18.89
N PRO A 837 36.02 -11.47 -18.09
CA PRO A 837 35.79 -10.12 -18.64
C PRO A 837 36.87 -9.66 -19.60
N ARG A 838 38.09 -10.19 -19.51
CA ARG A 838 39.16 -9.76 -20.40
C ARG A 838 38.92 -10.25 -21.82
N VAL A 839 38.34 -11.43 -21.98
CA VAL A 839 38.01 -11.94 -23.32
C VAL A 839 36.62 -11.52 -23.75
N LEU A 840 35.63 -11.73 -22.89
CA LEU A 840 34.23 -11.41 -23.18
C LEU A 840 33.60 -10.71 -21.99
N SER A 841 32.81 -9.69 -22.26
CA SER A 841 31.87 -9.17 -21.27
C SER A 841 30.67 -10.12 -21.24
N SER A 842 29.59 -9.71 -20.60
CA SER A 842 28.40 -10.55 -20.61
C SER A 842 27.77 -10.62 -22.00
N SER A 843 27.73 -9.49 -22.71
CA SER A 843 26.88 -9.36 -23.89
C SER A 843 27.26 -10.32 -25.00
N GLN A 844 28.54 -10.32 -25.39
CA GLN A 844 28.97 -11.18 -26.48
C GLN A 844 28.93 -12.65 -26.08
N ALA A 845 29.14 -12.94 -24.79
CA ALA A 845 28.95 -14.31 -24.32
C ALA A 845 27.51 -14.77 -24.53
N MET A 846 26.54 -13.92 -24.20
CA MET A 846 25.14 -14.29 -24.40
C MET A 846 24.82 -14.45 -25.89
N THR A 847 25.34 -13.56 -26.73
CA THR A 847 25.09 -13.69 -28.17
C THR A 847 25.69 -14.97 -28.71
N HIS A 848 26.91 -15.31 -28.28
CA HIS A 848 27.54 -16.55 -28.67
C HIS A 848 26.72 -17.75 -28.24
N LEU A 849 26.17 -17.69 -27.03
CA LEU A 849 25.37 -18.81 -26.53
C LEU A 849 24.09 -18.96 -27.34
N GLU A 850 23.47 -17.85 -27.76
CA GLU A 850 22.29 -17.96 -28.61
C GLU A 850 22.63 -18.57 -29.97
N GLU A 851 23.76 -18.15 -30.55
CA GLU A 851 24.24 -18.78 -31.77
C GLU A 851 24.38 -20.28 -31.58
N LEU A 852 25.06 -20.68 -30.50
CA LEU A 852 25.23 -22.09 -30.19
C LEU A 852 23.87 -22.79 -30.05
N SER A 853 22.91 -22.10 -29.44
CA SER A 853 21.60 -22.69 -29.21
C SER A 853 20.92 -23.06 -30.51
N LYS A 854 20.87 -22.11 -31.47
CA LYS A 854 20.26 -22.49 -32.74
C LYS A 854 21.15 -23.45 -33.53
N GLN A 855 22.45 -23.45 -33.27
CA GLN A 855 23.36 -24.36 -33.98
C GLN A 855 23.42 -25.74 -33.35
N ILE A 856 22.83 -25.95 -32.17
CA ILE A 856 22.96 -27.23 -31.48
C ILE A 856 21.59 -27.80 -31.14
N LEU A 857 20.73 -26.98 -30.53
CA LEU A 857 19.49 -27.49 -29.97
C LEU A 857 18.59 -28.03 -31.07
N PRO A 858 17.91 -29.15 -30.84
CA PRO A 858 17.03 -29.71 -31.88
C PRO A 858 15.78 -28.88 -32.08
N ASN A 859 14.95 -29.27 -33.05
CA ASN A 859 13.71 -28.58 -33.31
C ASN A 859 12.71 -28.87 -32.20
N GLY A 860 12.29 -27.83 -31.48
CA GLY A 860 11.42 -27.97 -30.34
C GLY A 860 12.07 -27.65 -29.01
N MET A 861 13.38 -27.45 -28.99
CA MET A 861 14.12 -27.10 -27.79
C MET A 861 14.68 -25.70 -27.94
N ASN A 862 14.70 -24.93 -26.85
CA ASN A 862 15.19 -23.56 -26.94
C ASN A 862 15.88 -23.16 -25.64
N ILE A 863 16.45 -21.95 -25.66
CA ILE A 863 17.23 -21.40 -24.57
C ILE A 863 16.49 -20.17 -24.04
N GLU A 864 16.50 -19.98 -22.72
CA GLU A 864 15.85 -18.81 -22.13
C GLU A 864 16.66 -18.31 -20.95
N TRP A 865 17.01 -17.02 -20.97
CA TRP A 865 17.85 -16.44 -19.94
C TRP A 865 17.10 -16.30 -18.62
N THR A 866 17.88 -16.28 -17.54
CA THR A 866 17.32 -16.17 -16.20
C THR A 866 18.28 -15.34 -15.36
N ASP A 867 17.76 -14.79 -14.27
CA ASP A 867 18.52 -14.01 -13.29
C ASP A 867 19.09 -12.74 -13.95
N LEU A 868 20.26 -12.29 -13.51
CA LEU A 868 20.82 -11.04 -14.02
C LEU A 868 21.16 -11.14 -15.50
N SER A 869 21.38 -12.33 -16.03
CA SER A 869 21.52 -12.47 -17.48
C SER A 869 20.22 -12.09 -18.18
N PHE A 870 19.08 -12.51 -17.62
CA PHE A 870 17.80 -12.10 -18.18
C PHE A 870 17.63 -10.59 -18.05
N GLN A 871 18.02 -10.02 -16.91
CA GLN A 871 17.89 -8.57 -16.75
C GLN A 871 18.73 -7.83 -17.78
N GLN A 872 19.96 -8.27 -18.03
CA GLN A 872 20.77 -7.71 -19.10
C GLN A 872 20.04 -7.82 -20.43
N ALA A 873 19.54 -9.03 -20.73
CA ALA A 873 18.89 -9.26 -22.02
C ALA A 873 17.65 -8.40 -22.23
N THR A 874 17.02 -7.91 -21.15
CA THR A 874 15.84 -7.05 -21.31
C THR A 874 16.10 -5.58 -21.03
N GLN A 875 17.18 -5.23 -20.33
CA GLN A 875 17.43 -3.83 -20.00
C GLN A 875 17.88 -3.06 -21.24
N GLY A 876 17.61 -1.75 -21.22
CA GLY A 876 18.12 -0.86 -22.24
C GLY A 876 19.43 -0.21 -21.82
N ASN A 877 19.93 0.67 -22.68
CA ASN A 877 21.14 1.45 -22.42
C ASN A 877 20.73 2.92 -22.36
N THR A 878 20.29 3.35 -21.18
CA THR A 878 19.93 4.75 -21.01
C THR A 878 21.14 5.66 -20.89
N ALA A 879 22.34 5.10 -20.74
CA ALA A 879 23.55 5.92 -20.71
C ALA A 879 23.68 6.74 -22.00
N LEU A 880 23.25 6.18 -23.12
CA LEU A 880 23.33 6.88 -24.40
C LEU A 880 22.44 8.11 -24.44
N ILE A 881 21.53 8.27 -23.47
CA ILE A 881 20.81 9.53 -23.30
C ILE A 881 21.01 10.11 -21.90
N VAL A 882 21.88 9.52 -21.10
CA VAL A 882 22.22 10.08 -19.79
C VAL A 882 23.53 10.86 -19.86
N PHE A 883 24.55 10.29 -20.49
CA PHE A 883 25.81 11.01 -20.64
C PHE A 883 25.67 12.30 -21.44
N PRO A 884 25.09 12.30 -22.66
CA PRO A 884 24.94 13.60 -23.36
C PRO A 884 24.08 14.58 -22.59
N VAL A 885 22.96 14.12 -22.02
CA VAL A 885 22.08 15.03 -21.30
C VAL A 885 22.83 15.69 -20.14
N ALA A 886 23.67 14.91 -19.45
CA ALA A 886 24.53 15.52 -18.44
C ALA A 886 25.43 16.57 -19.06
N VAL A 887 26.15 16.20 -20.12
CA VAL A 887 27.19 17.07 -20.69
C VAL A 887 26.62 18.43 -21.01
N LEU A 888 25.65 18.47 -21.94
CA LEU A 888 25.12 19.77 -22.35
C LEU A 888 24.49 20.49 -21.18
N LEU A 889 23.89 19.75 -20.23
CA LEU A 889 23.36 20.40 -19.04
C LEU A 889 24.44 21.21 -18.35
N ALA A 890 25.59 20.58 -18.08
CA ALA A 890 26.72 21.32 -17.52
C ALA A 890 27.09 22.47 -18.44
N PHE A 891 27.18 22.19 -19.74
CA PHE A 891 27.47 23.24 -20.71
C PHE A 891 26.53 24.40 -20.52
N LEU A 892 25.22 24.11 -20.44
CA LEU A 892 24.25 25.18 -20.31
C LEU A 892 24.53 26.03 -19.10
N VAL A 893 24.78 25.38 -17.96
CA VAL A 893 25.05 26.13 -16.73
C VAL A 893 26.28 27.01 -16.94
N LEU A 894 27.34 26.43 -17.50
CA LEU A 894 28.55 27.21 -17.73
C LEU A 894 28.29 28.35 -18.69
N ALA A 895 27.49 28.09 -19.72
CA ALA A 895 27.16 29.16 -20.66
C ALA A 895 26.51 30.33 -19.95
N ALA A 896 25.67 30.04 -18.94
CA ALA A 896 25.05 31.12 -18.18
C ALA A 896 26.07 31.85 -17.33
N LEU A 897 27.02 31.12 -16.75
CA LEU A 897 27.98 31.76 -15.84
C LEU A 897 28.95 32.64 -16.60
N TYR A 898 29.45 32.17 -17.74
CA TYR A 898 30.44 32.90 -18.53
C TYR A 898 29.82 33.90 -19.49
N GLU A 899 28.50 33.85 -19.73
CA GLU A 899 27.87 34.64 -20.77
C GLU A 899 28.51 34.38 -22.14
N SER A 900 28.79 33.11 -22.41
CA SER A 900 29.47 32.73 -23.64
C SER A 900 29.05 31.32 -24.05
N TRP A 901 28.85 31.12 -25.36
CA TRP A 901 28.60 29.79 -25.91
C TRP A 901 29.87 28.99 -26.14
N THR A 902 31.03 29.59 -25.95
CA THR A 902 32.31 28.95 -26.28
C THR A 902 33.22 28.77 -25.07
N LEU A 903 33.22 29.74 -24.15
CA LEU A 903 34.02 29.63 -22.94
C LEU A 903 33.80 28.34 -22.15
N PRO A 904 32.60 27.77 -22.05
CA PRO A 904 32.47 26.45 -21.40
C PRO A 904 33.39 25.39 -21.95
N LEU A 905 33.69 25.42 -23.25
CA LEU A 905 34.56 24.41 -23.84
C LEU A 905 35.97 24.46 -23.27
N ALA A 906 36.34 25.56 -22.60
CA ALA A 906 37.62 25.58 -21.91
C ALA A 906 37.64 24.57 -20.77
N VAL A 907 36.52 24.45 -20.05
CA VAL A 907 36.42 23.47 -18.98
C VAL A 907 36.20 22.07 -19.56
N ILE A 908 35.12 21.92 -20.33
CA ILE A 908 34.67 20.59 -20.75
C ILE A 908 35.79 19.83 -21.45
N LEU A 909 36.46 20.49 -22.40
CA LEU A 909 37.42 19.80 -23.24
C LEU A 909 38.64 19.30 -22.46
N ILE A 910 38.84 19.73 -21.21
CA ILE A 910 39.98 19.21 -20.45
C ILE A 910 39.62 18.00 -19.59
N VAL A 911 38.33 17.73 -19.39
CA VAL A 911 37.96 16.65 -18.48
C VAL A 911 38.21 15.26 -19.07
N PRO A 912 38.10 15.01 -20.38
CA PRO A 912 38.52 13.68 -20.89
C PRO A 912 40.00 13.43 -20.72
N MET A 913 40.78 14.48 -20.49
CA MET A 913 42.22 14.34 -20.31
C MET A 913 42.54 13.68 -18.97
N THR A 914 41.83 14.06 -17.91
CA THR A 914 42.07 13.45 -16.60
C THR A 914 41.60 11.99 -16.60
N MET A 915 40.48 11.71 -17.25
CA MET A 915 39.95 10.36 -17.32
C MET A 915 41.04 9.37 -17.74
N LEU A 916 41.63 9.58 -18.91
CA LEU A 916 42.73 8.74 -19.37
C LEU A 916 43.79 8.62 -18.28
N SER A 917 44.20 9.75 -17.73
CA SER A 917 45.22 9.74 -16.69
C SER A 917 44.82 8.81 -15.55
N ALA A 918 43.61 8.99 -15.01
CA ALA A 918 43.14 8.11 -13.96
C ALA A 918 43.10 6.68 -14.47
N LEU A 919 42.54 6.49 -15.67
CA LEU A 919 42.49 5.17 -16.26
C LEU A 919 43.88 4.56 -16.36
N PHE A 920 44.89 5.41 -16.63
CA PHE A 920 46.25 4.89 -16.79
C PHE A 920 46.70 4.14 -15.55
N GLY A 921 46.26 4.56 -14.36
CA GLY A 921 46.61 3.84 -13.16
C GLY A 921 46.19 2.38 -13.22
N VAL A 922 44.97 2.13 -13.72
CA VAL A 922 44.53 0.75 -13.93
C VAL A 922 45.45 0.04 -14.92
N TRP A 923 45.82 0.72 -16.01
CA TRP A 923 46.78 0.15 -16.94
C TRP A 923 48.13 -0.06 -16.28
N LEU A 924 48.46 0.76 -15.28
CA LEU A 924 49.64 0.52 -14.47
C LEU A 924 49.52 -0.80 -13.71
N THR A 925 48.34 -1.10 -13.20
CA THR A 925 48.10 -2.26 -12.36
C THR A 925 47.63 -3.48 -13.15
N GLY A 926 46.75 -3.27 -14.13
CA GLY A 926 46.08 -4.37 -14.79
C GLY A 926 44.73 -4.72 -14.22
N GLY A 927 44.12 -3.81 -13.46
CA GLY A 927 42.80 -4.04 -12.89
C GLY A 927 41.71 -3.95 -13.92
N ASP A 928 40.54 -3.48 -13.48
CA ASP A 928 39.37 -3.39 -14.33
C ASP A 928 38.64 -2.09 -14.06
N ASN A 929 37.78 -1.71 -15.00
CA ASN A 929 36.97 -0.50 -14.85
C ASN A 929 35.64 -0.81 -14.15
N ASN A 930 35.71 -1.47 -12.99
CA ASN A 930 34.53 -1.80 -12.23
C ASN A 930 33.78 -0.53 -11.82
N VAL A 931 32.57 -0.71 -11.26
CA VAL A 931 31.70 0.42 -10.99
C VAL A 931 32.36 1.40 -10.02
N PHE A 932 33.16 0.89 -9.06
CA PHE A 932 33.79 1.77 -8.08
C PHE A 932 34.82 2.69 -8.73
N VAL A 933 35.68 2.14 -9.59
CA VAL A 933 36.64 2.99 -10.26
C VAL A 933 35.94 3.90 -11.28
N GLN A 934 34.81 3.45 -11.82
CA GLN A 934 34.04 4.33 -12.72
C GLN A 934 33.55 5.57 -11.98
N VAL A 935 32.96 5.38 -10.79
CA VAL A 935 32.48 6.54 -10.05
C VAL A 935 33.65 7.39 -9.56
N GLY A 936 34.77 6.76 -9.21
CA GLY A 936 35.96 7.53 -8.87
C GLY A 936 36.45 8.38 -10.04
N LEU A 937 36.42 7.82 -11.24
CA LEU A 937 36.78 8.56 -12.45
C LEU A 937 35.89 9.78 -12.63
N VAL A 938 34.58 9.58 -12.51
CA VAL A 938 33.65 10.70 -12.68
C VAL A 938 33.89 11.76 -11.61
N VAL A 939 34.17 11.33 -10.37
CA VAL A 939 34.41 12.29 -9.29
C VAL A 939 35.64 13.13 -9.57
N LEU A 940 36.74 12.48 -9.97
CA LEU A 940 37.96 13.25 -10.19
C LEU A 940 37.83 14.17 -11.40
N MET A 941 37.09 13.76 -12.42
CA MET A 941 36.89 14.69 -13.53
C MET A 941 35.95 15.82 -13.13
N GLY A 942 35.07 15.60 -12.16
CA GLY A 942 34.32 16.71 -11.58
C GLY A 942 35.23 17.69 -10.85
N LEU A 943 36.22 17.17 -10.14
CA LEU A 943 37.20 18.05 -9.50
C LEU A 943 37.96 18.87 -10.53
N ALA A 944 38.37 18.21 -11.62
CA ALA A 944 39.01 18.92 -12.72
C ALA A 944 38.08 19.99 -13.28
N CYS A 945 36.80 19.66 -13.41
CA CYS A 945 35.81 20.63 -13.85
C CYS A 945 35.82 21.86 -12.95
N LYS A 946 35.76 21.65 -11.64
CA LYS A 946 35.67 22.79 -10.73
C LYS A 946 36.94 23.65 -10.79
N ASN A 947 38.10 23.01 -10.87
CA ASN A 947 39.35 23.76 -11.00
C ASN A 947 39.35 24.61 -12.27
N ALA A 948 39.01 23.99 -13.40
CA ALA A 948 38.97 24.72 -14.67
C ALA A 948 37.96 25.85 -14.64
N ILE A 949 36.79 25.60 -14.04
CA ILE A 949 35.75 26.63 -13.97
C ILE A 949 36.27 27.85 -13.22
N LEU A 950 36.90 27.61 -12.06
CA LEU A 950 37.35 28.74 -11.26
C LEU A 950 38.47 29.52 -11.97
N ILE A 951 39.44 28.82 -12.56
CA ILE A 951 40.50 29.59 -13.22
C ILE A 951 39.96 30.30 -14.46
N VAL A 952 39.01 29.70 -15.18
CA VAL A 952 38.48 30.35 -16.37
C VAL A 952 37.68 31.58 -16.01
N GLU A 953 36.86 31.51 -14.96
CA GLU A 953 36.12 32.69 -14.53
C GLU A 953 37.06 33.76 -14.01
N PHE A 954 38.14 33.36 -13.32
CA PHE A 954 39.12 34.36 -12.89
C PHE A 954 39.77 35.05 -14.07
N ALA A 955 40.12 34.29 -15.11
CA ALA A 955 40.71 34.88 -16.30
C ALA A 955 39.74 35.83 -17.00
N ARG A 956 38.49 35.41 -17.14
CA ARG A 956 37.51 36.26 -17.82
C ARG A 956 37.28 37.54 -17.03
N GLU A 957 37.18 37.45 -15.69
CA GLU A 957 36.97 38.65 -14.88
C GLU A 957 38.19 39.56 -14.94
N LEU A 958 39.40 38.97 -14.96
CA LEU A 958 40.61 39.77 -15.16
C LEU A 958 40.56 40.52 -16.47
N GLU A 959 40.07 39.86 -17.52
CA GLU A 959 39.91 40.54 -18.81
C GLU A 959 38.92 41.69 -18.70
N ILE A 960 37.84 41.51 -17.94
CA ILE A 960 36.88 42.61 -17.78
C ILE A 960 37.49 43.79 -17.03
N GLN A 961 38.58 43.58 -16.30
CA GLN A 961 39.27 44.63 -15.57
C GLN A 961 40.29 45.38 -16.42
N GLY A 962 40.33 45.11 -17.73
CA GLY A 962 41.16 45.86 -18.65
C GLY A 962 42.42 45.16 -19.13
N LYS A 963 42.64 43.91 -18.75
CA LYS A 963 43.83 43.18 -19.16
C LYS A 963 43.59 42.46 -20.49
N GLY A 964 44.67 42.26 -21.24
CA GLY A 964 44.59 41.47 -22.45
C GLY A 964 44.37 40.01 -22.15
N ILE A 965 43.93 39.27 -23.18
CA ILE A 965 43.46 37.91 -22.96
C ILE A 965 44.59 37.00 -22.48
N MET A 966 45.79 37.16 -23.05
CA MET A 966 46.88 36.24 -22.74
C MET A 966 47.46 36.52 -21.37
N GLU A 967 47.68 37.80 -21.04
CA GLU A 967 48.14 38.12 -19.70
C GLU A 967 47.09 37.79 -18.66
N ALA A 968 45.80 37.90 -19.02
CA ALA A 968 44.74 37.53 -18.10
C ALA A 968 44.77 36.04 -17.79
N ALA A 969 44.90 35.20 -18.83
CA ALA A 969 45.00 33.76 -18.59
C ALA A 969 46.25 33.42 -17.78
N LEU A 970 47.38 34.04 -18.12
CA LEU A 970 48.62 33.83 -17.38
C LEU A 970 48.42 34.14 -15.90
N GLU A 971 47.88 35.31 -15.59
CA GLU A 971 47.75 35.72 -14.20
C GLU A 971 46.65 34.93 -13.48
N ALA A 972 45.64 34.47 -14.20
CA ALA A 972 44.63 33.62 -13.58
C ALA A 972 45.23 32.29 -13.16
N CYS A 973 46.02 31.68 -14.05
CA CYS A 973 46.78 30.51 -13.64
C CYS A 973 47.65 30.82 -12.44
N ARG A 974 48.26 32.00 -12.42
CA ARG A 974 49.12 32.38 -11.30
C ARG A 974 48.36 32.41 -9.99
N LEU A 975 47.22 33.10 -9.96
CA LEU A 975 46.45 33.18 -8.72
C LEU A 975 45.98 31.80 -8.28
N ARG A 976 45.41 31.02 -9.21
CA ARG A 976 44.81 29.76 -8.81
C ARG A 976 45.82 28.64 -8.60
N LEU A 977 47.11 28.86 -8.91
CA LEU A 977 48.09 27.79 -8.76
C LEU A 977 48.09 27.19 -7.37
N ARG A 978 48.11 28.04 -6.33
CA ARG A 978 48.26 27.55 -4.96
C ARG A 978 47.11 26.66 -4.50
N PRO A 979 45.83 27.06 -4.59
CA PRO A 979 44.77 26.17 -4.07
C PRO A 979 44.74 24.81 -4.75
N ILE A 980 44.96 24.77 -6.07
CA ILE A 980 44.94 23.49 -6.78
C ILE A 980 46.01 22.56 -6.21
N VAL A 981 47.23 23.07 -6.04
CA VAL A 981 48.30 22.20 -5.59
C VAL A 981 48.09 21.79 -4.14
N MET A 982 47.57 22.68 -3.28
CA MET A 982 47.39 22.23 -1.90
C MET A 982 46.29 21.17 -1.80
N THR A 983 45.18 21.35 -2.52
CA THR A 983 44.16 20.30 -2.55
C THR A 983 44.74 18.99 -3.05
N SER A 984 45.49 19.04 -4.15
CA SER A 984 46.00 17.82 -4.74
C SER A 984 47.03 17.15 -3.85
N ILE A 985 47.89 17.93 -3.18
CA ILE A 985 48.91 17.30 -2.34
C ILE A 985 48.27 16.74 -1.07
N ALA A 986 47.22 17.40 -0.56
CA ALA A 986 46.45 16.80 0.53
C ALA A 986 45.92 15.44 0.12
N PHE A 987 45.34 15.35 -1.08
CA PHE A 987 44.82 14.08 -1.55
C PHE A 987 45.93 13.04 -1.72
N ILE A 988 47.00 13.41 -2.43
CA ILE A 988 48.03 12.42 -2.72
C ILE A 988 48.79 12.03 -1.47
N ALA A 989 48.70 12.83 -0.40
CA ALA A 989 49.17 12.39 0.91
C ALA A 989 48.17 11.47 1.58
N GLY A 990 46.88 11.62 1.27
CA GLY A 990 45.89 10.66 1.74
C GLY A 990 45.79 9.40 0.92
N THR A 991 46.50 9.34 -0.22
CA THR A 991 46.40 8.19 -1.11
C THR A 991 47.25 7.02 -0.62
N ILE A 992 48.42 7.29 -0.01
CA ILE A 992 49.27 6.20 0.46
C ILE A 992 48.57 5.31 1.47
N PRO A 993 47.78 5.82 2.42
CA PRO A 993 46.98 4.90 3.26
C PRO A 993 45.98 4.07 2.47
N LEU A 994 45.69 4.42 1.21
CA LEU A 994 44.71 3.69 0.40
C LEU A 994 45.34 2.65 -0.52
N ILE A 995 46.53 2.16 -0.17
CA ILE A 995 47.11 0.98 -0.81
C ILE A 995 47.55 -0.07 0.19
N LEU A 996 47.41 0.21 1.48
CA LEU A 996 47.72 -0.72 2.56
C LEU A 996 46.76 -0.40 3.71
N GLY A 997 47.06 -0.89 4.91
CA GLY A 997 46.27 -0.60 6.09
C GLY A 997 45.66 -1.85 6.69
N HIS A 998 44.47 -1.69 7.25
CA HIS A 998 43.72 -2.81 7.81
C HIS A 998 42.25 -2.63 7.48
N GLY A 999 41.55 -3.74 7.36
CA GLY A 999 40.15 -3.75 6.97
C GLY A 999 39.90 -4.62 5.76
N ALA A 1000 38.61 -4.86 5.51
CA ALA A 1000 38.18 -5.72 4.43
C ALA A 1000 37.78 -4.88 3.21
N GLY A 1001 37.26 -5.54 2.18
CA GLY A 1001 36.96 -4.88 0.93
C GLY A 1001 38.18 -4.35 0.21
N ALA A 1002 39.31 -5.07 0.31
CA ALA A 1002 40.59 -4.53 -0.15
C ALA A 1002 40.57 -4.26 -1.66
N GLU A 1003 39.93 -5.15 -2.42
CA GLU A 1003 39.85 -4.95 -3.87
C GLU A 1003 39.22 -3.61 -4.21
N VAL A 1004 38.09 -3.30 -3.57
CA VAL A 1004 37.39 -2.03 -3.80
C VAL A 1004 38.31 -0.86 -3.50
N ARG A 1005 38.81 -0.79 -2.26
CA ARG A 1005 39.59 0.36 -1.83
C ARG A 1005 40.83 0.56 -2.70
N GLY A 1006 41.52 -0.52 -3.03
CA GLY A 1006 42.66 -0.43 -3.92
C GLY A 1006 42.30 0.15 -5.29
N VAL A 1007 41.42 -0.57 -6.01
CA VAL A 1007 41.10 -0.20 -7.37
C VAL A 1007 40.62 1.25 -7.42
N THR A 1008 40.12 1.76 -6.30
CA THR A 1008 39.90 3.21 -6.27
C THR A 1008 41.20 3.99 -6.06
N GLY A 1009 42.06 3.52 -5.16
CA GLY A 1009 43.19 4.34 -4.73
C GLY A 1009 44.22 4.60 -5.81
N ILE A 1010 44.60 3.56 -6.55
CA ILE A 1010 45.65 3.78 -7.56
C ILE A 1010 45.18 4.79 -8.60
N THR A 1011 43.95 4.63 -9.07
CA THR A 1011 43.37 5.63 -9.97
C THR A 1011 43.38 6.99 -9.33
N VAL A 1012 42.83 7.12 -8.11
CA VAL A 1012 42.77 8.43 -7.45
C VAL A 1012 44.12 9.13 -7.52
N PHE A 1013 45.21 8.40 -7.27
CA PHE A 1013 46.54 8.99 -7.40
C PHE A 1013 46.77 9.52 -8.82
N SER A 1014 46.72 8.62 -9.81
CA SER A 1014 47.08 9.03 -11.17
C SER A 1014 46.14 10.11 -11.70
N GLY A 1015 44.86 10.01 -11.35
CA GLY A 1015 43.88 10.97 -11.78
C GLY A 1015 44.05 12.35 -11.17
N MET A 1016 44.45 12.42 -9.90
CA MET A 1016 44.72 13.74 -9.35
C MET A 1016 45.97 14.36 -9.97
N LEU A 1017 47.00 13.53 -10.24
CA LEU A 1017 48.14 14.05 -10.98
C LEU A 1017 47.69 14.64 -12.32
N GLY A 1018 46.89 13.88 -13.07
CA GLY A 1018 46.37 14.39 -14.33
C GLY A 1018 45.52 15.63 -14.17
N VAL A 1019 44.68 15.65 -13.13
CA VAL A 1019 43.81 16.80 -12.87
C VAL A 1019 44.64 18.07 -12.78
N THR A 1020 45.63 18.07 -11.90
CA THR A 1020 46.46 19.27 -11.74
C THR A 1020 47.22 19.59 -13.03
N LEU A 1021 48.01 18.63 -13.51
CA LEU A 1021 48.87 18.92 -14.65
C LEU A 1021 48.05 19.48 -15.82
N PHE A 1022 47.00 18.78 -16.19
CA PHE A 1022 46.28 19.12 -17.40
C PHE A 1022 45.35 20.31 -17.21
N GLY A 1023 44.79 20.51 -16.01
CA GLY A 1023 44.13 21.78 -15.76
C GLY A 1023 45.12 22.90 -15.98
N LEU A 1024 46.14 22.96 -15.13
CA LEU A 1024 47.05 24.11 -15.11
C LEU A 1024 47.75 24.34 -16.45
N PHE A 1025 47.82 23.34 -17.32
CA PHE A 1025 48.47 23.57 -18.61
C PHE A 1025 47.51 23.68 -19.79
N LEU A 1026 46.52 22.78 -19.91
CA LEU A 1026 45.62 22.84 -21.05
C LEU A 1026 44.62 23.98 -20.93
N THR A 1027 44.05 24.19 -19.74
CA THR A 1027 43.01 25.22 -19.63
C THR A 1027 43.48 26.61 -20.01
N PRO A 1028 44.70 27.06 -19.69
CA PRO A 1028 45.14 28.35 -20.25
C PRO A 1028 45.28 28.32 -21.77
N VAL A 1029 45.83 27.24 -22.33
CA VAL A 1029 45.96 27.13 -23.78
C VAL A 1029 44.57 27.11 -24.42
N PHE A 1030 43.67 26.31 -23.85
CA PHE A 1030 42.30 26.24 -24.38
C PHE A 1030 41.60 27.58 -24.26
N TYR A 1031 41.80 28.28 -23.14
CA TYR A 1031 41.18 29.59 -22.93
C TYR A 1031 41.64 30.60 -23.98
N VAL A 1032 42.97 30.72 -24.15
CA VAL A 1032 43.48 31.70 -25.10
C VAL A 1032 43.09 31.34 -26.52
N THR A 1033 43.16 30.04 -26.87
CA THR A 1033 42.74 29.62 -28.20
C THR A 1033 41.29 29.99 -28.44
N LEU A 1034 40.40 29.59 -27.52
CA LEU A 1034 38.97 29.82 -27.70
C LEU A 1034 38.67 31.31 -27.77
N ARG A 1035 39.34 32.13 -26.97
CA ARG A 1035 39.04 33.55 -26.95
C ARG A 1035 39.69 34.31 -28.10
N LYS A 1036 40.64 33.71 -28.82
CA LYS A 1036 41.19 34.44 -29.97
C LYS A 1036 40.26 34.43 -31.17
N LEU A 1037 39.41 33.40 -31.33
CA LEU A 1037 38.54 33.34 -32.50
C LEU A 1037 37.19 34.01 -32.28
N VAL A 1038 36.97 34.62 -31.12
CA VAL A 1038 35.74 35.38 -30.89
C VAL A 1038 35.97 36.88 -30.84
N THR A 1039 37.19 37.34 -30.62
CA THR A 1039 37.53 38.76 -30.69
C THR A 1039 38.08 39.06 -32.07
N ARG A 1040 37.36 39.87 -32.83
CA ARG A 1040 37.72 40.16 -34.21
C ARG A 1040 37.85 41.67 -34.46
N MET B 1 14.20 45.31 9.22
CA MET B 1 13.65 44.48 10.29
C MET B 1 12.19 44.86 10.58
N ASP B 2 11.44 45.17 9.53
CA ASP B 2 10.01 45.38 9.64
C ASP B 2 9.21 44.17 9.16
N PHE B 3 9.68 43.49 8.11
CA PHE B 3 9.15 42.19 7.68
C PHE B 3 7.68 42.26 7.29
N SER B 4 7.09 43.45 7.33
CA SER B 4 5.67 43.59 7.05
C SER B 4 5.31 44.78 6.17
N ARG B 5 6.25 45.72 5.93
CA ARG B 5 6.00 46.99 5.25
C ARG B 5 4.99 46.88 4.13
N PHE B 6 5.14 45.81 3.34
CA PHE B 6 4.26 45.54 2.21
C PHE B 6 2.79 45.60 2.62
N PHE B 7 2.45 44.96 3.74
CA PHE B 7 1.05 44.79 4.10
C PHE B 7 0.46 46.01 4.76
N ILE B 8 1.23 46.75 5.56
CA ILE B 8 0.73 48.02 6.07
C ILE B 8 0.49 48.99 4.92
N ASP B 9 1.44 49.07 3.98
CA ASP B 9 1.26 49.97 2.85
C ASP B 9 0.23 49.46 1.86
N ARG B 10 -0.09 48.17 1.89
CA ARG B 10 -1.10 47.59 1.01
C ARG B 10 -2.06 46.75 1.84
N PRO B 11 -3.01 47.41 2.53
CA PRO B 11 -3.98 46.64 3.33
C PRO B 11 -4.82 45.68 2.51
N ILE B 12 -5.03 45.98 1.23
CA ILE B 12 -5.80 45.09 0.38
C ILE B 12 -5.11 43.73 0.28
N PHE B 13 -3.78 43.72 0.16
CA PHE B 13 -3.04 42.48 0.04
C PHE B 13 -3.21 41.61 1.28
N ALA B 14 -2.94 42.18 2.45
CA ALA B 14 -3.15 41.45 3.69
C ALA B 14 -4.59 40.96 3.78
N ALA B 15 -5.54 41.80 3.36
CA ALA B 15 -6.94 41.43 3.39
C ALA B 15 -7.20 40.19 2.53
N VAL B 16 -6.67 40.17 1.31
CA VAL B 16 -6.91 39.04 0.42
C VAL B 16 -6.25 37.78 0.97
N LEU B 17 -5.04 37.92 1.53
CA LEU B 17 -4.38 36.77 2.14
C LEU B 17 -5.25 36.17 3.23
N SER B 18 -5.70 37.01 4.17
CA SER B 18 -6.49 36.51 5.29
C SER B 18 -7.84 35.97 4.85
N ILE B 19 -8.46 36.58 3.84
CA ILE B 19 -9.71 36.06 3.32
C ILE B 19 -9.49 34.67 2.75
N LEU B 20 -8.37 34.46 2.05
CA LEU B 20 -8.07 33.13 1.53
C LEU B 20 -7.92 32.12 2.66
N ILE B 21 -7.14 32.47 3.70
CA ILE B 21 -6.97 31.55 4.82
C ILE B 21 -8.32 31.21 5.45
N PHE B 22 -9.13 32.24 5.70
CA PHE B 22 -10.41 32.07 6.35
C PHE B 22 -11.33 31.18 5.53
N ILE B 23 -11.46 31.47 4.23
CA ILE B 23 -12.39 30.71 3.40
C ILE B 23 -11.93 29.27 3.24
N THR B 24 -10.62 29.06 3.10
CA THR B 24 -10.12 27.69 2.98
C THR B 24 -10.42 26.89 4.25
N GLY B 25 -10.19 27.47 5.42
CA GLY B 25 -10.53 26.77 6.66
C GLY B 25 -12.03 26.55 6.80
N LEU B 26 -12.83 27.55 6.44
CA LEU B 26 -14.27 27.49 6.56
C LEU B 26 -14.85 26.39 5.68
N ILE B 27 -14.25 26.14 4.51
CA ILE B 27 -14.69 25.03 3.67
C ILE B 27 -14.03 23.71 4.06
N ALA B 28 -12.88 23.74 4.73
CA ALA B 28 -12.25 22.51 5.17
C ALA B 28 -12.94 21.91 6.38
N ILE B 29 -13.65 22.72 7.17
CA ILE B 29 -14.36 22.21 8.33
C ILE B 29 -15.24 21.00 8.02
N PRO B 30 -16.19 21.07 7.06
CA PRO B 30 -17.12 19.96 6.88
C PRO B 30 -16.53 18.73 6.19
N LEU B 31 -15.28 18.77 5.78
CA LEU B 31 -14.62 17.60 5.20
C LEU B 31 -13.76 16.85 6.20
N LEU B 32 -13.72 17.30 7.45
CA LEU B 32 -12.85 16.68 8.44
C LEU B 32 -13.56 15.54 9.15
N PRO B 33 -12.94 14.37 9.25
CA PRO B 33 -13.52 13.29 10.07
C PRO B 33 -13.56 13.67 11.53
N VAL B 34 -14.57 13.14 12.23
CA VAL B 34 -14.81 13.45 13.64
C VAL B 34 -14.98 12.15 14.41
N SER B 35 -14.23 11.99 15.49
CA SER B 35 -14.33 10.81 16.36
C SER B 35 -13.82 11.19 17.72
N GLU B 36 -14.08 10.32 18.70
CA GLU B 36 -13.72 10.62 20.09
C GLU B 36 -12.21 10.78 20.24
N TYR B 37 -11.44 9.91 19.59
CA TYR B 37 -9.99 10.00 19.54
C TYR B 37 -9.53 9.69 18.13
N PRO B 38 -8.30 10.04 17.79
CA PRO B 38 -7.67 9.42 16.62
C PRO B 38 -7.52 7.93 16.89
N ASP B 39 -7.48 7.15 15.81
CA ASP B 39 -7.36 5.70 15.96
C ASP B 39 -5.98 5.39 16.51
N VAL B 40 -5.90 5.17 17.82
CA VAL B 40 -4.63 5.00 18.51
C VAL B 40 -4.46 3.60 19.09
N VAL B 41 -5.47 2.75 19.00
CA VAL B 41 -5.37 1.38 19.49
C VAL B 41 -4.54 0.56 18.51
N PRO B 42 -3.65 -0.30 18.99
CA PRO B 42 -2.90 -1.18 18.08
C PRO B 42 -3.84 -2.03 17.25
N PRO B 43 -3.54 -2.23 15.97
CA PRO B 43 -4.41 -3.07 15.13
C PRO B 43 -4.42 -4.50 15.63
N SER B 44 -5.59 -5.10 15.64
CA SER B 44 -5.76 -6.47 16.11
C SER B 44 -6.57 -7.28 15.10
N VAL B 45 -6.20 -8.54 14.95
CA VAL B 45 -6.89 -9.48 14.07
C VAL B 45 -7.40 -10.63 14.94
N GLN B 46 -8.60 -11.09 14.65
CA GLN B 46 -9.30 -12.08 15.46
C GLN B 46 -9.65 -13.28 14.61
N VAL B 47 -9.33 -14.47 15.12
CA VAL B 47 -9.61 -15.74 14.46
C VAL B 47 -10.61 -16.50 15.32
N ARG B 48 -11.77 -16.78 14.75
CA ARG B 48 -12.84 -17.48 15.45
C ARG B 48 -13.00 -18.86 14.84
N ALA B 49 -12.98 -19.89 15.70
CA ALA B 49 -13.19 -21.27 15.29
C ALA B 49 -14.18 -21.93 16.24
N GLU B 50 -14.92 -22.92 15.73
CA GLU B 50 -15.92 -23.61 16.54
C GLU B 50 -15.71 -25.12 16.46
N TYR B 51 -15.67 -25.76 17.63
CA TYR B 51 -15.59 -27.21 17.75
C TYR B 51 -16.78 -27.62 18.61
N PRO B 52 -17.96 -27.75 18.02
CA PRO B 52 -19.17 -28.01 18.81
C PRO B 52 -19.01 -29.26 19.65
N GLY B 53 -19.27 -29.12 20.95
CA GLY B 53 -19.19 -30.21 21.89
C GLY B 53 -17.83 -30.41 22.54
N ALA B 54 -16.83 -29.65 22.13
CA ALA B 54 -15.48 -29.84 22.64
C ALA B 54 -15.28 -29.04 23.92
N ASN B 55 -14.47 -29.59 24.81
CA ASN B 55 -14.10 -28.93 26.04
C ASN B 55 -12.88 -28.05 25.82
N PRO B 56 -12.60 -27.12 26.73
CA PRO B 56 -11.48 -26.19 26.49
C PRO B 56 -10.15 -26.86 26.19
N LYS B 57 -9.85 -27.99 26.82
CA LYS B 57 -8.54 -28.62 26.64
C LYS B 57 -8.37 -29.19 25.24
N VAL B 58 -9.35 -29.94 24.75
CA VAL B 58 -9.23 -30.50 23.41
C VAL B 58 -9.19 -29.40 22.36
N ILE B 59 -9.95 -28.32 22.59
CA ILE B 59 -9.92 -27.18 21.67
C ILE B 59 -8.54 -26.58 21.65
N ALA B 60 -7.95 -26.37 22.83
CA ALA B 60 -6.62 -25.76 22.90
C ALA B 60 -5.58 -26.63 22.21
N GLU B 61 -5.65 -27.94 22.42
CA GLU B 61 -4.59 -28.81 21.92
C GLU B 61 -4.72 -29.15 20.44
N THR B 62 -5.95 -29.22 19.91
CA THR B 62 -6.14 -29.68 18.55
C THR B 62 -6.60 -28.61 17.58
N VAL B 63 -6.92 -27.41 18.08
CA VAL B 63 -7.29 -26.28 17.23
C VAL B 63 -6.37 -25.08 17.45
N ALA B 64 -6.15 -24.71 18.72
CA ALA B 64 -5.35 -23.52 19.02
C ALA B 64 -3.88 -23.73 18.70
N THR B 65 -3.29 -24.87 19.10
CA THR B 65 -1.86 -25.04 18.86
C THR B 65 -1.53 -25.08 17.36
N PRO B 66 -2.22 -25.86 16.52
CA PRO B 66 -1.83 -25.85 15.10
C PRO B 66 -2.04 -24.49 14.45
N LEU B 67 -3.09 -23.76 14.83
CA LEU B 67 -3.33 -22.43 14.29
C LEU B 67 -2.23 -21.46 14.73
N GLU B 68 -1.86 -21.49 16.01
CA GLU B 68 -0.77 -20.64 16.50
C GLU B 68 0.53 -20.99 15.80
N GLU B 69 0.75 -22.28 15.52
CA GLU B 69 1.95 -22.70 14.81
C GLU B 69 1.96 -22.14 13.39
N ALA B 70 0.80 -22.12 12.73
CA ALA B 70 0.72 -21.58 11.38
C ALA B 70 0.73 -20.05 11.34
N ILE B 71 0.33 -19.40 12.43
CA ILE B 71 0.33 -17.93 12.46
C ILE B 71 1.69 -17.40 12.86
N ASN B 72 2.37 -18.07 13.78
CA ASN B 72 3.68 -17.61 14.23
C ASN B 72 4.62 -17.48 13.04
N GLY B 73 5.30 -16.34 12.97
CA GLY B 73 6.11 -16.00 11.81
C GLY B 73 5.51 -14.94 10.92
N VAL B 74 4.24 -14.60 11.11
CA VAL B 74 3.65 -13.50 10.36
C VAL B 74 4.31 -12.19 10.78
N GLU B 75 4.67 -11.37 9.81
CA GLU B 75 5.47 -10.19 10.09
C GLU B 75 4.67 -9.16 10.87
N ASN B 76 5.38 -8.41 11.71
CA ASN B 76 4.86 -7.31 12.52
C ASN B 76 3.87 -7.75 13.58
N MET B 77 3.79 -9.04 13.89
CA MET B 77 2.97 -9.51 15.00
C MET B 77 3.73 -9.26 16.31
N MET B 78 3.16 -8.43 17.18
CA MET B 78 3.85 -8.15 18.43
C MET B 78 3.45 -9.11 19.54
N TYR B 79 2.20 -9.57 19.59
CA TYR B 79 1.88 -10.69 20.47
C TYR B 79 0.56 -11.32 20.02
N MET B 80 0.20 -12.42 20.68
CA MET B 80 -1.06 -13.09 20.39
C MET B 80 -1.48 -13.92 21.59
N LYS B 81 -2.79 -14.17 21.66
CA LYS B 81 -3.39 -14.94 22.75
C LYS B 81 -4.51 -15.80 22.19
N SER B 82 -4.83 -16.86 22.92
CA SER B 82 -5.88 -17.79 22.53
C SER B 82 -6.77 -18.09 23.73
N VAL B 83 -8.08 -18.03 23.52
CA VAL B 83 -9.06 -18.27 24.56
C VAL B 83 -10.01 -19.37 24.09
N ALA B 84 -10.04 -20.48 24.82
CA ALA B 84 -10.85 -21.64 24.46
C ALA B 84 -11.94 -21.85 25.50
N GLY B 85 -13.20 -21.75 25.06
CA GLY B 85 -14.30 -21.81 26.01
C GLY B 85 -15.09 -23.10 25.96
N SER B 86 -15.84 -23.36 27.02
CA SER B 86 -16.66 -24.58 27.09
C SER B 86 -17.81 -24.56 26.10
N ASP B 87 -18.13 -23.40 25.52
CA ASP B 87 -19.14 -23.34 24.47
C ASP B 87 -18.65 -23.88 23.14
N GLY B 88 -17.43 -24.40 23.09
CA GLY B 88 -16.88 -24.93 21.86
C GLY B 88 -16.30 -23.90 20.94
N VAL B 89 -15.89 -22.75 21.46
CA VAL B 89 -15.48 -21.61 20.66
C VAL B 89 -14.04 -21.23 21.04
N LEU B 90 -13.21 -21.02 20.02
CA LEU B 90 -11.87 -20.51 20.18
C LEU B 90 -11.80 -19.12 19.57
N VAL B 91 -11.30 -18.16 20.35
CA VAL B 91 -11.01 -16.81 19.88
C VAL B 91 -9.51 -16.58 20.05
N THR B 92 -8.81 -16.42 18.93
CA THR B 92 -7.38 -16.13 18.93
C THR B 92 -7.17 -14.70 18.45
N THR B 93 -6.51 -13.89 19.29
CA THR B 93 -6.28 -12.48 19.00
C THR B 93 -4.81 -12.26 18.73
N VAL B 94 -4.50 -11.82 17.51
CA VAL B 94 -3.14 -11.47 17.11
C VAL B 94 -3.07 -9.95 17.05
N THR B 95 -2.24 -9.35 17.91
CA THR B 95 -2.06 -7.91 17.94
C THR B 95 -0.71 -7.56 17.34
N PHE B 96 -0.72 -6.58 16.44
CA PHE B 96 0.42 -6.15 15.65
C PHE B 96 0.96 -4.82 16.17
N ARG B 97 2.15 -4.48 15.66
CA ARG B 97 2.80 -3.24 16.06
C ARG B 97 1.96 -2.04 15.61
N PRO B 98 1.96 -0.96 16.39
CA PRO B 98 1.15 0.21 16.01
C PRO B 98 1.63 0.79 14.68
N GLY B 99 0.68 1.29 13.90
CA GLY B 99 0.97 1.73 12.55
C GLY B 99 0.94 0.65 11.50
N THR B 100 0.69 -0.60 11.88
CA THR B 100 0.56 -1.68 10.91
C THR B 100 -0.72 -1.51 10.10
N ASP B 101 -0.69 -2.03 8.87
CA ASP B 101 -1.86 -1.99 8.00
C ASP B 101 -2.79 -3.14 8.37
N PRO B 102 -3.94 -2.87 8.97
CA PRO B 102 -4.81 -3.97 9.42
C PRO B 102 -5.28 -4.86 8.29
N ASP B 103 -5.42 -4.34 7.07
CA ASP B 103 -5.89 -5.17 5.97
C ASP B 103 -4.83 -6.18 5.55
N GLN B 104 -3.57 -5.76 5.45
CA GLN B 104 -2.50 -6.69 5.13
C GLN B 104 -2.33 -7.72 6.24
N ALA B 105 -2.44 -7.26 7.49
CA ALA B 105 -2.39 -8.17 8.63
C ALA B 105 -3.48 -9.24 8.52
N GLN B 106 -4.71 -8.80 8.24
CA GLN B 106 -5.82 -9.73 8.14
C GLN B 106 -5.62 -10.72 7.01
N VAL B 107 -5.21 -10.25 5.84
CA VAL B 107 -5.09 -11.19 4.72
C VAL B 107 -3.97 -12.20 4.97
N GLN B 108 -2.85 -11.75 5.55
CA GLN B 108 -1.76 -12.68 5.84
C GLN B 108 -2.16 -13.71 6.88
N VAL B 109 -2.83 -13.27 7.95
CA VAL B 109 -3.28 -14.20 8.98
C VAL B 109 -4.27 -15.20 8.40
N GLN B 110 -5.23 -14.70 7.61
CA GLN B 110 -6.24 -15.58 7.02
C GLN B 110 -5.61 -16.58 6.07
N ASN B 111 -4.56 -16.18 5.36
CA ASN B 111 -3.88 -17.10 4.46
C ASN B 111 -3.19 -18.22 5.24
N ARG B 112 -2.50 -17.87 6.33
CA ARG B 112 -1.85 -18.89 7.13
C ARG B 112 -2.88 -19.84 7.75
N VAL B 113 -3.99 -19.29 8.24
CA VAL B 113 -5.08 -20.11 8.77
C VAL B 113 -5.62 -21.05 7.70
N ALA B 114 -5.83 -20.54 6.49
CA ALA B 114 -6.37 -21.37 5.42
C ALA B 114 -5.43 -22.52 5.11
N GLN B 115 -4.12 -22.28 5.20
CA GLN B 115 -3.21 -23.37 4.92
C GLN B 115 -3.14 -24.35 6.09
N ALA B 116 -3.41 -23.89 7.30
CA ALA B 116 -3.47 -24.79 8.46
C ALA B 116 -4.78 -25.57 8.55
N GLU B 117 -5.81 -25.16 7.80
CA GLU B 117 -7.13 -25.77 7.94
C GLU B 117 -7.11 -27.29 7.74
N ALA B 118 -6.28 -27.79 6.83
CA ALA B 118 -6.33 -29.22 6.50
C ALA B 118 -5.95 -30.09 7.67
N ARG B 119 -5.13 -29.59 8.59
CA ARG B 119 -4.70 -30.34 9.76
C ARG B 119 -5.62 -30.15 10.95
N LEU B 120 -6.82 -29.63 10.72
CA LEU B 120 -7.83 -29.38 11.74
C LEU B 120 -8.92 -30.44 11.69
N PRO B 121 -9.63 -30.65 12.78
CA PRO B 121 -10.64 -31.73 12.80
C PRO B 121 -11.79 -31.42 11.86
N GLU B 122 -12.41 -32.49 11.34
CA GLU B 122 -13.30 -32.38 10.19
C GLU B 122 -14.46 -31.41 10.45
N ASP B 123 -15.09 -31.49 11.61
CA ASP B 123 -16.24 -30.63 11.86
C ASP B 123 -15.83 -29.17 12.04
N VAL B 124 -14.63 -28.91 12.55
CA VAL B 124 -14.13 -27.54 12.59
C VAL B 124 -13.94 -27.00 11.18
N ARG B 125 -13.34 -27.82 10.31
CA ARG B 125 -13.20 -27.43 8.90
C ARG B 125 -14.56 -27.13 8.28
N ARG B 126 -15.53 -28.01 8.53
CA ARG B 126 -16.85 -27.86 7.94
C ARG B 126 -17.56 -26.60 8.44
N LEU B 127 -17.33 -26.22 9.70
CA LEU B 127 -17.96 -25.01 10.19
C LEU B 127 -17.30 -23.77 9.64
N GLY B 128 -15.99 -23.83 9.41
CA GLY B 128 -15.26 -22.72 8.84
C GLY B 128 -14.66 -21.73 9.82
N ILE B 129 -13.33 -21.58 9.77
CA ILE B 129 -12.64 -20.53 10.52
C ILE B 129 -12.97 -19.17 9.93
N THR B 130 -13.00 -18.14 10.77
CA THR B 130 -13.15 -16.78 10.26
C THR B 130 -12.09 -15.85 10.84
N THR B 131 -11.41 -15.13 9.95
CA THR B 131 -10.49 -14.07 10.33
C THR B 131 -11.15 -12.73 10.07
N GLN B 132 -10.99 -11.80 11.02
CA GLN B 132 -11.55 -10.46 10.84
C GLN B 132 -10.77 -9.47 11.70
N LYS B 133 -10.61 -8.25 11.19
CA LYS B 133 -9.94 -7.22 11.96
C LYS B 133 -10.90 -6.63 12.99
N GLN B 134 -10.41 -6.47 14.22
CA GLN B 134 -11.23 -5.94 15.30
C GLN B 134 -11.11 -4.42 15.35
N SER B 135 -12.26 -3.74 15.42
CA SER B 135 -12.29 -2.29 15.41
C SER B 135 -12.61 -1.75 16.81
N PRO B 136 -11.91 -0.71 17.24
CA PRO B 136 -12.21 -0.09 18.54
C PRO B 136 -13.20 1.06 18.48
N THR B 137 -13.69 1.38 17.29
CA THR B 137 -14.42 2.62 17.05
C THR B 137 -15.93 2.39 17.24
N LEU B 138 -16.30 2.09 18.47
CA LEU B 138 -17.71 2.00 18.82
C LEU B 138 -18.34 3.38 18.73
N THR B 139 -19.39 3.51 17.94
CA THR B 139 -20.11 4.76 17.78
C THR B 139 -21.49 4.74 18.42
N LEU B 140 -22.23 3.64 18.28
CA LEU B 140 -23.54 3.53 18.90
C LEU B 140 -23.85 2.07 19.18
N VAL B 141 -24.60 1.82 20.25
CA VAL B 141 -25.14 0.51 20.55
C VAL B 141 -26.66 0.63 20.65
N VAL B 142 -27.36 -0.25 19.94
CA VAL B 142 -28.81 -0.19 19.81
C VAL B 142 -29.39 -1.52 20.28
N HIS B 143 -30.45 -1.46 21.07
CA HIS B 143 -31.08 -2.65 21.63
C HIS B 143 -32.53 -2.75 21.16
N LEU B 144 -32.95 -3.98 20.88
CA LEU B 144 -34.35 -4.32 20.63
C LEU B 144 -34.86 -5.09 21.84
N PHE B 145 -36.02 -4.69 22.36
CA PHE B 145 -36.59 -5.36 23.52
C PHE B 145 -38.10 -5.52 23.37
N SER B 146 -38.63 -6.45 24.16
CA SER B 146 -40.07 -6.64 24.32
C SER B 146 -40.42 -6.35 25.78
N PRO B 147 -41.01 -5.19 26.09
CA PRO B 147 -41.28 -4.87 27.49
C PRO B 147 -42.41 -5.69 28.09
N ASN B 148 -43.24 -6.33 27.28
CA ASN B 148 -44.35 -7.14 27.76
C ASN B 148 -44.03 -8.64 27.75
N GLY B 149 -42.81 -9.03 27.41
CA GLY B 149 -42.46 -10.43 27.35
C GLY B 149 -42.96 -11.18 26.13
N LYS B 150 -43.49 -10.47 25.13
CA LYS B 150 -44.05 -11.14 23.96
C LYS B 150 -42.99 -11.84 23.13
N TYR B 151 -41.76 -11.35 23.14
CA TYR B 151 -40.68 -11.90 22.33
C TYR B 151 -39.45 -12.12 23.19
N ASP B 152 -38.77 -13.24 22.97
CA ASP B 152 -37.54 -13.56 23.67
C ASP B 152 -36.32 -13.17 22.82
N SER B 153 -35.14 -13.27 23.44
CA SER B 153 -33.93 -12.76 22.82
C SER B 153 -33.62 -13.47 21.50
N LEU B 154 -33.97 -14.75 21.38
CA LEU B 154 -33.69 -15.49 20.15
C LEU B 154 -34.44 -14.90 18.97
N TYR B 155 -35.76 -14.72 19.12
CA TYR B 155 -36.59 -14.17 18.05
C TYR B 155 -36.09 -12.80 17.64
N MET B 156 -35.77 -11.95 18.62
CA MET B 156 -35.39 -10.58 18.31
C MET B 156 -34.00 -10.49 17.71
N ARG B 157 -33.06 -11.35 18.13
CA ARG B 157 -31.76 -11.35 17.48
C ARG B 157 -31.90 -11.76 16.02
N ASN B 158 -32.68 -12.81 15.74
CA ASN B 158 -32.83 -13.20 14.35
C ASN B 158 -33.64 -12.19 13.56
N TYR B 159 -34.57 -11.49 14.20
CA TYR B 159 -35.28 -10.40 13.55
C TYR B 159 -34.33 -9.27 13.18
N ALA B 160 -33.40 -8.95 14.08
CA ALA B 160 -32.39 -7.94 13.78
C ALA B 160 -31.52 -8.39 12.61
N THR B 161 -31.12 -9.66 12.60
CA THR B 161 -30.30 -10.17 11.51
C THR B 161 -31.03 -10.09 10.18
N LEU B 162 -32.33 -10.42 10.16
CA LEU B 162 -33.06 -10.54 8.90
C LEU B 162 -33.72 -9.25 8.43
N LYS B 163 -33.90 -8.26 9.30
CA LYS B 163 -34.63 -7.06 8.94
C LYS B 163 -33.96 -5.77 9.41
N VAL B 164 -32.85 -5.84 10.14
CA VAL B 164 -32.20 -4.67 10.70
C VAL B 164 -30.74 -4.57 10.28
N LYS B 165 -30.01 -5.69 10.36
CA LYS B 165 -28.56 -5.66 10.15
C LYS B 165 -28.20 -5.17 8.75
N ASP B 166 -28.79 -5.76 7.71
CA ASP B 166 -28.45 -5.39 6.34
C ASP B 166 -28.85 -3.95 6.04
N GLU B 167 -30.05 -3.54 6.46
CA GLU B 167 -30.48 -2.17 6.21
C GLU B 167 -29.62 -1.15 6.94
N LEU B 168 -28.92 -1.57 8.00
CA LEU B 168 -28.03 -0.68 8.72
C LEU B 168 -26.63 -0.66 8.12
N ALA B 169 -26.16 -1.78 7.57
CA ALA B 169 -24.84 -1.80 6.93
C ALA B 169 -24.82 -0.98 5.64
N ARG B 170 -25.98 -0.63 5.09
CA ARG B 170 -26.05 0.22 3.91
C ARG B 170 -25.72 1.67 4.22
N LEU B 171 -25.77 2.06 5.49
CA LEU B 171 -25.54 3.43 5.88
C LEU B 171 -24.07 3.82 5.66
N PRO B 172 -23.78 5.12 5.52
CA PRO B 172 -22.40 5.54 5.25
C PRO B 172 -21.57 5.73 6.50
N GLY B 173 -20.34 5.23 6.44
CA GLY B 173 -19.43 5.29 7.57
C GLY B 173 -19.48 4.08 8.49
N VAL B 174 -20.31 3.08 8.19
CA VAL B 174 -20.44 1.90 9.04
C VAL B 174 -19.41 0.88 8.57
N GLY B 175 -18.43 0.59 9.43
CA GLY B 175 -17.45 -0.42 9.11
C GLY B 175 -17.90 -1.81 9.53
N GLN B 176 -18.42 -1.93 10.76
CA GLN B 176 -18.80 -3.22 11.30
C GLN B 176 -20.12 -3.11 12.07
N ILE B 177 -20.96 -4.13 11.93
CA ILE B 177 -22.17 -4.28 12.72
C ILE B 177 -22.09 -5.62 13.44
N GLN B 178 -22.22 -5.58 14.77
CA GLN B 178 -22.10 -6.77 15.58
C GLN B 178 -23.37 -6.97 16.39
N ILE B 179 -23.81 -8.24 16.51
CA ILE B 179 -25.00 -8.60 17.26
C ILE B 179 -24.57 -9.40 18.48
N PHE B 180 -25.05 -8.99 19.66
CA PHE B 180 -24.72 -9.63 20.92
C PHE B 180 -26.01 -10.13 21.55
N GLY B 181 -26.00 -11.37 22.01
CA GLY B 181 -27.21 -11.89 22.63
C GLY B 181 -27.73 -13.11 21.89
N SER B 182 -28.04 -14.15 22.65
CA SER B 182 -28.68 -15.36 22.11
C SER B 182 -27.82 -15.91 20.98
N GLY B 183 -28.44 -16.59 20.02
CA GLY B 183 -27.71 -17.20 18.94
C GLY B 183 -28.52 -17.23 17.66
N GLU B 184 -27.87 -17.66 16.59
CA GLU B 184 -28.54 -17.79 15.30
C GLU B 184 -29.61 -18.88 15.34
N TYR B 185 -30.59 -18.76 14.46
CA TYR B 185 -31.54 -19.85 14.26
C TYR B 185 -30.79 -21.11 13.85
N ALA B 186 -31.30 -22.26 14.29
CA ALA B 186 -30.72 -23.53 13.91
C ALA B 186 -31.77 -24.63 14.09
N MET B 187 -31.78 -25.57 13.16
CA MET B 187 -32.63 -26.75 13.28
C MET B 187 -32.05 -27.67 14.34
N ARG B 188 -32.72 -27.75 15.49
CA ARG B 188 -32.29 -28.59 16.59
C ARG B 188 -33.09 -29.89 16.57
N VAL B 189 -32.37 -31.00 16.45
CA VAL B 189 -32.97 -32.32 16.52
C VAL B 189 -32.53 -32.95 17.84
N TRP B 190 -33.37 -32.83 18.86
CA TRP B 190 -33.07 -33.33 20.20
C TRP B 190 -33.43 -34.82 20.24
N LEU B 191 -32.41 -35.67 20.17
CA LEU B 191 -32.65 -37.11 20.13
C LEU B 191 -33.02 -37.64 21.51
N ASP B 192 -33.73 -38.78 21.50
CA ASP B 192 -34.03 -39.57 22.70
C ASP B 192 -33.25 -40.87 22.57
N PRO B 193 -32.11 -41.00 23.26
CA PRO B 193 -31.25 -42.17 23.03
C PRO B 193 -31.95 -43.50 23.28
N ASN B 194 -32.86 -43.55 24.26
CA ASN B 194 -33.61 -44.77 24.52
C ASN B 194 -34.51 -45.14 23.35
N LYS B 195 -35.27 -44.17 22.83
CA LYS B 195 -36.14 -44.45 21.70
C LYS B 195 -35.34 -44.82 20.46
N VAL B 196 -34.17 -44.18 20.27
CA VAL B 196 -33.33 -44.53 19.12
C VAL B 196 -32.85 -45.97 19.26
N ALA B 197 -32.30 -46.32 20.42
CA ALA B 197 -31.76 -47.66 20.59
C ALA B 197 -32.88 -48.71 20.55
N ALA B 198 -34.10 -48.34 20.93
CA ALA B 198 -35.24 -49.24 20.86
C ALA B 198 -35.53 -49.70 19.43
N ARG B 199 -35.11 -48.92 18.43
CA ARG B 199 -35.30 -49.28 17.04
C ARG B 199 -34.05 -49.90 16.42
N GLY B 200 -33.03 -50.19 17.24
CA GLY B 200 -31.82 -50.81 16.73
C GLY B 200 -30.94 -49.86 15.96
N LEU B 201 -30.98 -48.57 16.30
CA LEU B 201 -30.23 -47.55 15.61
C LEU B 201 -29.22 -46.90 16.54
N THR B 202 -28.07 -46.55 15.98
CA THR B 202 -27.09 -45.72 16.67
C THR B 202 -27.33 -44.25 16.33
N ALA B 203 -26.65 -43.37 17.07
CA ALA B 203 -26.73 -41.94 16.79
C ALA B 203 -26.17 -41.63 15.40
N SER B 204 -25.07 -42.30 15.03
CA SER B 204 -24.51 -42.09 13.70
C SER B 204 -25.48 -42.51 12.60
N ASP B 205 -26.30 -43.53 12.85
CA ASP B 205 -27.30 -43.92 11.87
C ASP B 205 -28.23 -42.76 11.55
N VAL B 206 -28.71 -42.08 12.60
CA VAL B 206 -29.59 -40.93 12.45
C VAL B 206 -28.87 -39.79 11.73
N VAL B 207 -27.61 -39.55 12.09
CA VAL B 207 -26.87 -38.45 11.48
C VAL B 207 -26.69 -38.70 9.98
N THR B 208 -26.31 -39.92 9.60
CA THR B 208 -26.13 -40.20 8.19
C THR B 208 -27.45 -40.17 7.43
N ALA B 209 -28.54 -40.61 8.07
CA ALA B 209 -29.85 -40.51 7.40
C ALA B 209 -30.22 -39.06 7.13
N MET B 210 -30.01 -38.19 8.13
CA MET B 210 -30.32 -36.78 7.96
C MET B 210 -29.45 -36.15 6.87
N GLN B 211 -28.17 -36.54 6.82
CA GLN B 211 -27.29 -36.02 5.79
C GLN B 211 -27.71 -36.49 4.41
N GLU B 212 -28.17 -37.74 4.29
CA GLU B 212 -28.52 -38.29 2.99
C GLU B 212 -29.87 -37.78 2.47
N GLN B 213 -30.79 -37.38 3.36
CA GLN B 213 -32.12 -37.00 2.91
C GLN B 213 -32.32 -35.49 2.80
N ASN B 214 -31.27 -34.71 3.03
CA ASN B 214 -31.29 -33.26 2.87
C ASN B 214 -30.04 -32.90 2.06
N VAL B 215 -30.19 -32.81 0.75
CA VAL B 215 -29.04 -32.72 -0.15
C VAL B 215 -29.38 -31.78 -1.31
N GLN B 216 -28.36 -31.12 -1.84
CA GLN B 216 -28.45 -30.33 -3.06
C GLN B 216 -27.58 -30.97 -4.13
N VAL B 217 -28.20 -31.43 -5.21
CA VAL B 217 -27.45 -31.96 -6.34
C VAL B 217 -27.81 -31.18 -7.60
N SER B 218 -27.23 -31.57 -8.72
CA SER B 218 -27.36 -30.85 -9.98
C SER B 218 -27.77 -31.81 -11.07
N ALA B 219 -28.95 -31.58 -11.65
CA ALA B 219 -29.46 -32.40 -12.74
C ALA B 219 -29.22 -31.76 -14.11
N GLY B 220 -28.44 -30.70 -14.19
CA GLY B 220 -28.03 -30.20 -15.49
C GLY B 220 -29.15 -29.53 -16.26
N GLN B 221 -29.22 -29.82 -17.55
CA GLN B 221 -30.16 -29.19 -18.45
C GLN B 221 -30.69 -30.20 -19.46
N LEU B 222 -31.89 -29.93 -19.95
CA LEU B 222 -32.45 -30.67 -21.06
C LEU B 222 -32.00 -30.04 -22.38
N GLY B 223 -31.62 -30.90 -23.34
CA GLY B 223 -31.28 -30.43 -24.66
C GLY B 223 -29.90 -29.82 -24.80
N ALA B 224 -28.99 -30.06 -23.86
CA ALA B 224 -27.64 -29.52 -23.97
C ALA B 224 -26.83 -30.27 -25.02
N GLU B 225 -25.85 -29.58 -25.59
CA GLU B 225 -24.97 -30.18 -26.58
C GLU B 225 -24.09 -31.24 -25.93
N PRO B 226 -23.60 -32.22 -26.70
CA PRO B 226 -23.69 -32.42 -28.15
C PRO B 226 -24.87 -33.27 -28.62
N LEU B 227 -25.55 -32.82 -29.68
CA LEU B 227 -26.67 -33.53 -30.25
C LEU B 227 -26.51 -33.64 -31.76
N PRO B 228 -26.96 -34.76 -32.35
CA PRO B 228 -26.89 -34.88 -33.82
C PRO B 228 -27.69 -33.83 -34.56
N GLN B 229 -28.80 -33.36 -33.99
CA GLN B 229 -29.62 -32.33 -34.59
C GLN B 229 -29.71 -31.14 -33.64
N GLU B 230 -29.74 -29.93 -34.20
CA GLU B 230 -29.84 -28.74 -33.37
C GLU B 230 -31.15 -28.74 -32.59
N SER B 231 -31.04 -28.49 -31.30
CA SER B 231 -32.23 -28.38 -30.45
C SER B 231 -32.80 -26.97 -30.53
N ASP B 232 -34.04 -26.83 -30.07
CA ASP B 232 -34.70 -25.52 -30.05
C ASP B 232 -34.71 -24.89 -28.66
N PHE B 233 -34.37 -25.64 -27.61
CA PHE B 233 -34.49 -25.14 -26.25
C PHE B 233 -33.32 -25.64 -25.41
N LEU B 234 -33.02 -24.89 -24.34
CA LEU B 234 -32.07 -25.31 -23.32
C LEU B 234 -32.73 -25.08 -21.98
N ILE B 235 -33.21 -26.15 -21.36
CA ILE B 235 -34.08 -26.09 -20.19
C ILE B 235 -33.29 -26.55 -18.97
N SER B 236 -33.12 -25.66 -18.01
CA SER B 236 -32.51 -26.07 -16.74
C SER B 236 -33.43 -27.01 -15.98
N ILE B 237 -32.81 -27.90 -15.19
CA ILE B 237 -33.53 -28.86 -14.38
C ILE B 237 -33.20 -28.60 -12.92
N ASN B 238 -34.23 -28.39 -12.11
CA ASN B 238 -34.09 -28.18 -10.67
C ASN B 238 -34.34 -29.48 -9.93
N ALA B 239 -33.43 -29.83 -9.03
CA ALA B 239 -33.53 -31.04 -8.21
C ALA B 239 -33.65 -30.63 -6.75
N GLN B 240 -34.83 -30.84 -6.16
CA GLN B 240 -35.08 -30.45 -4.77
C GLN B 240 -34.98 -31.69 -3.89
N GLY B 241 -33.83 -31.83 -3.22
CA GLY B 241 -33.67 -32.82 -2.17
C GLY B 241 -33.39 -32.12 -0.86
N ARG B 242 -33.84 -30.89 -0.74
CA ARG B 242 -33.59 -30.06 0.43
C ARG B 242 -34.85 -29.93 1.27
N LEU B 243 -34.66 -29.81 2.58
CA LEU B 243 -35.75 -29.69 3.54
C LEU B 243 -35.64 -28.36 4.26
N HIS B 244 -36.79 -27.75 4.57
CA HIS B 244 -36.82 -26.39 5.06
C HIS B 244 -37.51 -26.22 6.40
N THR B 245 -38.49 -27.07 6.72
CA THR B 245 -39.34 -26.84 7.88
C THR B 245 -39.24 -27.99 8.87
N GLU B 246 -39.82 -27.77 10.07
CA GLU B 246 -39.75 -28.77 11.13
C GLU B 246 -40.45 -30.05 10.73
N GLU B 247 -41.63 -29.95 10.14
CA GLU B 247 -42.37 -31.14 9.72
C GLU B 247 -41.56 -31.95 8.71
N GLU B 248 -40.86 -31.28 7.79
CA GLU B 248 -40.09 -31.99 6.78
C GLU B 248 -38.92 -32.76 7.40
N PHE B 249 -38.23 -32.16 8.38
CA PHE B 249 -37.14 -32.88 9.03
C PHE B 249 -37.66 -33.98 9.94
N GLY B 250 -38.88 -33.83 10.46
CA GLY B 250 -39.49 -34.90 11.24
C GLY B 250 -39.92 -36.09 10.42
N ASN B 251 -40.11 -35.90 9.11
CA ASN B 251 -40.59 -36.96 8.24
C ASN B 251 -39.48 -37.78 7.62
N ILE B 252 -38.21 -37.46 7.92
CA ILE B 252 -37.10 -38.30 7.46
C ILE B 252 -37.31 -39.74 7.90
N ILE B 253 -37.03 -40.67 6.99
CA ILE B 253 -37.30 -42.09 7.20
C ILE B 253 -36.01 -42.76 7.66
N LEU B 254 -36.07 -43.43 8.82
CA LEU B 254 -34.90 -44.08 9.39
C LEU B 254 -34.78 -45.54 8.98
N LYS B 255 -35.88 -46.28 9.01
CA LYS B 255 -35.88 -47.68 8.60
C LYS B 255 -37.31 -48.16 8.47
N THR B 256 -37.47 -49.28 7.78
CA THR B 256 -38.71 -50.05 7.84
C THR B 256 -38.72 -50.85 9.13
N ALA B 257 -39.81 -50.72 9.90
CA ALA B 257 -39.94 -51.53 11.10
C ALA B 257 -40.13 -53.00 10.74
N GLN B 258 -39.89 -53.87 11.71
CA GLN B 258 -40.10 -55.30 11.47
C GLN B 258 -41.57 -55.61 11.24
N ASP B 259 -42.49 -54.72 11.61
CA ASP B 259 -43.91 -54.90 11.37
C ASP B 259 -44.39 -54.26 10.07
N GLY B 260 -43.47 -53.72 9.26
CA GLY B 260 -43.77 -53.25 7.93
C GLY B 260 -43.93 -51.74 7.80
N SER B 261 -44.18 -51.03 8.90
CA SER B 261 -44.35 -49.59 8.84
C SER B 261 -42.99 -48.90 8.80
N LEU B 262 -43.00 -47.57 8.75
CA LEU B 262 -41.80 -46.77 8.63
C LEU B 262 -41.60 -45.92 9.88
N VAL B 263 -40.41 -46.00 10.46
CA VAL B 263 -40.06 -45.17 11.61
C VAL B 263 -39.40 -43.91 11.09
N ARG B 264 -39.78 -42.78 11.67
CA ARG B 264 -39.35 -41.47 11.21
C ARG B 264 -38.64 -40.73 12.34
N LEU B 265 -38.01 -39.61 11.98
CA LEU B 265 -37.18 -38.90 12.94
C LEU B 265 -37.99 -38.41 14.15
N ARG B 266 -39.19 -37.91 13.91
CA ARG B 266 -40.04 -37.43 15.01
C ARG B 266 -40.41 -38.56 15.98
N ASP B 267 -40.32 -39.81 15.54
CA ASP B 267 -40.58 -40.93 16.43
C ASP B 267 -39.46 -41.15 17.45
N VAL B 268 -38.30 -40.54 17.26
CA VAL B 268 -37.19 -40.74 18.19
C VAL B 268 -36.56 -39.40 18.60
N ALA B 269 -37.21 -38.29 18.27
CA ALA B 269 -36.57 -37.00 18.56
C ALA B 269 -37.60 -35.88 18.55
N ARG B 270 -37.26 -34.81 19.26
CA ARG B 270 -38.02 -33.57 19.28
C ARG B 270 -37.36 -32.58 18.31
N ILE B 271 -38.13 -32.07 17.36
CA ILE B 271 -37.60 -31.26 16.26
C ILE B 271 -38.05 -29.82 16.48
N GLU B 272 -37.10 -28.89 16.59
CA GLU B 272 -37.49 -27.52 16.87
C GLU B 272 -36.54 -26.55 16.19
N MET B 273 -37.08 -25.44 15.71
CA MET B 273 -36.25 -24.35 15.22
C MET B 273 -35.81 -23.54 16.43
N GLY B 274 -34.64 -23.89 16.96
CA GLY B 274 -34.18 -23.26 18.18
C GLY B 274 -32.89 -22.47 17.99
N SER B 275 -32.17 -22.24 19.08
CA SER B 275 -30.94 -21.49 19.02
C SER B 275 -29.77 -22.39 18.64
N GLY B 276 -28.78 -21.80 17.97
CA GLY B 276 -27.54 -22.48 17.68
C GLY B 276 -26.47 -22.30 18.72
N SER B 277 -26.73 -21.46 19.73
CA SER B 277 -25.79 -21.28 20.84
C SER B 277 -26.57 -20.74 22.03
N TYR B 278 -26.51 -21.45 23.15
CA TYR B 278 -27.11 -21.00 24.40
C TYR B 278 -26.06 -20.44 25.36
N ALA B 279 -24.90 -20.03 24.84
CA ALA B 279 -23.80 -19.63 25.71
C ALA B 279 -23.97 -18.25 26.30
N LEU B 280 -24.76 -17.39 25.65
CA LEU B 280 -24.89 -16.01 26.10
C LEU B 280 -26.29 -15.52 25.81
N ARG B 281 -26.86 -14.79 26.78
CA ARG B 281 -28.17 -14.17 26.63
C ARG B 281 -28.06 -12.68 26.95
N SER B 282 -29.08 -11.92 26.55
CA SER B 282 -29.05 -10.49 26.71
C SER B 282 -30.39 -9.97 27.23
N GLN B 283 -30.32 -9.02 28.15
CA GLN B 283 -31.51 -8.36 28.69
C GLN B 283 -31.22 -6.87 28.80
N LEU B 284 -32.23 -6.06 28.49
CA LEU B 284 -32.17 -4.62 28.74
C LEU B 284 -33.18 -4.30 29.83
N ASN B 285 -32.67 -3.74 30.94
CA ASN B 285 -33.51 -3.42 32.10
C ASN B 285 -34.28 -4.64 32.58
N ASN B 286 -33.63 -5.81 32.48
CA ASN B 286 -34.21 -7.11 32.86
C ASN B 286 -35.41 -7.49 31.99
N LYS B 287 -35.46 -6.95 30.78
CA LYS B 287 -36.38 -7.41 29.75
C LYS B 287 -35.56 -8.03 28.63
N ASP B 288 -36.06 -9.14 28.07
CA ASP B 288 -35.31 -9.84 27.04
C ASP B 288 -34.94 -8.89 25.90
N ALA B 289 -33.69 -8.95 25.46
CA ALA B 289 -33.17 -7.95 24.54
C ALA B 289 -32.02 -8.52 23.73
N VAL B 290 -31.62 -7.77 22.70
CA VAL B 290 -30.45 -8.05 21.89
C VAL B 290 -29.66 -6.76 21.73
N GLY B 291 -28.34 -6.86 21.74
CA GLY B 291 -27.47 -5.71 21.57
C GLY B 291 -26.95 -5.62 20.15
N ILE B 292 -26.88 -4.40 19.63
CA ILE B 292 -26.39 -4.15 18.28
C ILE B 292 -25.32 -3.07 18.38
N GLY B 293 -24.06 -3.46 18.14
CA GLY B 293 -22.95 -2.54 18.18
C GLY B 293 -22.61 -2.05 16.79
N ILE B 294 -22.41 -0.73 16.67
CA ILE B 294 -22.05 -0.06 15.42
C ILE B 294 -20.62 0.43 15.54
N PHE B 295 -19.77 0.02 14.60
CA PHE B 295 -18.36 0.40 14.59
C PHE B 295 -18.07 1.16 13.32
N GLN B 296 -17.71 2.44 13.46
CA GLN B 296 -17.50 3.32 12.32
C GLN B 296 -16.23 2.96 11.57
N SER B 297 -16.27 3.17 10.25
CA SER B 297 -15.08 3.04 9.42
C SER B 297 -14.12 4.19 9.72
N PRO B 298 -12.84 4.03 9.40
CA PRO B 298 -11.88 5.10 9.69
C PRO B 298 -12.20 6.36 8.89
N GLY B 299 -11.96 7.51 9.49
CA GLY B 299 -12.17 8.77 8.81
C GLY B 299 -13.61 9.16 8.62
N ALA B 300 -14.53 8.63 9.41
CA ALA B 300 -15.93 9.01 9.30
C ALA B 300 -16.26 10.09 10.33
N ASN B 301 -17.45 10.69 10.18
CA ASN B 301 -17.94 11.70 11.12
C ASN B 301 -18.94 11.04 12.05
N ALA B 302 -18.58 10.94 13.34
CA ALA B 302 -19.33 10.10 14.27
C ALA B 302 -20.73 10.63 14.52
N ILE B 303 -20.88 11.95 14.64
CA ILE B 303 -22.19 12.53 14.96
C ILE B 303 -23.18 12.23 13.84
N ASP B 304 -22.73 12.36 12.59
CA ASP B 304 -23.58 12.00 11.46
C ASP B 304 -24.01 10.54 11.54
N LEU B 305 -23.07 9.65 11.87
CA LEU B 305 -23.41 8.24 12.01
C LEU B 305 -24.48 8.02 13.06
N SER B 306 -24.30 8.64 14.23
CA SER B 306 -25.27 8.47 15.31
C SER B 306 -26.66 8.93 14.89
N ASN B 307 -26.74 10.14 14.31
CA ASN B 307 -28.04 10.65 13.91
C ASN B 307 -28.67 9.79 12.82
N ALA B 308 -27.86 9.30 11.89
CA ALA B 308 -28.40 8.50 10.79
C ALA B 308 -28.93 7.16 11.28
N VAL B 309 -28.18 6.48 12.16
CA VAL B 309 -28.66 5.20 12.67
C VAL B 309 -29.91 5.41 13.52
N ARG B 310 -29.97 6.50 14.28
CA ARG B 310 -31.18 6.79 15.05
C ARG B 310 -32.38 6.99 14.13
N ALA B 311 -32.19 7.76 13.04
CA ALA B 311 -33.29 7.98 12.11
C ALA B 311 -33.75 6.69 11.46
N LYS B 312 -32.80 5.84 11.05
CA LYS B 312 -33.20 4.59 10.39
C LYS B 312 -33.84 3.61 11.37
N MET B 313 -33.41 3.61 12.63
CA MET B 313 -34.08 2.77 13.62
C MET B 313 -35.50 3.26 13.86
N ALA B 314 -35.71 4.57 13.92
CA ALA B 314 -37.05 5.10 14.07
C ALA B 314 -37.91 4.79 12.84
N GLU B 315 -37.30 4.74 11.65
CA GLU B 315 -38.05 4.39 10.45
C GLU B 315 -38.44 2.91 10.46
N LEU B 316 -37.51 2.04 10.85
CA LEU B 316 -37.79 0.61 10.88
C LEU B 316 -38.72 0.22 12.00
N ALA B 317 -38.80 1.02 13.07
CA ALA B 317 -39.69 0.72 14.17
C ALA B 317 -41.15 0.72 13.75
N THR B 318 -41.49 1.46 12.69
CA THR B 318 -42.86 1.50 12.20
C THR B 318 -43.32 0.19 11.59
N ARG B 319 -42.40 -0.75 11.32
CA ARG B 319 -42.74 -2.08 10.83
C ARG B 319 -42.46 -3.17 11.86
N PHE B 320 -42.11 -2.79 13.09
CA PHE B 320 -41.94 -3.77 14.14
C PHE B 320 -43.27 -4.46 14.41
N PRO B 321 -43.26 -5.76 14.71
CA PRO B 321 -44.47 -6.40 15.24
C PRO B 321 -44.86 -5.74 16.56
N GLU B 322 -46.11 -5.99 16.96
CA GLU B 322 -46.69 -5.27 18.09
C GLU B 322 -45.84 -5.43 19.34
N ASP B 323 -45.66 -4.31 20.04
CA ASP B 323 -45.07 -4.21 21.37
C ASP B 323 -43.55 -4.42 21.41
N MET B 324 -42.87 -4.51 20.27
CA MET B 324 -41.41 -4.52 20.28
C MET B 324 -40.89 -3.12 20.08
N GLN B 325 -39.94 -2.69 20.91
CA GLN B 325 -39.42 -1.34 20.87
C GLN B 325 -37.90 -1.38 20.89
N TRP B 326 -37.29 -0.21 20.68
CA TRP B 326 -35.83 -0.12 20.61
C TRP B 326 -35.32 1.02 21.46
N ALA B 327 -34.01 1.00 21.70
CA ALA B 327 -33.36 1.99 22.56
C ALA B 327 -31.88 2.09 22.18
N ALA B 328 -31.23 3.13 22.69
CA ALA B 328 -29.81 3.39 22.44
C ALA B 328 -29.11 3.62 23.76
N PRO B 329 -28.71 2.55 24.45
CA PRO B 329 -28.22 2.70 25.83
C PRO B 329 -26.84 3.35 25.97
N TYR B 330 -26.04 3.46 24.90
CA TYR B 330 -24.72 4.07 25.05
C TYR B 330 -24.30 4.77 23.78
N ASP B 331 -23.72 5.96 23.93
CA ASP B 331 -23.42 6.85 22.81
C ASP B 331 -22.17 7.66 23.14
N PRO B 332 -20.99 7.12 22.86
CA PRO B 332 -19.75 7.90 23.09
C PRO B 332 -19.64 9.17 22.27
N THR B 333 -20.36 9.28 21.14
CA THR B 333 -20.15 10.41 20.24
C THR B 333 -20.37 11.75 20.94
N VAL B 334 -21.22 11.78 21.98
CA VAL B 334 -21.47 13.02 22.70
C VAL B 334 -20.17 13.67 23.13
N PHE B 335 -19.18 12.84 23.49
CA PHE B 335 -17.91 13.38 23.97
C PHE B 335 -17.26 14.26 22.92
N VAL B 336 -17.25 13.83 21.66
CA VAL B 336 -16.64 14.67 20.64
C VAL B 336 -17.51 15.89 20.37
N ARG B 337 -18.84 15.77 20.53
CA ARG B 337 -19.63 16.99 20.47
C ARG B 337 -19.66 17.70 21.81
N ASP B 338 -19.12 17.06 22.86
CA ASP B 338 -18.66 17.79 24.03
C ASP B 338 -17.47 18.66 23.71
N SER B 339 -16.80 18.40 22.59
CA SER B 339 -15.61 19.15 22.19
C SER B 339 -15.89 20.14 21.07
N ILE B 340 -16.59 19.73 20.01
CA ILE B 340 -16.82 20.63 18.89
C ILE B 340 -17.69 21.80 19.32
N ARG B 341 -18.65 21.56 20.21
CA ARG B 341 -19.43 22.64 20.77
C ARG B 341 -18.77 23.27 22.00
N ALA B 342 -17.61 22.78 22.41
CA ALA B 342 -16.85 23.46 23.45
C ALA B 342 -16.03 24.60 22.87
N VAL B 343 -15.11 24.29 21.96
CA VAL B 343 -14.20 25.30 21.43
C VAL B 343 -15.00 26.42 20.76
N VAL B 344 -16.07 26.06 20.05
CA VAL B 344 -16.84 27.07 19.31
C VAL B 344 -17.40 28.11 20.27
N GLN B 345 -17.72 27.72 21.50
CA GLN B 345 -18.17 28.70 22.46
C GLN B 345 -16.99 29.45 23.08
N THR B 346 -15.90 28.72 23.35
CA THR B 346 -14.73 29.35 23.97
C THR B 346 -14.21 30.49 23.11
N LEU B 347 -14.08 30.24 21.80
CA LEU B 347 -13.67 31.29 20.88
C LEU B 347 -14.56 32.52 21.02
N LEU B 348 -15.88 32.31 21.10
CA LEU B 348 -16.77 33.43 21.32
C LEU B 348 -16.40 34.15 22.62
N GLU B 349 -16.31 33.39 23.71
CA GLU B 349 -15.83 33.97 24.97
C GLU B 349 -14.45 34.59 24.78
N ALA B 350 -13.63 33.99 23.90
CA ALA B 350 -12.29 34.52 23.67
C ALA B 350 -12.35 35.91 23.05
N VAL B 351 -13.27 36.13 22.11
CA VAL B 351 -13.22 37.37 21.35
C VAL B 351 -13.81 38.53 22.15
N VAL B 352 -15.07 38.40 22.58
CA VAL B 352 -15.72 39.50 23.27
C VAL B 352 -14.89 39.93 24.48
N LEU B 353 -14.45 38.96 25.29
CA LEU B 353 -13.64 39.28 26.46
C LEU B 353 -12.44 40.13 26.07
N VAL B 354 -11.70 39.71 25.04
CA VAL B 354 -10.45 40.40 24.75
C VAL B 354 -10.72 41.85 24.36
N VAL B 355 -11.84 42.11 23.66
CA VAL B 355 -12.08 43.47 23.23
C VAL B 355 -12.23 44.39 24.45
N LEU B 356 -12.84 43.87 25.51
CA LEU B 356 -12.94 44.65 26.74
C LEU B 356 -11.56 45.08 27.21
N VAL B 357 -10.63 44.12 27.30
CA VAL B 357 -9.29 44.41 27.80
C VAL B 357 -8.60 45.45 26.93
N VAL B 358 -8.99 45.55 25.65
CA VAL B 358 -8.44 46.61 24.81
C VAL B 358 -9.03 47.96 25.21
N ILE B 359 -10.36 48.07 25.22
CA ILE B 359 -11.00 49.35 25.52
C ILE B 359 -10.88 49.72 26.98
N LEU B 360 -10.23 48.89 27.79
CA LEU B 360 -9.88 49.23 29.16
C LEU B 360 -8.48 49.79 29.30
N PHE B 361 -7.57 49.51 28.36
CA PHE B 361 -6.19 49.93 28.50
C PHE B 361 -5.79 51.10 27.63
N LEU B 362 -6.40 51.28 26.46
CA LEU B 362 -6.19 52.49 25.68
C LEU B 362 -7.47 53.09 25.11
N GLN B 363 -8.62 52.44 25.29
CA GLN B 363 -9.94 53.03 25.06
C GLN B 363 -10.09 53.58 23.64
N THR B 364 -10.03 52.67 22.67
CA THR B 364 -10.34 53.00 21.28
C THR B 364 -11.36 52.01 20.74
N TRP B 365 -12.43 52.53 20.14
CA TRP B 365 -13.48 51.67 19.59
C TRP B 365 -12.97 50.83 18.42
N ARG B 366 -11.82 51.18 17.86
CA ARG B 366 -11.29 50.54 16.67
C ARG B 366 -10.14 49.59 16.93
N ALA B 367 -9.37 49.80 18.01
CA ALA B 367 -8.27 48.89 18.30
C ALA B 367 -8.78 47.47 18.52
N SER B 368 -9.87 47.35 19.28
CA SER B 368 -10.46 46.05 19.54
C SER B 368 -11.03 45.38 18.29
N ILE B 369 -11.19 46.12 17.19
CA ILE B 369 -11.59 45.48 15.94
C ILE B 369 -10.49 44.58 15.41
N ILE B 370 -9.25 44.77 15.86
CA ILE B 370 -8.14 44.02 15.29
C ILE B 370 -8.15 42.57 15.77
N PRO B 371 -8.08 42.27 17.09
CA PRO B 371 -8.25 40.86 17.49
C PRO B 371 -9.61 40.31 17.07
N LEU B 372 -10.64 41.16 17.06
CA LEU B 372 -11.98 40.75 16.67
C LEU B 372 -11.97 40.06 15.30
N ILE B 373 -11.09 40.50 14.40
CA ILE B 373 -10.96 39.88 13.09
C ILE B 373 -9.78 38.90 13.12
N ALA B 374 -8.73 39.22 13.87
CA ALA B 374 -7.49 38.48 13.77
C ALA B 374 -7.61 37.08 14.38
N VAL B 375 -8.07 37.01 15.63
CA VAL B 375 -8.14 35.72 16.32
C VAL B 375 -9.07 34.74 15.62
N PRO B 376 -10.32 35.12 15.21
CA PRO B 376 -11.15 34.17 14.48
C PRO B 376 -10.47 33.59 13.25
N VAL B 377 -10.05 34.46 12.31
CA VAL B 377 -9.53 33.96 11.02
C VAL B 377 -8.43 32.94 11.26
N SER B 378 -7.47 33.28 12.12
CA SER B 378 -6.35 32.40 12.39
C SER B 378 -6.81 31.00 12.77
N VAL B 379 -7.71 30.89 13.75
CA VAL B 379 -8.09 29.56 14.21
C VAL B 379 -8.76 28.79 13.08
N VAL B 380 -9.62 29.46 12.30
CA VAL B 380 -10.28 28.75 11.20
C VAL B 380 -9.24 28.31 10.19
N GLY B 381 -8.24 29.16 9.94
CA GLY B 381 -7.18 28.79 9.03
C GLY B 381 -6.47 27.53 9.47
N THR B 382 -6.32 27.35 10.78
CA THR B 382 -5.74 26.12 11.33
C THR B 382 -6.32 24.89 10.63
N PHE B 383 -7.65 24.84 10.54
CA PHE B 383 -8.32 23.66 10.01
C PHE B 383 -7.77 23.29 8.65
N SER B 384 -7.53 24.28 7.79
CA SER B 384 -7.00 24.02 6.45
C SER B 384 -5.80 23.08 6.51
N ILE B 385 -4.77 23.48 7.25
CA ILE B 385 -3.56 22.65 7.22
C ILE B 385 -3.81 21.40 8.05
N LEU B 386 -4.72 21.45 9.02
CA LEU B 386 -5.13 20.25 9.73
C LEU B 386 -5.69 19.23 8.75
N TYR B 387 -6.41 19.70 7.73
CA TYR B 387 -6.85 18.81 6.67
C TYR B 387 -5.67 18.22 5.92
N LEU B 388 -4.67 19.05 5.60
CA LEU B 388 -3.59 18.62 4.72
C LEU B 388 -2.74 17.53 5.37
N LEU B 389 -2.53 17.62 6.68
CA LEU B 389 -1.74 16.63 7.41
C LEU B 389 -2.56 15.41 7.81
N GLY B 390 -3.80 15.29 7.34
CA GLY B 390 -4.60 14.11 7.58
C GLY B 390 -5.15 13.97 8.97
N PHE B 391 -5.24 15.05 9.73
CA PHE B 391 -5.70 14.98 11.10
C PHE B 391 -7.22 14.98 11.16
N SER B 392 -7.74 14.45 12.25
CA SER B 392 -9.18 14.36 12.50
C SER B 392 -9.60 15.35 13.57
N LEU B 393 -10.90 15.64 13.58
CA LEU B 393 -11.50 16.45 14.64
C LEU B 393 -11.87 15.52 15.79
N ASN B 394 -11.03 15.49 16.81
CA ASN B 394 -11.24 14.61 17.95
C ASN B 394 -11.13 15.41 19.23
N THR B 395 -11.49 14.77 20.36
CA THR B 395 -11.40 15.42 21.65
C THR B 395 -9.98 15.84 21.98
N LEU B 396 -8.98 15.22 21.35
CA LEU B 396 -7.58 15.57 21.56
C LEU B 396 -7.17 16.74 20.67
N SER B 397 -7.37 16.61 19.35
CA SER B 397 -6.99 17.69 18.44
C SER B 397 -7.76 18.97 18.77
N LEU B 398 -9.05 18.84 19.07
CA LEU B 398 -9.84 20.02 19.43
C LEU B 398 -9.36 20.65 20.73
N PHE B 399 -8.88 19.83 21.68
CA PHE B 399 -8.30 20.39 22.89
C PHE B 399 -7.05 21.20 22.56
N GLY B 400 -6.22 20.70 21.64
CA GLY B 400 -5.11 21.50 21.18
C GLY B 400 -5.55 22.81 20.57
N LEU B 401 -6.60 22.75 19.73
CA LEU B 401 -7.08 23.99 19.12
C LEU B 401 -7.50 24.99 20.18
N VAL B 402 -8.30 24.57 21.16
CA VAL B 402 -8.75 25.53 22.16
C VAL B 402 -7.56 26.06 22.96
N LEU B 403 -6.54 25.23 23.20
CA LEU B 403 -5.40 25.71 23.97
C LEU B 403 -4.50 26.65 23.17
N ALA B 404 -4.58 26.64 21.85
CA ALA B 404 -3.77 27.55 21.03
C ALA B 404 -4.32 28.99 21.01
N ILE B 405 -5.56 29.19 21.44
CA ILE B 405 -6.18 30.50 21.41
C ILE B 405 -5.38 31.50 22.25
N GLY B 406 -4.70 31.02 23.29
CA GLY B 406 -3.93 31.92 24.12
C GLY B 406 -2.78 32.57 23.37
N ILE B 407 -2.01 31.75 22.63
CA ILE B 407 -0.93 32.29 21.81
C ILE B 407 -1.50 33.23 20.76
N VAL B 408 -2.60 32.83 20.12
CA VAL B 408 -3.18 33.66 19.08
C VAL B 408 -3.56 35.05 19.63
N VAL B 409 -4.25 35.07 20.77
CA VAL B 409 -4.72 36.34 21.32
C VAL B 409 -3.55 37.19 21.81
N ASP B 410 -2.53 36.55 22.39
CA ASP B 410 -1.39 37.34 22.88
C ASP B 410 -0.68 38.03 21.72
N ASP B 411 -0.46 37.32 20.62
CA ASP B 411 0.15 37.97 19.45
C ASP B 411 -0.73 39.09 18.93
N ALA B 412 -2.04 38.82 18.82
CA ALA B 412 -2.96 39.80 18.27
C ALA B 412 -3.03 41.07 19.12
N ILE B 413 -2.81 40.94 20.43
CA ILE B 413 -2.87 42.13 21.27
C ILE B 413 -1.52 42.82 21.42
N VAL B 414 -0.41 42.10 21.34
CA VAL B 414 0.88 42.80 21.41
C VAL B 414 1.11 43.64 20.16
N VAL B 415 0.73 43.12 19.00
CA VAL B 415 0.92 43.91 17.78
C VAL B 415 0.00 45.14 17.72
N VAL B 416 -1.02 45.20 18.56
CA VAL B 416 -1.86 46.38 18.67
C VAL B 416 -1.34 47.32 19.76
N GLU B 417 -0.89 46.74 20.87
CA GLU B 417 -0.34 47.53 21.95
C GLU B 417 0.86 48.34 21.48
N ASN B 418 1.70 47.75 20.62
CA ASN B 418 2.86 48.51 20.16
C ASN B 418 2.45 49.69 19.29
N VAL B 419 1.49 49.49 18.37
CA VAL B 419 1.10 50.61 17.51
C VAL B 419 0.42 51.70 18.32
N GLU B 420 -0.36 51.33 19.34
CA GLU B 420 -0.99 52.37 20.15
C GLU B 420 0.00 53.03 21.10
N ARG B 421 1.02 52.32 21.57
CA ARG B 421 2.08 52.95 22.35
C ARG B 421 2.86 53.95 21.50
N ASN B 422 3.13 53.59 20.24
CA ASN B 422 3.78 54.53 19.34
C ASN B 422 2.89 55.73 19.07
N ILE B 423 1.58 55.51 18.92
CA ILE B 423 0.65 56.62 18.79
C ILE B 423 0.73 57.53 20.02
N GLU B 424 0.74 56.93 21.21
CA GLU B 424 0.94 57.69 22.45
C GLU B 424 2.20 58.52 22.39
N GLU B 425 3.28 57.96 21.85
CA GLU B 425 4.55 58.67 21.79
C GLU B 425 4.63 59.65 20.64
N GLY B 426 3.58 59.78 19.82
CA GLY B 426 3.46 60.91 18.91
C GLY B 426 3.71 60.66 17.45
N LEU B 427 3.25 59.52 16.92
CA LEU B 427 3.41 59.21 15.50
C LEU B 427 2.06 58.99 14.85
N ALA B 428 1.97 59.37 13.58
CA ALA B 428 0.75 59.17 12.81
C ALA B 428 0.54 57.66 12.60
N PRO B 429 -0.73 57.23 12.42
CA PRO B 429 -1.01 55.78 12.42
C PRO B 429 -0.16 54.95 11.48
N LEU B 430 0.09 55.46 10.26
CA LEU B 430 0.96 54.75 9.33
C LEU B 430 2.35 54.54 9.92
N ALA B 431 3.04 55.64 10.22
CA ALA B 431 4.38 55.54 10.82
C ALA B 431 4.32 54.90 12.20
N ALA B 432 3.22 55.09 12.93
CA ALA B 432 3.09 54.48 14.25
C ALA B 432 3.15 52.97 14.14
N ALA B 433 2.32 52.37 13.28
CA ALA B 433 2.35 50.93 13.10
C ALA B 433 3.69 50.48 12.53
N HIS B 434 4.20 51.21 11.53
CA HIS B 434 5.48 50.87 10.92
C HIS B 434 6.58 50.70 11.98
N GLN B 435 6.83 51.77 12.74
CA GLN B 435 7.86 51.70 13.78
C GLN B 435 7.47 50.72 14.88
N ALA B 436 6.17 50.54 15.13
CA ALA B 436 5.72 49.66 16.19
C ALA B 436 6.13 48.22 15.93
N MET B 437 6.03 47.77 14.69
CA MET B 437 6.54 46.44 14.37
C MET B 437 7.88 46.50 13.66
N ARG B 438 8.52 47.67 13.60
CA ARG B 438 9.95 47.71 13.37
C ARG B 438 10.71 47.08 14.51
N GLU B 439 10.05 46.84 15.65
CA GLU B 439 10.66 46.26 16.83
C GLU B 439 10.01 44.98 17.30
N VAL B 440 8.87 44.56 16.72
CA VAL B 440 8.23 43.32 17.17
C VAL B 440 7.87 42.39 16.02
N SER B 441 8.39 42.64 14.80
CA SER B 441 8.07 41.73 13.71
C SER B 441 9.05 40.56 13.68
N GLY B 442 10.36 40.87 13.65
CA GLY B 442 11.38 39.86 13.83
C GLY B 442 11.24 39.02 15.07
N PRO B 443 10.94 39.62 16.24
CA PRO B 443 10.64 38.77 17.40
C PRO B 443 9.44 37.85 17.22
N ILE B 444 8.42 38.23 16.46
CA ILE B 444 7.32 37.27 16.34
C ILE B 444 7.60 36.18 15.30
N ILE B 445 8.38 36.45 14.26
CA ILE B 445 8.84 35.31 13.46
C ILE B 445 9.73 34.42 14.32
N ALA B 446 10.54 35.04 15.19
CA ALA B 446 11.34 34.26 16.11
C ALA B 446 10.46 33.35 16.95
N ILE B 447 9.44 33.91 17.60
CA ILE B 447 8.59 33.10 18.47
C ILE B 447 7.89 32.02 17.66
N ALA B 448 7.46 32.33 16.44
CA ALA B 448 6.90 31.28 15.60
C ALA B 448 7.87 30.11 15.52
N LEU B 449 9.13 30.40 15.22
CA LEU B 449 10.13 29.32 15.11
C LEU B 449 10.42 28.67 16.46
N VAL B 450 10.41 29.44 17.55
CA VAL B 450 10.76 28.90 18.87
C VAL B 450 9.66 27.96 19.38
N LEU B 451 8.41 28.42 19.34
CA LEU B 451 7.30 27.57 19.73
C LEU B 451 7.21 26.36 18.81
N CYS B 452 7.50 26.52 17.52
CA CYS B 452 7.57 25.35 16.65
C CYS B 452 8.66 24.40 17.10
N ALA B 453 9.82 24.95 17.49
CA ALA B 453 10.91 24.13 17.98
C ALA B 453 10.53 23.36 19.24
N VAL B 454 9.67 23.93 20.07
CA VAL B 454 9.27 23.23 21.28
C VAL B 454 8.15 22.23 20.98
N PHE B 455 7.28 22.54 20.02
CA PHE B 455 6.02 21.84 19.78
C PHE B 455 6.09 20.75 18.71
N VAL B 456 6.67 21.05 17.55
CA VAL B 456 6.76 20.06 16.48
C VAL B 456 7.47 18.80 16.92
N PRO B 457 8.55 18.84 17.71
CA PRO B 457 9.13 17.57 18.20
C PRO B 457 8.15 16.69 18.96
N MET B 458 7.09 17.26 19.52
CA MET B 458 6.09 16.46 20.23
C MET B 458 5.23 15.61 19.30
N ALA B 459 5.49 15.62 17.99
CA ALA B 459 4.75 14.74 17.10
C ALA B 459 5.37 13.37 16.98
N PHE B 460 6.58 13.15 17.51
CA PHE B 460 7.37 11.96 17.21
C PHE B 460 7.71 11.15 18.45
N LEU B 461 6.91 11.26 19.52
CA LEU B 461 7.16 10.41 20.69
C LEU B 461 6.66 9.00 20.45
N SER B 462 7.46 8.03 20.91
CA SER B 462 7.03 6.65 20.88
C SER B 462 5.87 6.44 21.85
N GLY B 463 5.02 5.46 21.53
CA GLY B 463 3.94 5.10 22.41
C GLY B 463 2.64 5.84 22.10
N VAL B 464 1.55 5.24 22.57
CA VAL B 464 0.25 5.89 22.42
C VAL B 464 0.29 7.27 23.05
N THR B 465 0.92 7.38 24.23
CA THR B 465 1.11 8.69 24.86
C THR B 465 1.73 9.68 23.87
N GLY B 466 2.71 9.22 23.10
CA GLY B 466 3.22 10.01 22.01
C GLY B 466 2.16 10.35 20.98
N GLN B 467 1.20 9.47 20.78
CA GLN B 467 0.13 9.79 19.82
C GLN B 467 -0.78 10.90 20.33
N PHE B 468 -1.13 10.89 21.63
CA PHE B 468 -1.90 12.02 22.17
C PHE B 468 -1.09 13.31 22.05
N TYR B 469 0.20 13.24 22.39
CA TYR B 469 1.05 14.43 22.27
C TYR B 469 1.09 14.93 20.83
N LYS B 470 1.15 14.01 19.87
CA LYS B 470 1.09 14.36 18.45
C LYS B 470 -0.19 15.12 18.14
N GLN B 471 -1.33 14.54 18.53
CA GLN B 471 -2.63 15.12 18.20
C GLN B 471 -2.80 16.51 18.81
N PHE B 472 -2.15 16.79 19.94
CA PHE B 472 -2.18 18.14 20.48
C PHE B 472 -1.21 19.05 19.73
N ALA B 473 0.06 18.64 19.66
CA ALA B 473 1.14 19.53 19.27
C ALA B 473 1.03 19.95 17.81
N VAL B 474 0.65 19.02 16.92
CA VAL B 474 0.59 19.38 15.51
C VAL B 474 -0.39 20.52 15.28
N THR B 475 -1.59 20.39 15.84
CA THR B 475 -2.60 21.44 15.66
C THR B 475 -2.15 22.74 16.29
N ILE B 476 -1.60 22.68 17.52
CA ILE B 476 -1.25 23.93 18.18
C ILE B 476 -0.09 24.64 17.46
N ALA B 477 0.86 23.87 16.92
CA ALA B 477 2.00 24.46 16.23
C ALA B 477 1.58 25.09 14.91
N ILE B 478 0.71 24.38 14.17
CA ILE B 478 0.02 24.96 13.02
C ILE B 478 -0.49 26.34 13.48
N SER B 479 -1.29 26.33 14.54
CA SER B 479 -2.00 27.55 14.94
C SER B 479 -1.05 28.70 15.20
N THR B 480 0.06 28.45 15.91
CA THR B 480 1.00 29.55 16.14
C THR B 480 1.61 30.05 14.83
N VAL B 481 1.85 29.14 13.88
CA VAL B 481 2.42 29.59 12.60
C VAL B 481 1.45 30.51 11.87
N ILE B 482 0.18 30.11 11.75
CA ILE B 482 -0.74 31.00 11.03
C ILE B 482 -0.98 32.28 11.83
N SER B 483 -0.96 32.20 13.16
CA SER B 483 -1.03 33.42 13.97
C SER B 483 0.08 34.37 13.54
N ALA B 484 1.33 33.96 13.71
CA ALA B 484 2.48 34.74 13.26
C ALA B 484 2.28 35.32 11.87
N ILE B 485 1.74 34.51 10.96
CA ILE B 485 1.53 34.97 9.58
C ILE B 485 0.58 36.18 9.56
N ASN B 486 -0.61 36.03 10.12
CA ASN B 486 -1.61 37.11 10.00
C ASN B 486 -1.26 38.29 10.88
N SER B 487 -0.71 38.03 12.08
CA SER B 487 -0.22 39.10 12.92
C SER B 487 0.96 39.84 12.30
N LEU B 488 1.58 39.26 11.27
CA LEU B 488 2.55 40.00 10.47
C LEU B 488 1.97 40.59 9.19
N THR B 489 0.73 40.24 8.83
CA THR B 489 0.13 40.77 7.61
C THR B 489 -1.10 41.64 7.87
N LEU B 490 -2.12 41.10 8.54
CA LEU B 490 -3.43 41.75 8.60
C LEU B 490 -3.55 42.78 9.73
N SER B 491 -3.22 42.38 10.95
CA SER B 491 -3.44 43.25 12.10
C SER B 491 -2.70 44.58 11.99
N PRO B 492 -1.42 44.63 11.62
CA PRO B 492 -0.78 45.95 11.43
C PRO B 492 -1.46 46.80 10.37
N ALA B 493 -1.91 46.17 9.27
CA ALA B 493 -2.57 46.92 8.21
C ALA B 493 -3.88 47.52 8.69
N LEU B 494 -4.66 46.73 9.44
CA LEU B 494 -5.91 47.26 9.99
C LEU B 494 -5.63 48.36 11.01
N ALA B 495 -4.57 48.23 11.79
CA ALA B 495 -4.17 49.30 12.70
C ALA B 495 -3.90 50.59 11.93
N ALA B 496 -3.12 50.50 10.86
CA ALA B 496 -2.82 51.69 10.07
C ALA B 496 -4.08 52.29 9.47
N LEU B 497 -4.96 51.43 8.95
CA LEU B 497 -6.11 51.95 8.21
C LEU B 497 -7.15 52.58 9.14
N LEU B 498 -7.48 51.93 10.26
CA LEU B 498 -8.52 52.46 11.13
C LEU B 498 -8.01 53.23 12.34
N LEU B 499 -6.91 52.80 12.97
CA LEU B 499 -6.53 53.35 14.27
C LEU B 499 -5.98 54.77 14.14
N LYS B 500 -6.89 55.75 14.18
CA LYS B 500 -6.51 57.16 14.10
C LYS B 500 -5.82 57.60 15.39
N PRO B 501 -5.05 58.72 15.36
CA PRO B 501 -4.27 59.09 16.54
C PRO B 501 -5.12 59.60 17.69
N HIS B 502 -4.48 59.85 18.83
CA HIS B 502 -5.17 60.27 20.07
C HIS B 502 -5.49 61.76 19.99
N GLY B 503 -6.42 62.09 19.10
CA GLY B 503 -6.82 63.46 18.89
C GLY B 503 -8.28 63.73 19.18
N ALA B 504 -9.03 64.08 18.14
CA ALA B 504 -10.42 64.50 18.22
C ALA B 504 -11.27 63.61 17.33
N LYS B 505 -12.50 64.05 17.07
CA LYS B 505 -13.49 63.26 16.34
C LYS B 505 -13.79 61.98 17.09
N LYS B 506 -14.32 62.15 18.31
CA LYS B 506 -14.46 61.04 19.24
C LYS B 506 -15.25 59.88 18.63
N ASP B 507 -16.19 60.18 17.73
CA ASP B 507 -17.00 59.16 17.07
C ASP B 507 -18.01 58.68 18.13
N LEU B 508 -19.15 58.14 17.66
CA LEU B 508 -20.18 57.73 18.63
C LEU B 508 -19.63 56.66 19.56
N PRO B 509 -19.24 55.44 19.09
CA PRO B 509 -18.64 54.49 20.03
C PRO B 509 -17.70 55.03 21.11
N THR B 510 -16.74 55.89 20.80
CA THR B 510 -15.83 56.30 21.87
C THR B 510 -16.42 57.39 22.77
N ARG B 511 -17.05 58.43 22.19
CA ARG B 511 -17.72 59.41 23.03
C ARG B 511 -18.76 58.73 23.93
N LEU B 512 -19.59 57.88 23.32
CA LEU B 512 -20.49 56.99 24.00
C LEU B 512 -19.81 56.23 25.14
N ILE B 513 -18.77 55.42 24.84
CA ILE B 513 -18.19 54.58 25.90
C ILE B 513 -17.80 55.45 27.07
N ASP B 514 -17.13 56.59 26.78
CA ASP B 514 -16.85 57.60 27.80
C ASP B 514 -18.08 57.79 28.69
N ARG B 515 -19.21 58.09 28.06
CA ARG B 515 -20.37 58.44 28.87
C ARG B 515 -21.05 57.24 29.56
N LEU B 516 -20.78 56.00 29.13
CA LEU B 516 -21.45 54.90 29.85
C LEU B 516 -20.60 54.34 31.00
N PHE B 517 -19.29 54.18 30.80
CA PHE B 517 -18.44 53.59 31.83
C PHE B 517 -17.40 54.60 32.35
N GLY B 518 -17.80 55.88 32.39
CA GLY B 518 -17.07 56.91 33.12
C GLY B 518 -16.61 56.41 34.46
N TRP B 519 -17.37 55.47 35.02
CA TRP B 519 -17.04 54.84 36.27
C TRP B 519 -15.61 54.33 36.31
N ILE B 520 -15.12 53.77 35.20
CA ILE B 520 -13.89 52.98 35.25
C ILE B 520 -12.87 53.31 34.17
N PHE B 521 -13.15 54.21 33.21
CA PHE B 521 -11.99 54.53 32.36
C PHE B 521 -10.93 55.30 33.13
N ARG B 522 -11.27 56.49 33.61
CA ARG B 522 -10.27 57.33 34.29
C ARG B 522 -9.67 56.65 35.52
N PRO B 523 -10.44 56.11 36.47
CA PRO B 523 -9.80 55.51 37.64
C PRO B 523 -8.93 54.32 37.32
N PHE B 524 -9.25 53.59 36.23
CA PHE B 524 -8.32 52.57 35.80
C PHE B 524 -6.99 53.18 35.38
N ASN B 525 -7.01 54.31 34.70
CA ASN B 525 -5.75 54.96 34.34
C ASN B 525 -5.03 55.48 35.57
N ARG B 526 -5.77 55.93 36.58
CA ARG B 526 -5.19 56.23 37.88
C ARG B 526 -4.38 55.04 38.39
N PHE B 527 -5.07 53.91 38.59
CA PHE B 527 -4.40 52.66 39.00
C PHE B 527 -3.25 52.31 38.07
N PHE B 528 -3.45 52.51 36.77
CA PHE B 528 -2.46 52.13 35.77
C PHE B 528 -1.15 52.85 35.99
N LEU B 529 -1.18 54.19 36.01
CA LEU B 529 0.04 54.94 36.22
C LEU B 529 0.62 54.68 37.60
N ARG B 530 -0.24 54.61 38.64
CA ARG B 530 0.25 54.32 39.98
C ARG B 530 1.07 53.05 40.01
N SER B 531 0.43 51.92 39.72
CA SER B 531 1.08 50.63 39.84
C SER B 531 2.17 50.43 38.79
N SER B 532 2.11 51.11 37.65
CA SER B 532 3.21 51.03 36.69
C SER B 532 4.47 51.68 37.24
N ASN B 533 4.32 52.89 37.79
CA ASN B 533 5.47 53.53 38.43
C ASN B 533 5.95 52.72 39.63
N GLY B 534 5.01 52.10 40.36
CA GLY B 534 5.40 51.25 41.48
C GLY B 534 6.19 50.03 41.03
N TYR B 535 5.75 49.38 39.95
CA TYR B 535 6.49 48.25 39.40
C TYR B 535 7.88 48.67 38.95
N GLN B 536 7.96 49.81 38.27
CA GLN B 536 9.27 50.38 37.94
C GLN B 536 10.12 50.52 39.19
N GLY B 537 9.53 51.02 40.28
CA GLY B 537 10.28 51.20 41.50
C GLY B 537 10.80 49.90 42.09
N LEU B 538 9.93 48.89 42.18
CA LEU B 538 10.35 47.61 42.76
C LEU B 538 11.46 46.98 41.93
N VAL B 539 11.26 46.93 40.61
CA VAL B 539 12.28 46.30 39.77
C VAL B 539 13.54 47.14 39.69
N SER B 540 13.47 48.43 40.03
CA SER B 540 14.66 49.28 39.98
C SER B 540 15.73 48.79 40.94
N LYS B 541 15.34 48.39 42.15
CA LYS B 541 16.30 47.98 43.16
C LYS B 541 16.20 46.51 43.53
N THR B 542 15.33 45.72 42.88
CA THR B 542 15.48 44.28 43.00
C THR B 542 16.58 43.74 42.09
N LEU B 543 16.88 44.42 40.98
CA LEU B 543 18.05 44.04 40.20
C LEU B 543 19.32 44.63 40.80
N GLY B 544 19.21 45.73 41.53
CA GLY B 544 20.34 46.20 42.33
C GLY B 544 20.76 45.16 43.36
N ARG B 545 19.78 44.46 43.94
CA ARG B 545 20.06 43.29 44.76
C ARG B 545 19.86 42.05 43.89
N ARG B 546 20.84 41.83 43.02
CA ARG B 546 20.83 40.69 42.10
C ARG B 546 21.03 39.37 42.84
N GLY B 547 21.85 39.38 43.90
CA GLY B 547 22.23 38.14 44.56
C GLY B 547 21.08 37.48 45.31
N ALA B 548 20.26 38.26 46.01
CA ALA B 548 19.14 37.68 46.74
C ALA B 548 18.10 37.11 45.78
N VAL B 549 17.85 37.79 44.67
CA VAL B 549 16.96 37.25 43.65
C VAL B 549 17.54 35.96 43.08
N PHE B 550 18.85 35.93 42.84
CA PHE B 550 19.49 34.72 42.35
C PHE B 550 19.37 33.58 43.34
N ALA B 551 19.53 33.87 44.64
CA ALA B 551 19.48 32.82 45.65
C ALA B 551 18.05 32.29 45.82
N VAL B 552 17.06 33.18 45.86
CA VAL B 552 15.68 32.73 45.93
C VAL B 552 15.33 31.97 44.66
N TYR B 553 15.88 32.37 43.51
CA TYR B 553 15.70 31.62 42.28
C TYR B 553 16.25 30.22 42.40
N LEU B 554 17.48 30.08 42.90
CA LEU B 554 18.11 28.77 43.00
C LEU B 554 17.36 27.86 43.97
N LEU B 555 17.00 28.39 45.15
CA LEU B 555 16.32 27.54 46.12
C LEU B 555 14.89 27.22 45.69
N LEU B 556 14.21 28.16 45.01
CA LEU B 556 12.90 27.89 44.44
C LEU B 556 13.00 26.81 43.36
N LEU B 557 14.04 26.85 42.54
CA LEU B 557 14.19 25.84 41.49
C LEU B 557 14.59 24.49 42.06
N CYS B 558 15.35 24.47 43.17
CA CYS B 558 15.66 23.19 43.79
C CYS B 558 14.43 22.56 44.44
N ALA B 559 13.63 23.39 45.11
CA ALA B 559 12.33 22.92 45.59
C ALA B 559 11.46 22.46 44.42
N ALA B 560 11.53 23.17 43.29
CA ALA B 560 10.78 22.77 42.10
C ALA B 560 11.26 21.42 41.57
N GLY B 561 12.57 21.20 41.53
CA GLY B 561 13.09 19.95 41.03
C GLY B 561 12.73 18.76 41.91
N VAL B 562 12.80 18.96 43.24
CA VAL B 562 12.39 17.90 44.14
C VAL B 562 10.89 17.65 44.05
N MET B 563 10.09 18.72 43.96
CA MET B 563 8.64 18.61 43.92
C MET B 563 8.12 18.12 42.57
N PHE B 564 8.92 18.25 41.51
CA PHE B 564 8.46 17.91 40.17
C PHE B 564 8.08 16.44 40.06
N LYS B 565 8.68 15.58 40.87
CA LYS B 565 8.38 14.15 40.85
C LYS B 565 7.64 13.68 42.09
N VAL B 566 7.20 14.59 42.96
CA VAL B 566 6.31 14.21 44.06
C VAL B 566 4.85 14.48 43.72
N VAL B 567 4.57 15.34 42.75
CA VAL B 567 3.21 15.52 42.25
C VAL B 567 2.79 14.18 41.66
N PRO B 568 1.52 13.79 41.79
CA PRO B 568 1.10 12.48 41.28
C PRO B 568 1.36 12.37 39.78
N GLY B 569 2.09 11.33 39.39
CA GLY B 569 2.30 11.07 37.99
C GLY B 569 1.04 10.54 37.33
N GLY B 570 0.92 10.76 36.03
CA GLY B 570 -0.32 10.44 35.37
C GLY B 570 -0.27 10.06 33.91
N PHE B 571 -0.95 8.96 33.60
CA PHE B 571 -1.34 8.62 32.24
C PHE B 571 -2.69 9.29 31.97
N ILE B 572 -3.39 8.83 30.94
CA ILE B 572 -4.66 9.47 30.52
C ILE B 572 -5.63 9.51 31.69
N PRO B 573 -6.18 10.68 32.04
CA PRO B 573 -7.09 10.76 33.18
C PRO B 573 -8.32 9.93 32.91
N THR B 574 -8.91 9.41 34.00
CA THR B 574 -10.21 8.81 33.95
C THR B 574 -11.28 9.88 34.16
N GLN B 575 -12.46 9.63 33.60
CA GLN B 575 -13.56 10.59 33.68
C GLN B 575 -14.86 9.83 33.47
N ASP B 576 -15.97 10.53 33.57
CA ASP B 576 -17.27 9.94 33.29
C ASP B 576 -17.32 9.52 31.83
N LYS B 577 -17.58 8.23 31.60
CA LYS B 577 -17.78 7.70 30.26
C LYS B 577 -19.24 7.35 29.99
N LEU B 578 -20.15 7.80 30.85
CA LEU B 578 -21.60 7.58 30.76
C LEU B 578 -22.01 6.13 30.99
N TYR B 579 -21.10 5.29 31.47
CA TYR B 579 -21.48 3.93 31.84
C TYR B 579 -20.49 3.38 32.86
N LEU B 580 -20.96 2.41 33.63
CA LEU B 580 -20.15 1.66 34.58
C LEU B 580 -20.17 0.19 34.18
N ILE B 581 -19.10 -0.53 34.48
CA ILE B 581 -19.01 -1.95 34.13
C ILE B 581 -19.07 -2.75 35.41
N GLY B 582 -20.00 -3.72 35.47
CA GLY B 582 -20.10 -4.61 36.60
C GLY B 582 -20.20 -6.04 36.11
N GLY B 583 -20.00 -6.96 37.03
CA GLY B 583 -20.08 -8.35 36.66
C GLY B 583 -20.14 -9.24 37.87
N VAL B 584 -20.21 -10.54 37.59
CA VAL B 584 -20.25 -11.56 38.64
C VAL B 584 -19.40 -12.74 38.20
N LYS B 585 -18.54 -13.20 39.12
CA LYS B 585 -17.88 -14.50 39.04
C LYS B 585 -18.58 -15.43 40.02
N MET B 586 -18.99 -16.59 39.52
CA MET B 586 -19.81 -17.50 40.31
C MET B 586 -19.03 -18.74 40.67
N PRO B 587 -19.51 -19.51 41.66
CA PRO B 587 -18.77 -20.71 42.07
C PRO B 587 -18.48 -21.59 40.87
N GLU B 588 -17.26 -22.14 40.85
CA GLU B 588 -16.78 -22.90 39.71
C GLU B 588 -17.65 -24.14 39.52
N GLY B 589 -18.52 -24.10 38.50
CA GLY B 589 -19.46 -25.16 38.26
C GLY B 589 -20.89 -24.67 38.12
N SER B 590 -21.12 -23.39 38.39
CA SER B 590 -22.44 -22.82 38.26
C SER B 590 -22.92 -22.87 36.81
N SER B 591 -24.23 -23.03 36.64
CA SER B 591 -24.83 -23.04 35.32
C SER B 591 -25.09 -21.60 34.86
N LEU B 592 -25.62 -21.46 33.65
CA LEU B 592 -25.96 -20.13 33.15
C LEU B 592 -27.19 -19.57 33.84
N ALA B 593 -28.07 -20.43 34.36
CA ALA B 593 -29.27 -19.95 35.04
C ALA B 593 -28.93 -19.21 36.32
N ARG B 594 -27.95 -19.73 37.08
CA ARG B 594 -27.50 -19.04 38.27
C ARG B 594 -27.01 -17.64 37.93
N THR B 595 -26.15 -17.56 36.91
CA THR B 595 -25.61 -16.28 36.48
C THR B 595 -26.70 -15.33 36.05
N ASP B 596 -27.69 -15.84 35.30
CA ASP B 596 -28.80 -14.99 34.90
C ASP B 596 -29.54 -14.44 36.11
N ALA B 597 -29.78 -15.28 37.13
CA ALA B 597 -30.49 -14.82 38.32
C ALA B 597 -29.74 -13.70 39.02
N VAL B 598 -28.45 -13.90 39.29
CA VAL B 598 -27.71 -12.88 40.03
C VAL B 598 -27.46 -11.64 39.16
N ILE B 599 -27.28 -11.81 37.84
CA ILE B 599 -27.14 -10.66 36.96
C ILE B 599 -28.43 -9.86 36.93
N ARG B 600 -29.58 -10.54 36.99
CA ARG B 600 -30.86 -9.84 37.08
C ARG B 600 -30.95 -9.04 38.37
N LYS B 601 -30.50 -9.62 39.48
CA LYS B 601 -30.50 -8.87 40.74
C LYS B 601 -29.58 -7.65 40.66
N MET B 602 -28.41 -7.80 40.04
CA MET B 602 -27.49 -6.68 39.86
C MET B 602 -28.10 -5.60 38.98
N SER B 603 -28.78 -6.01 37.91
CA SER B 603 -29.43 -5.04 37.04
C SER B 603 -30.52 -4.27 37.79
N GLU B 604 -31.30 -4.98 38.60
CA GLU B 604 -32.32 -4.31 39.41
C GLU B 604 -31.69 -3.33 40.38
N ILE B 605 -30.55 -3.70 40.97
CA ILE B 605 -29.81 -2.76 41.81
C ILE B 605 -29.43 -1.52 41.01
N GLY B 606 -28.97 -1.72 39.77
CA GLY B 606 -28.55 -0.59 38.94
C GLY B 606 -29.71 0.33 38.60
N MET B 607 -30.84 -0.22 38.17
CA MET B 607 -31.96 0.60 37.73
C MET B 607 -32.57 1.42 38.85
N ASN B 608 -32.43 0.99 40.10
CA ASN B 608 -33.00 1.68 41.25
C ASN B 608 -31.96 2.50 41.99
N THR B 609 -31.02 3.10 41.27
CA THR B 609 -30.02 3.97 41.84
C THR B 609 -30.06 5.30 41.11
N GLU B 610 -29.36 6.29 41.67
CA GLU B 610 -29.44 7.67 41.20
C GLU B 610 -28.92 7.80 39.77
N GLY B 611 -29.80 8.23 38.86
CA GLY B 611 -29.41 8.61 37.53
C GLY B 611 -29.26 7.48 36.52
N VAL B 612 -29.07 6.24 36.98
CA VAL B 612 -28.86 5.13 36.06
C VAL B 612 -30.17 4.82 35.36
N ASP B 613 -30.19 4.98 34.03
CA ASP B 613 -31.40 4.73 33.26
C ASP B 613 -31.35 3.45 32.44
N TYR B 614 -30.20 2.80 32.31
CA TYR B 614 -30.16 1.59 31.49
C TYR B 614 -29.30 0.51 32.14
N ALA B 615 -29.77 -0.73 32.05
CA ALA B 615 -29.06 -1.90 32.56
C ALA B 615 -28.92 -2.90 31.43
N VAL B 616 -27.75 -2.92 30.79
CA VAL B 616 -27.47 -3.77 29.65
C VAL B 616 -26.82 -5.04 30.17
N ALA B 617 -27.56 -6.15 30.18
CA ALA B 617 -27.12 -7.37 30.83
C ALA B 617 -26.72 -8.42 29.80
N PHE B 618 -25.52 -8.97 29.94
CA PHE B 618 -25.07 -10.14 29.18
C PHE B 618 -24.63 -11.20 30.18
N PRO B 619 -25.55 -12.05 30.63
CA PRO B 619 -25.14 -13.24 31.39
C PRO B 619 -24.44 -14.23 30.47
N GLY B 620 -23.28 -14.71 30.91
CA GLY B 620 -22.43 -15.54 30.12
C GLY B 620 -21.21 -14.84 29.57
N LEU B 621 -21.20 -13.51 29.58
CA LEU B 621 -20.10 -12.73 29.03
C LEU B 621 -19.00 -12.62 30.08
N ASN B 622 -17.84 -13.19 29.80
CA ASN B 622 -16.63 -12.95 30.57
C ASN B 622 -16.13 -11.55 30.21
N ALA B 623 -16.31 -10.60 31.14
CA ALA B 623 -16.07 -9.19 30.82
C ALA B 623 -14.64 -8.92 30.39
N LEU B 624 -13.67 -9.66 30.94
CA LEU B 624 -12.27 -9.36 30.68
C LEU B 624 -11.82 -9.80 29.29
N GLN B 625 -12.37 -10.89 28.76
CA GLN B 625 -11.96 -11.37 27.44
C GLN B 625 -13.08 -11.33 26.41
N PHE B 626 -14.28 -10.88 26.79
CA PHE B 626 -15.42 -10.77 25.88
C PHE B 626 -15.71 -12.10 25.18
N THR B 627 -15.49 -13.20 25.88
CA THR B 627 -15.89 -14.53 25.42
C THR B 627 -17.01 -15.04 26.32
N ASN B 628 -17.43 -16.29 26.09
CA ASN B 628 -18.58 -16.86 26.76
C ASN B 628 -18.13 -17.92 27.77
N THR B 629 -18.50 -17.72 29.04
CA THR B 629 -18.20 -18.66 30.10
C THR B 629 -19.44 -18.80 30.98
N PRO B 630 -19.87 -20.03 31.30
CA PRO B 630 -21.15 -20.19 32.01
C PRO B 630 -21.21 -19.54 33.38
N ASN B 631 -20.10 -19.44 34.09
CA ASN B 631 -20.10 -18.95 35.47
C ASN B 631 -19.68 -17.48 35.58
N THR B 632 -19.84 -16.71 34.52
CA THR B 632 -19.47 -15.30 34.52
C THR B 632 -20.56 -14.48 33.86
N GLY B 633 -20.71 -13.25 34.32
CA GLY B 633 -21.70 -12.36 33.72
C GLY B 633 -21.25 -10.92 33.75
N THR B 634 -21.65 -10.16 32.72
CA THR B 634 -21.35 -8.76 32.61
C THR B 634 -22.62 -7.93 32.54
N VAL B 635 -22.56 -6.71 33.06
CA VAL B 635 -23.70 -5.79 32.97
C VAL B 635 -23.17 -4.37 32.95
N PHE B 636 -23.59 -3.61 31.93
CA PHE B 636 -23.22 -2.22 31.77
C PHE B 636 -24.34 -1.35 32.32
N PHE B 637 -23.99 -0.40 33.19
CA PHE B 637 -24.93 0.54 33.75
C PHE B 637 -24.80 1.86 33.00
N GLY B 638 -25.77 2.15 32.14
CA GLY B 638 -25.79 3.40 31.39
C GLY B 638 -26.52 4.46 32.20
N LEU B 639 -25.92 5.65 32.26
CA LEU B 639 -26.33 6.72 33.15
C LEU B 639 -26.89 7.90 32.36
N LYS B 640 -27.68 8.71 33.05
CA LYS B 640 -28.11 9.99 32.52
C LYS B 640 -26.94 10.97 32.53
N PRO B 641 -27.00 12.02 31.72
CA PRO B 641 -25.93 13.04 31.75
C PRO B 641 -25.84 13.71 33.11
N PHE B 642 -24.70 14.37 33.34
CA PHE B 642 -24.43 15.00 34.63
C PHE B 642 -25.53 15.97 35.03
N ASP B 643 -25.91 16.87 34.12
CA ASP B 643 -26.82 17.95 34.46
C ASP B 643 -28.22 17.46 34.81
N GLN B 644 -28.55 16.20 34.53
CA GLN B 644 -29.84 15.63 34.87
C GLN B 644 -29.80 14.75 36.11
N ARG B 645 -28.71 14.80 36.87
CA ARG B 645 -28.59 14.07 38.13
C ARG B 645 -27.76 14.90 39.10
N LYS B 646 -27.62 14.40 40.33
CA LYS B 646 -26.84 15.09 41.35
C LYS B 646 -25.58 14.34 41.78
N HIS B 647 -25.60 13.00 41.75
CA HIS B 647 -24.47 12.21 42.22
C HIS B 647 -23.44 12.04 41.12
N THR B 648 -22.16 12.08 41.51
CA THR B 648 -21.04 12.03 40.57
C THR B 648 -20.55 10.60 40.37
N ALA B 649 -20.16 10.28 39.13
CA ALA B 649 -20.03 8.89 38.68
C ALA B 649 -19.33 7.99 39.70
N ALA B 650 -18.22 8.47 40.27
CA ALA B 650 -17.47 7.66 41.22
C ALA B 650 -18.32 7.25 42.41
N GLU B 651 -19.13 8.17 42.94
CA GLU B 651 -19.92 7.76 44.09
C GLU B 651 -20.97 6.73 43.69
N ILE B 652 -21.74 6.98 42.61
CA ILE B 652 -22.75 5.99 42.25
C ILE B 652 -22.12 4.61 42.11
N ASN B 653 -20.90 4.55 41.57
CA ASN B 653 -20.16 3.29 41.63
C ASN B 653 -19.99 2.81 43.07
N ALA B 654 -19.65 3.73 43.99
CA ALA B 654 -19.40 3.33 45.38
C ALA B 654 -20.62 2.69 46.02
N GLU B 655 -21.80 3.31 45.85
CA GLU B 655 -22.97 2.70 46.52
C GLU B 655 -23.49 1.47 45.79
N ILE B 656 -23.40 1.37 44.46
CA ILE B 656 -23.82 0.10 43.88
C ILE B 656 -22.82 -1.01 44.23
N ASN B 657 -21.55 -0.66 44.41
CA ASN B 657 -20.58 -1.63 44.90
C ASN B 657 -20.91 -2.06 46.33
N ALA B 658 -21.29 -1.10 47.18
CA ALA B 658 -21.72 -1.45 48.54
C ALA B 658 -22.96 -2.33 48.53
N LYS B 659 -23.86 -2.11 47.57
CA LYS B 659 -25.08 -2.91 47.50
C LYS B 659 -24.82 -4.32 46.95
N ILE B 660 -23.86 -4.48 46.04
CA ILE B 660 -23.46 -5.82 45.61
C ILE B 660 -22.46 -6.46 46.56
N ALA B 661 -22.00 -5.74 47.57
CA ALA B 661 -21.34 -6.42 48.67
C ALA B 661 -22.30 -7.36 49.40
N GLN B 662 -23.60 -7.20 49.18
CA GLN B 662 -24.63 -7.96 49.87
C GLN B 662 -25.36 -8.93 48.95
N ILE B 663 -24.64 -9.56 48.02
CA ILE B 663 -25.15 -10.72 47.30
C ILE B 663 -24.30 -11.91 47.72
N GLN B 664 -24.96 -13.03 48.01
CA GLN B 664 -24.27 -14.17 48.62
C GLN B 664 -23.90 -15.26 47.63
N GLN B 665 -24.49 -15.25 46.43
CA GLN B 665 -24.31 -16.34 45.49
C GLN B 665 -22.96 -16.31 44.78
N GLY B 666 -22.28 -15.17 44.74
CA GLY B 666 -21.01 -15.12 44.04
C GLY B 666 -20.31 -13.80 44.27
N PHE B 667 -19.10 -13.72 43.72
CA PHE B 667 -18.27 -12.51 43.80
C PHE B 667 -18.79 -11.53 42.76
N GLY B 668 -19.53 -10.54 43.23
CA GLY B 668 -19.98 -9.45 42.38
C GLY B 668 -19.03 -8.27 42.48
N PHE B 669 -18.98 -7.48 41.42
CA PHE B 669 -18.13 -6.29 41.43
C PHE B 669 -18.67 -5.27 40.44
N SER B 670 -18.27 -4.02 40.65
CA SER B 670 -18.65 -2.93 39.75
C SER B 670 -17.61 -1.82 39.86
N ILE B 671 -17.12 -1.35 38.72
CA ILE B 671 -16.06 -0.35 38.68
C ILE B 671 -16.27 0.49 37.41
N LEU B 672 -15.51 1.58 37.31
CA LEU B 672 -15.55 2.60 36.28
C LEU B 672 -14.84 2.13 35.00
N PRO B 673 -15.27 2.63 33.85
CA PRO B 673 -14.79 2.10 32.56
C PRO B 673 -13.45 2.71 32.18
N PRO B 674 -12.85 2.30 31.06
CA PRO B 674 -11.54 2.83 30.67
C PRO B 674 -11.68 4.15 29.93
N PRO B 675 -10.62 4.96 29.92
CA PRO B 675 -10.67 6.20 29.12
C PRO B 675 -10.86 5.92 27.64
N ILE B 676 -10.28 4.85 27.11
CA ILE B 676 -10.35 4.53 25.69
C ILE B 676 -10.87 3.11 25.52
N LEU B 677 -11.31 2.81 24.29
CA LEU B 677 -11.73 1.45 23.94
C LEU B 677 -10.57 0.75 23.25
N GLY B 678 -10.03 -0.28 23.89
CA GLY B 678 -9.06 -1.13 23.20
C GLY B 678 -7.71 -1.37 23.86
N LEU B 679 -7.40 -0.66 24.95
CA LEU B 679 -6.11 -0.85 25.62
C LEU B 679 -6.21 -1.60 26.93
N GLY B 680 -7.12 -1.22 27.82
CA GLY B 680 -7.23 -1.92 29.09
C GLY B 680 -7.79 -1.09 30.21
N GLN B 681 -7.16 -1.11 31.39
CA GLN B 681 -7.53 -0.25 32.49
C GLN B 681 -6.94 1.14 32.26
N GLY B 682 -6.93 1.97 33.29
CA GLY B 682 -6.32 3.28 33.16
C GLY B 682 -4.84 3.15 33.41
N SER B 683 -4.32 3.85 34.41
CA SER B 683 -2.98 3.51 34.88
C SER B 683 -3.00 2.12 35.50
N GLY B 684 -1.89 1.41 35.39
CA GLY B 684 -1.84 0.07 35.95
C GLY B 684 -1.02 -0.93 35.17
N TYR B 685 -1.45 -2.20 35.21
CA TYR B 685 -0.65 -3.28 34.68
C TYR B 685 -1.54 -4.38 34.14
N SER B 686 -1.12 -4.95 33.01
CA SER B 686 -1.64 -6.19 32.46
C SER B 686 -0.46 -7.13 32.26
N LEU B 687 -0.61 -8.37 32.72
CA LEU B 687 0.49 -9.31 32.84
C LEU B 687 0.00 -10.69 32.45
N TYR B 688 0.91 -11.53 31.97
CA TYR B 688 0.56 -12.92 31.66
C TYR B 688 1.65 -13.83 32.20
N ILE B 689 1.25 -14.81 33.00
CA ILE B 689 2.17 -15.85 33.47
C ILE B 689 2.03 -17.05 32.54
N GLN B 690 3.15 -17.54 32.02
CA GLN B 690 3.11 -18.68 31.11
C GLN B 690 4.06 -19.79 31.56
N ASP B 691 3.65 -21.01 31.26
CA ASP B 691 4.33 -22.25 31.64
C ASP B 691 4.99 -22.84 30.40
N ARG B 692 6.32 -22.87 30.39
CA ARG B 692 7.08 -23.37 29.25
C ARG B 692 7.61 -24.79 29.45
N GLY B 693 7.32 -25.42 30.58
CA GLY B 693 7.88 -26.73 30.86
C GLY B 693 6.86 -27.83 30.99
N GLY B 694 5.59 -27.48 31.16
CA GLY B 694 4.53 -28.43 31.35
C GLY B 694 4.14 -28.66 32.79
N LEU B 695 4.19 -27.64 33.64
CA LEU B 695 3.94 -27.79 35.06
C LEU B 695 2.47 -28.11 35.38
N GLY B 696 1.57 -27.92 34.43
CA GLY B 696 0.18 -28.24 34.62
C GLY B 696 -0.66 -27.07 35.11
N TYR B 697 -1.97 -27.26 35.07
CA TYR B 697 -2.90 -26.18 35.35
C TYR B 697 -2.99 -25.87 36.84
N GLY B 698 -2.87 -26.88 37.70
CA GLY B 698 -2.87 -26.63 39.13
C GLY B 698 -1.70 -25.76 39.56
N ALA B 699 -0.52 -26.03 39.00
CA ALA B 699 0.64 -25.20 39.31
C ALA B 699 0.41 -23.76 38.87
N LEU B 700 -0.19 -23.55 37.70
CA LEU B 700 -0.49 -22.21 37.23
C LEU B 700 -1.46 -21.50 38.17
N GLN B 701 -2.51 -22.21 38.62
CA GLN B 701 -3.47 -21.60 39.54
C GLN B 701 -2.82 -21.25 40.87
N SER B 702 -1.96 -22.11 41.39
CA SER B 702 -1.24 -21.79 42.61
C SER B 702 -0.34 -20.57 42.41
N ALA B 703 0.30 -20.48 41.24
CA ALA B 703 1.15 -19.34 40.94
C ALA B 703 0.34 -18.05 40.93
N VAL B 704 -0.82 -18.07 40.27
CA VAL B 704 -1.62 -16.86 40.21
C VAL B 704 -2.18 -16.48 41.58
N ASN B 705 -2.52 -17.48 42.41
CA ASN B 705 -3.02 -17.19 43.74
C ASN B 705 -1.94 -16.54 44.59
N ALA B 706 -0.75 -17.16 44.63
CA ALA B 706 0.35 -16.60 45.40
C ALA B 706 0.70 -15.20 44.93
N MET B 707 0.74 -14.99 43.61
CA MET B 707 1.00 -13.66 43.07
C MET B 707 -0.05 -12.67 43.56
N SER B 708 -1.33 -12.94 43.28
CA SER B 708 -2.39 -12.00 43.66
C SER B 708 -2.33 -11.66 45.13
N GLY B 709 -1.99 -12.64 45.98
CA GLY B 709 -1.74 -12.33 47.38
C GLY B 709 -0.60 -11.34 47.55
N ALA B 710 0.50 -11.55 46.83
CA ALA B 710 1.64 -10.65 46.94
C ALA B 710 1.30 -9.23 46.48
N ILE B 711 0.58 -9.12 45.37
CA ILE B 711 0.18 -7.80 44.88
C ILE B 711 -0.74 -7.12 45.89
N MET B 712 -1.66 -7.88 46.49
CA MET B 712 -2.52 -7.31 47.50
C MET B 712 -1.70 -6.77 48.66
N GLN B 713 -0.81 -7.59 49.22
CA GLN B 713 -0.08 -7.12 50.39
C GLN B 713 0.93 -6.03 50.06
N THR B 714 1.22 -5.79 48.79
CA THR B 714 1.92 -4.56 48.41
C THR B 714 0.97 -3.39 48.61
N PRO B 715 1.38 -2.35 49.35
CA PRO B 715 0.40 -1.39 49.88
C PRO B 715 -0.47 -0.71 48.83
N GLY B 716 0.08 -0.40 47.67
CA GLY B 716 -0.64 0.41 46.71
C GLY B 716 -1.69 -0.31 45.87
N MET B 717 -1.28 -1.28 45.08
CA MET B 717 -2.21 -1.98 44.21
C MET B 717 -3.08 -2.95 45.01
N HIS B 718 -4.35 -3.04 44.62
CA HIS B 718 -5.32 -3.90 45.29
C HIS B 718 -5.19 -5.32 44.75
N PHE B 719 -6.16 -6.15 45.07
CA PHE B 719 -6.20 -7.53 44.58
C PHE B 719 -6.37 -7.54 43.06
N PRO B 720 -5.46 -8.15 42.31
CA PRO B 720 -5.62 -8.21 40.85
C PRO B 720 -6.72 -9.19 40.46
N ILE B 721 -7.21 -9.03 39.23
CA ILE B 721 -8.32 -9.82 38.71
C ILE B 721 -7.84 -10.62 37.51
N SER B 722 -8.42 -11.81 37.35
CA SER B 722 -8.08 -12.73 36.28
C SER B 722 -9.34 -13.44 35.81
N THR B 723 -9.24 -14.05 34.62
CA THR B 723 -10.27 -14.95 34.13
C THR B 723 -9.89 -16.42 34.31
N TYR B 724 -8.65 -16.69 34.71
CA TYR B 724 -8.19 -18.06 34.88
C TYR B 724 -8.79 -18.67 36.13
N GLN B 725 -9.40 -19.86 35.99
CA GLN B 725 -9.95 -20.57 37.13
C GLN B 725 -9.75 -22.07 36.86
N ALA B 726 -8.69 -22.63 37.45
CA ALA B 726 -8.35 -24.03 37.20
C ALA B 726 -9.20 -24.99 38.01
N ASN B 727 -10.06 -24.49 38.90
CA ASN B 727 -10.86 -25.35 39.76
C ASN B 727 -12.26 -25.58 39.21
N VAL B 728 -12.43 -25.51 37.89
CA VAL B 728 -13.71 -25.84 37.28
C VAL B 728 -13.82 -27.36 37.26
N PRO B 729 -14.83 -27.95 37.88
CA PRO B 729 -14.98 -29.41 37.84
C PRO B 729 -15.40 -29.88 36.46
N GLN B 730 -15.08 -31.13 36.17
CA GLN B 730 -15.48 -31.79 34.93
C GLN B 730 -15.35 -33.29 35.10
N LEU B 731 -15.86 -34.02 34.11
CA LEU B 731 -15.89 -35.47 34.14
C LEU B 731 -15.03 -36.02 33.02
N ASP B 732 -14.19 -36.99 33.35
CA ASP B 732 -13.29 -37.66 32.42
C ASP B 732 -13.86 -39.04 32.12
N VAL B 733 -14.10 -39.33 30.84
CA VAL B 733 -14.59 -40.63 30.42
C VAL B 733 -13.48 -41.42 29.74
N GLN B 734 -12.72 -42.19 30.51
CA GLN B 734 -11.74 -43.10 29.94
C GLN B 734 -12.46 -44.34 29.39
N VAL B 735 -11.82 -44.99 28.43
CA VAL B 735 -12.40 -46.13 27.73
C VAL B 735 -11.52 -47.34 27.96
N ASP B 736 -12.14 -48.50 28.20
CA ASP B 736 -11.43 -49.76 28.24
C ASP B 736 -11.49 -50.35 26.83
N ARG B 737 -10.41 -50.17 26.07
CA ARG B 737 -10.39 -50.71 24.71
C ARG B 737 -10.27 -52.22 24.72
N ASP B 738 -9.61 -52.78 25.72
CA ASP B 738 -9.56 -54.24 25.84
C ASP B 738 -10.96 -54.79 26.06
N LYS B 739 -11.70 -54.24 27.02
CA LYS B 739 -13.08 -54.66 27.22
C LYS B 739 -13.94 -54.32 26.01
N ALA B 740 -13.57 -53.27 25.27
CA ALA B 740 -14.31 -52.92 24.07
C ALA B 740 -14.20 -54.02 23.04
N LYS B 741 -12.97 -54.50 22.78
CA LYS B 741 -12.78 -55.58 21.82
C LYS B 741 -13.38 -56.88 22.35
N ALA B 742 -13.33 -57.09 23.66
CA ALA B 742 -13.94 -58.27 24.25
C ALA B 742 -15.45 -58.29 24.02
N GLN B 743 -16.11 -57.15 24.19
CA GLN B 743 -17.54 -57.06 23.99
C GLN B 743 -17.94 -56.94 22.52
N GLY B 744 -16.98 -56.69 21.63
CA GLY B 744 -17.27 -56.61 20.22
C GLY B 744 -17.84 -55.30 19.74
N VAL B 745 -17.67 -54.21 20.49
CA VAL B 745 -18.15 -52.89 20.09
C VAL B 745 -16.96 -52.08 19.57
N SER B 746 -17.14 -51.44 18.42
CA SER B 746 -16.07 -50.66 17.81
C SER B 746 -15.79 -49.39 18.63
N LEU B 747 -14.52 -49.01 18.66
CA LEU B 747 -14.12 -47.79 19.36
C LEU B 747 -14.71 -46.55 18.71
N THR B 748 -14.80 -46.52 17.38
CA THR B 748 -15.37 -45.36 16.72
C THR B 748 -16.87 -45.23 16.98
N GLU B 749 -17.59 -46.35 17.09
CA GLU B 749 -19.02 -46.25 17.42
C GLU B 749 -19.22 -45.74 18.84
N LEU B 750 -18.33 -46.12 19.77
CA LEU B 750 -18.40 -45.60 21.12
C LEU B 750 -18.16 -44.09 21.13
N PHE B 751 -17.08 -43.66 20.49
CA PHE B 751 -16.80 -42.22 20.42
C PHE B 751 -17.90 -41.48 19.66
N GLY B 752 -18.50 -42.13 18.66
CA GLY B 752 -19.57 -41.49 17.92
C GLY B 752 -20.82 -41.27 18.75
N THR B 753 -21.20 -42.27 19.55
CA THR B 753 -22.33 -42.10 20.45
C THR B 753 -22.05 -41.00 21.46
N LEU B 754 -20.86 -41.01 22.06
CA LEU B 754 -20.48 -39.91 22.96
C LEU B 754 -20.65 -38.57 22.26
N GLN B 755 -20.08 -38.43 21.06
CA GLN B 755 -20.07 -37.21 20.28
C GLN B 755 -21.48 -36.71 19.98
N THR B 756 -22.24 -37.50 19.22
CA THR B 756 -23.56 -37.06 18.78
C THR B 756 -24.48 -36.80 19.96
N TYR B 757 -24.54 -37.72 20.93
CA TYR B 757 -25.51 -37.60 22.02
C TYR B 757 -25.15 -36.46 22.96
N LEU B 758 -23.89 -36.38 23.40
CA LEU B 758 -23.53 -35.46 24.48
C LEU B 758 -22.97 -34.14 23.99
N GLY B 759 -22.23 -34.13 22.89
CA GLY B 759 -21.60 -32.95 22.36
C GLY B 759 -22.28 -32.32 21.17
N SER B 760 -23.37 -32.91 20.68
CA SER B 760 -24.07 -32.46 19.48
C SER B 760 -23.22 -32.69 18.23
N SER B 761 -23.87 -32.94 17.11
CA SER B 761 -23.20 -33.17 15.85
C SER B 761 -23.75 -32.22 14.80
N TYR B 762 -22.85 -31.61 14.02
CA TYR B 762 -23.24 -30.74 12.91
C TYR B 762 -23.61 -31.61 11.72
N VAL B 763 -24.86 -31.53 11.29
CA VAL B 763 -25.34 -32.42 10.24
C VAL B 763 -25.06 -31.80 8.87
N ASN B 764 -25.71 -30.68 8.59
CA ASN B 764 -25.57 -29.96 7.32
C ASN B 764 -26.32 -28.64 7.47
N ASP B 765 -26.52 -27.93 6.36
CA ASP B 765 -27.26 -26.68 6.34
C ASP B 765 -28.68 -26.89 5.80
N PHE B 766 -29.55 -25.93 6.10
CA PHE B 766 -30.83 -25.83 5.43
C PHE B 766 -31.15 -24.36 5.17
N ASN B 767 -31.98 -24.11 4.15
CA ASN B 767 -32.38 -22.77 3.78
C ASN B 767 -33.75 -22.46 4.37
N GLN B 768 -33.84 -21.36 5.11
CA GLN B 768 -35.15 -20.84 5.51
C GLN B 768 -35.03 -19.34 5.76
N PHE B 769 -36.16 -18.64 5.56
CA PHE B 769 -36.25 -17.18 5.65
C PHE B 769 -35.33 -16.49 4.64
N GLY B 770 -34.94 -17.18 3.58
CA GLY B 770 -33.97 -16.64 2.66
C GLY B 770 -32.54 -16.68 3.13
N ARG B 771 -32.27 -17.35 4.25
CA ARG B 771 -30.92 -17.51 4.79
C ARG B 771 -30.59 -18.98 4.94
N THR B 772 -29.38 -19.24 5.41
CA THR B 772 -28.87 -20.59 5.59
C THR B 772 -28.56 -20.77 7.07
N TRP B 773 -28.99 -21.89 7.63
CA TRP B 773 -28.81 -22.16 9.05
C TRP B 773 -28.33 -23.59 9.25
N ARG B 774 -27.70 -23.80 10.39
CA ARG B 774 -27.17 -25.11 10.76
C ARG B 774 -28.30 -26.06 11.18
N VAL B 775 -28.07 -27.34 10.95
CA VAL B 775 -28.87 -28.41 11.55
C VAL B 775 -27.99 -29.12 12.56
N MET B 776 -28.48 -29.23 13.80
CA MET B 776 -27.73 -29.81 14.89
C MET B 776 -28.48 -31.02 15.43
N ALA B 777 -27.78 -32.14 15.62
CA ALA B 777 -28.35 -33.33 16.26
C ALA B 777 -27.64 -33.56 17.59
N GLN B 778 -28.42 -33.75 18.64
CA GLN B 778 -27.90 -33.97 19.99
C GLN B 778 -28.96 -34.73 20.78
N ALA B 779 -28.53 -35.39 21.85
CA ALA B 779 -29.50 -35.92 22.78
C ALA B 779 -30.26 -34.76 23.39
N ASP B 780 -31.55 -34.98 23.64
CA ASP B 780 -32.34 -33.97 24.32
C ASP B 780 -31.75 -33.71 25.71
N GLY B 781 -32.05 -32.53 26.25
CA GLY B 781 -31.51 -32.10 27.51
C GLY B 781 -31.57 -33.12 28.64
N PRO B 782 -32.78 -33.63 28.95
CA PRO B 782 -32.89 -34.57 30.07
C PRO B 782 -32.59 -36.02 29.69
N TYR B 783 -31.55 -36.23 28.90
CA TYR B 783 -30.96 -37.55 28.73
C TYR B 783 -29.45 -37.47 28.81
N ARG B 784 -28.91 -36.31 29.16
CA ARG B 784 -27.48 -36.08 29.31
C ARG B 784 -27.26 -35.21 30.55
N GLU B 785 -27.94 -35.56 31.64
CA GLU B 785 -27.84 -34.81 32.87
C GLU B 785 -27.07 -35.53 33.98
N SER B 786 -26.87 -36.83 33.86
CA SER B 786 -26.24 -37.61 34.92
C SER B 786 -25.23 -38.57 34.32
N VAL B 787 -24.34 -39.08 35.18
CA VAL B 787 -23.36 -40.06 34.72
C VAL B 787 -24.07 -41.34 34.30
N GLU B 788 -25.23 -41.63 34.89
CA GLU B 788 -26.03 -42.75 34.44
C GLU B 788 -26.54 -42.54 33.02
N ASP B 789 -26.80 -41.28 32.67
CA ASP B 789 -27.17 -40.96 31.29
C ASP B 789 -26.02 -41.28 30.34
N ILE B 790 -24.79 -40.96 30.74
CA ILE B 790 -23.63 -41.32 29.94
C ILE B 790 -23.53 -42.83 29.81
N ALA B 791 -23.77 -43.56 30.91
CA ALA B 791 -23.69 -45.01 30.87
C ALA B 791 -24.82 -45.65 30.06
N ASN B 792 -25.92 -44.92 29.85
CA ASN B 792 -27.16 -45.50 29.34
C ASN B 792 -27.32 -45.43 27.83
N LEU B 793 -26.67 -44.47 27.15
CA LEU B 793 -26.70 -44.47 25.69
C LEU B 793 -26.10 -45.77 25.17
N ARG B 794 -26.62 -46.25 24.04
CA ARG B 794 -26.27 -47.59 23.58
C ARG B 794 -25.71 -47.56 22.16
N THR B 795 -24.67 -48.36 21.93
CA THR B 795 -24.14 -48.56 20.59
C THR B 795 -24.15 -50.05 20.28
N ARG B 796 -23.90 -50.39 19.01
CA ARG B 796 -24.08 -51.75 18.54
C ARG B 796 -22.74 -52.50 18.48
N ASN B 797 -22.78 -53.79 18.80
CA ASN B 797 -21.60 -54.65 18.75
C ASN B 797 -21.60 -55.50 17.48
N ASN B 798 -20.55 -56.31 17.33
CA ASN B 798 -20.39 -57.13 16.13
C ASN B 798 -21.47 -58.21 16.03
N GLN B 799 -22.16 -58.52 17.12
CA GLN B 799 -23.27 -59.45 17.08
C GLN B 799 -24.58 -58.77 16.70
N GLY B 800 -24.55 -57.46 16.49
CA GLY B 800 -25.72 -56.75 16.03
C GLY B 800 -26.72 -56.35 17.09
N GLU B 801 -26.42 -56.56 18.36
CA GLU B 801 -27.34 -56.17 19.42
C GLU B 801 -26.97 -54.78 19.93
N MET B 802 -27.92 -54.15 20.61
CA MET B 802 -27.75 -52.81 21.15
C MET B 802 -27.31 -52.92 22.60
N VAL B 803 -26.14 -52.37 22.92
CA VAL B 803 -25.52 -52.56 24.22
C VAL B 803 -25.24 -51.20 24.86
N PRO B 804 -25.53 -51.03 26.16
CA PRO B 804 -25.11 -49.81 26.86
C PRO B 804 -23.60 -49.70 26.88
N ILE B 805 -23.11 -48.46 26.88
CA ILE B 805 -21.66 -48.23 26.84
C ILE B 805 -21.05 -48.09 28.22
N GLY B 806 -21.87 -48.04 29.28
CA GLY B 806 -21.33 -47.82 30.61
C GLY B 806 -20.39 -48.92 31.06
N SER B 807 -20.56 -50.13 30.52
CA SER B 807 -19.71 -51.25 30.89
C SER B 807 -18.27 -51.04 30.44
N MET B 808 -18.03 -50.21 29.42
CA MET B 808 -16.72 -50.07 28.82
C MET B 808 -16.07 -48.72 29.12
N VAL B 809 -16.72 -47.86 29.87
CA VAL B 809 -16.20 -46.52 30.15
C VAL B 809 -16.09 -46.34 31.66
N ASN B 810 -15.15 -45.49 32.06
CA ASN B 810 -14.85 -45.25 33.47
C ASN B 810 -14.89 -43.73 33.69
N ILE B 811 -16.06 -43.22 34.05
CA ILE B 811 -16.25 -41.79 34.27
C ILE B 811 -15.76 -41.42 35.66
N SER B 812 -14.82 -40.50 35.74
CA SER B 812 -14.28 -39.98 36.98
C SER B 812 -14.39 -38.46 36.97
N THR B 813 -14.00 -37.83 38.07
CA THR B 813 -14.09 -36.38 38.22
C THR B 813 -12.69 -35.76 38.31
N THR B 814 -12.53 -34.60 37.68
CA THR B 814 -11.25 -33.90 37.65
C THR B 814 -11.50 -32.40 37.61
N TYR B 815 -10.47 -31.62 37.92
CA TYR B 815 -10.61 -30.18 38.02
C TYR B 815 -9.65 -29.51 37.04
N GLY B 816 -10.19 -28.67 36.17
CA GLY B 816 -9.40 -27.98 35.17
C GLY B 816 -9.94 -26.59 34.89
N PRO B 817 -9.27 -25.86 34.00
CA PRO B 817 -9.68 -24.49 33.70
C PRO B 817 -10.73 -24.41 32.60
N ASP B 818 -11.48 -23.32 32.64
CA ASP B 818 -12.45 -22.97 31.61
C ASP B 818 -12.67 -21.46 31.68
N PRO B 819 -12.20 -20.69 30.68
CA PRO B 819 -11.51 -21.07 29.45
C PRO B 819 -10.04 -21.50 29.62
N VAL B 820 -9.51 -22.23 28.65
CA VAL B 820 -8.07 -22.46 28.58
C VAL B 820 -7.44 -21.28 27.85
N ILE B 821 -6.39 -20.72 28.44
CA ILE B 821 -5.75 -19.50 27.97
C ILE B 821 -4.34 -19.85 27.49
N ARG B 822 -3.96 -19.33 26.33
CA ARG B 822 -2.59 -19.42 25.86
C ARG B 822 -2.09 -18.03 25.51
N TYR B 823 -0.82 -17.75 25.82
CA TYR B 823 -0.18 -16.50 25.45
C TYR B 823 1.16 -16.81 24.79
N ASN B 824 1.34 -16.31 23.58
CA ASN B 824 2.58 -16.53 22.81
C ASN B 824 2.90 -18.00 22.67
N GLY B 825 1.86 -18.82 22.48
CA GLY B 825 2.03 -20.23 22.19
C GLY B 825 2.22 -21.13 23.38
N TYR B 826 2.24 -20.59 24.60
CA TYR B 826 2.39 -21.41 25.80
C TYR B 826 1.17 -21.24 26.70
N PRO B 827 0.84 -22.25 27.51
CA PRO B 827 -0.26 -22.09 28.49
C PRO B 827 0.01 -20.93 29.43
N ALA B 828 -1.04 -20.19 29.75
CA ALA B 828 -0.84 -18.91 30.42
C ALA B 828 -2.10 -18.51 31.17
N ALA B 829 -1.95 -17.49 32.01
CA ALA B 829 -3.01 -16.90 32.80
C ALA B 829 -2.81 -15.40 32.89
N ASP B 830 -3.89 -14.65 32.71
CA ASP B 830 -3.87 -13.20 32.67
C ASP B 830 -3.98 -12.61 34.07
N LEU B 831 -3.51 -11.37 34.22
CA LEU B 831 -3.50 -10.70 35.52
C LEU B 831 -3.47 -9.20 35.26
N ILE B 832 -4.62 -8.55 35.38
CA ILE B 832 -4.72 -7.10 35.18
C ILE B 832 -5.16 -6.48 36.49
N GLY B 833 -4.52 -5.37 36.87
CA GLY B 833 -4.74 -4.80 38.19
C GLY B 833 -4.90 -3.29 38.14
N ASP B 834 -5.49 -2.78 39.22
CA ASP B 834 -5.64 -1.35 39.43
C ASP B 834 -4.31 -0.74 39.89
N ALA B 835 -4.19 0.57 39.71
CA ALA B 835 -2.96 1.29 39.98
C ALA B 835 -3.09 2.15 41.23
N ASP B 836 -2.06 2.95 41.48
CA ASP B 836 -2.00 3.89 42.58
C ASP B 836 -1.10 5.06 42.19
N PRO B 837 -1.49 5.88 41.19
CA PRO B 837 -0.59 6.95 40.71
C PRO B 837 -0.18 7.91 41.81
N ARG B 838 -0.90 7.86 42.93
CA ARG B 838 -0.54 8.59 44.13
C ARG B 838 0.40 7.82 45.06
N VAL B 839 0.73 6.58 44.71
CA VAL B 839 1.65 5.79 45.53
C VAL B 839 2.82 5.27 44.70
N LEU B 840 2.52 4.47 43.67
CA LEU B 840 3.54 3.74 42.91
C LEU B 840 3.20 3.83 41.43
N SER B 841 3.93 4.65 40.69
CA SER B 841 3.67 4.78 39.25
C SER B 841 3.89 3.45 38.55
N SER B 842 3.23 3.31 37.39
CA SER B 842 3.24 2.03 36.68
C SER B 842 4.66 1.64 36.24
N SER B 843 5.52 2.62 35.98
CA SER B 843 6.84 2.33 35.45
C SER B 843 7.67 1.50 36.43
N GLN B 844 7.66 1.88 37.70
CA GLN B 844 8.41 1.13 38.71
C GLN B 844 7.58 0.07 39.41
N ALA B 845 6.25 0.21 39.41
CA ALA B 845 5.42 -0.93 39.81
C ALA B 845 5.65 -2.11 38.87
N MET B 846 6.01 -1.83 37.61
CA MET B 846 6.33 -2.88 36.66
C MET B 846 7.54 -3.69 37.11
N THR B 847 8.65 -3.00 37.43
CA THR B 847 9.82 -3.71 37.91
C THR B 847 9.62 -4.27 39.32
N HIS B 848 8.78 -3.62 40.13
CA HIS B 848 8.37 -4.25 41.38
C HIS B 848 7.80 -5.64 41.09
N LEU B 849 6.72 -5.69 40.32
CA LEU B 849 6.08 -6.95 40.00
C LEU B 849 7.01 -7.90 39.26
N GLU B 850 8.04 -7.40 38.57
CA GLU B 850 9.07 -8.28 38.02
C GLU B 850 9.89 -8.93 39.13
N GLU B 851 10.22 -8.15 40.17
CA GLU B 851 10.87 -8.74 41.35
C GLU B 851 9.98 -9.79 42.00
N LEU B 852 8.67 -9.51 42.12
CA LEU B 852 7.77 -10.55 42.63
C LEU B 852 7.72 -11.77 41.72
N SER B 853 7.76 -11.56 40.40
CA SER B 853 7.71 -12.70 39.48
C SER B 853 8.95 -13.58 39.64
N LYS B 854 10.13 -12.97 39.83
CA LYS B 854 11.31 -13.75 40.18
C LYS B 854 11.13 -14.43 41.53
N GLN B 855 10.47 -13.75 42.47
CA GLN B 855 10.21 -14.29 43.80
C GLN B 855 9.35 -15.54 43.76
N ILE B 856 8.11 -15.39 43.32
CA ILE B 856 7.19 -16.53 43.17
C ILE B 856 7.38 -17.05 41.75
N LEU B 857 8.30 -18.02 41.61
CA LEU B 857 8.71 -18.48 40.29
C LEU B 857 9.16 -19.92 40.32
N PRO B 858 8.55 -20.79 39.53
CA PRO B 858 9.20 -22.06 39.18
C PRO B 858 10.00 -21.91 37.90
N ASN B 859 11.12 -22.64 37.84
CA ASN B 859 11.89 -22.67 36.61
C ASN B 859 11.07 -23.32 35.51
N GLY B 860 11.13 -22.75 34.31
CA GLY B 860 10.25 -23.14 33.22
C GLY B 860 8.93 -22.40 33.18
N MET B 861 8.72 -21.43 34.06
CA MET B 861 7.55 -20.57 34.05
C MET B 861 7.99 -19.13 34.23
N ASN B 862 7.41 -18.22 33.45
CA ASN B 862 7.86 -16.84 33.44
C ASN B 862 6.66 -15.91 33.24
N ILE B 863 6.95 -14.63 33.10
CA ILE B 863 5.94 -13.60 32.92
C ILE B 863 6.26 -12.80 31.67
N GLU B 864 5.21 -12.25 31.06
CA GLU B 864 5.38 -11.37 29.91
C GLU B 864 4.27 -10.31 29.91
N TRP B 865 4.62 -9.12 29.47
CA TRP B 865 3.73 -7.97 29.54
C TRP B 865 2.82 -7.90 28.32
N THR B 866 1.72 -7.19 28.48
CA THR B 866 0.73 -7.04 27.43
C THR B 866 -0.01 -5.72 27.63
N ASP B 867 -0.68 -5.28 26.57
CA ASP B 867 -1.41 -4.00 26.54
C ASP B 867 -0.38 -2.88 26.77
N LEU B 868 -0.79 -1.80 27.45
CA LEU B 868 0.09 -0.67 27.68
C LEU B 868 1.43 -1.12 28.28
N SER B 869 1.38 -2.10 29.19
CA SER B 869 2.59 -2.57 29.85
C SER B 869 3.65 -2.97 28.84
N PHE B 870 3.25 -3.76 27.83
CA PHE B 870 4.20 -4.18 26.81
C PHE B 870 4.89 -2.97 26.21
N GLN B 871 4.11 -1.96 25.83
CA GLN B 871 4.69 -0.71 25.36
C GLN B 871 5.74 -0.20 26.33
N GLN B 872 5.33 0.03 27.58
CA GLN B 872 6.26 0.56 28.57
C GLN B 872 7.43 -0.39 28.80
N ALA B 873 7.21 -1.70 28.60
CA ALA B 873 8.28 -2.65 28.80
C ALA B 873 9.27 -2.68 27.64
N THR B 874 8.86 -2.23 26.45
CA THR B 874 9.68 -2.44 25.26
C THR B 874 9.87 -1.18 24.43
N GLN B 875 9.42 -0.02 24.91
CA GLN B 875 9.49 1.19 24.10
C GLN B 875 10.94 1.66 23.98
N GLY B 876 11.33 2.02 22.75
CA GLY B 876 12.59 2.69 22.53
C GLY B 876 12.43 4.17 22.81
N ASN B 877 12.40 4.51 24.10
CA ASN B 877 12.01 5.85 24.55
C ASN B 877 12.74 6.94 23.78
N THR B 878 11.96 7.76 23.05
CA THR B 878 12.50 8.82 22.23
C THR B 878 12.30 10.20 22.83
N ALA B 879 11.53 10.35 23.92
CA ALA B 879 11.32 11.66 24.51
C ALA B 879 12.64 12.27 24.99
N LEU B 880 13.58 11.43 25.42
CA LEU B 880 14.87 11.88 25.91
C LEU B 880 15.76 12.45 24.82
N ILE B 881 15.34 12.37 23.56
CA ILE B 881 16.01 13.11 22.50
C ILE B 881 15.15 14.21 21.91
N VAL B 882 13.82 14.13 22.01
CA VAL B 882 12.98 15.21 21.52
C VAL B 882 13.10 16.43 22.42
N PHE B 883 13.17 16.23 23.74
CA PHE B 883 13.28 17.37 24.65
C PHE B 883 14.59 18.14 24.45
N PRO B 884 15.78 17.48 24.44
CA PRO B 884 17.00 18.24 24.17
C PRO B 884 16.92 18.99 22.85
N VAL B 885 16.74 18.29 21.72
CA VAL B 885 16.76 18.97 20.43
C VAL B 885 15.75 20.12 20.39
N ALA B 886 14.62 19.99 21.11
CA ALA B 886 13.66 21.09 21.17
C ALA B 886 14.28 22.32 21.84
N VAL B 887 14.89 22.14 23.02
CA VAL B 887 15.47 23.29 23.69
C VAL B 887 16.67 23.82 22.92
N LEU B 888 17.43 22.93 22.25
CA LEU B 888 18.54 23.38 21.41
C LEU B 888 18.04 24.27 20.28
N LEU B 889 16.98 23.84 19.59
CA LEU B 889 16.41 24.64 18.52
C LEU B 889 15.93 26.00 19.02
N ALA B 890 15.24 26.00 20.17
CA ALA B 890 14.76 27.25 20.75
C ALA B 890 15.91 28.19 21.04
N PHE B 891 16.94 27.69 21.74
CA PHE B 891 18.09 28.51 22.07
C PHE B 891 18.79 29.02 20.82
N LEU B 892 18.82 28.21 19.76
CA LEU B 892 19.53 28.57 18.55
C LEU B 892 18.82 29.70 17.79
N VAL B 893 17.50 29.58 17.62
CA VAL B 893 16.79 30.67 16.95
C VAL B 893 16.81 31.93 17.82
N LEU B 894 16.75 31.77 19.14
CA LEU B 894 16.90 32.93 20.02
C LEU B 894 18.25 33.60 19.82
N ALA B 895 19.32 32.80 19.69
CA ALA B 895 20.64 33.36 19.44
C ALA B 895 20.66 34.12 18.12
N ALA B 896 20.07 33.53 17.07
CA ALA B 896 20.00 34.21 15.79
C ALA B 896 19.35 35.57 15.93
N LEU B 897 18.22 35.63 16.64
CA LEU B 897 17.54 36.91 16.81
C LEU B 897 18.34 37.87 17.69
N TYR B 898 19.17 37.34 18.58
CA TYR B 898 19.83 38.16 19.60
C TYR B 898 21.31 38.41 19.34
N GLU B 899 21.87 37.82 18.29
CA GLU B 899 23.29 38.03 17.94
C GLU B 899 24.18 37.72 19.13
N SER B 900 23.80 36.72 19.92
CA SER B 900 24.52 36.40 21.13
C SER B 900 24.32 34.94 21.46
N TRP B 901 25.41 34.30 21.89
CA TRP B 901 25.36 32.94 22.42
C TRP B 901 25.09 32.94 23.92
N THR B 902 24.81 34.11 24.50
CA THR B 902 24.64 34.27 25.94
C THR B 902 23.33 34.91 26.35
N LEU B 903 22.69 35.69 25.48
CA LEU B 903 21.42 36.31 25.81
C LEU B 903 20.22 35.35 25.80
N PRO B 904 20.14 34.39 24.86
CA PRO B 904 18.95 33.50 24.85
C PRO B 904 18.69 32.80 26.18
N LEU B 905 19.75 32.41 26.88
CA LEU B 905 19.58 31.75 28.19
C LEU B 905 18.73 32.60 29.13
N ALA B 906 18.89 33.92 29.07
CA ALA B 906 18.13 34.82 29.93
C ALA B 906 16.62 34.64 29.79
N VAL B 907 16.17 33.89 28.78
CA VAL B 907 14.78 33.51 28.65
C VAL B 907 14.57 32.03 28.98
N ILE B 908 15.47 31.16 28.51
CA ILE B 908 15.28 29.73 28.71
C ILE B 908 15.32 29.35 30.19
N LEU B 909 15.98 30.15 31.03
CA LEU B 909 16.00 29.89 32.47
C LEU B 909 14.83 30.49 33.23
N ILE B 910 13.91 31.19 32.56
CA ILE B 910 12.79 31.78 33.29
C ILE B 910 11.55 30.89 33.29
N VAL B 911 11.54 29.82 32.51
CA VAL B 911 10.38 28.94 32.43
C VAL B 911 10.21 28.01 33.64
N PRO B 912 11.26 27.50 34.29
CA PRO B 912 11.00 26.55 35.40
C PRO B 912 10.18 27.14 36.54
N MET B 913 10.16 28.47 36.70
CA MET B 913 9.40 29.08 37.78
C MET B 913 7.90 28.95 37.54
N THR B 914 7.44 29.15 36.29
CA THR B 914 6.04 28.90 36.01
C THR B 914 5.74 27.39 36.01
N MET B 915 6.74 26.56 35.74
CA MET B 915 6.57 25.12 35.98
C MET B 915 6.20 24.86 37.43
N LEU B 916 7.00 25.39 38.36
CA LEU B 916 6.71 25.20 39.77
C LEU B 916 5.36 25.82 40.15
N SER B 917 5.03 26.96 39.56
CA SER B 917 3.77 27.62 39.87
C SER B 917 2.56 26.75 39.48
N ALA B 918 2.54 26.30 38.22
CA ALA B 918 1.45 25.45 37.78
C ALA B 918 1.41 24.14 38.56
N LEU B 919 2.59 23.53 38.77
CA LEU B 919 2.66 22.28 39.50
C LEU B 919 2.15 22.44 40.93
N PHE B 920 2.45 23.58 41.56
CA PHE B 920 1.92 23.85 42.89
C PHE B 920 0.42 23.98 42.88
N GLY B 921 -0.13 24.63 41.84
CA GLY B 921 -1.57 24.66 41.68
C GLY B 921 -2.18 23.28 41.71
N VAL B 922 -1.68 22.38 40.85
CA VAL B 922 -2.23 21.02 40.85
C VAL B 922 -1.97 20.32 42.17
N TRP B 923 -0.76 20.50 42.72
CA TRP B 923 -0.34 19.76 43.90
C TRP B 923 -1.24 20.06 45.09
N LEU B 924 -1.53 21.34 45.33
CA LEU B 924 -2.43 21.67 46.43
C LEU B 924 -3.87 21.32 46.09
N THR B 925 -4.30 21.57 44.86
CA THR B 925 -5.68 21.26 44.49
C THR B 925 -5.93 19.79 44.25
N GLY B 926 -4.91 18.95 44.35
CA GLY B 926 -5.07 17.51 44.21
C GLY B 926 -5.46 17.04 42.82
N GLY B 927 -4.76 17.52 41.80
CA GLY B 927 -4.98 17.08 40.44
C GLY B 927 -4.12 15.89 40.06
N ASP B 928 -3.51 15.96 38.87
CA ASP B 928 -2.65 14.87 38.40
C ASP B 928 -1.79 15.39 37.25
N ASN B 929 -0.61 14.81 37.10
CA ASN B 929 0.27 15.11 35.97
C ASN B 929 -0.24 14.33 34.76
N ASN B 930 -1.32 14.84 34.18
CA ASN B 930 -2.07 14.12 33.17
C ASN B 930 -1.86 14.78 31.82
N VAL B 931 -2.10 14.01 30.74
CA VAL B 931 -1.59 14.42 29.43
C VAL B 931 -2.12 15.80 29.05
N PHE B 932 -3.40 16.07 29.34
CA PHE B 932 -3.93 17.43 29.18
C PHE B 932 -3.15 18.41 30.04
N VAL B 933 -2.79 18.00 31.26
CA VAL B 933 -2.08 18.90 32.17
C VAL B 933 -0.71 19.24 31.62
N GLN B 934 0.07 18.24 31.16
CA GLN B 934 1.40 18.57 30.65
C GLN B 934 1.34 19.36 29.36
N VAL B 935 0.35 19.08 28.50
CA VAL B 935 0.17 19.92 27.32
C VAL B 935 -0.05 21.37 27.73
N GLY B 936 -0.91 21.57 28.74
CA GLY B 936 -1.10 22.90 29.28
C GLY B 936 0.17 23.51 29.81
N LEU B 937 0.97 22.72 30.54
CA LEU B 937 2.20 23.26 31.11
C LEU B 937 3.14 23.76 30.03
N VAL B 938 3.42 22.92 29.02
CA VAL B 938 4.38 23.31 28.00
C VAL B 938 3.85 24.50 27.20
N VAL B 939 2.53 24.55 26.98
CA VAL B 939 1.95 25.72 26.32
C VAL B 939 2.18 26.98 27.16
N LEU B 940 2.03 26.86 28.48
CA LEU B 940 2.23 28.01 29.35
C LEU B 940 3.69 28.47 29.35
N MET B 941 4.65 27.55 29.33
CA MET B 941 6.05 27.99 29.24
C MET B 941 6.33 28.61 27.89
N GLY B 942 5.71 28.09 26.83
CA GLY B 942 5.81 28.75 25.54
C GLY B 942 5.32 30.18 25.60
N LEU B 943 4.18 30.41 26.26
CA LEU B 943 3.66 31.77 26.42
C LEU B 943 4.61 32.64 27.24
N ALA B 944 5.14 32.09 28.32
CA ALA B 944 6.05 32.83 29.19
C ALA B 944 7.29 33.29 28.41
N CYS B 945 7.95 32.36 27.73
CA CYS B 945 9.09 32.75 26.92
C CYS B 945 8.66 33.66 25.77
N LYS B 946 7.43 33.50 25.27
CA LYS B 946 6.96 34.27 24.13
C LYS B 946 6.78 35.74 24.46
N ASN B 947 6.39 36.06 25.69
CA ASN B 947 6.44 37.48 26.06
C ASN B 947 7.82 37.89 26.56
N ALA B 948 8.56 36.96 27.18
CA ALA B 948 9.87 37.28 27.72
C ALA B 948 10.82 37.76 26.63
N ILE B 949 10.99 36.96 25.56
CA ILE B 949 11.96 37.32 24.53
C ILE B 949 11.61 38.68 23.94
N LEU B 950 10.33 39.04 23.92
CA LEU B 950 9.93 40.36 23.47
C LEU B 950 10.43 41.44 24.41
N ILE B 951 10.31 41.22 25.73
CA ILE B 951 10.84 42.20 26.68
C ILE B 951 12.35 42.36 26.51
N VAL B 952 13.07 41.24 26.38
CA VAL B 952 14.53 41.35 26.27
C VAL B 952 14.93 41.98 24.93
N GLU B 953 14.17 41.71 23.86
CA GLU B 953 14.45 42.36 22.58
C GLU B 953 14.21 43.86 22.67
N PHE B 954 13.18 44.28 23.39
CA PHE B 954 12.97 45.70 23.63
C PHE B 954 14.13 46.29 24.41
N ALA B 955 14.63 45.56 25.41
CA ALA B 955 15.78 46.04 26.16
C ALA B 955 16.99 46.24 25.26
N ARG B 956 17.23 45.29 24.35
CA ARG B 956 18.40 45.40 23.48
C ARG B 956 18.25 46.52 22.45
N GLU B 957 17.06 46.67 21.86
CA GLU B 957 16.85 47.76 20.92
C GLU B 957 16.90 49.12 21.61
N LEU B 958 16.62 49.17 22.92
CA LEU B 958 16.85 50.41 23.65
C LEU B 958 18.34 50.62 23.91
N GLU B 959 19.07 49.55 24.22
CA GLU B 959 20.51 49.66 24.45
C GLU B 959 21.19 50.24 23.22
N ILE B 960 20.87 49.72 22.04
CA ILE B 960 21.61 50.06 20.84
C ILE B 960 21.47 51.53 20.45
N GLN B 961 20.55 52.26 21.09
CA GLN B 961 20.53 53.72 20.96
C GLN B 961 21.55 54.42 21.84
N GLY B 962 22.21 53.69 22.74
CA GLY B 962 23.20 54.27 23.61
C GLY B 962 22.77 54.38 25.06
N LYS B 963 21.94 53.45 25.52
CA LYS B 963 21.49 53.40 26.90
C LYS B 963 22.20 52.27 27.63
N GLY B 964 22.30 52.39 28.95
CA GLY B 964 22.91 51.37 29.77
C GLY B 964 22.00 50.17 29.96
N ILE B 965 22.52 49.19 30.69
CA ILE B 965 21.85 47.89 30.79
C ILE B 965 20.59 47.99 31.65
N MET B 966 20.72 48.58 32.85
CA MET B 966 19.65 48.52 33.83
C MET B 966 18.50 49.46 33.47
N GLU B 967 18.80 50.65 32.96
CA GLU B 967 17.71 51.53 32.53
C GLU B 967 17.08 51.01 31.24
N ALA B 968 17.83 50.30 30.39
CA ALA B 968 17.21 49.65 29.25
C ALA B 968 16.26 48.54 29.69
N ALA B 969 16.66 47.75 30.70
CA ALA B 969 15.78 46.72 31.22
C ALA B 969 14.53 47.33 31.84
N LEU B 970 14.69 48.42 32.60
CA LEU B 970 13.54 49.09 33.19
C LEU B 970 12.62 49.67 32.11
N GLU B 971 13.21 50.26 31.06
CA GLU B 971 12.41 50.79 29.97
C GLU B 971 11.63 49.67 29.27
N ALA B 972 12.29 48.54 29.01
CA ALA B 972 11.59 47.42 28.39
C ALA B 972 10.46 46.93 29.28
N CYS B 973 10.72 46.85 30.59
CA CYS B 973 9.66 46.47 31.53
C CYS B 973 8.50 47.45 31.46
N ARG B 974 8.78 48.75 31.37
CA ARG B 974 7.71 49.73 31.29
C ARG B 974 6.92 49.60 30.00
N LEU B 975 7.62 49.53 28.85
CA LEU B 975 6.93 49.47 27.57
C LEU B 975 6.10 48.21 27.42
N ARG B 976 6.55 47.09 27.99
CA ARG B 976 5.79 45.86 27.89
C ARG B 976 4.90 45.60 29.09
N LEU B 977 4.96 46.43 30.13
CA LEU B 977 4.19 46.14 31.33
C LEU B 977 2.70 46.10 31.05
N ARG B 978 2.21 47.06 30.26
CA ARG B 978 0.79 47.03 29.89
C ARG B 978 0.43 45.73 29.17
N PRO B 979 1.00 45.40 28.00
CA PRO B 979 0.50 44.22 27.26
C PRO B 979 0.54 42.91 28.04
N ILE B 980 1.59 42.65 28.82
CA ILE B 980 1.64 41.42 29.61
C ILE B 980 0.48 41.39 30.61
N VAL B 981 0.23 42.51 31.27
CA VAL B 981 -0.87 42.57 32.21
C VAL B 981 -2.22 42.41 31.51
N MET B 982 -2.34 42.91 30.27
CA MET B 982 -3.57 42.68 29.51
C MET B 982 -3.78 41.18 29.26
N THR B 983 -2.73 40.48 28.86
CA THR B 983 -2.84 39.02 28.70
C THR B 983 -3.29 38.38 30.00
N SER B 984 -2.64 38.76 31.10
CA SER B 984 -2.97 38.20 32.40
C SER B 984 -4.43 38.41 32.74
N ILE B 985 -4.92 39.66 32.66
CA ILE B 985 -6.29 39.94 33.07
C ILE B 985 -7.28 39.21 32.17
N ALA B 986 -7.04 39.26 30.85
CA ALA B 986 -7.93 38.56 29.92
C ALA B 986 -8.08 37.10 30.32
N PHE B 987 -6.96 36.43 30.55
CA PHE B 987 -7.02 35.00 30.86
C PHE B 987 -7.69 34.76 32.21
N ILE B 988 -7.18 35.37 33.28
CA ILE B 988 -7.72 34.98 34.58
C ILE B 988 -9.15 35.47 34.75
N ALA B 989 -9.61 36.42 33.93
CA ALA B 989 -11.02 36.73 33.91
C ALA B 989 -11.81 35.68 33.15
N GLY B 990 -11.23 35.12 32.08
CA GLY B 990 -11.92 34.06 31.37
C GLY B 990 -11.91 32.72 32.07
N THR B 991 -11.13 32.56 33.13
CA THR B 991 -10.98 31.24 33.78
C THR B 991 -11.84 31.09 35.03
N ILE B 992 -13.06 31.63 35.03
CA ILE B 992 -14.05 31.33 36.08
C ILE B 992 -14.58 29.90 36.05
N PRO B 993 -14.65 29.18 34.91
CA PRO B 993 -15.36 27.88 34.93
C PRO B 993 -14.82 26.84 35.90
N LEU B 994 -13.51 26.84 36.21
CA LEU B 994 -12.96 25.76 37.02
C LEU B 994 -13.43 25.78 38.47
N ILE B 995 -14.02 26.88 38.93
CA ILE B 995 -14.58 26.94 40.28
C ILE B 995 -16.07 26.61 40.28
N LEU B 996 -16.62 26.18 39.15
CA LEU B 996 -18.04 25.87 39.03
C LEU B 996 -18.36 24.44 39.42
N GLY B 997 -17.46 23.49 39.14
CA GLY B 997 -17.66 22.11 39.52
C GLY B 997 -18.68 21.38 38.68
N HIS B 998 -19.90 21.88 38.63
CA HIS B 998 -20.95 21.28 37.83
C HIS B 998 -20.67 21.48 36.35
N GLY B 999 -21.11 20.53 35.54
CA GLY B 999 -20.97 20.60 34.09
C GLY B 999 -20.49 19.29 33.50
N ALA B 1000 -20.66 19.16 32.19
CA ALA B 1000 -20.26 17.96 31.47
C ALA B 1000 -18.76 18.00 31.18
N GLY B 1001 -18.10 16.85 31.37
CA GLY B 1001 -16.66 16.80 31.23
C GLY B 1001 -15.94 17.70 32.21
N ALA B 1002 -16.49 17.86 33.42
CA ALA B 1002 -16.06 18.93 34.30
C ALA B 1002 -14.66 18.68 34.87
N GLU B 1003 -14.25 17.42 35.03
CA GLU B 1003 -13.04 17.16 35.78
C GLU B 1003 -11.77 17.39 34.95
N VAL B 1004 -11.78 17.12 33.66
CA VAL B 1004 -10.60 17.43 32.85
C VAL B 1004 -10.42 18.94 32.72
N ARG B 1005 -11.53 19.67 32.52
CA ARG B 1005 -11.46 21.12 32.49
C ARG B 1005 -10.99 21.67 33.84
N GLY B 1006 -11.45 21.06 34.94
CA GLY B 1006 -10.96 21.47 36.24
C GLY B 1006 -9.47 21.24 36.40
N VAL B 1007 -9.02 20.02 36.12
CA VAL B 1007 -7.62 19.68 36.32
C VAL B 1007 -6.72 20.49 35.39
N THR B 1008 -7.25 21.02 34.29
CA THR B 1008 -6.46 21.89 33.43
C THR B 1008 -6.48 23.35 33.92
N GLY B 1009 -7.66 23.94 34.00
CA GLY B 1009 -7.74 25.36 34.33
C GLY B 1009 -7.29 25.67 35.75
N ILE B 1010 -7.56 24.76 36.70
CA ILE B 1010 -7.22 24.99 38.10
C ILE B 1010 -5.75 25.28 38.24
N THR B 1011 -4.91 24.61 37.43
CA THR B 1011 -3.48 24.90 37.42
C THR B 1011 -3.10 25.94 36.38
N VAL B 1012 -3.93 26.17 35.36
CA VAL B 1012 -3.66 27.24 34.40
C VAL B 1012 -3.69 28.59 35.11
N PHE B 1013 -4.62 28.75 36.07
CA PHE B 1013 -4.66 29.91 36.96
C PHE B 1013 -3.28 30.25 37.50
N SER B 1014 -2.74 29.31 38.27
CA SER B 1014 -1.46 29.53 38.95
C SER B 1014 -0.33 29.65 37.95
N GLY B 1015 -0.39 28.92 36.85
CA GLY B 1015 0.62 29.08 35.81
C GLY B 1015 0.69 30.49 35.29
N MET B 1016 -0.48 31.11 35.07
CA MET B 1016 -0.50 32.49 34.58
C MET B 1016 -0.03 33.47 35.64
N LEU B 1017 -0.44 33.26 36.90
CA LEU B 1017 0.07 34.11 37.97
C LEU B 1017 1.59 34.06 38.02
N GLY B 1018 2.14 32.84 37.98
CA GLY B 1018 3.59 32.69 37.99
C GLY B 1018 4.25 33.32 36.78
N VAL B 1019 3.64 33.16 35.59
CA VAL B 1019 4.20 33.73 34.38
C VAL B 1019 4.33 35.24 34.52
N THR B 1020 3.24 35.91 34.90
CA THR B 1020 3.29 37.36 35.01
C THR B 1020 4.26 37.81 36.10
N LEU B 1021 4.21 37.16 37.27
CA LEU B 1021 5.04 37.61 38.38
C LEU B 1021 6.52 37.40 38.11
N PHE B 1022 6.90 36.20 37.66
CA PHE B 1022 8.29 35.89 37.40
C PHE B 1022 8.77 36.39 36.05
N GLY B 1023 7.91 37.01 35.25
CA GLY B 1023 8.37 37.71 34.08
C GLY B 1023 8.63 39.17 34.37
N LEU B 1024 7.67 39.84 35.02
CA LEU B 1024 7.81 41.27 35.28
C LEU B 1024 8.79 41.58 36.41
N PHE B 1025 9.07 40.62 37.28
CA PHE B 1025 10.00 40.82 38.38
C PHE B 1025 11.37 40.23 38.12
N LEU B 1026 11.43 39.04 37.52
CA LEU B 1026 12.64 38.23 37.47
C LEU B 1026 13.43 38.38 36.17
N THR B 1027 12.75 38.54 35.03
CA THR B 1027 13.46 38.58 33.76
C THR B 1027 14.45 39.75 33.64
N PRO B 1028 14.12 40.99 34.02
CA PRO B 1028 15.15 42.05 33.93
C PRO B 1028 16.36 41.77 34.79
N VAL B 1029 16.17 41.10 35.92
CA VAL B 1029 17.30 40.70 36.76
C VAL B 1029 18.28 39.86 35.95
N PHE B 1030 17.76 38.89 35.20
CA PHE B 1030 18.62 38.09 34.34
C PHE B 1030 19.22 38.92 33.22
N TYR B 1031 18.43 39.79 32.60
CA TYR B 1031 18.95 40.61 31.50
C TYR B 1031 20.15 41.42 31.96
N VAL B 1032 20.12 41.91 33.20
CA VAL B 1032 21.24 42.73 33.68
C VAL B 1032 22.38 41.87 34.22
N THR B 1033 22.09 40.70 34.81
CA THR B 1033 23.16 39.90 35.38
C THR B 1033 23.93 39.13 34.32
N LEU B 1034 23.31 38.82 33.18
CA LEU B 1034 24.02 38.09 32.13
C LEU B 1034 25.09 38.94 31.45
N ARG B 1035 25.14 40.24 31.73
CA ARG B 1035 26.20 41.11 31.24
C ARG B 1035 27.43 41.11 32.15
N LYS B 1036 27.43 40.28 33.20
CA LYS B 1036 28.56 40.25 34.13
C LYS B 1036 29.82 39.71 33.46
N LEU B 1037 29.68 38.86 32.44
CA LEU B 1037 30.83 38.28 31.76
C LEU B 1037 31.03 38.79 30.35
N VAL B 1038 29.99 39.34 29.71
CA VAL B 1038 30.17 39.88 28.35
C VAL B 1038 31.03 41.13 28.38
N THR B 1039 31.05 41.86 29.49
CA THR B 1039 31.87 43.05 29.66
C THR B 1039 32.54 43.02 31.04
N ARG B 1040 33.15 41.88 31.37
CA ARG B 1040 33.72 41.66 32.69
C ARG B 1040 34.95 42.55 32.92
N ARG B 1041 35.19 42.87 34.19
CA ARG B 1041 36.37 43.58 34.62
C ARG B 1041 37.13 42.74 35.65
N LYS B 1042 38.45 42.90 35.68
CA LYS B 1042 39.30 42.16 36.61
C LYS B 1042 39.01 42.55 38.05
N MET C 1 10.84 45.02 -13.18
CA MET C 1 11.55 45.22 -14.42
C MET C 1 13.06 45.12 -14.23
N ASP C 2 13.50 45.05 -12.97
CA ASP C 2 14.90 44.79 -12.69
C ASP C 2 15.26 43.33 -12.94
N PHE C 3 14.29 42.44 -12.76
CA PHE C 3 14.39 41.07 -13.26
C PHE C 3 14.72 41.06 -14.74
N SER C 4 13.87 41.73 -15.53
CA SER C 4 14.12 41.85 -16.96
C SER C 4 15.38 42.66 -17.23
N ARG C 5 15.70 43.65 -16.39
CA ARG C 5 16.93 44.40 -16.57
C ARG C 5 18.14 43.47 -16.51
N PHE C 6 18.16 42.58 -15.51
CA PHE C 6 19.23 41.59 -15.42
C PHE C 6 19.27 40.71 -16.65
N PHE C 7 18.10 40.31 -17.15
CA PHE C 7 18.13 39.32 -18.23
C PHE C 7 18.49 39.92 -19.58
N ILE C 8 18.06 41.15 -19.89
CA ILE C 8 18.36 41.72 -21.21
C ILE C 8 19.84 42.02 -21.34
N ASP C 9 20.51 42.34 -20.24
CA ASP C 9 21.94 42.57 -20.28
C ASP C 9 22.74 41.27 -20.26
N ARG C 10 22.07 40.13 -20.07
CA ARG C 10 22.71 38.81 -20.08
C ARG C 10 21.89 37.89 -20.98
N PRO C 11 21.84 38.15 -22.29
CA PRO C 11 20.97 37.36 -23.17
C PRO C 11 21.31 35.88 -23.22
N ILE C 12 22.58 35.51 -23.07
CA ILE C 12 22.92 34.09 -23.10
C ILE C 12 22.31 33.37 -21.91
N PHE C 13 22.21 34.04 -20.76
CA PHE C 13 21.51 33.48 -19.61
C PHE C 13 20.05 33.18 -19.96
N ALA C 14 19.38 34.12 -20.63
CA ALA C 14 17.98 33.91 -21.01
C ALA C 14 17.83 32.74 -21.97
N ALA C 15 18.73 32.65 -22.95
CA ALA C 15 18.72 31.51 -23.87
C ALA C 15 18.92 30.20 -23.11
N VAL C 16 19.84 30.21 -22.15
CA VAL C 16 20.13 29.00 -21.38
C VAL C 16 18.91 28.56 -20.59
N LEU C 17 18.19 29.51 -19.98
CA LEU C 17 17.01 29.16 -19.20
C LEU C 17 15.93 28.55 -20.09
N SER C 18 15.63 29.20 -21.22
CA SER C 18 14.60 28.67 -22.11
C SER C 18 15.01 27.31 -22.67
N ILE C 19 16.30 27.12 -22.94
CA ILE C 19 16.77 25.83 -23.46
C ILE C 19 16.65 24.76 -22.39
N LEU C 20 16.95 25.08 -21.13
CA LEU C 20 16.81 24.09 -20.06
C LEU C 20 15.37 23.62 -19.96
N ILE C 21 14.43 24.56 -20.00
CA ILE C 21 13.01 24.19 -19.93
C ILE C 21 12.65 23.28 -21.12
N PHE C 22 13.07 23.68 -22.32
CA PHE C 22 12.76 22.90 -23.51
C PHE C 22 13.36 21.50 -23.44
N ILE C 23 14.57 21.39 -22.91
CA ILE C 23 15.27 20.10 -22.85
C ILE C 23 14.58 19.16 -21.87
N THR C 24 14.21 19.67 -20.70
CA THR C 24 13.51 18.81 -19.73
C THR C 24 12.19 18.33 -20.30
N GLY C 25 11.44 19.19 -20.98
CA GLY C 25 10.22 18.73 -21.64
C GLY C 25 10.49 17.69 -22.72
N LEU C 26 11.56 17.89 -23.49
CA LEU C 26 11.88 16.98 -24.59
C LEU C 26 12.25 15.60 -24.08
N ILE C 27 12.94 15.53 -22.94
CA ILE C 27 13.21 14.22 -22.38
C ILE C 27 12.02 13.68 -21.61
N ALA C 28 11.06 14.53 -21.26
CA ALA C 28 9.86 14.03 -20.57
C ALA C 28 8.89 13.36 -21.53
N ILE C 29 8.76 13.86 -22.76
CA ILE C 29 7.69 13.38 -23.63
C ILE C 29 7.72 11.86 -23.85
N PRO C 30 8.86 11.22 -24.14
CA PRO C 30 8.80 9.76 -24.35
C PRO C 30 8.42 8.99 -23.10
N LEU C 31 8.67 9.56 -21.91
CA LEU C 31 8.32 8.93 -20.65
C LEU C 31 6.83 8.98 -20.35
N LEU C 32 6.06 9.77 -21.09
CA LEU C 32 4.67 9.90 -20.64
C LEU C 32 3.80 8.84 -21.30
N PRO C 33 2.86 8.27 -20.55
CA PRO C 33 1.97 7.26 -21.13
C PRO C 33 0.97 7.89 -22.09
N VAL C 34 0.78 7.24 -23.22
CA VAL C 34 -0.17 7.71 -24.23
C VAL C 34 -1.44 6.90 -24.09
N SER C 35 -2.51 7.57 -23.69
CA SER C 35 -3.82 6.95 -23.54
C SER C 35 -4.85 7.87 -24.17
N GLU C 36 -6.08 7.39 -24.28
CA GLU C 36 -7.21 8.28 -24.52
C GLU C 36 -7.83 8.62 -23.18
N TYR C 37 -8.03 9.92 -22.93
CA TYR C 37 -8.60 10.42 -21.68
C TYR C 37 -7.66 10.18 -20.49
N PRO C 38 -7.75 11.00 -19.45
CA PRO C 38 -7.08 10.67 -18.20
C PRO C 38 -7.73 9.48 -17.54
N ASP C 39 -7.08 8.96 -16.50
CA ASP C 39 -7.60 7.77 -15.83
C ASP C 39 -8.89 8.15 -15.11
N VAL C 40 -10.02 7.78 -15.70
CA VAL C 40 -11.33 8.02 -15.10
C VAL C 40 -12.14 6.75 -14.95
N VAL C 41 -11.77 5.67 -15.64
CA VAL C 41 -12.48 4.41 -15.54
C VAL C 41 -12.37 3.92 -14.10
N PRO C 42 -13.48 3.74 -13.40
CA PRO C 42 -13.42 3.37 -12.00
C PRO C 42 -13.03 1.92 -11.83
N PRO C 43 -12.12 1.62 -10.91
CA PRO C 43 -11.67 0.23 -10.74
C PRO C 43 -12.75 -0.64 -10.12
N SER C 44 -12.77 -1.91 -10.53
CA SER C 44 -13.76 -2.86 -10.04
C SER C 44 -13.09 -4.16 -9.60
N VAL C 45 -13.77 -4.87 -8.69
CA VAL C 45 -13.31 -6.15 -8.18
C VAL C 45 -14.40 -7.18 -8.43
N GLN C 46 -14.00 -8.35 -8.93
CA GLN C 46 -14.91 -9.44 -9.21
C GLN C 46 -14.81 -10.47 -8.09
N VAL C 47 -15.97 -10.93 -7.62
CA VAL C 47 -16.07 -12.01 -6.64
C VAL C 47 -16.86 -13.12 -7.30
N ARG C 48 -16.30 -14.32 -7.35
CA ARG C 48 -16.94 -15.45 -8.01
C ARG C 48 -17.16 -16.58 -7.02
N ALA C 49 -18.35 -17.17 -7.07
CA ALA C 49 -18.76 -18.23 -6.16
C ALA C 49 -19.60 -19.24 -6.91
N GLU C 50 -19.64 -20.47 -6.41
CA GLU C 50 -20.38 -21.55 -7.05
C GLU C 50 -21.34 -22.19 -6.06
N TYR C 51 -22.56 -22.45 -6.53
CA TYR C 51 -23.58 -23.16 -5.76
C TYR C 51 -24.20 -24.18 -6.71
N PRO C 52 -23.57 -25.34 -6.90
CA PRO C 52 -24.00 -26.26 -7.95
C PRO C 52 -25.45 -26.72 -7.77
N GLY C 53 -26.17 -26.73 -8.89
CA GLY C 53 -27.55 -27.18 -8.91
C GLY C 53 -28.55 -26.25 -8.26
N ALA C 54 -28.12 -25.26 -7.50
CA ALA C 54 -29.04 -24.35 -6.84
C ALA C 54 -29.63 -23.37 -7.84
N ASN C 55 -30.93 -23.12 -7.70
CA ASN C 55 -31.62 -22.15 -8.53
C ASN C 55 -31.03 -20.76 -8.31
N PRO C 56 -30.99 -19.93 -9.36
CA PRO C 56 -30.44 -18.57 -9.20
C PRO C 56 -31.09 -17.76 -8.09
N LYS C 57 -32.39 -17.94 -7.84
CA LYS C 57 -33.03 -17.24 -6.72
C LYS C 57 -32.41 -17.66 -5.39
N VAL C 58 -32.18 -18.96 -5.22
CA VAL C 58 -31.54 -19.43 -3.99
C VAL C 58 -30.12 -18.90 -3.90
N ILE C 59 -29.37 -18.94 -5.01
CA ILE C 59 -28.01 -18.40 -5.00
C ILE C 59 -28.02 -16.93 -4.59
N ALA C 60 -28.97 -16.16 -5.13
CA ALA C 60 -29.02 -14.73 -4.82
C ALA C 60 -29.38 -14.48 -3.36
N GLU C 61 -30.33 -15.25 -2.82
CA GLU C 61 -30.76 -15.04 -1.43
C GLU C 61 -29.72 -15.53 -0.43
N THR C 62 -29.18 -16.74 -0.63
CA THR C 62 -28.34 -17.35 0.39
C THR C 62 -26.86 -17.07 0.19
N VAL C 63 -26.42 -16.78 -1.03
CA VAL C 63 -25.02 -16.46 -1.26
C VAL C 63 -24.85 -14.96 -1.43
N ALA C 64 -25.46 -14.38 -2.46
CA ALA C 64 -25.15 -12.99 -2.82
C ALA C 64 -25.44 -12.04 -1.68
N THR C 65 -26.56 -12.23 -0.98
CA THR C 65 -26.93 -11.30 0.10
C THR C 65 -25.88 -11.23 1.20
N PRO C 66 -25.43 -12.35 1.82
CA PRO C 66 -24.40 -12.19 2.87
C PRO C 66 -23.06 -11.67 2.37
N LEU C 67 -22.62 -12.01 1.15
CA LEU C 67 -21.37 -11.38 0.69
C LEU C 67 -21.55 -9.89 0.52
N GLU C 68 -22.71 -9.45 -0.01
CA GLU C 68 -22.94 -8.01 -0.11
C GLU C 68 -22.95 -7.36 1.27
N GLU C 69 -23.56 -8.02 2.25
CA GLU C 69 -23.55 -7.49 3.61
C GLU C 69 -22.12 -7.29 4.11
N ALA C 70 -21.26 -8.29 3.91
CA ALA C 70 -19.89 -8.15 4.35
C ALA C 70 -19.16 -7.07 3.57
N ILE C 71 -19.31 -7.08 2.24
CA ILE C 71 -18.56 -6.17 1.37
C ILE C 71 -18.95 -4.73 1.61
N ASN C 72 -20.18 -4.49 2.11
CA ASN C 72 -20.61 -3.12 2.37
C ASN C 72 -19.66 -2.38 3.31
N GLY C 73 -18.94 -3.12 4.15
CA GLY C 73 -17.95 -2.52 5.03
C GLY C 73 -16.61 -2.29 4.37
N VAL C 74 -16.65 -1.88 3.10
CA VAL C 74 -15.45 -1.48 2.38
C VAL C 74 -15.55 0.01 2.08
N GLU C 75 -14.39 0.66 2.01
CA GLU C 75 -14.35 2.09 1.76
C GLU C 75 -14.22 2.38 0.27
N ASN C 76 -14.71 3.56 -0.13
CA ASN C 76 -14.57 4.10 -1.48
C ASN C 76 -15.31 3.26 -2.53
N MET C 77 -16.36 2.54 -2.13
CA MET C 77 -17.16 1.81 -3.10
C MET C 77 -18.26 2.71 -3.66
N MET C 78 -18.49 2.60 -4.97
CA MET C 78 -19.53 3.38 -5.61
C MET C 78 -20.81 2.58 -5.80
N TYR C 79 -20.70 1.35 -6.30
CA TYR C 79 -21.91 0.53 -6.40
C TYR C 79 -21.52 -0.93 -6.58
N MET C 80 -22.45 -1.80 -6.20
CA MET C 80 -22.22 -3.24 -6.18
C MET C 80 -23.32 -3.92 -6.99
N LYS C 81 -22.95 -4.94 -7.74
CA LYS C 81 -23.91 -5.70 -8.54
C LYS C 81 -23.65 -7.20 -8.35
N SER C 82 -24.72 -7.98 -8.41
CA SER C 82 -24.65 -9.43 -8.30
C SER C 82 -25.47 -10.06 -9.42
N VAL C 83 -24.86 -11.00 -10.13
CA VAL C 83 -25.51 -11.73 -11.22
C VAL C 83 -25.33 -13.22 -10.95
N ALA C 84 -26.44 -13.95 -10.82
CA ALA C 84 -26.43 -15.37 -10.50
C ALA C 84 -27.22 -16.11 -11.57
N GLY C 85 -26.58 -17.08 -12.22
CA GLY C 85 -27.15 -17.74 -13.37
C GLY C 85 -27.47 -19.21 -13.12
N SER C 86 -28.15 -19.80 -14.11
CA SER C 86 -28.52 -21.20 -13.99
C SER C 86 -27.31 -22.13 -14.08
N ASP C 87 -26.14 -21.61 -14.46
CA ASP C 87 -24.88 -22.37 -14.40
C ASP C 87 -24.38 -22.55 -12.97
N GLY C 88 -25.13 -22.13 -11.95
CA GLY C 88 -24.71 -22.25 -10.58
C GLY C 88 -23.69 -21.23 -10.14
N VAL C 89 -23.35 -20.27 -11.00
CA VAL C 89 -22.25 -19.32 -10.77
C VAL C 89 -22.81 -17.99 -10.34
N LEU C 90 -22.25 -17.42 -9.28
CA LEU C 90 -22.55 -16.08 -8.85
C LEU C 90 -21.32 -15.21 -9.09
N VAL C 91 -21.52 -14.07 -9.74
CA VAL C 91 -20.49 -13.06 -9.90
C VAL C 91 -20.99 -11.79 -9.22
N THR C 92 -20.16 -11.21 -8.36
CA THR C 92 -20.46 -9.96 -7.68
C THR C 92 -19.38 -8.95 -8.04
N THR C 93 -19.77 -7.92 -8.78
CA THR C 93 -18.86 -6.84 -9.15
C THR C 93 -19.01 -5.70 -8.15
N VAL C 94 -17.89 -5.27 -7.60
CA VAL C 94 -17.83 -4.13 -6.68
C VAL C 94 -17.04 -3.04 -7.38
N THR C 95 -17.71 -1.94 -7.72
CA THR C 95 -17.09 -0.84 -8.45
C THR C 95 -16.84 0.31 -7.48
N PHE C 96 -15.59 0.79 -7.48
CA PHE C 96 -15.08 1.79 -6.55
C PHE C 96 -14.95 3.14 -7.24
N ARG C 97 -14.71 4.18 -6.44
CA ARG C 97 -14.61 5.53 -6.98
C ARG C 97 -13.39 5.65 -7.88
N PRO C 98 -13.45 6.49 -8.92
CA PRO C 98 -12.26 6.74 -9.74
C PRO C 98 -11.14 7.30 -8.88
N GLY C 99 -9.91 6.85 -9.15
CA GLY C 99 -8.75 7.22 -8.37
C GLY C 99 -8.47 6.32 -7.19
N THR C 100 -9.33 5.36 -6.90
CA THR C 100 -9.10 4.42 -5.82
C THR C 100 -8.04 3.40 -6.22
N ASP C 101 -7.21 2.99 -5.27
CA ASP C 101 -6.18 2.00 -5.52
C ASP C 101 -6.81 0.62 -5.71
N PRO C 102 -6.75 0.04 -6.91
CA PRO C 102 -7.42 -1.26 -7.12
C PRO C 102 -6.88 -2.37 -6.25
N ASP C 103 -5.60 -2.29 -5.86
CA ASP C 103 -5.00 -3.34 -5.04
C ASP C 103 -5.55 -3.32 -3.62
N GLN C 104 -5.64 -2.12 -3.02
CA GLN C 104 -6.23 -2.00 -1.69
C GLN C 104 -7.68 -2.45 -1.70
N ALA C 105 -8.44 -2.05 -2.72
CA ALA C 105 -9.82 -2.49 -2.84
C ALA C 105 -9.90 -4.00 -2.94
N GLN C 106 -9.02 -4.61 -3.74
CA GLN C 106 -9.00 -6.06 -3.86
C GLN C 106 -8.79 -6.71 -2.51
N VAL C 107 -7.79 -6.25 -1.77
CA VAL C 107 -7.46 -6.87 -0.49
C VAL C 107 -8.63 -6.73 0.49
N GLN C 108 -9.26 -5.56 0.53
CA GLN C 108 -10.35 -5.35 1.47
C GLN C 108 -11.56 -6.21 1.12
N VAL C 109 -11.95 -6.25 -0.16
CA VAL C 109 -13.05 -7.11 -0.58
C VAL C 109 -12.73 -8.56 -0.27
N GLN C 110 -11.47 -8.96 -0.47
CA GLN C 110 -11.06 -10.33 -0.18
C GLN C 110 -11.21 -10.65 1.30
N ASN C 111 -10.73 -9.75 2.17
CA ASN C 111 -10.87 -9.93 3.61
C ASN C 111 -12.34 -10.08 4.00
N ARG C 112 -13.21 -9.30 3.38
CA ARG C 112 -14.61 -9.36 3.80
C ARG C 112 -15.33 -10.59 3.27
N VAL C 113 -15.00 -11.07 2.07
CA VAL C 113 -15.56 -12.36 1.66
C VAL C 113 -15.04 -13.47 2.56
N ALA C 114 -13.78 -13.37 3.00
CA ALA C 114 -13.24 -14.37 3.92
C ALA C 114 -14.03 -14.38 5.22
N GLN C 115 -14.36 -13.19 5.74
CA GLN C 115 -15.13 -13.12 6.98
C GLN C 115 -16.57 -13.57 6.78
N ALA C 116 -17.12 -13.43 5.57
CA ALA C 116 -18.50 -13.82 5.31
C ALA C 116 -18.66 -15.28 4.94
N GLU C 117 -17.55 -15.99 4.70
CA GLU C 117 -17.66 -17.38 4.22
C GLU C 117 -18.43 -18.27 5.21
N ALA C 118 -18.30 -18.03 6.51
CA ALA C 118 -18.96 -18.92 7.47
C ALA C 118 -20.47 -18.72 7.53
N ARG C 119 -21.00 -17.66 6.93
CA ARG C 119 -22.44 -17.45 6.86
C ARG C 119 -23.04 -17.96 5.56
N LEU C 120 -22.26 -18.68 4.75
CA LEU C 120 -22.72 -19.20 3.48
C LEU C 120 -22.93 -20.71 3.56
N PRO C 121 -23.72 -21.27 2.63
CA PRO C 121 -23.90 -22.73 2.62
C PRO C 121 -22.58 -23.47 2.51
N GLU C 122 -22.52 -24.64 3.15
CA GLU C 122 -21.29 -25.43 3.14
C GLU C 122 -20.88 -25.80 1.72
N ASP C 123 -21.86 -26.09 0.85
CA ASP C 123 -21.53 -26.44 -0.52
C ASP C 123 -20.81 -25.30 -1.23
N VAL C 124 -21.11 -24.05 -0.87
CA VAL C 124 -20.40 -22.93 -1.48
C VAL C 124 -19.01 -22.78 -0.89
N ARG C 125 -18.93 -22.74 0.45
CA ARG C 125 -17.64 -22.58 1.12
C ARG C 125 -16.65 -23.67 0.72
N ARG C 126 -17.16 -24.88 0.43
CA ARG C 126 -16.30 -25.97 -0.01
C ARG C 126 -15.62 -25.64 -1.32
N LEU C 127 -16.34 -25.04 -2.26
CA LEU C 127 -15.79 -24.81 -3.58
C LEU C 127 -14.90 -23.58 -3.65
N GLY C 128 -14.84 -22.79 -2.58
CA GLY C 128 -13.98 -21.62 -2.55
C GLY C 128 -14.55 -20.44 -3.30
N ILE C 129 -14.19 -19.22 -2.87
CA ILE C 129 -14.67 -18.00 -3.48
C ILE C 129 -13.47 -17.21 -3.97
N THR C 130 -13.52 -16.80 -5.24
CA THR C 130 -12.43 -16.07 -5.87
C THR C 130 -12.68 -14.57 -5.79
N THR C 131 -11.61 -13.80 -5.61
CA THR C 131 -11.70 -12.34 -5.57
C THR C 131 -10.52 -11.77 -6.33
N GLN C 132 -10.78 -11.24 -7.53
CA GLN C 132 -9.74 -10.67 -8.36
C GLN C 132 -10.13 -9.26 -8.77
N LYS C 133 -9.20 -8.32 -8.66
CA LYS C 133 -9.43 -7.02 -9.28
C LYS C 133 -9.54 -7.22 -10.78
N GLN C 134 -10.50 -6.55 -11.40
CA GLN C 134 -10.71 -6.73 -12.83
C GLN C 134 -11.56 -5.59 -13.38
N SER C 135 -11.19 -5.12 -14.58
CA SER C 135 -11.95 -4.17 -15.38
C SER C 135 -12.69 -4.92 -16.47
N PRO C 136 -14.01 -4.71 -16.64
CA PRO C 136 -14.77 -5.50 -17.62
C PRO C 136 -14.41 -5.15 -19.06
N THR C 137 -13.34 -4.37 -19.23
CA THR C 137 -12.91 -3.85 -20.53
C THR C 137 -12.18 -4.93 -21.32
N LEU C 138 -12.80 -5.40 -22.40
CA LEU C 138 -12.12 -6.17 -23.43
C LEU C 138 -11.18 -5.23 -24.18
N THR C 139 -9.87 -5.32 -23.90
CA THR C 139 -8.95 -4.33 -24.45
C THR C 139 -8.72 -4.57 -25.94
N LEU C 140 -8.56 -5.83 -26.34
CA LEU C 140 -8.58 -6.20 -27.75
C LEU C 140 -8.94 -7.68 -27.85
N VAL C 141 -9.11 -8.16 -29.09
CA VAL C 141 -9.46 -9.56 -29.34
C VAL C 141 -8.59 -10.06 -30.47
N VAL C 142 -7.96 -11.22 -30.27
CA VAL C 142 -7.16 -11.89 -31.28
C VAL C 142 -7.94 -13.08 -31.81
N HIS C 143 -8.08 -13.14 -33.13
CA HIS C 143 -8.81 -14.21 -33.80
C HIS C 143 -7.83 -15.13 -34.50
N LEU C 144 -8.01 -16.44 -34.28
CA LEU C 144 -7.35 -17.46 -35.09
C LEU C 144 -8.39 -18.05 -36.03
N PHE C 145 -8.05 -18.18 -37.30
CA PHE C 145 -9.01 -18.67 -38.28
C PHE C 145 -8.29 -19.42 -39.38
N SER C 146 -9.05 -20.26 -40.09
CA SER C 146 -8.54 -21.02 -41.22
C SER C 146 -9.20 -20.52 -42.50
N PRO C 147 -8.48 -19.80 -43.36
CA PRO C 147 -9.12 -19.19 -44.54
C PRO C 147 -9.79 -20.19 -45.48
N ASN C 148 -9.27 -21.40 -45.62
CA ASN C 148 -9.80 -22.35 -46.59
C ASN C 148 -10.38 -23.60 -45.94
N GLY C 149 -10.50 -23.63 -44.61
CA GLY C 149 -11.18 -24.71 -43.94
C GLY C 149 -10.34 -25.93 -43.61
N LYS C 150 -9.02 -25.85 -43.73
CA LYS C 150 -8.19 -26.99 -43.37
C LYS C 150 -8.24 -27.30 -41.88
N TYR C 151 -8.63 -26.34 -41.05
CA TYR C 151 -8.73 -26.54 -39.62
C TYR C 151 -10.01 -25.90 -39.10
N ASP C 152 -10.51 -26.41 -37.98
CA ASP C 152 -11.80 -26.03 -37.43
C ASP C 152 -11.62 -25.38 -36.05
N SER C 153 -12.75 -25.15 -35.37
CA SER C 153 -12.75 -24.33 -34.16
C SER C 153 -11.97 -24.98 -33.02
N LEU C 154 -12.12 -26.29 -32.84
CA LEU C 154 -11.51 -26.93 -31.68
C LEU C 154 -9.99 -26.88 -31.76
N TYR C 155 -9.41 -27.24 -32.91
CA TYR C 155 -7.97 -27.20 -33.04
C TYR C 155 -7.43 -25.82 -32.69
N MET C 156 -8.15 -24.77 -33.09
CA MET C 156 -7.70 -23.42 -32.77
C MET C 156 -7.85 -23.12 -31.28
N ARG C 157 -8.95 -23.54 -30.67
CA ARG C 157 -9.13 -23.37 -29.24
C ARG C 157 -7.95 -23.95 -28.47
N ASN C 158 -7.50 -25.13 -28.87
CA ASN C 158 -6.50 -25.80 -28.06
C ASN C 158 -5.08 -25.47 -28.48
N TYR C 159 -4.87 -25.09 -29.74
CA TYR C 159 -3.64 -24.41 -30.10
C TYR C 159 -3.50 -23.14 -29.26
N ALA C 160 -4.61 -22.42 -29.06
CA ALA C 160 -4.60 -21.22 -28.22
C ALA C 160 -4.22 -21.56 -26.79
N THR C 161 -4.82 -22.61 -26.23
CA THR C 161 -4.50 -22.95 -24.84
C THR C 161 -3.08 -23.47 -24.69
N LEU C 162 -2.58 -24.23 -25.67
CA LEU C 162 -1.28 -24.90 -25.54
C LEU C 162 -0.13 -23.96 -25.86
N LYS C 163 -0.17 -23.26 -27.00
CA LYS C 163 0.95 -22.47 -27.46
C LYS C 163 0.75 -20.96 -27.35
N VAL C 164 -0.50 -20.50 -27.25
CA VAL C 164 -0.81 -19.08 -27.37
C VAL C 164 -1.12 -18.48 -26.00
N LYS C 165 -2.12 -19.04 -25.31
CA LYS C 165 -2.71 -18.37 -24.16
C LYS C 165 -1.73 -18.15 -23.03
N ASP C 166 -0.79 -19.07 -22.79
CA ASP C 166 0.11 -18.92 -21.66
C ASP C 166 1.16 -17.83 -21.93
N GLU C 167 1.83 -17.92 -23.08
CA GLU C 167 2.70 -16.84 -23.50
C GLU C 167 1.95 -15.52 -23.53
N LEU C 168 0.67 -15.56 -23.97
CA LEU C 168 -0.16 -14.36 -23.99
C LEU C 168 -0.52 -13.87 -22.61
N ALA C 169 -0.53 -14.74 -21.59
CA ALA C 169 -0.82 -14.31 -20.24
C ALA C 169 0.41 -13.78 -19.53
N ARG C 170 1.61 -14.13 -20.01
CA ARG C 170 2.82 -13.68 -19.34
C ARG C 170 3.26 -12.25 -19.72
N LEU C 171 2.68 -11.65 -20.77
CA LEU C 171 3.10 -10.28 -21.09
C LEU C 171 2.53 -9.28 -20.09
N PRO C 172 3.26 -8.20 -19.83
CA PRO C 172 2.79 -7.22 -18.84
C PRO C 172 1.51 -6.53 -19.27
N GLY C 173 0.78 -6.04 -18.28
CA GLY C 173 -0.47 -5.35 -18.50
C GLY C 173 -1.68 -6.24 -18.72
N VAL C 174 -1.48 -7.55 -18.84
CA VAL C 174 -2.61 -8.45 -19.05
C VAL C 174 -3.33 -8.67 -17.73
N GLY C 175 -4.63 -8.38 -17.72
CA GLY C 175 -5.43 -8.70 -16.56
C GLY C 175 -5.80 -10.17 -16.57
N GLN C 176 -6.39 -10.62 -17.68
CA GLN C 176 -6.66 -12.04 -17.88
C GLN C 176 -7.04 -12.29 -19.34
N ILE C 177 -7.25 -13.56 -19.66
CA ILE C 177 -7.49 -14.01 -21.03
C ILE C 177 -8.68 -14.94 -21.02
N GLN C 178 -9.61 -14.74 -21.96
CA GLN C 178 -10.75 -15.64 -22.11
C GLN C 178 -10.85 -16.07 -23.57
N ILE C 179 -10.69 -17.36 -23.82
CA ILE C 179 -11.00 -17.90 -25.12
C ILE C 179 -12.52 -18.03 -25.24
N PHE C 180 -13.05 -17.70 -26.41
CA PHE C 180 -14.49 -17.77 -26.60
C PHE C 180 -14.92 -19.02 -27.38
N GLY C 181 -14.30 -19.28 -28.52
CA GLY C 181 -14.65 -20.46 -29.29
C GLY C 181 -14.43 -21.77 -28.56
N SER C 182 -15.46 -22.63 -28.56
CA SER C 182 -15.35 -24.01 -28.08
C SER C 182 -15.05 -24.02 -26.57
N GLY C 183 -14.32 -25.03 -26.12
CA GLY C 183 -13.88 -25.15 -24.75
C GLY C 183 -12.60 -25.96 -24.71
N GLU C 184 -11.97 -25.96 -23.54
CA GLU C 184 -10.71 -26.68 -23.38
C GLU C 184 -10.95 -28.19 -23.57
N TYR C 185 -9.85 -28.93 -23.71
CA TYR C 185 -9.97 -30.36 -23.88
C TYR C 185 -10.45 -31.03 -22.60
N ALA C 186 -11.06 -32.19 -22.78
CA ALA C 186 -11.48 -33.05 -21.69
C ALA C 186 -11.64 -34.45 -22.26
N MET C 187 -11.28 -35.45 -21.44
CA MET C 187 -11.66 -36.82 -21.76
C MET C 187 -13.11 -36.98 -21.37
N ARG C 188 -13.95 -37.40 -22.31
CA ARG C 188 -15.38 -37.35 -22.13
C ARG C 188 -15.95 -38.73 -22.39
N VAL C 189 -16.64 -39.26 -21.39
CA VAL C 189 -17.27 -40.58 -21.44
C VAL C 189 -18.76 -40.35 -21.59
N TRP C 190 -19.29 -40.58 -22.79
CA TRP C 190 -20.71 -40.40 -23.10
C TRP C 190 -21.41 -41.73 -22.89
N LEU C 191 -22.15 -41.86 -21.80
CA LEU C 191 -22.80 -43.12 -21.47
C LEU C 191 -24.10 -43.31 -22.26
N ASP C 192 -24.39 -44.57 -22.59
CA ASP C 192 -25.70 -44.96 -23.05
C ASP C 192 -26.44 -45.60 -21.88
N PRO C 193 -27.36 -44.89 -21.22
CA PRO C 193 -27.97 -45.45 -20.00
C PRO C 193 -28.70 -46.76 -20.22
N ASN C 194 -29.22 -46.99 -21.43
CA ASN C 194 -29.89 -48.26 -21.70
C ASN C 194 -28.90 -49.43 -21.64
N LYS C 195 -27.70 -49.25 -22.19
CA LYS C 195 -26.70 -50.32 -22.10
C LYS C 195 -26.19 -50.47 -20.67
N VAL C 196 -25.95 -49.36 -19.97
CA VAL C 196 -25.46 -49.43 -18.61
C VAL C 196 -26.46 -50.17 -17.73
N ALA C 197 -27.75 -49.87 -17.90
CA ALA C 197 -28.79 -50.56 -17.14
C ALA C 197 -28.92 -52.01 -17.58
N ALA C 198 -28.72 -52.27 -18.87
CA ALA C 198 -28.83 -53.64 -19.38
C ALA C 198 -27.78 -54.55 -18.75
N ARG C 199 -26.67 -53.99 -18.29
CA ARG C 199 -25.68 -54.74 -17.54
C ARG C 199 -25.88 -54.63 -16.04
N GLY C 200 -27.06 -54.17 -15.61
CA GLY C 200 -27.31 -54.03 -14.18
C GLY C 200 -26.37 -53.07 -13.50
N LEU C 201 -25.95 -52.02 -14.19
CA LEU C 201 -25.00 -51.06 -13.68
C LEU C 201 -25.65 -49.70 -13.57
N THR C 202 -25.19 -48.93 -12.60
CA THR C 202 -25.68 -47.58 -12.36
C THR C 202 -24.63 -46.56 -12.76
N ALA C 203 -25.09 -45.32 -12.91
CA ALA C 203 -24.18 -44.22 -13.22
C ALA C 203 -23.14 -44.04 -12.13
N SER C 204 -23.52 -44.27 -10.88
CA SER C 204 -22.56 -44.23 -9.78
C SER C 204 -21.52 -45.34 -9.92
N ASP C 205 -21.95 -46.53 -10.34
CA ASP C 205 -21.01 -47.63 -10.51
C ASP C 205 -19.92 -47.27 -11.51
N VAL C 206 -20.32 -46.83 -12.70
CA VAL C 206 -19.33 -46.50 -13.72
C VAL C 206 -18.46 -45.32 -13.27
N VAL C 207 -19.07 -44.30 -12.65
CA VAL C 207 -18.29 -43.16 -12.19
C VAL C 207 -17.21 -43.61 -11.20
N THR C 208 -17.58 -44.40 -10.19
CA THR C 208 -16.60 -44.84 -9.20
C THR C 208 -15.54 -45.73 -9.84
N ALA C 209 -15.92 -46.54 -10.82
CA ALA C 209 -14.92 -47.34 -11.52
C ALA C 209 -13.89 -46.45 -12.22
N MET C 210 -14.36 -45.38 -12.86
CA MET C 210 -13.42 -44.44 -13.48
C MET C 210 -12.57 -43.75 -12.41
N GLN C 211 -13.15 -43.47 -11.25
CA GLN C 211 -12.37 -42.87 -10.17
C GLN C 211 -11.26 -43.81 -9.72
N GLU C 212 -11.54 -45.10 -9.70
CA GLU C 212 -10.65 -46.05 -9.07
C GLU C 212 -9.59 -46.60 -10.01
N GLN C 213 -9.67 -46.32 -11.31
CA GLN C 213 -8.77 -46.94 -12.27
C GLN C 213 -7.99 -45.92 -13.09
N ASN C 214 -8.11 -44.63 -12.79
CA ASN C 214 -7.26 -43.57 -13.38
C ASN C 214 -6.83 -42.66 -12.23
N VAL C 215 -5.74 -43.01 -11.57
CA VAL C 215 -5.30 -42.31 -10.37
C VAL C 215 -3.78 -42.37 -10.30
N GLN C 216 -3.18 -41.29 -9.81
CA GLN C 216 -1.76 -41.30 -9.49
C GLN C 216 -1.52 -41.99 -8.16
N VAL C 217 -0.34 -42.57 -8.01
CA VAL C 217 0.03 -43.33 -6.82
C VAL C 217 1.48 -43.05 -6.49
N SER C 218 1.78 -42.92 -5.20
CA SER C 218 3.14 -42.78 -4.73
C SER C 218 3.65 -44.16 -4.31
N ALA C 219 4.92 -44.43 -4.61
CA ALA C 219 5.48 -45.77 -4.38
C ALA C 219 6.84 -45.76 -3.72
N GLY C 220 7.29 -44.64 -3.16
CA GLY C 220 8.51 -44.59 -2.38
C GLY C 220 9.73 -44.99 -3.20
N GLN C 221 10.70 -45.60 -2.51
CA GLN C 221 11.97 -45.95 -3.14
C GLN C 221 12.60 -47.12 -2.39
N LEU C 222 13.51 -47.80 -3.07
CA LEU C 222 14.29 -48.87 -2.47
C LEU C 222 15.57 -48.29 -1.86
N GLY C 223 16.01 -48.92 -0.78
CA GLY C 223 17.22 -48.46 -0.13
C GLY C 223 17.08 -47.18 0.68
N ALA C 224 15.88 -46.86 1.13
CA ALA C 224 15.65 -45.66 1.92
C ALA C 224 15.76 -45.95 3.42
N GLU C 225 15.88 -44.88 4.20
CA GLU C 225 16.02 -44.98 5.64
C GLU C 225 14.72 -45.47 6.28
N PRO C 226 14.79 -46.02 7.52
CA PRO C 226 15.99 -46.24 8.32
C PRO C 226 16.59 -47.62 8.08
N LEU C 227 17.92 -47.71 8.13
CA LEU C 227 18.64 -48.96 7.91
C LEU C 227 19.66 -49.17 9.02
N PRO C 228 19.88 -50.42 9.46
CA PRO C 228 20.91 -50.66 10.46
C PRO C 228 22.31 -50.61 9.87
N GLN C 229 22.43 -50.86 8.57
CA GLN C 229 23.69 -50.80 7.85
C GLN C 229 23.49 -49.87 6.67
N GLU C 230 24.40 -48.92 6.50
CA GLU C 230 24.22 -47.87 5.51
C GLU C 230 24.12 -48.46 4.10
N SER C 231 23.17 -47.95 3.32
CA SER C 231 22.93 -48.42 1.98
C SER C 231 23.87 -47.73 0.99
N ASP C 232 24.09 -48.39 -0.15
CA ASP C 232 24.89 -47.80 -1.21
C ASP C 232 24.05 -47.00 -2.19
N PHE C 233 22.85 -47.47 -2.51
CA PHE C 233 22.06 -46.91 -3.60
C PHE C 233 20.68 -46.49 -3.11
N LEU C 234 20.13 -45.48 -3.78
CA LEU C 234 18.76 -45.01 -3.54
C LEU C 234 18.03 -45.02 -4.89
N ILE C 235 17.06 -45.93 -5.03
CA ILE C 235 16.39 -46.18 -6.30
C ILE C 235 14.92 -45.81 -6.15
N SER C 236 14.51 -44.72 -6.79
CA SER C 236 13.11 -44.31 -6.75
C SER C 236 12.21 -45.32 -7.47
N ILE C 237 10.97 -45.42 -6.99
CA ILE C 237 9.99 -46.35 -7.53
C ILE C 237 8.84 -45.54 -8.09
N ASN C 238 8.49 -45.80 -9.35
CA ASN C 238 7.37 -45.14 -10.00
C ASN C 238 6.30 -46.18 -10.30
N ALA C 239 5.10 -45.95 -9.79
CA ALA C 239 3.93 -46.72 -10.15
C ALA C 239 2.97 -45.78 -10.88
N GLN C 240 2.44 -46.22 -12.02
CA GLN C 240 1.56 -45.39 -12.82
C GLN C 240 0.21 -46.07 -12.98
N GLY C 241 -0.78 -45.55 -12.26
CA GLY C 241 -2.17 -45.92 -12.45
C GLY C 241 -2.96 -44.92 -13.27
N ARG C 242 -2.36 -43.80 -13.66
CA ARG C 242 -3.05 -42.78 -14.43
C ARG C 242 -3.26 -43.25 -15.87
N LEU C 243 -4.37 -42.82 -16.46
CA LEU C 243 -4.69 -43.12 -17.85
C LEU C 243 -4.46 -41.89 -18.73
N HIS C 244 -4.19 -42.13 -20.01
CA HIS C 244 -3.83 -41.03 -20.88
C HIS C 244 -4.61 -41.03 -22.20
N THR C 245 -4.99 -42.21 -22.69
CA THR C 245 -5.53 -42.32 -24.04
C THR C 245 -6.97 -42.82 -24.02
N GLU C 246 -7.65 -42.60 -25.15
CA GLU C 246 -9.04 -43.04 -25.29
C GLU C 246 -9.16 -44.56 -25.16
N GLU C 247 -8.21 -45.31 -25.74
CA GLU C 247 -8.31 -46.76 -25.67
C GLU C 247 -8.13 -47.26 -24.24
N GLU C 248 -7.21 -46.67 -23.48
CA GLU C 248 -7.12 -47.00 -22.05
C GLU C 248 -8.43 -46.69 -21.35
N PHE C 249 -9.11 -45.61 -21.76
CA PHE C 249 -10.39 -45.25 -21.16
C PHE C 249 -11.54 -46.10 -21.68
N GLY C 250 -11.33 -46.92 -22.71
CA GLY C 250 -12.34 -47.86 -23.13
C GLY C 250 -12.20 -49.19 -22.41
N ASN C 251 -11.02 -49.41 -21.81
CA ASN C 251 -10.66 -50.70 -21.26
C ASN C 251 -10.87 -50.79 -19.76
N ILE C 252 -11.45 -49.77 -19.12
CA ILE C 252 -11.76 -49.87 -17.70
C ILE C 252 -12.76 -50.99 -17.47
N ILE C 253 -12.49 -51.80 -16.45
CA ILE C 253 -13.38 -52.92 -16.14
C ILE C 253 -14.51 -52.41 -15.26
N LEU C 254 -15.74 -52.48 -15.79
CA LEU C 254 -16.90 -52.10 -15.00
C LEU C 254 -17.35 -53.23 -14.09
N LYS C 255 -17.41 -54.45 -14.64
CA LYS C 255 -17.85 -55.61 -13.87
C LYS C 255 -17.52 -56.87 -14.65
N THR C 256 -17.66 -58.00 -13.96
CA THR C 256 -17.53 -59.32 -14.55
C THR C 256 -18.90 -59.81 -15.02
N ALA C 257 -18.98 -60.24 -16.27
CA ALA C 257 -20.22 -60.78 -16.77
C ALA C 257 -20.45 -62.19 -16.22
N GLN C 258 -21.67 -62.69 -16.43
CA GLN C 258 -22.01 -64.03 -15.95
C GLN C 258 -21.18 -65.12 -16.61
N ASP C 259 -20.70 -64.88 -17.83
CA ASP C 259 -19.92 -65.86 -18.57
C ASP C 259 -18.43 -65.78 -18.24
N GLY C 260 -18.05 -64.94 -17.29
CA GLY C 260 -16.66 -64.77 -16.91
C GLY C 260 -15.90 -63.75 -17.73
N SER C 261 -16.50 -63.20 -18.78
CA SER C 261 -15.89 -62.14 -19.54
C SER C 261 -16.01 -60.81 -18.78
N LEU C 262 -15.28 -59.81 -19.26
CA LEU C 262 -15.20 -58.52 -18.59
C LEU C 262 -16.03 -57.50 -19.35
N VAL C 263 -16.99 -56.89 -18.66
CA VAL C 263 -17.70 -55.73 -19.19
C VAL C 263 -16.81 -54.51 -19.06
N ARG C 264 -16.65 -53.77 -20.14
CA ARG C 264 -15.77 -52.62 -20.16
C ARG C 264 -16.54 -51.36 -20.55
N LEU C 265 -15.93 -50.21 -20.22
CA LEU C 265 -16.54 -48.93 -20.55
C LEU C 265 -16.85 -48.82 -22.04
N ARG C 266 -16.00 -49.43 -22.87
CA ARG C 266 -16.21 -49.40 -24.32
C ARG C 266 -17.55 -50.01 -24.70
N ASP C 267 -18.06 -50.96 -23.91
CA ASP C 267 -19.31 -51.64 -24.25
C ASP C 267 -20.55 -50.81 -23.93
N VAL C 268 -20.45 -49.89 -22.98
CA VAL C 268 -21.60 -49.11 -22.53
C VAL C 268 -21.44 -47.62 -22.79
N ALA C 269 -20.37 -47.19 -23.44
CA ALA C 269 -20.10 -45.77 -23.54
C ALA C 269 -19.30 -45.46 -24.80
N ARG C 270 -19.31 -44.18 -25.16
CA ARG C 270 -18.50 -43.64 -26.24
C ARG C 270 -17.48 -42.70 -25.63
N ILE C 271 -16.19 -42.99 -25.82
CA ILE C 271 -15.12 -42.22 -25.19
C ILE C 271 -14.48 -41.34 -26.24
N GLU C 272 -14.32 -40.05 -25.92
CA GLU C 272 -13.70 -39.14 -26.88
C GLU C 272 -12.96 -38.03 -26.14
N MET C 273 -11.84 -37.61 -26.70
CA MET C 273 -11.11 -36.45 -26.21
C MET C 273 -11.60 -35.23 -26.99
N GLY C 274 -12.28 -34.31 -26.33
CA GLY C 274 -12.98 -33.24 -27.00
C GLY C 274 -13.16 -31.99 -26.16
N SER C 275 -14.27 -31.29 -26.40
CA SER C 275 -14.51 -29.97 -25.82
C SER C 275 -14.81 -30.06 -24.33
N GLY C 276 -14.43 -29.01 -23.60
CA GLY C 276 -14.68 -28.93 -22.17
C GLY C 276 -16.01 -28.30 -21.83
N SER C 277 -16.61 -27.59 -22.79
CA SER C 277 -17.93 -27.01 -22.61
C SER C 277 -18.41 -26.52 -23.97
N TYR C 278 -19.73 -26.46 -24.12
CA TYR C 278 -20.39 -25.97 -25.33
C TYR C 278 -21.10 -24.65 -25.09
N ALA C 279 -20.52 -23.80 -24.24
CA ALA C 279 -21.17 -22.55 -23.86
C ALA C 279 -21.05 -21.49 -24.95
N LEU C 280 -19.95 -21.46 -25.69
CA LEU C 280 -19.61 -20.32 -26.53
C LEU C 280 -19.15 -20.77 -27.91
N ARG C 281 -19.53 -20.00 -28.92
CA ARG C 281 -19.00 -20.09 -30.27
C ARG C 281 -18.36 -18.77 -30.66
N SER C 282 -17.49 -18.82 -31.68
CA SER C 282 -16.83 -17.63 -32.18
C SER C 282 -16.70 -17.71 -33.69
N GLN C 283 -17.04 -16.62 -34.37
CA GLN C 283 -16.98 -16.55 -35.83
C GLN C 283 -16.50 -15.17 -36.27
N LEU C 284 -15.66 -15.14 -37.31
CA LEU C 284 -15.14 -13.91 -37.89
C LEU C 284 -15.70 -13.74 -39.30
N ASN C 285 -16.54 -12.74 -39.49
CA ASN C 285 -17.19 -12.44 -40.76
C ASN C 285 -18.05 -13.60 -41.26
N ASN C 286 -18.57 -14.42 -40.33
CA ASN C 286 -19.37 -15.62 -40.58
C ASN C 286 -18.50 -16.83 -40.95
N LYS C 287 -17.19 -16.73 -40.78
CA LYS C 287 -16.31 -17.89 -40.87
C LYS C 287 -15.93 -18.35 -39.47
N ASP C 288 -15.72 -19.65 -39.32
CA ASP C 288 -15.33 -20.17 -38.02
C ASP C 288 -14.00 -19.56 -37.59
N ALA C 289 -13.97 -19.06 -36.36
CA ALA C 289 -12.77 -18.45 -35.79
C ALA C 289 -12.80 -18.65 -34.29
N VAL C 290 -11.75 -18.21 -33.61
CA VAL C 290 -11.63 -18.36 -32.17
C VAL C 290 -11.15 -17.03 -31.59
N GLY C 291 -12.00 -16.38 -30.79
CA GLY C 291 -11.65 -15.11 -30.20
C GLY C 291 -10.90 -15.22 -28.89
N ILE C 292 -9.64 -14.79 -28.89
CA ILE C 292 -8.82 -14.78 -27.67
C ILE C 292 -8.97 -13.40 -27.05
N GLY C 293 -10.02 -13.23 -26.25
CA GLY C 293 -10.25 -11.95 -25.61
C GLY C 293 -9.19 -11.64 -24.56
N ILE C 294 -8.62 -10.45 -24.65
CA ILE C 294 -7.59 -9.96 -23.74
C ILE C 294 -8.22 -8.90 -22.84
N PHE C 295 -7.98 -8.98 -21.53
CA PHE C 295 -8.55 -8.07 -20.57
C PHE C 295 -7.44 -7.41 -19.76
N GLN C 296 -7.55 -6.10 -19.61
CA GLN C 296 -6.51 -5.27 -19.01
C GLN C 296 -6.39 -5.51 -17.51
N SER C 297 -5.15 -5.41 -17.03
CA SER C 297 -4.93 -5.01 -15.65
C SER C 297 -5.34 -3.54 -15.51
N PRO C 298 -5.82 -3.14 -14.33
CA PRO C 298 -6.41 -1.79 -14.20
C PRO C 298 -5.54 -0.64 -14.69
N GLY C 299 -4.23 -0.67 -14.44
CA GLY C 299 -3.37 0.35 -15.01
C GLY C 299 -2.50 -0.17 -16.13
N ALA C 300 -2.92 0.07 -17.37
CA ALA C 300 -2.11 -0.35 -18.51
C ALA C 300 -2.04 0.65 -19.65
N ASN C 301 -2.91 1.66 -19.70
CA ASN C 301 -2.98 2.69 -20.76
C ASN C 301 -3.45 2.07 -22.08
N ALA C 302 -3.60 0.74 -22.11
CA ALA C 302 -4.28 -0.03 -23.15
C ALA C 302 -3.50 -0.09 -24.46
N ILE C 303 -2.47 0.73 -24.60
CA ILE C 303 -1.72 0.86 -25.86
C ILE C 303 -0.49 -0.04 -25.86
N ASP C 304 0.35 0.12 -24.84
CA ASP C 304 1.53 -0.75 -24.73
C ASP C 304 1.11 -2.21 -24.70
N LEU C 305 -0.01 -2.51 -24.03
CA LEU C 305 -0.51 -3.88 -23.99
C LEU C 305 -0.88 -4.37 -25.39
N SER C 306 -1.53 -3.53 -26.19
CA SER C 306 -1.88 -3.93 -27.55
C SER C 306 -0.62 -4.17 -28.38
N ASN C 307 0.38 -3.30 -28.25
CA ASN C 307 1.64 -3.52 -28.95
C ASN C 307 2.27 -4.84 -28.54
N ALA C 308 2.27 -5.14 -27.25
CA ALA C 308 2.87 -6.38 -26.76
C ALA C 308 2.13 -7.60 -27.29
N VAL C 309 0.80 -7.56 -27.26
CA VAL C 309 0.01 -8.69 -27.77
C VAL C 309 0.30 -8.91 -29.25
N ARG C 310 0.35 -7.83 -30.03
CA ARG C 310 0.60 -7.97 -31.46
C ARG C 310 2.00 -8.50 -31.73
N ALA C 311 3.00 -8.01 -30.99
CA ALA C 311 4.37 -8.52 -31.15
C ALA C 311 4.46 -10.01 -30.82
N LYS C 312 3.87 -10.42 -29.69
CA LYS C 312 3.92 -11.82 -29.33
C LYS C 312 3.18 -12.67 -30.35
N MET C 313 2.04 -12.19 -30.85
CA MET C 313 1.30 -12.96 -31.84
C MET C 313 2.09 -13.10 -33.14
N ALA C 314 2.79 -12.04 -33.54
CA ALA C 314 3.66 -12.16 -34.71
C ALA C 314 4.75 -13.19 -34.46
N GLU C 315 5.30 -13.22 -33.25
CA GLU C 315 6.29 -14.24 -32.90
C GLU C 315 5.72 -15.65 -33.05
N LEU C 316 4.55 -15.90 -32.45
CA LEU C 316 3.97 -17.24 -32.47
C LEU C 316 3.46 -17.65 -33.84
N ALA C 317 3.11 -16.68 -34.70
CA ALA C 317 2.56 -17.02 -36.01
C ALA C 317 3.60 -17.64 -36.95
N THR C 318 4.89 -17.46 -36.67
CA THR C 318 5.93 -18.11 -37.47
C THR C 318 5.93 -19.62 -37.32
N ARG C 319 5.22 -20.16 -36.33
CA ARG C 319 5.09 -21.60 -36.14
C ARG C 319 3.69 -22.12 -36.45
N PHE C 320 2.82 -21.26 -36.98
CA PHE C 320 1.51 -21.70 -37.40
C PHE C 320 1.62 -22.66 -38.59
N PRO C 321 0.73 -23.62 -38.70
CA PRO C 321 0.66 -24.45 -39.91
C PRO C 321 0.00 -23.68 -41.05
N GLU C 322 0.13 -24.22 -42.25
CA GLU C 322 -0.50 -23.62 -43.41
C GLU C 322 -2.02 -23.61 -43.24
N ASP C 323 -2.64 -22.55 -43.77
CA ASP C 323 -4.09 -22.32 -43.67
C ASP C 323 -4.52 -22.03 -42.23
N MET C 324 -3.65 -21.41 -41.44
CA MET C 324 -4.01 -20.93 -40.11
C MET C 324 -3.40 -19.55 -39.92
N GLN C 325 -4.26 -18.54 -39.73
CA GLN C 325 -3.79 -17.16 -39.62
C GLN C 325 -4.46 -16.48 -38.44
N TRP C 326 -3.80 -15.43 -37.94
CA TRP C 326 -4.30 -14.63 -36.85
C TRP C 326 -4.58 -13.21 -37.31
N ALA C 327 -5.55 -12.58 -36.66
CA ALA C 327 -5.95 -11.21 -36.96
C ALA C 327 -6.40 -10.55 -35.66
N ALA C 328 -6.53 -9.23 -35.70
CA ALA C 328 -7.03 -8.46 -34.56
C ALA C 328 -7.92 -7.33 -35.05
N PRO C 329 -9.02 -7.66 -35.73
CA PRO C 329 -9.89 -6.60 -36.26
C PRO C 329 -10.51 -5.73 -35.17
N TYR C 330 -10.76 -6.27 -33.98
CA TYR C 330 -11.37 -5.51 -32.89
C TYR C 330 -10.25 -5.08 -31.93
N ASP C 331 -9.96 -3.78 -31.93
CA ASP C 331 -8.89 -3.22 -31.10
C ASP C 331 -9.10 -1.72 -30.96
N PRO C 332 -9.90 -1.26 -29.99
CA PRO C 332 -10.14 0.18 -29.85
C PRO C 332 -8.88 1.01 -29.64
N THR C 333 -7.77 0.39 -29.25
CA THR C 333 -6.53 1.16 -29.11
C THR C 333 -6.05 1.72 -30.43
N VAL C 334 -6.44 1.12 -31.57
CA VAL C 334 -6.08 1.73 -32.85
C VAL C 334 -6.81 3.05 -33.03
N PHE C 335 -8.09 3.12 -32.64
CA PHE C 335 -8.79 4.40 -32.68
C PHE C 335 -8.17 5.38 -31.70
N VAL C 336 -7.71 4.90 -30.54
CA VAL C 336 -7.07 5.80 -29.59
C VAL C 336 -5.80 6.40 -30.19
N ARG C 337 -5.00 5.57 -30.87
CA ARG C 337 -3.81 6.07 -31.53
C ARG C 337 -4.17 7.08 -32.62
N ASP C 338 -5.21 6.77 -33.41
CA ASP C 338 -5.66 7.70 -34.43
C ASP C 338 -6.10 9.02 -33.83
N SER C 339 -6.78 8.96 -32.68
CA SER C 339 -7.26 10.18 -32.03
C SER C 339 -6.10 11.06 -31.57
N ILE C 340 -5.11 10.48 -30.89
CA ILE C 340 -4.00 11.31 -30.43
C ILE C 340 -3.20 11.83 -31.61
N ARG C 341 -3.06 11.02 -32.66
CA ARG C 341 -2.37 11.47 -33.86
C ARG C 341 -3.11 12.62 -34.53
N ALA C 342 -4.44 12.53 -34.58
CA ALA C 342 -5.25 13.60 -35.15
C ALA C 342 -5.14 14.88 -34.34
N VAL C 343 -5.08 14.75 -33.01
CA VAL C 343 -4.99 15.96 -32.19
C VAL C 343 -3.61 16.61 -32.34
N VAL C 344 -2.55 15.81 -32.49
CA VAL C 344 -1.25 16.47 -32.74
C VAL C 344 -1.22 17.08 -34.14
N GLN C 345 -1.91 16.48 -35.10
CA GLN C 345 -2.08 17.11 -36.40
C GLN C 345 -2.75 18.47 -36.27
N THR C 346 -3.84 18.54 -35.50
CA THR C 346 -4.48 19.83 -35.28
C THR C 346 -3.55 20.79 -34.55
N LEU C 347 -2.67 20.26 -33.69
CA LEU C 347 -1.71 21.13 -33.01
C LEU C 347 -0.78 21.80 -34.03
N LEU C 348 -0.26 21.01 -34.98
CA LEU C 348 0.63 21.57 -35.99
C LEU C 348 -0.11 22.55 -36.90
N GLU C 349 -1.37 22.23 -37.24
CA GLU C 349 -2.17 23.17 -38.03
C GLU C 349 -2.35 24.49 -37.28
N ALA C 350 -2.61 24.41 -35.98
CA ALA C 350 -2.82 25.62 -35.21
C ALA C 350 -1.53 26.43 -35.10
N VAL C 351 -0.38 25.76 -34.94
CA VAL C 351 0.88 26.52 -34.88
C VAL C 351 1.14 27.20 -36.23
N VAL C 352 0.82 26.54 -37.35
CA VAL C 352 1.00 27.17 -38.64
C VAL C 352 0.14 28.43 -38.74
N LEU C 353 -1.14 28.32 -38.34
CA LEU C 353 -2.01 29.48 -38.45
C LEU C 353 -1.56 30.62 -37.53
N VAL C 354 -1.06 30.28 -36.33
CA VAL C 354 -0.67 31.33 -35.39
C VAL C 354 0.60 32.03 -35.88
N VAL C 355 1.56 31.29 -36.45
CA VAL C 355 2.71 32.00 -37.02
C VAL C 355 2.28 32.84 -38.20
N LEU C 356 1.29 32.37 -38.99
CA LEU C 356 0.80 33.21 -40.08
C LEU C 356 0.22 34.51 -39.56
N VAL C 357 -0.54 34.43 -38.45
CA VAL C 357 -1.13 35.63 -37.88
C VAL C 357 -0.05 36.58 -37.35
N VAL C 358 0.94 36.04 -36.65
CA VAL C 358 1.97 36.91 -36.09
C VAL C 358 2.80 37.53 -37.22
N ILE C 359 2.95 36.83 -38.35
CA ILE C 359 3.65 37.41 -39.48
C ILE C 359 2.83 38.52 -40.12
N LEU C 360 1.52 38.28 -40.30
CA LEU C 360 0.66 39.31 -40.88
C LEU C 360 0.57 40.55 -40.00
N PHE C 361 0.76 40.39 -38.70
CA PHE C 361 0.73 41.54 -37.80
C PHE C 361 2.10 42.14 -37.52
N LEU C 362 3.18 41.42 -37.82
CA LEU C 362 4.53 41.87 -37.47
C LEU C 362 5.40 42.16 -38.69
N GLN C 363 5.26 41.37 -39.76
CA GLN C 363 5.72 41.71 -41.10
C GLN C 363 7.23 41.84 -41.23
N THR C 364 8.01 41.35 -40.27
CA THR C 364 9.45 41.26 -40.43
C THR C 364 9.97 40.10 -39.58
N TRP C 365 10.91 39.33 -40.15
CA TRP C 365 11.31 38.08 -39.50
C TRP C 365 11.96 38.34 -38.14
N ARG C 366 12.71 39.44 -38.03
CA ARG C 366 13.35 39.78 -36.76
C ARG C 366 12.34 39.98 -35.64
N ALA C 367 11.12 40.39 -35.98
CA ALA C 367 10.09 40.58 -34.97
C ALA C 367 9.16 39.37 -34.83
N SER C 368 9.08 38.51 -35.85
CA SER C 368 8.21 37.34 -35.76
C SER C 368 8.90 36.14 -35.13
N ILE C 369 10.23 36.07 -35.21
CA ILE C 369 10.93 34.90 -34.71
C ILE C 369 10.80 34.79 -33.18
N ILE C 370 10.74 35.91 -32.47
CA ILE C 370 10.71 35.92 -31.01
C ILE C 370 9.44 35.25 -30.49
N PRO C 371 8.24 35.72 -30.84
CA PRO C 371 7.04 34.97 -30.42
C PRO C 371 6.96 33.58 -31.03
N LEU C 372 7.63 33.34 -32.16
CA LEU C 372 7.65 32.00 -32.72
C LEU C 372 8.36 31.05 -31.76
N ILE C 373 9.58 31.40 -31.35
CA ILE C 373 10.31 30.51 -30.47
C ILE C 373 9.72 30.47 -29.06
N ALA C 374 8.85 31.43 -28.74
CA ALA C 374 8.04 31.25 -27.52
C ALA C 374 7.22 29.97 -27.59
N VAL C 375 6.81 29.54 -28.78
CA VAL C 375 5.90 28.39 -28.91
C VAL C 375 6.56 27.09 -28.50
N PRO C 376 7.63 26.61 -29.16
CA PRO C 376 8.18 25.31 -28.74
C PRO C 376 8.65 25.30 -27.30
N VAL C 377 9.23 26.41 -26.84
CA VAL C 377 9.68 26.50 -25.45
C VAL C 377 8.53 26.18 -24.51
N SER C 378 7.46 26.97 -24.58
CA SER C 378 6.38 26.85 -23.60
C SER C 378 5.52 25.61 -23.82
N VAL C 379 5.47 25.08 -25.04
CA VAL C 379 4.66 23.88 -25.25
C VAL C 379 5.41 22.63 -24.82
N VAL C 380 6.66 22.47 -25.29
CA VAL C 380 7.42 21.27 -24.95
C VAL C 380 7.79 21.28 -23.47
N GLY C 381 8.12 22.44 -22.90
CA GLY C 381 8.50 22.48 -21.50
C GLY C 381 7.39 22.11 -20.55
N THR C 382 6.13 22.15 -21.02
CA THR C 382 4.99 21.72 -20.21
C THR C 382 5.04 20.23 -19.92
N PHE C 383 5.65 19.44 -20.81
CA PHE C 383 5.64 18.00 -20.67
C PHE C 383 6.39 17.56 -19.42
N SER C 384 7.42 18.30 -19.01
CA SER C 384 8.14 17.94 -17.79
C SER C 384 7.22 18.03 -16.58
N ILE C 385 6.44 19.10 -16.49
CA ILE C 385 5.50 19.25 -15.39
C ILE C 385 4.42 18.18 -15.47
N LEU C 386 3.97 17.85 -16.69
CA LEU C 386 2.98 16.80 -16.86
C LEU C 386 3.50 15.47 -16.35
N TYR C 387 4.76 15.13 -16.66
CA TYR C 387 5.37 13.93 -16.13
C TYR C 387 5.45 13.98 -14.61
N LEU C 388 5.85 15.13 -14.07
CA LEU C 388 6.05 15.24 -12.63
C LEU C 388 4.76 15.06 -11.83
N LEU C 389 3.59 15.23 -12.47
CA LEU C 389 2.32 15.10 -11.78
C LEU C 389 1.55 13.85 -12.21
N GLY C 390 2.22 12.90 -12.85
CA GLY C 390 1.55 11.68 -13.26
C GLY C 390 0.45 11.90 -14.26
N PHE C 391 0.66 12.78 -15.23
CA PHE C 391 -0.33 12.99 -16.27
C PHE C 391 0.00 12.10 -17.48
N SER C 392 -1.00 11.94 -18.33
CA SER C 392 -0.85 11.11 -19.52
C SER C 392 -0.81 11.98 -20.77
N LEU C 393 -0.39 11.36 -21.86
CA LEU C 393 -0.57 11.93 -23.19
C LEU C 393 -1.92 11.46 -23.67
N ASN C 394 -2.95 12.30 -23.48
CA ASN C 394 -4.30 11.92 -23.82
C ASN C 394 -4.96 13.03 -24.61
N THR C 395 -6.04 12.66 -25.32
CA THR C 395 -6.74 13.54 -26.24
C THR C 395 -7.26 14.80 -25.55
N LEU C 396 -7.09 14.89 -24.24
CA LEU C 396 -7.51 16.09 -23.52
C LEU C 396 -6.36 16.96 -23.04
N SER C 397 -5.21 16.37 -22.68
CA SER C 397 -4.02 17.19 -22.40
C SER C 397 -3.51 17.82 -23.69
N LEU C 398 -3.42 17.01 -24.75
CA LEU C 398 -3.12 17.52 -26.08
C LEU C 398 -4.13 18.57 -26.51
N PHE C 399 -5.37 18.45 -26.06
CA PHE C 399 -6.40 19.45 -26.34
C PHE C 399 -6.06 20.81 -25.74
N GLY C 400 -5.70 20.82 -24.46
CA GLY C 400 -5.28 22.06 -23.85
C GLY C 400 -4.04 22.61 -24.53
N LEU C 401 -3.15 21.72 -24.97
CA LEU C 401 -1.97 22.18 -25.69
C LEU C 401 -2.34 22.86 -27.00
N VAL C 402 -3.30 22.29 -27.75
CA VAL C 402 -3.65 22.86 -29.04
C VAL C 402 -4.33 24.20 -28.82
N LEU C 403 -5.12 24.32 -27.75
CA LEU C 403 -5.73 25.61 -27.45
C LEU C 403 -4.72 26.62 -26.92
N ALA C 404 -3.59 26.16 -26.39
CA ALA C 404 -2.67 27.05 -25.68
C ALA C 404 -1.67 27.74 -26.59
N ILE C 405 -1.37 27.15 -27.74
CA ILE C 405 -0.31 27.67 -28.58
C ILE C 405 -0.65 29.05 -29.13
N GLY C 406 -1.93 29.41 -29.13
CA GLY C 406 -2.36 30.76 -29.42
C GLY C 406 -2.39 31.66 -28.20
N ILE C 407 -1.97 31.14 -27.04
CA ILE C 407 -1.83 31.93 -25.83
C ILE C 407 -0.38 32.13 -25.43
N VAL C 408 0.50 31.17 -25.75
CA VAL C 408 1.91 31.30 -25.43
C VAL C 408 2.59 32.37 -26.26
N VAL C 409 2.00 32.76 -27.38
CA VAL C 409 2.53 33.86 -28.18
C VAL C 409 2.11 35.22 -27.68
N ASP C 410 1.15 35.29 -26.75
CA ASP C 410 0.53 36.57 -26.40
C ASP C 410 1.53 37.52 -25.77
N ASP C 411 2.22 37.08 -24.71
CA ASP C 411 3.10 37.98 -23.98
C ASP C 411 4.26 38.44 -24.84
N ALA C 412 4.80 37.54 -25.66
CA ALA C 412 5.88 37.90 -26.56
C ALA C 412 5.42 38.95 -27.57
N ILE C 413 4.20 38.79 -28.10
CA ILE C 413 3.65 39.77 -29.03
C ILE C 413 3.50 41.13 -28.34
N VAL C 414 2.99 41.14 -27.11
CA VAL C 414 2.84 42.39 -26.37
C VAL C 414 4.18 43.07 -26.21
N VAL C 415 5.19 42.30 -25.79
CA VAL C 415 6.52 42.84 -25.55
C VAL C 415 7.09 43.41 -26.85
N VAL C 416 6.97 42.65 -27.94
CA VAL C 416 7.59 43.04 -29.21
C VAL C 416 6.93 44.29 -29.74
N GLU C 417 5.60 44.36 -29.70
CA GLU C 417 4.91 45.55 -30.20
C GLU C 417 5.28 46.78 -29.37
N ASN C 418 5.36 46.64 -28.04
CA ASN C 418 5.75 47.79 -27.23
C ASN C 418 7.17 48.24 -27.55
N VAL C 419 8.09 47.29 -27.69
CA VAL C 419 9.48 47.67 -27.92
C VAL C 419 9.67 48.28 -29.31
N GLU C 420 8.93 47.79 -30.31
CA GLU C 420 9.08 48.36 -31.64
C GLU C 420 8.36 49.71 -31.76
N ARG C 421 7.27 49.90 -31.02
CA ARG C 421 6.69 51.23 -30.91
C ARG C 421 7.64 52.18 -30.20
N ASN C 422 8.47 51.67 -29.29
CA ASN C 422 9.44 52.52 -28.61
C ASN C 422 10.61 52.91 -29.50
N ILE C 423 11.13 51.96 -30.29
CA ILE C 423 12.19 52.35 -31.23
C ILE C 423 11.62 53.26 -32.30
N GLU C 424 10.34 53.06 -32.67
CA GLU C 424 9.70 53.97 -33.62
C GLU C 424 9.70 55.40 -33.09
N GLU C 425 9.49 55.58 -31.79
CA GLU C 425 9.61 56.90 -31.17
C GLU C 425 11.08 57.36 -31.05
N GLY C 426 12.04 56.60 -31.58
CA GLY C 426 13.43 57.02 -31.62
C GLY C 426 14.32 56.45 -30.53
N LEU C 427 13.80 55.58 -29.67
CA LEU C 427 14.62 55.02 -28.60
C LEU C 427 15.54 53.94 -29.16
N ALA C 428 16.77 53.91 -28.65
CA ALA C 428 17.72 52.91 -29.09
C ALA C 428 17.29 51.52 -28.61
N PRO C 429 17.56 50.47 -29.41
CA PRO C 429 16.95 49.15 -29.11
C PRO C 429 17.21 48.62 -27.71
N LEU C 430 18.42 48.81 -27.16
CA LEU C 430 18.68 48.40 -25.79
C LEU C 430 17.84 49.20 -24.80
N ALA C 431 17.92 50.53 -24.89
CA ALA C 431 17.13 51.38 -23.99
C ALA C 431 15.64 51.20 -24.24
N ALA C 432 15.25 50.94 -25.50
CA ALA C 432 13.85 50.67 -25.80
C ALA C 432 13.39 49.36 -25.16
N ALA C 433 14.25 48.34 -25.15
CA ALA C 433 13.91 47.09 -24.46
C ALA C 433 13.71 47.33 -22.97
N HIS C 434 14.62 48.08 -22.35
CA HIS C 434 14.46 48.42 -20.94
C HIS C 434 13.14 49.13 -20.68
N GLN C 435 12.82 50.16 -21.49
CA GLN C 435 11.61 50.95 -21.25
C GLN C 435 10.35 50.13 -21.51
N ALA C 436 10.32 49.36 -22.60
CA ALA C 436 9.17 48.50 -22.87
C ALA C 436 8.97 47.50 -21.76
N MET C 437 10.07 47.02 -21.16
CA MET C 437 9.94 46.15 -20.00
C MET C 437 9.31 46.88 -18.84
N ARG C 438 9.78 48.10 -18.56
CA ARG C 438 9.16 48.88 -17.50
C ARG C 438 7.67 49.06 -17.75
N GLU C 439 7.25 49.05 -19.01
CA GLU C 439 5.84 49.29 -19.32
C GLU C 439 5.01 48.02 -19.19
N VAL C 440 5.46 46.91 -19.77
CA VAL C 440 4.59 45.74 -19.92
C VAL C 440 5.04 44.56 -19.05
N SER C 441 5.97 44.75 -18.12
CA SER C 441 6.33 43.64 -17.25
C SER C 441 5.20 43.33 -16.28
N GLY C 442 4.67 44.34 -15.61
CA GLY C 442 3.59 44.17 -14.66
C GLY C 442 2.33 43.52 -15.22
N PRO C 443 1.81 44.04 -16.34
CA PRO C 443 0.56 43.48 -16.87
C PRO C 443 0.62 42.00 -17.19
N ILE C 444 1.73 41.50 -17.76
CA ILE C 444 1.73 40.09 -18.13
C ILE C 444 1.91 39.19 -16.91
N ILE C 445 2.66 39.65 -15.91
CA ILE C 445 2.68 38.95 -14.62
C ILE C 445 1.27 38.85 -14.05
N ALA C 446 0.52 39.96 -14.11
CA ALA C 446 -0.85 39.95 -13.61
C ALA C 446 -1.74 39.00 -14.41
N ILE C 447 -1.58 38.99 -15.74
CA ILE C 447 -2.40 38.12 -16.58
C ILE C 447 -2.11 36.66 -16.27
N ALA C 448 -0.84 36.31 -16.10
CA ALA C 448 -0.48 34.95 -15.73
C ALA C 448 -1.06 34.58 -14.37
N LEU C 449 -0.94 35.48 -13.39
CA LEU C 449 -1.45 35.19 -12.05
C LEU C 449 -2.97 35.02 -12.07
N VAL C 450 -3.66 35.84 -12.86
CA VAL C 450 -5.11 35.74 -12.93
C VAL C 450 -5.52 34.44 -13.62
N LEU C 451 -4.80 34.04 -14.68
CA LEU C 451 -5.09 32.77 -15.31
C LEU C 451 -4.90 31.61 -14.35
N CYS C 452 -3.84 31.66 -13.54
CA CYS C 452 -3.63 30.62 -12.55
C CYS C 452 -4.72 30.63 -11.49
N ALA C 453 -5.19 31.81 -11.10
CA ALA C 453 -6.28 31.89 -10.12
C ALA C 453 -7.58 31.37 -10.71
N VAL C 454 -7.81 31.58 -12.00
CA VAL C 454 -9.03 31.09 -12.63
C VAL C 454 -8.97 29.58 -12.81
N PHE C 455 -7.76 29.02 -12.94
CA PHE C 455 -7.59 27.60 -13.19
C PHE C 455 -7.33 26.76 -11.94
N VAL C 456 -6.97 27.39 -10.81
CA VAL C 456 -6.62 26.61 -9.61
C VAL C 456 -7.76 25.73 -9.10
N PRO C 457 -9.03 26.16 -9.05
CA PRO C 457 -10.04 25.28 -8.47
C PRO C 457 -10.23 23.98 -9.24
N MET C 458 -9.63 23.86 -10.42
CA MET C 458 -9.74 22.62 -11.18
C MET C 458 -8.98 21.47 -10.50
N ALA C 459 -7.97 21.79 -9.69
CA ALA C 459 -7.16 20.78 -9.03
C ALA C 459 -7.90 20.05 -7.92
N PHE C 460 -9.10 20.50 -7.54
CA PHE C 460 -9.83 19.89 -6.43
C PHE C 460 -10.97 18.98 -6.88
N LEU C 461 -11.31 18.96 -8.16
CA LEU C 461 -12.43 18.12 -8.58
C LEU C 461 -11.98 16.68 -8.79
N SER C 462 -12.96 15.79 -8.91
CA SER C 462 -12.74 14.37 -9.12
C SER C 462 -13.79 13.86 -10.10
N GLY C 463 -13.72 12.57 -10.40
CA GLY C 463 -14.63 11.99 -11.38
C GLY C 463 -14.23 12.43 -12.77
N VAL C 464 -14.99 11.97 -13.76
CA VAL C 464 -14.59 12.19 -15.14
C VAL C 464 -14.58 13.69 -15.46
N THR C 465 -15.55 14.44 -14.92
CA THR C 465 -15.54 15.88 -15.15
C THR C 465 -14.35 16.55 -14.49
N GLY C 466 -14.01 16.13 -13.27
CA GLY C 466 -12.87 16.71 -12.59
C GLY C 466 -11.57 16.45 -13.33
N GLN C 467 -11.35 15.20 -13.73
CA GLN C 467 -10.14 14.87 -14.45
C GLN C 467 -10.09 15.57 -15.80
N PHE C 468 -11.24 15.68 -16.47
CA PHE C 468 -11.30 16.31 -17.78
C PHE C 468 -11.03 17.80 -17.68
N TYR C 469 -11.58 18.48 -16.67
CA TYR C 469 -11.20 19.87 -16.43
C TYR C 469 -9.71 19.97 -16.13
N LYS C 470 -9.19 19.04 -15.31
CA LYS C 470 -7.79 19.10 -14.90
C LYS C 470 -6.86 19.05 -16.10
N GLN C 471 -7.14 18.14 -17.05
CA GLN C 471 -6.26 17.95 -18.20
C GLN C 471 -6.06 19.24 -18.97
N PHE C 472 -7.11 20.03 -19.13
CA PHE C 472 -7.02 21.35 -19.77
C PHE C 472 -6.37 22.37 -18.87
N ALA C 473 -6.77 22.37 -17.60
CA ALA C 473 -6.43 23.46 -16.69
C ALA C 473 -4.95 23.50 -16.41
N VAL C 474 -4.40 22.40 -15.89
CA VAL C 474 -2.99 22.45 -15.50
C VAL C 474 -2.12 22.64 -16.72
N THR C 475 -2.51 22.05 -17.86
CA THR C 475 -1.68 22.18 -19.06
C THR C 475 -1.65 23.63 -19.54
N ILE C 476 -2.81 24.30 -19.59
CA ILE C 476 -2.82 25.67 -20.08
C ILE C 476 -2.16 26.60 -19.07
N ALA C 477 -2.39 26.37 -17.78
CA ALA C 477 -1.79 27.24 -16.76
C ALA C 477 -0.28 27.11 -16.76
N ILE C 478 0.24 25.88 -16.83
CA ILE C 478 1.68 25.69 -16.82
C ILE C 478 2.30 26.28 -18.09
N SER C 479 1.66 26.06 -19.24
CA SER C 479 2.21 26.60 -20.49
C SER C 479 2.22 28.14 -20.47
N THR C 480 1.18 28.76 -19.93
CA THR C 480 1.16 30.22 -19.84
C THR C 480 2.19 30.73 -18.84
N VAL C 481 2.41 30.01 -17.74
CA VAL C 481 3.46 30.41 -16.80
C VAL C 481 4.82 30.35 -17.48
N ILE C 482 5.07 29.29 -18.24
CA ILE C 482 6.34 29.17 -18.95
C ILE C 482 6.49 30.31 -19.95
N SER C 483 5.41 30.62 -20.69
CA SER C 483 5.47 31.70 -21.68
C SER C 483 5.66 33.06 -21.02
N ALA C 484 5.09 33.28 -19.84
CA ALA C 484 5.36 34.51 -19.10
C ALA C 484 6.82 34.59 -18.71
N ILE C 485 7.40 33.49 -18.24
CA ILE C 485 8.83 33.48 -17.92
C ILE C 485 9.64 33.82 -19.16
N ASN C 486 9.30 33.18 -20.28
CA ASN C 486 10.04 33.36 -21.52
C ASN C 486 9.95 34.80 -22.02
N SER C 487 8.76 35.40 -21.95
CA SER C 487 8.60 36.78 -22.40
C SER C 487 9.26 37.77 -21.46
N LEU C 488 9.38 37.42 -20.17
CA LEU C 488 10.05 38.29 -19.23
C LEU C 488 11.57 38.17 -19.28
N THR C 489 12.10 37.09 -19.85
CA THR C 489 13.54 36.87 -19.83
C THR C 489 14.17 36.92 -21.22
N LEU C 490 13.73 36.08 -22.16
CA LEU C 490 14.42 35.94 -23.43
C LEU C 490 13.84 36.82 -24.51
N SER C 491 12.53 37.09 -24.47
CA SER C 491 11.91 37.91 -25.51
C SER C 491 12.50 39.31 -25.61
N PRO C 492 12.64 40.09 -24.52
CA PRO C 492 13.26 41.41 -24.67
C PRO C 492 14.72 41.35 -25.07
N ALA C 493 15.45 40.33 -24.63
CA ALA C 493 16.86 40.20 -25.01
C ALA C 493 16.99 40.00 -26.52
N LEU C 494 16.25 39.02 -27.06
CA LEU C 494 16.26 38.81 -28.51
C LEU C 494 15.73 40.03 -29.25
N ALA C 495 14.79 40.77 -28.65
CA ALA C 495 14.33 42.01 -29.28
C ALA C 495 15.45 43.02 -29.37
N ALA C 496 16.19 43.22 -28.27
CA ALA C 496 17.28 44.20 -28.26
C ALA C 496 18.37 43.81 -29.25
N LEU C 497 18.66 42.52 -29.37
CA LEU C 497 19.72 42.06 -30.24
C LEU C 497 19.31 41.87 -31.69
N LEU C 498 18.00 41.80 -31.98
CA LEU C 498 17.51 41.50 -33.32
C LEU C 498 16.86 42.69 -34.00
N LEU C 499 16.10 43.49 -33.26
CA LEU C 499 15.43 44.64 -33.84
C LEU C 499 16.42 45.79 -34.02
N LYS C 500 16.44 46.37 -35.21
CA LYS C 500 17.39 47.41 -35.51
C LYS C 500 16.70 48.77 -35.60
N PRO C 501 17.43 49.86 -35.37
CA PRO C 501 16.82 51.19 -35.54
C PRO C 501 16.30 51.36 -36.94
N HIS C 502 15.14 52.04 -37.05
CA HIS C 502 14.38 52.09 -38.29
C HIS C 502 15.02 52.93 -39.36
N GLY C 503 16.20 53.49 -39.11
CA GLY C 503 17.01 54.13 -40.13
C GLY C 503 18.13 53.28 -40.69
N ALA C 504 18.14 51.98 -40.40
CA ALA C 504 19.23 51.10 -40.75
C ALA C 504 18.91 50.29 -42.01
N LYS C 505 19.95 49.67 -42.56
CA LYS C 505 19.82 48.89 -43.79
C LYS C 505 19.20 47.52 -43.50
N LYS C 506 18.16 47.18 -44.26
CA LYS C 506 17.53 45.87 -44.15
C LYS C 506 18.37 44.82 -44.86
N ASP C 507 18.28 43.58 -44.38
CA ASP C 507 19.01 42.48 -44.97
C ASP C 507 18.26 41.91 -46.16
N LEU C 508 18.91 41.00 -46.89
CA LEU C 508 18.29 40.39 -48.05
C LEU C 508 17.00 39.63 -47.72
N PRO C 509 16.94 38.79 -46.68
CA PRO C 509 15.64 38.17 -46.36
C PRO C 509 14.57 39.17 -46.00
N THR C 510 14.91 40.23 -45.25
CA THR C 510 13.92 41.26 -44.97
C THR C 510 13.46 41.92 -46.27
N ARG C 511 14.42 42.42 -47.06
CA ARG C 511 14.09 43.03 -48.35
C ARG C 511 13.20 42.12 -49.18
N LEU C 512 13.49 40.81 -49.15
CA LEU C 512 12.68 39.82 -49.83
C LEU C 512 11.26 39.90 -49.30
N ILE C 513 11.04 39.51 -48.05
CA ILE C 513 9.67 39.36 -47.58
C ILE C 513 8.90 40.67 -47.75
N ASP C 514 9.59 41.80 -47.65
CA ASP C 514 8.92 43.09 -47.87
C ASP C 514 8.45 43.23 -49.31
N ARG C 515 9.32 42.96 -50.29
CA ARG C 515 8.88 42.99 -51.67
C ARG C 515 7.78 41.96 -51.93
N LEU C 516 7.91 40.78 -51.34
CA LEU C 516 6.98 39.69 -51.63
C LEU C 516 5.63 39.83 -50.95
N PHE C 517 5.50 40.65 -49.89
CA PHE C 517 4.23 40.72 -49.16
C PHE C 517 3.79 42.13 -48.80
N GLY C 518 4.40 43.18 -49.37
CA GLY C 518 4.03 44.53 -49.00
C GLY C 518 2.63 44.94 -49.41
N TRP C 519 2.15 44.44 -50.55
CA TRP C 519 0.80 44.77 -50.98
C TRP C 519 -0.24 44.21 -50.03
N ILE C 520 0.11 43.20 -49.24
CA ILE C 520 -0.75 42.72 -48.17
C ILE C 520 -0.52 43.51 -46.88
N PHE C 521 0.74 43.80 -46.58
CA PHE C 521 1.06 44.43 -45.29
C PHE C 521 0.54 45.86 -45.19
N ARG C 522 0.81 46.69 -46.22
CA ARG C 522 0.49 48.11 -46.12
C ARG C 522 -1.00 48.41 -45.92
N PRO C 523 -1.93 47.83 -46.70
CA PRO C 523 -3.35 48.08 -46.41
C PRO C 523 -3.75 47.70 -45.01
N PHE C 524 -3.15 46.61 -44.50
CA PHE C 524 -3.42 46.15 -43.15
C PHE C 524 -3.07 47.23 -42.12
N ASN C 525 -1.86 47.80 -42.24
CA ASN C 525 -1.44 48.83 -41.29
C ASN C 525 -2.31 50.07 -41.38
N ARG C 526 -2.64 50.49 -42.61
CA ARG C 526 -3.45 51.71 -42.76
C ARG C 526 -4.85 51.53 -42.18
N PHE C 527 -5.48 50.39 -42.48
CA PHE C 527 -6.77 50.08 -41.88
C PHE C 527 -6.68 50.05 -40.37
N PHE C 528 -5.63 49.44 -39.83
CA PHE C 528 -5.52 49.32 -38.38
C PHE C 528 -5.38 50.68 -37.69
N LEU C 529 -4.59 51.59 -38.28
CA LEU C 529 -4.43 52.93 -37.69
C LEU C 529 -5.75 53.71 -37.75
N ARG C 530 -6.47 53.63 -38.88
CA ARG C 530 -7.79 54.24 -38.94
C ARG C 530 -8.73 53.64 -37.90
N SER C 531 -8.67 52.32 -37.73
CA SER C 531 -9.51 51.67 -36.74
C SER C 531 -9.18 52.17 -35.35
N SER C 532 -7.90 52.34 -35.04
CA SER C 532 -7.53 52.79 -33.69
C SER C 532 -8.14 54.16 -33.40
N ASN C 533 -7.94 55.12 -34.32
CA ASN C 533 -8.49 56.46 -34.06
C ASN C 533 -10.02 56.46 -34.03
N GLY C 534 -10.66 55.75 -34.96
CA GLY C 534 -12.11 55.67 -34.97
C GLY C 534 -12.67 54.97 -33.74
N TYR C 535 -11.98 53.95 -33.25
CA TYR C 535 -12.41 53.27 -32.03
C TYR C 535 -12.29 54.18 -30.82
N GLN C 536 -11.24 55.01 -30.79
CA GLN C 536 -11.17 56.01 -29.72
C GLN C 536 -12.38 56.94 -29.79
N GLY C 537 -12.80 57.31 -31.00
CA GLY C 537 -13.99 58.12 -31.14
C GLY C 537 -15.25 57.41 -30.64
N LEU C 538 -15.41 56.14 -31.02
CA LEU C 538 -16.57 55.36 -30.60
C LEU C 538 -16.62 55.19 -29.08
N VAL C 539 -15.46 54.93 -28.47
CA VAL C 539 -15.38 54.90 -27.01
C VAL C 539 -15.81 56.25 -26.45
N SER C 540 -15.24 57.35 -26.96
CA SER C 540 -15.62 58.67 -26.48
C SER C 540 -17.14 58.84 -26.48
N LYS C 541 -17.79 58.44 -27.57
CA LYS C 541 -19.25 58.49 -27.64
C LYS C 541 -19.89 57.68 -26.51
N THR C 542 -19.47 56.41 -26.35
CA THR C 542 -20.09 55.57 -25.33
C THR C 542 -19.78 56.06 -23.93
N LEU C 543 -18.49 56.29 -23.63
CA LEU C 543 -18.02 56.84 -22.37
C LEU C 543 -18.70 58.15 -22.02
N GLY C 544 -19.28 58.84 -23.00
CA GLY C 544 -20.19 59.92 -22.68
C GLY C 544 -21.46 59.41 -22.04
N ARG C 545 -22.18 58.53 -22.76
CA ARG C 545 -23.44 57.96 -22.29
C ARG C 545 -23.17 56.69 -21.49
N ARG C 546 -22.68 56.89 -20.26
CA ARG C 546 -22.34 55.75 -19.40
C ARG C 546 -23.57 55.00 -18.91
N GLY C 547 -24.74 55.61 -18.95
CA GLY C 547 -25.93 55.02 -18.38
C GLY C 547 -26.75 54.14 -19.32
N ALA C 548 -26.67 54.41 -20.62
CA ALA C 548 -27.42 53.60 -21.59
C ALA C 548 -26.69 52.31 -21.94
N VAL C 549 -25.36 52.39 -22.09
CA VAL C 549 -24.60 51.19 -22.33
C VAL C 549 -24.63 50.28 -21.10
N PHE C 550 -24.76 50.86 -19.90
CA PHE C 550 -24.96 50.03 -18.71
C PHE C 550 -26.29 49.29 -18.76
N ALA C 551 -27.34 49.94 -19.28
CA ALA C 551 -28.64 49.29 -19.40
C ALA C 551 -28.58 48.15 -20.42
N VAL C 552 -27.92 48.37 -21.56
CA VAL C 552 -27.79 47.27 -22.50
C VAL C 552 -26.86 46.19 -21.93
N TYR C 553 -25.95 46.56 -21.02
CA TYR C 553 -25.16 45.56 -20.30
C TYR C 553 -26.05 44.65 -19.47
N LEU C 554 -27.00 45.24 -18.73
CA LEU C 554 -27.92 44.43 -17.94
C LEU C 554 -28.81 43.58 -18.83
N LEU C 555 -29.26 44.14 -19.96
CA LEU C 555 -30.07 43.38 -20.91
C LEU C 555 -29.29 42.17 -21.45
N LEU C 556 -28.01 42.37 -21.77
CA LEU C 556 -27.20 41.25 -22.25
C LEU C 556 -26.93 40.25 -21.14
N LEU C 557 -26.86 40.71 -19.88
CA LEU C 557 -26.77 39.76 -18.77
C LEU C 557 -27.99 38.86 -18.74
N CYS C 558 -29.18 39.45 -18.93
CA CYS C 558 -30.39 38.66 -19.03
C CYS C 558 -30.32 37.69 -20.20
N ALA C 559 -29.77 38.14 -21.33
CA ALA C 559 -29.62 37.27 -22.49
C ALA C 559 -28.69 36.10 -22.19
N ALA C 560 -27.63 36.35 -21.41
CA ALA C 560 -26.71 35.28 -21.04
C ALA C 560 -27.40 34.25 -20.15
N GLY C 561 -28.22 34.70 -19.20
CA GLY C 561 -29.00 33.76 -18.42
C GLY C 561 -29.96 32.93 -19.28
N VAL C 562 -30.66 33.60 -20.20
CA VAL C 562 -31.55 32.89 -21.12
C VAL C 562 -30.77 31.85 -21.91
N MET C 563 -29.59 32.23 -22.41
CA MET C 563 -28.75 31.31 -23.16
C MET C 563 -28.35 30.11 -22.32
N PHE C 564 -27.97 30.37 -21.06
CA PHE C 564 -27.69 29.29 -20.13
C PHE C 564 -28.86 28.31 -20.06
N LYS C 565 -30.08 28.84 -20.04
CA LYS C 565 -31.23 27.98 -19.77
C LYS C 565 -31.93 27.47 -21.02
N VAL C 566 -31.45 27.80 -22.23
CA VAL C 566 -32.07 27.32 -23.45
C VAL C 566 -31.28 26.19 -24.09
N VAL C 567 -29.95 26.27 -24.10
CA VAL C 567 -29.14 25.19 -24.64
C VAL C 567 -29.17 24.03 -23.64
N PRO C 568 -29.59 22.84 -24.07
CA PRO C 568 -29.79 21.75 -23.11
C PRO C 568 -28.48 21.27 -22.50
N GLY C 569 -28.57 20.79 -21.26
CA GLY C 569 -27.40 20.24 -20.61
C GLY C 569 -26.89 19.00 -21.29
N GLY C 570 -25.63 18.66 -20.99
CA GLY C 570 -24.98 17.56 -21.66
C GLY C 570 -23.85 17.00 -20.83
N PHE C 571 -23.27 15.92 -21.34
CA PHE C 571 -22.22 15.22 -20.63
C PHE C 571 -21.54 14.28 -21.61
N ILE C 572 -20.27 14.55 -21.93
CA ILE C 572 -19.42 13.62 -22.68
C ILE C 572 -20.06 13.18 -23.99
N PRO C 573 -20.01 14.00 -25.04
CA PRO C 573 -20.56 13.59 -26.33
C PRO C 573 -20.05 12.21 -26.75
N THR C 574 -20.88 11.50 -27.51
CA THR C 574 -20.50 10.21 -28.05
C THR C 574 -19.86 10.40 -29.42
N GLN C 575 -18.84 9.60 -29.71
CA GLN C 575 -18.02 9.76 -30.90
C GLN C 575 -18.01 8.48 -31.71
N ASP C 576 -17.62 8.61 -32.99
CA ASP C 576 -17.38 7.47 -33.86
C ASP C 576 -16.02 6.87 -33.50
N LYS C 577 -16.03 5.67 -32.94
CA LYS C 577 -14.79 4.97 -32.61
C LYS C 577 -14.53 3.80 -33.55
N LEU C 578 -15.20 3.80 -34.71
CA LEU C 578 -14.97 2.85 -35.79
C LEU C 578 -15.50 1.45 -35.50
N TYR C 579 -16.53 1.33 -34.67
CA TYR C 579 -17.24 0.06 -34.55
C TYR C 579 -18.64 0.32 -34.01
N LEU C 580 -19.52 -0.66 -34.22
CA LEU C 580 -20.85 -0.71 -33.65
C LEU C 580 -20.99 -1.95 -32.77
N ILE C 581 -21.78 -1.83 -31.71
CA ILE C 581 -22.02 -2.94 -30.79
C ILE C 581 -23.44 -3.44 -31.05
N GLY C 582 -23.56 -4.55 -31.78
CA GLY C 582 -24.84 -5.19 -32.01
C GLY C 582 -24.96 -6.48 -31.23
N GLY C 583 -26.15 -7.06 -31.28
CA GLY C 583 -26.38 -8.30 -30.58
C GLY C 583 -27.84 -8.69 -30.67
N VAL C 584 -28.18 -9.74 -29.92
CA VAL C 584 -29.54 -10.26 -29.93
C VAL C 584 -29.90 -10.79 -28.55
N LYS C 585 -31.16 -10.54 -28.16
CA LYS C 585 -31.81 -11.22 -27.05
C LYS C 585 -32.97 -12.04 -27.60
N MET C 586 -32.96 -13.33 -27.30
CA MET C 586 -33.90 -14.26 -27.91
C MET C 586 -34.94 -14.73 -26.91
N PRO C 587 -35.96 -15.46 -27.37
CA PRO C 587 -36.98 -15.97 -26.44
C PRO C 587 -36.35 -16.77 -25.31
N GLU C 588 -36.95 -16.65 -24.13
CA GLU C 588 -36.43 -17.31 -22.94
C GLU C 588 -36.32 -18.81 -23.18
N GLY C 589 -35.17 -19.38 -22.81
CA GLY C 589 -34.96 -20.79 -22.97
C GLY C 589 -34.64 -21.24 -24.37
N SER C 590 -34.30 -20.32 -25.27
CA SER C 590 -33.91 -20.70 -26.62
C SER C 590 -32.57 -21.40 -26.62
N SER C 591 -32.41 -22.34 -27.56
CA SER C 591 -31.16 -23.05 -27.71
C SER C 591 -30.08 -22.11 -28.22
N LEU C 592 -28.85 -22.62 -28.26
CA LEU C 592 -27.74 -21.80 -28.74
C LEU C 592 -27.55 -21.86 -30.24
N ALA C 593 -27.95 -22.96 -30.88
CA ALA C 593 -27.85 -23.04 -32.34
C ALA C 593 -28.74 -21.99 -33.00
N ARG C 594 -29.89 -21.72 -32.40
CA ARG C 594 -30.79 -20.72 -32.98
C ARG C 594 -30.21 -19.32 -32.80
N THR C 595 -29.58 -19.05 -31.66
CA THR C 595 -28.88 -17.77 -31.49
C THR C 595 -27.74 -17.65 -32.49
N ASP C 596 -27.06 -18.76 -32.79
CA ASP C 596 -26.05 -18.72 -33.84
C ASP C 596 -26.68 -18.33 -35.17
N ALA C 597 -27.83 -18.93 -35.50
CA ALA C 597 -28.48 -18.61 -36.78
C ALA C 597 -28.83 -17.12 -36.86
N VAL C 598 -29.44 -16.58 -35.81
CA VAL C 598 -29.84 -15.19 -35.83
C VAL C 598 -28.61 -14.27 -35.85
N ILE C 599 -27.57 -14.63 -35.09
CA ILE C 599 -26.36 -13.81 -35.07
C ILE C 599 -25.67 -13.83 -36.43
N ARG C 600 -25.72 -14.96 -37.14
CA ARG C 600 -25.17 -15.00 -38.49
C ARG C 600 -25.97 -14.12 -39.43
N LYS C 601 -27.30 -14.09 -39.27
CA LYS C 601 -28.11 -13.19 -40.06
C LYS C 601 -27.71 -11.74 -39.81
N MET C 602 -27.53 -11.36 -38.53
CA MET C 602 -27.10 -10.00 -38.23
C MET C 602 -25.71 -9.71 -38.80
N SER C 603 -24.80 -10.68 -38.69
CA SER C 603 -23.45 -10.47 -39.18
C SER C 603 -23.45 -10.23 -40.69
N GLU C 604 -24.18 -11.06 -41.43
CA GLU C 604 -24.25 -10.89 -42.89
C GLU C 604 -24.99 -9.61 -43.26
N ILE C 605 -25.95 -9.18 -42.44
CA ILE C 605 -26.55 -7.85 -42.64
C ILE C 605 -25.47 -6.79 -42.54
N GLY C 606 -24.60 -6.91 -41.54
CA GLY C 606 -23.47 -6.03 -41.39
C GLY C 606 -22.57 -6.01 -42.61
N MET C 607 -21.90 -7.13 -42.89
CA MET C 607 -20.88 -7.17 -43.94
C MET C 607 -21.42 -6.70 -45.29
N ASN C 608 -22.72 -6.83 -45.50
CA ASN C 608 -23.35 -6.37 -46.73
C ASN C 608 -23.98 -4.98 -46.59
N THR C 609 -23.68 -4.27 -45.51
CA THR C 609 -24.08 -2.88 -45.35
C THR C 609 -22.89 -1.98 -45.65
N GLU C 610 -23.13 -0.93 -46.43
CA GLU C 610 -22.05 -0.09 -46.91
C GLU C 610 -21.44 0.74 -45.78
N GLY C 611 -20.11 0.67 -45.65
CA GLY C 611 -19.39 1.41 -44.64
C GLY C 611 -18.78 0.56 -43.55
N VAL C 612 -19.10 -0.73 -43.48
CA VAL C 612 -18.61 -1.59 -42.41
C VAL C 612 -17.51 -2.50 -42.96
N ASP C 613 -16.54 -2.79 -42.08
CA ASP C 613 -15.31 -3.48 -42.45
C ASP C 613 -15.34 -4.97 -42.14
N TYR C 614 -15.78 -5.35 -40.94
CA TYR C 614 -15.84 -6.75 -40.53
C TYR C 614 -17.07 -6.97 -39.68
N ALA C 615 -17.18 -8.19 -39.15
CA ALA C 615 -18.25 -8.53 -38.22
C ALA C 615 -17.76 -9.71 -37.39
N VAL C 616 -17.42 -9.47 -36.12
CA VAL C 616 -17.01 -10.54 -35.22
C VAL C 616 -18.20 -10.92 -34.36
N ALA C 617 -18.61 -12.19 -34.45
CA ALA C 617 -19.80 -12.67 -33.78
C ALA C 617 -19.43 -13.61 -32.64
N PHE C 618 -19.93 -13.30 -31.44
CA PHE C 618 -19.83 -14.18 -30.27
C PHE C 618 -21.25 -14.51 -29.85
N PRO C 619 -21.85 -15.57 -30.41
CA PRO C 619 -23.11 -16.08 -29.85
C PRO C 619 -22.89 -16.67 -28.46
N GLY C 620 -23.85 -16.43 -27.57
CA GLY C 620 -23.76 -16.87 -26.20
C GLY C 620 -23.21 -15.85 -25.23
N LEU C 621 -22.54 -14.81 -25.72
CA LEU C 621 -22.06 -13.72 -24.89
C LEU C 621 -23.13 -12.63 -24.80
N ASN C 622 -23.20 -11.99 -23.64
CA ASN C 622 -24.14 -10.91 -23.41
C ASN C 622 -23.36 -9.60 -23.38
N ALA C 623 -23.82 -8.61 -24.16
CA ALA C 623 -23.09 -7.35 -24.27
C ALA C 623 -23.26 -6.45 -23.06
N LEU C 624 -24.30 -6.65 -22.25
CA LEU C 624 -24.60 -5.74 -21.16
C LEU C 624 -23.95 -6.16 -19.84
N GLN C 625 -23.83 -7.45 -19.59
CA GLN C 625 -23.18 -7.94 -18.37
C GLN C 625 -21.93 -8.76 -18.66
N PHE C 626 -21.60 -8.99 -19.93
CA PHE C 626 -20.48 -9.85 -20.34
C PHE C 626 -20.52 -11.18 -19.59
N THR C 627 -21.71 -11.73 -19.46
CA THR C 627 -21.92 -13.06 -18.91
C THR C 627 -22.16 -14.06 -20.03
N ASN C 628 -22.35 -15.31 -19.63
CA ASN C 628 -22.61 -16.41 -20.56
C ASN C 628 -24.08 -16.77 -20.47
N THR C 629 -24.78 -16.69 -21.60
CA THR C 629 -26.21 -16.95 -21.62
C THR C 629 -26.58 -17.49 -23.00
N PRO C 630 -27.18 -18.69 -23.07
CA PRO C 630 -27.42 -19.31 -24.38
C PRO C 630 -28.36 -18.53 -25.29
N ASN C 631 -29.25 -17.71 -24.74
CA ASN C 631 -30.27 -17.05 -25.54
C ASN C 631 -29.91 -15.61 -25.88
N THR C 632 -28.67 -15.19 -25.62
CA THR C 632 -28.20 -13.89 -26.04
C THR C 632 -26.95 -14.05 -26.90
N GLY C 633 -26.59 -12.97 -27.58
CA GLY C 633 -25.37 -12.97 -28.37
C GLY C 633 -24.93 -11.56 -28.67
N THR C 634 -23.63 -11.40 -28.96
CA THR C 634 -23.09 -10.11 -29.35
C THR C 634 -22.37 -10.20 -30.68
N VAL C 635 -22.19 -9.04 -31.30
CA VAL C 635 -21.45 -8.90 -32.55
C VAL C 635 -20.86 -7.50 -32.58
N PHE C 636 -19.62 -7.40 -33.01
CA PHE C 636 -18.98 -6.11 -33.22
C PHE C 636 -18.85 -5.89 -34.72
N PHE C 637 -19.40 -4.77 -35.19
CA PHE C 637 -19.33 -4.38 -36.59
C PHE C 637 -18.17 -3.40 -36.73
N GLY C 638 -17.19 -3.74 -37.55
CA GLY C 638 -16.11 -2.81 -37.82
C GLY C 638 -16.53 -1.76 -38.83
N LEU C 639 -16.00 -0.54 -38.65
CA LEU C 639 -16.30 0.56 -39.55
C LEU C 639 -15.03 1.00 -40.26
N LYS C 640 -15.13 1.14 -41.59
CA LYS C 640 -14.03 1.67 -42.37
C LYS C 640 -13.74 3.11 -41.94
N PRO C 641 -12.51 3.60 -42.17
CA PRO C 641 -12.21 4.99 -41.84
C PRO C 641 -13.08 5.93 -42.66
N PHE C 642 -13.36 7.11 -42.09
CA PHE C 642 -14.31 8.03 -42.74
C PHE C 642 -13.87 8.43 -44.13
N ASP C 643 -12.56 8.45 -44.38
CA ASP C 643 -12.12 8.77 -45.75
C ASP C 643 -12.37 7.62 -46.73
N GLN C 644 -13.04 6.54 -46.31
CA GLN C 644 -13.33 5.40 -47.17
C GLN C 644 -14.82 5.08 -47.23
N ARG C 645 -15.67 5.90 -46.60
CA ARG C 645 -17.10 5.66 -46.61
C ARG C 645 -17.83 7.00 -46.66
N LYS C 646 -19.03 6.97 -47.26
CA LYS C 646 -19.85 8.18 -47.33
C LYS C 646 -20.64 8.40 -46.04
N HIS C 647 -21.21 7.33 -45.49
CA HIS C 647 -22.12 7.45 -44.37
C HIS C 647 -21.37 7.54 -43.04
N THR C 648 -22.00 8.20 -42.08
CA THR C 648 -21.42 8.36 -40.75
C THR C 648 -21.78 7.16 -39.87
N ALA C 649 -21.23 7.15 -38.66
CA ALA C 649 -21.46 6.03 -37.75
C ALA C 649 -22.93 5.91 -37.37
N ALA C 650 -23.57 7.05 -37.09
CA ALA C 650 -25.00 7.01 -36.74
C ALA C 650 -25.85 6.63 -37.94
N GLU C 651 -25.47 7.07 -39.15
CA GLU C 651 -26.22 6.65 -40.34
C GLU C 651 -26.10 5.15 -40.57
N ILE C 652 -24.89 4.61 -40.44
CA ILE C 652 -24.68 3.17 -40.61
C ILE C 652 -25.43 2.41 -39.53
N ASN C 653 -25.40 2.91 -38.29
CA ASN C 653 -26.13 2.28 -37.21
C ASN C 653 -27.63 2.28 -37.48
N ALA C 654 -28.16 3.40 -37.98
CA ALA C 654 -29.59 3.45 -38.29
C ALA C 654 -29.95 2.48 -39.41
N GLU C 655 -29.13 2.42 -40.46
CA GLU C 655 -29.38 1.48 -41.55
C GLU C 655 -29.37 0.04 -41.05
N ILE C 656 -28.38 -0.28 -40.21
CA ILE C 656 -28.26 -1.63 -39.66
C ILE C 656 -29.46 -1.94 -38.76
N ASN C 657 -29.84 -0.99 -37.89
CA ASN C 657 -30.99 -1.20 -37.02
C ASN C 657 -32.26 -1.42 -37.83
N ALA C 658 -32.44 -0.66 -38.91
CA ALA C 658 -33.59 -0.87 -39.77
C ALA C 658 -33.58 -2.26 -40.38
N LYS C 659 -32.41 -2.72 -40.85
CA LYS C 659 -32.35 -4.04 -41.45
C LYS C 659 -32.56 -5.16 -40.42
N ILE C 660 -32.00 -4.99 -39.22
CA ILE C 660 -32.08 -6.02 -38.18
C ILE C 660 -33.35 -5.90 -37.34
N ALA C 661 -34.18 -4.89 -37.57
CA ALA C 661 -35.48 -4.88 -36.92
C ALA C 661 -36.48 -5.80 -37.61
N GLN C 662 -36.10 -6.37 -38.76
CA GLN C 662 -37.02 -7.18 -39.56
C GLN C 662 -36.98 -8.66 -39.23
N ILE C 663 -35.93 -9.16 -38.57
CA ILE C 663 -35.92 -10.56 -38.17
C ILE C 663 -36.90 -10.75 -37.01
N GLN C 664 -37.93 -11.56 -37.24
CA GLN C 664 -38.94 -11.79 -36.22
C GLN C 664 -38.50 -12.79 -35.16
N GLN C 665 -37.42 -13.55 -35.43
CA GLN C 665 -37.03 -14.63 -34.53
C GLN C 665 -36.51 -14.13 -33.19
N GLY C 666 -35.82 -12.98 -33.17
CA GLY C 666 -35.29 -12.44 -31.93
C GLY C 666 -35.44 -10.94 -31.81
N PHE C 667 -34.82 -10.36 -30.79
CA PHE C 667 -34.78 -8.91 -30.60
C PHE C 667 -33.32 -8.51 -30.83
N GLY C 668 -33.05 -8.01 -32.03
CA GLY C 668 -31.72 -7.55 -32.36
C GLY C 668 -31.56 -6.07 -32.09
N PHE C 669 -30.33 -5.70 -31.76
CA PHE C 669 -30.01 -4.31 -31.47
C PHE C 669 -28.62 -4.01 -32.00
N SER C 670 -28.35 -2.72 -32.19
CA SER C 670 -27.03 -2.25 -32.60
C SER C 670 -26.92 -0.80 -32.16
N ILE C 671 -25.91 -0.50 -31.34
CA ILE C 671 -25.76 0.82 -30.76
C ILE C 671 -24.34 1.33 -31.00
N LEU C 672 -24.14 2.61 -30.68
CA LEU C 672 -22.86 3.31 -30.75
C LEU C 672 -21.99 2.95 -29.56
N PRO C 673 -20.67 3.03 -29.71
CA PRO C 673 -19.76 2.64 -28.63
C PRO C 673 -19.87 3.58 -27.44
N PRO C 674 -19.46 3.13 -26.26
CA PRO C 674 -19.35 4.04 -25.12
C PRO C 674 -18.30 5.10 -25.40
N PRO C 675 -18.57 6.35 -25.03
CA PRO C 675 -17.53 7.39 -25.17
C PRO C 675 -16.28 7.12 -24.36
N ILE C 676 -16.41 6.55 -23.17
CA ILE C 676 -15.27 6.27 -22.29
C ILE C 676 -15.23 4.76 -22.09
N LEU C 677 -14.30 4.10 -22.77
CA LEU C 677 -14.22 2.63 -22.73
C LEU C 677 -13.97 2.15 -21.31
N GLY C 678 -14.87 1.28 -20.81
CA GLY C 678 -14.80 0.80 -19.45
C GLY C 678 -15.64 1.57 -18.46
N LEU C 679 -16.22 2.71 -18.86
CA LEU C 679 -17.17 3.45 -18.05
C LEU C 679 -18.60 3.13 -18.46
N GLY C 680 -18.79 2.04 -19.18
CA GLY C 680 -20.09 1.62 -19.67
C GLY C 680 -19.91 0.64 -20.78
N GLN C 681 -21.03 0.06 -21.20
CA GLN C 681 -20.99 -0.93 -22.26
C GLN C 681 -21.56 -0.43 -23.58
N GLY C 682 -22.23 0.72 -23.56
CA GLY C 682 -22.70 1.29 -24.81
C GLY C 682 -22.93 2.78 -24.65
N SER C 683 -23.50 3.36 -25.69
CA SER C 683 -23.90 4.74 -25.64
C SER C 683 -25.32 4.84 -25.09
N GLY C 684 -25.73 6.06 -24.78
CA GLY C 684 -27.04 6.24 -24.18
C GLY C 684 -26.99 6.07 -22.68
N TYR C 685 -28.16 5.83 -22.10
CA TYR C 685 -28.31 5.78 -20.66
C TYR C 685 -28.28 4.34 -20.17
N SER C 686 -27.80 4.16 -18.94
CA SER C 686 -27.79 2.89 -18.23
C SER C 686 -28.40 3.08 -16.85
N LEU C 687 -29.40 2.25 -16.52
CA LEU C 687 -30.03 2.37 -15.22
C LEU C 687 -30.37 0.98 -14.67
N TYR C 688 -30.68 0.94 -13.38
CA TYR C 688 -31.23 -0.23 -12.73
C TYR C 688 -32.55 0.11 -12.06
N ILE C 689 -33.59 -0.64 -12.40
CA ILE C 689 -34.81 -0.64 -11.60
C ILE C 689 -34.59 -1.57 -10.41
N GLN C 690 -34.79 -1.05 -9.21
CA GLN C 690 -34.65 -1.80 -7.98
C GLN C 690 -36.02 -2.17 -7.41
N ASP C 691 -36.01 -3.16 -6.52
CA ASP C 691 -37.21 -3.63 -5.82
C ASP C 691 -36.95 -3.51 -4.33
N ARG C 692 -37.22 -2.34 -3.77
CA ARG C 692 -36.99 -2.08 -2.36
C ARG C 692 -38.16 -2.48 -1.47
N GLY C 693 -39.22 -3.04 -2.04
CA GLY C 693 -40.29 -3.60 -1.25
C GLY C 693 -40.16 -5.11 -1.13
N GLY C 694 -41.17 -5.84 -1.59
CA GLY C 694 -41.09 -7.28 -1.68
C GLY C 694 -41.85 -7.78 -2.88
N LEU C 695 -42.06 -6.87 -3.84
CA LEU C 695 -43.04 -7.08 -4.90
C LEU C 695 -42.72 -8.30 -5.77
N GLY C 696 -41.46 -8.72 -5.83
CA GLY C 696 -41.12 -9.98 -6.48
C GLY C 696 -40.66 -9.83 -7.93
N TYR C 697 -40.25 -10.96 -8.48
CA TYR C 697 -39.69 -11.02 -9.82
C TYR C 697 -40.74 -10.73 -10.89
N GLY C 698 -41.97 -11.22 -10.69
CA GLY C 698 -43.03 -10.91 -11.64
C GLY C 698 -43.33 -9.42 -11.68
N ALA C 699 -43.36 -8.78 -10.50
CA ALA C 699 -43.57 -7.35 -10.44
C ALA C 699 -42.42 -6.58 -11.10
N LEU C 700 -41.18 -7.02 -10.86
CA LEU C 700 -40.05 -6.41 -11.55
C LEU C 700 -40.20 -6.53 -13.06
N GLN C 701 -40.63 -7.69 -13.54
CA GLN C 701 -40.88 -7.86 -14.96
C GLN C 701 -41.90 -6.85 -15.45
N SER C 702 -43.07 -6.82 -14.81
CA SER C 702 -44.12 -5.90 -15.22
C SER C 702 -43.61 -4.46 -15.28
N ALA C 703 -42.79 -4.07 -14.31
CA ALA C 703 -42.21 -2.73 -14.33
C ALA C 703 -41.31 -2.53 -15.55
N VAL C 704 -40.48 -3.52 -15.86
CA VAL C 704 -39.61 -3.39 -17.03
C VAL C 704 -40.44 -3.28 -18.30
N ASN C 705 -41.48 -4.09 -18.43
CA ASN C 705 -42.29 -4.07 -19.65
C ASN C 705 -42.98 -2.72 -19.81
N ALA C 706 -43.56 -2.20 -18.72
CA ALA C 706 -44.20 -0.90 -18.78
C ALA C 706 -43.22 0.21 -19.12
N MET C 707 -42.04 0.18 -18.49
CA MET C 707 -41.03 1.20 -18.73
C MET C 707 -40.56 1.18 -20.18
N SER C 708 -40.27 0.00 -20.71
CA SER C 708 -39.81 -0.12 -22.08
C SER C 708 -40.90 0.35 -23.06
N GLY C 709 -42.15 -0.01 -22.79
CA GLY C 709 -43.23 0.46 -23.64
C GLY C 709 -43.34 1.97 -23.62
N ALA C 710 -43.22 2.58 -22.44
CA ALA C 710 -43.29 4.04 -22.33
C ALA C 710 -42.14 4.71 -23.05
N ILE C 711 -40.94 4.15 -22.90
CA ILE C 711 -39.74 4.75 -23.50
C ILE C 711 -39.81 4.64 -25.02
N MET C 712 -40.34 3.53 -25.55
CA MET C 712 -40.45 3.37 -26.99
C MET C 712 -41.32 4.47 -27.60
N GLN C 713 -42.38 4.85 -26.89
CA GLN C 713 -43.27 5.90 -27.39
C GLN C 713 -42.58 7.25 -27.40
N THR C 714 -41.71 7.52 -26.43
CA THR C 714 -41.04 8.80 -26.36
C THR C 714 -40.26 9.05 -27.65
N PRO C 715 -40.36 10.25 -28.25
CA PRO C 715 -39.88 10.46 -29.62
C PRO C 715 -38.46 9.98 -29.91
N GLY C 716 -37.48 10.52 -29.20
CA GLY C 716 -36.09 10.19 -29.52
C GLY C 716 -35.66 8.82 -29.06
N MET C 717 -36.37 8.24 -28.11
CA MET C 717 -35.96 6.99 -27.47
C MET C 717 -36.52 5.78 -28.21
N HIS C 718 -35.81 4.67 -28.11
CA HIS C 718 -35.92 3.56 -29.07
C HIS C 718 -35.99 2.20 -28.37
N PHE C 719 -36.91 2.05 -27.38
CA PHE C 719 -37.20 0.76 -26.75
C PHE C 719 -36.01 0.12 -26.04
N PRO C 720 -35.75 0.51 -24.79
CA PRO C 720 -34.52 0.07 -24.10
C PRO C 720 -34.37 -1.44 -24.04
N ILE C 721 -33.19 -1.85 -23.56
CA ILE C 721 -32.74 -3.23 -23.62
C ILE C 721 -32.37 -3.70 -22.22
N SER C 722 -32.80 -4.91 -21.87
CA SER C 722 -32.52 -5.52 -20.59
C SER C 722 -32.07 -6.96 -20.77
N THR C 723 -31.16 -7.41 -19.92
CA THR C 723 -30.84 -8.84 -19.84
C THR C 723 -31.73 -9.57 -18.85
N TYR C 724 -32.59 -8.85 -18.13
CA TYR C 724 -33.46 -9.46 -17.14
C TYR C 724 -34.59 -10.23 -17.81
N GLN C 725 -34.83 -11.45 -17.34
CA GLN C 725 -35.97 -12.27 -17.75
C GLN C 725 -36.52 -12.95 -16.51
N ALA C 726 -37.80 -12.71 -16.20
CA ALA C 726 -38.40 -13.27 -15.00
C ALA C 726 -39.12 -14.60 -15.25
N ASN C 727 -39.24 -15.03 -16.50
CA ASN C 727 -40.09 -16.16 -16.86
C ASN C 727 -39.35 -17.12 -17.80
N VAL C 728 -38.14 -17.50 -17.41
CA VAL C 728 -37.41 -18.53 -18.16
C VAL C 728 -38.01 -19.90 -17.84
N PRO C 729 -38.32 -20.73 -18.83
CA PRO C 729 -38.89 -22.05 -18.58
C PRO C 729 -37.83 -23.03 -18.07
N GLN C 730 -38.15 -23.72 -16.98
CA GLN C 730 -37.28 -24.71 -16.36
C GLN C 730 -38.09 -25.97 -16.05
N LEU C 731 -37.37 -27.02 -15.68
CA LEU C 731 -37.97 -28.27 -15.21
C LEU C 731 -37.63 -28.48 -13.75
N ASP C 732 -38.54 -29.15 -13.06
CA ASP C 732 -38.43 -29.39 -11.63
C ASP C 732 -38.56 -30.89 -11.40
N VAL C 733 -37.62 -31.46 -10.66
CA VAL C 733 -37.63 -32.88 -10.33
C VAL C 733 -37.71 -33.01 -8.81
N GLN C 734 -38.88 -33.41 -8.31
CA GLN C 734 -39.05 -33.65 -6.88
C GLN C 734 -39.25 -35.15 -6.63
N VAL C 735 -38.45 -35.70 -5.73
CA VAL C 735 -38.49 -37.14 -5.46
C VAL C 735 -39.61 -37.47 -4.48
N ASP C 736 -40.27 -38.61 -4.70
CA ASP C 736 -41.30 -39.13 -3.79
C ASP C 736 -40.59 -39.99 -2.76
N ARG C 737 -40.31 -39.42 -1.58
CA ARG C 737 -39.42 -40.08 -0.63
C ARG C 737 -40.03 -41.38 -0.11
N ASP C 738 -41.33 -41.36 0.20
CA ASP C 738 -42.01 -42.59 0.59
C ASP C 738 -41.93 -43.62 -0.53
N LYS C 739 -42.23 -43.20 -1.77
CA LYS C 739 -42.17 -44.14 -2.88
C LYS C 739 -40.74 -44.64 -3.10
N ALA C 740 -39.76 -43.77 -2.87
CA ALA C 740 -38.36 -44.18 -3.00
C ALA C 740 -38.02 -45.28 -2.01
N LYS C 741 -38.47 -45.13 -0.76
CA LYS C 741 -38.27 -46.20 0.21
C LYS C 741 -39.04 -47.46 -0.19
N ALA C 742 -40.32 -47.30 -0.57
CA ALA C 742 -41.18 -48.43 -0.88
C ALA C 742 -40.64 -49.24 -2.05
N GLN C 743 -40.14 -48.57 -3.08
CA GLN C 743 -39.55 -49.26 -4.23
C GLN C 743 -38.15 -49.77 -3.94
N GLY C 744 -37.70 -49.67 -2.69
CA GLY C 744 -36.43 -50.25 -2.28
C GLY C 744 -35.22 -49.68 -2.98
N VAL C 745 -35.25 -48.39 -3.28
CA VAL C 745 -34.14 -47.71 -3.95
C VAL C 745 -33.56 -46.70 -2.98
N SER C 746 -32.25 -46.80 -2.74
CA SER C 746 -31.57 -45.80 -1.94
C SER C 746 -31.86 -44.40 -2.50
N LEU C 747 -31.97 -43.43 -1.59
CA LEU C 747 -32.11 -42.05 -2.03
C LEU C 747 -30.87 -41.60 -2.79
N THR C 748 -29.69 -41.86 -2.21
CA THR C 748 -28.45 -41.34 -2.79
C THR C 748 -28.23 -41.86 -4.19
N GLU C 749 -28.68 -43.08 -4.49
CA GLU C 749 -28.61 -43.56 -5.87
C GLU C 749 -29.52 -42.74 -6.78
N LEU C 750 -30.69 -42.34 -6.29
CA LEU C 750 -31.58 -41.49 -7.08
C LEU C 750 -30.88 -40.18 -7.45
N PHE C 751 -30.34 -39.48 -6.44
CA PHE C 751 -29.67 -38.22 -6.77
C PHE C 751 -28.41 -38.43 -7.59
N GLY C 752 -27.68 -39.53 -7.36
CA GLY C 752 -26.49 -39.80 -8.17
C GLY C 752 -26.81 -40.09 -9.61
N THR C 753 -27.87 -40.88 -9.85
CA THR C 753 -28.35 -41.08 -11.21
C THR C 753 -28.63 -39.76 -11.89
N LEU C 754 -29.43 -38.91 -11.23
CA LEU C 754 -29.74 -37.61 -11.81
C LEU C 754 -28.46 -36.83 -12.12
N GLN C 755 -27.58 -36.70 -11.12
CA GLN C 755 -26.41 -35.85 -11.26
C GLN C 755 -25.49 -36.34 -12.37
N THR C 756 -25.06 -37.60 -12.30
CA THR C 756 -24.12 -38.10 -13.30
C THR C 756 -24.75 -38.11 -14.70
N TYR C 757 -25.94 -38.70 -14.83
CA TYR C 757 -26.48 -38.87 -16.17
C TYR C 757 -26.84 -37.54 -16.82
N LEU C 758 -27.25 -36.55 -16.03
CA LEU C 758 -27.80 -35.32 -16.59
C LEU C 758 -26.91 -34.10 -16.36
N GLY C 759 -26.51 -33.85 -15.12
CA GLY C 759 -25.69 -32.72 -14.75
C GLY C 759 -24.20 -32.96 -14.78
N SER C 760 -23.76 -34.12 -15.29
CA SER C 760 -22.35 -34.50 -15.44
C SER C 760 -21.68 -34.76 -14.10
N SER C 761 -20.69 -35.65 -14.09
CA SER C 761 -19.93 -35.97 -12.89
C SER C 761 -18.45 -35.72 -13.17
N TYR C 762 -17.84 -34.85 -12.36
CA TYR C 762 -16.42 -34.57 -12.45
C TYR C 762 -15.67 -35.69 -11.75
N VAL C 763 -15.05 -36.57 -12.54
CA VAL C 763 -14.48 -37.80 -11.99
C VAL C 763 -13.09 -37.52 -11.42
N ASN C 764 -12.14 -37.19 -12.28
CA ASN C 764 -10.81 -36.76 -11.86
C ASN C 764 -10.16 -36.05 -13.06
N ASP C 765 -8.84 -35.87 -13.01
CA ASP C 765 -8.10 -35.27 -14.10
C ASP C 765 -7.18 -36.29 -14.77
N PHE C 766 -6.72 -35.94 -15.97
CA PHE C 766 -5.74 -36.74 -16.70
C PHE C 766 -4.76 -35.81 -17.40
N ASN C 767 -3.60 -36.35 -17.74
CA ASN C 767 -2.51 -35.56 -18.29
C ASN C 767 -2.39 -35.77 -19.80
N GLN C 768 -2.05 -34.69 -20.51
CA GLN C 768 -1.85 -34.72 -21.94
C GLN C 768 -1.20 -33.41 -22.36
N PHE C 769 -0.23 -33.50 -23.27
CA PHE C 769 0.40 -32.33 -23.88
C PHE C 769 0.96 -31.39 -22.82
N GLY C 770 1.62 -31.96 -21.82
CA GLY C 770 2.22 -31.16 -20.78
C GLY C 770 1.24 -30.36 -19.96
N ARG C 771 -0.02 -30.80 -19.92
CA ARG C 771 -1.09 -30.09 -19.23
C ARG C 771 -2.05 -31.09 -18.63
N THR C 772 -2.92 -30.62 -17.74
CA THR C 772 -3.95 -31.44 -17.14
C THR C 772 -5.32 -31.00 -17.64
N TRP C 773 -6.21 -31.99 -17.80
CA TRP C 773 -7.57 -31.74 -18.25
C TRP C 773 -8.52 -32.62 -17.45
N ARG C 774 -9.80 -32.30 -17.53
CA ARG C 774 -10.81 -33.01 -16.77
C ARG C 774 -11.30 -34.23 -17.54
N VAL C 775 -11.71 -35.27 -16.81
CA VAL C 775 -12.39 -36.40 -17.42
C VAL C 775 -13.85 -36.32 -16.97
N MET C 776 -14.76 -36.33 -17.94
CA MET C 776 -16.15 -36.00 -17.67
C MET C 776 -17.02 -37.20 -17.95
N ALA C 777 -17.94 -37.49 -17.03
CA ALA C 777 -18.93 -38.55 -17.19
C ALA C 777 -20.32 -37.93 -17.27
N GLN C 778 -21.04 -38.26 -18.34
CA GLN C 778 -22.38 -37.73 -18.58
C GLN C 778 -23.02 -38.55 -19.68
N ALA C 779 -24.35 -38.57 -19.69
CA ALA C 779 -25.07 -39.36 -20.67
C ALA C 779 -24.88 -38.77 -22.07
N ASP C 780 -25.00 -39.63 -23.07
CA ASP C 780 -24.96 -39.19 -24.46
C ASP C 780 -26.18 -38.31 -24.77
N GLY C 781 -26.00 -37.42 -25.74
CA GLY C 781 -26.98 -36.41 -26.07
C GLY C 781 -28.38 -36.92 -26.40
N PRO C 782 -28.48 -37.90 -27.32
CA PRO C 782 -29.81 -38.39 -27.71
C PRO C 782 -30.60 -39.05 -26.59
N TYR C 783 -30.03 -39.17 -25.39
CA TYR C 783 -30.70 -39.83 -24.28
C TYR C 783 -31.08 -38.88 -23.15
N ARG C 784 -30.85 -37.58 -23.30
CA ARG C 784 -31.30 -36.60 -22.31
C ARG C 784 -31.91 -35.38 -22.99
N GLU C 785 -32.83 -35.59 -23.92
CA GLU C 785 -33.46 -34.50 -24.65
C GLU C 785 -34.95 -34.35 -24.36
N SER C 786 -35.56 -35.23 -23.57
CA SER C 786 -37.00 -35.16 -23.34
C SER C 786 -37.29 -35.45 -21.87
N VAL C 787 -38.49 -35.04 -21.46
CA VAL C 787 -38.95 -35.33 -20.09
C VAL C 787 -39.03 -36.84 -19.87
N GLU C 788 -39.51 -37.57 -20.89
CA GLU C 788 -39.49 -39.02 -20.80
C GLU C 788 -38.06 -39.53 -20.66
N ASP C 789 -37.12 -38.95 -21.40
CA ASP C 789 -35.73 -39.39 -21.33
C ASP C 789 -35.22 -39.38 -19.89
N ILE C 790 -35.50 -38.30 -19.15
CA ILE C 790 -35.08 -38.27 -17.77
C ILE C 790 -35.92 -39.23 -16.92
N ALA C 791 -37.20 -39.41 -17.25
CA ALA C 791 -38.00 -40.38 -16.51
C ALA C 791 -37.48 -41.80 -16.67
N ASN C 792 -36.82 -42.10 -17.79
CA ASN C 792 -36.44 -43.48 -18.13
C ASN C 792 -35.03 -43.86 -17.69
N LEU C 793 -34.31 -43.00 -16.99
CA LEU C 793 -33.03 -43.43 -16.42
C LEU C 793 -33.29 -44.50 -15.37
N ARG C 794 -32.44 -45.52 -15.36
CA ARG C 794 -32.66 -46.69 -14.52
C ARG C 794 -31.61 -46.76 -13.42
N THR C 795 -32.07 -47.09 -12.22
CA THR C 795 -31.23 -47.21 -11.04
C THR C 795 -31.51 -48.54 -10.37
N ARG C 796 -30.65 -48.92 -9.43
CA ARG C 796 -30.72 -50.24 -8.81
C ARG C 796 -31.51 -50.18 -7.50
N ASN C 797 -32.51 -51.05 -7.38
CA ASN C 797 -33.20 -51.21 -6.10
C ASN C 797 -32.38 -52.14 -5.21
N ASN C 798 -32.87 -52.37 -3.99
CA ASN C 798 -32.16 -53.23 -3.05
C ASN C 798 -32.31 -54.71 -3.36
N GLN C 799 -33.26 -55.08 -4.22
CA GLN C 799 -33.33 -56.45 -4.72
C GLN C 799 -32.37 -56.70 -5.87
N GLY C 800 -31.73 -55.67 -6.40
CA GLY C 800 -30.77 -55.80 -7.48
C GLY C 800 -31.33 -55.61 -8.88
N GLU C 801 -32.54 -55.10 -9.03
CA GLU C 801 -33.18 -54.96 -10.32
C GLU C 801 -33.13 -53.52 -10.80
N MET C 802 -33.13 -53.36 -12.12
CA MET C 802 -33.09 -52.03 -12.73
C MET C 802 -34.50 -51.46 -12.82
N VAL C 803 -34.68 -50.25 -12.30
CA VAL C 803 -36.02 -49.64 -12.27
C VAL C 803 -35.94 -48.21 -12.82
N PRO C 804 -36.96 -47.77 -13.55
CA PRO C 804 -37.00 -46.36 -13.96
C PRO C 804 -37.10 -45.45 -12.76
N ILE C 805 -36.45 -44.29 -12.84
CA ILE C 805 -36.53 -43.34 -11.75
C ILE C 805 -37.83 -42.56 -11.79
N GLY C 806 -38.53 -42.55 -12.92
CA GLY C 806 -39.79 -41.84 -13.03
C GLY C 806 -40.87 -42.41 -12.13
N SER C 807 -40.71 -43.66 -11.71
CA SER C 807 -41.63 -44.24 -10.75
C SER C 807 -41.46 -43.69 -9.35
N MET C 808 -40.40 -42.92 -9.09
CA MET C 808 -40.14 -42.38 -7.77
C MET C 808 -39.98 -40.86 -7.75
N VAL C 809 -40.21 -40.18 -8.88
CA VAL C 809 -40.03 -38.74 -8.98
C VAL C 809 -41.19 -38.13 -9.75
N ASN C 810 -41.45 -36.86 -9.48
CA ASN C 810 -42.37 -36.06 -10.28
C ASN C 810 -41.56 -35.01 -11.03
N ILE C 811 -41.76 -34.93 -12.34
CA ILE C 811 -41.11 -33.98 -13.22
C ILE C 811 -42.15 -33.01 -13.72
N SER C 812 -41.99 -31.72 -13.40
CA SER C 812 -42.98 -30.72 -13.78
C SER C 812 -42.32 -29.49 -14.39
N THR C 813 -43.04 -28.82 -15.27
CA THR C 813 -42.57 -27.56 -15.82
C THR C 813 -42.75 -26.44 -14.80
N THR C 814 -41.90 -25.41 -14.90
CA THR C 814 -41.94 -24.28 -13.99
C THR C 814 -41.29 -23.09 -14.71
N TYR C 815 -41.41 -21.91 -14.11
CA TYR C 815 -40.83 -20.71 -14.68
C TYR C 815 -40.15 -19.89 -13.59
N GLY C 816 -39.04 -19.24 -13.95
CA GLY C 816 -38.32 -18.45 -12.99
C GLY C 816 -37.32 -17.50 -13.61
N PRO C 817 -36.86 -16.53 -12.81
CA PRO C 817 -35.87 -15.57 -13.31
C PRO C 817 -34.52 -16.21 -13.55
N ASP C 818 -33.93 -15.92 -14.70
CA ASP C 818 -32.58 -16.37 -15.02
C ASP C 818 -31.92 -15.46 -16.06
N PRO C 819 -30.82 -14.78 -15.72
CA PRO C 819 -30.18 -14.77 -14.40
C PRO C 819 -30.90 -13.87 -13.42
N VAL C 820 -30.63 -14.04 -12.14
CA VAL C 820 -31.14 -13.16 -11.12
C VAL C 820 -30.10 -12.07 -10.88
N ILE C 821 -30.54 -10.82 -10.93
CA ILE C 821 -29.67 -9.67 -10.80
C ILE C 821 -30.06 -8.89 -9.56
N ARG C 822 -29.05 -8.42 -8.82
CA ARG C 822 -29.20 -7.53 -7.69
C ARG C 822 -28.31 -6.32 -7.90
N TYR C 823 -28.82 -5.13 -7.61
CA TYR C 823 -28.04 -3.91 -7.71
C TYR C 823 -28.17 -3.14 -6.40
N ASN C 824 -27.04 -2.95 -5.71
CA ASN C 824 -26.98 -2.21 -4.45
C ASN C 824 -27.87 -2.84 -3.38
N GLY C 825 -27.90 -4.16 -3.33
CA GLY C 825 -28.58 -4.87 -2.27
C GLY C 825 -30.06 -5.10 -2.46
N TYR C 826 -30.60 -4.87 -3.65
CA TYR C 826 -32.00 -5.16 -3.95
C TYR C 826 -32.10 -5.93 -5.25
N PRO C 827 -33.14 -6.74 -5.42
CA PRO C 827 -33.41 -7.31 -6.74
C PRO C 827 -33.56 -6.18 -7.75
N ALA C 828 -33.05 -6.40 -8.95
CA ALA C 828 -32.98 -5.32 -9.91
C ALA C 828 -33.01 -5.85 -11.33
N ALA C 829 -33.40 -4.98 -12.24
CA ALA C 829 -33.30 -5.22 -13.67
C ALA C 829 -32.56 -4.05 -14.32
N ASP C 830 -31.79 -4.35 -15.35
CA ASP C 830 -30.98 -3.33 -16.00
C ASP C 830 -31.70 -2.80 -17.24
N LEU C 831 -31.41 -1.55 -17.59
CA LEU C 831 -31.99 -0.93 -18.80
C LEU C 831 -30.91 -0.12 -19.50
N ILE C 832 -30.63 -0.47 -20.76
CA ILE C 832 -29.71 0.25 -21.63
C ILE C 832 -30.53 0.86 -22.76
N GLY C 833 -30.45 2.19 -22.91
CA GLY C 833 -31.26 2.86 -23.90
C GLY C 833 -30.51 3.96 -24.62
N ASP C 834 -31.12 4.41 -25.72
CA ASP C 834 -30.54 5.46 -26.56
C ASP C 834 -31.46 6.67 -26.59
N ALA C 835 -30.87 7.84 -26.85
CA ALA C 835 -31.62 9.07 -27.03
C ALA C 835 -31.03 9.81 -28.22
N ASP C 836 -31.78 9.85 -29.32
CA ASP C 836 -31.36 10.51 -30.55
C ASP C 836 -31.00 11.97 -30.28
N PRO C 837 -29.75 12.38 -30.50
CA PRO C 837 -29.37 13.77 -30.19
C PRO C 837 -30.09 14.80 -31.03
N ARG C 838 -30.62 14.42 -32.20
CA ARG C 838 -31.43 15.34 -32.99
C ARG C 838 -32.69 15.76 -32.25
N VAL C 839 -33.17 14.95 -31.32
CA VAL C 839 -34.41 15.19 -30.60
C VAL C 839 -34.17 15.47 -29.13
N LEU C 840 -33.21 14.79 -28.51
CA LEU C 840 -33.13 14.72 -27.06
C LEU C 840 -31.70 14.80 -26.58
N SER C 841 -31.45 15.66 -25.59
CA SER C 841 -30.18 15.76 -24.92
C SER C 841 -30.06 14.73 -23.79
N SER C 842 -28.81 14.46 -23.39
CA SER C 842 -28.58 13.44 -22.37
C SER C 842 -29.15 13.87 -21.02
N SER C 843 -28.86 15.10 -20.59
CA SER C 843 -29.39 15.60 -19.33
C SER C 843 -30.91 15.61 -19.35
N GLN C 844 -31.48 16.05 -20.46
CA GLN C 844 -32.93 16.02 -20.64
C GLN C 844 -33.46 14.60 -20.57
N ALA C 845 -32.74 13.65 -21.18
CA ALA C 845 -33.18 12.26 -21.13
C ALA C 845 -33.20 11.73 -19.70
N MET C 846 -32.18 12.08 -18.90
CA MET C 846 -32.17 11.65 -17.50
C MET C 846 -33.37 12.22 -16.76
N THR C 847 -33.63 13.52 -16.91
CA THR C 847 -34.78 14.10 -16.23
C THR C 847 -36.08 13.46 -16.70
N HIS C 848 -36.19 13.17 -18.00
CA HIS C 848 -37.39 12.56 -18.54
C HIS C 848 -37.61 11.17 -17.96
N LEU C 849 -36.54 10.40 -17.82
CA LEU C 849 -36.68 9.06 -17.26
C LEU C 849 -37.01 9.12 -15.78
N GLU C 850 -36.47 10.09 -15.05
CA GLU C 850 -36.84 10.26 -13.65
C GLU C 850 -38.33 10.58 -13.52
N GLU C 851 -38.84 11.48 -14.38
CA GLU C 851 -40.26 11.80 -14.37
C GLU C 851 -41.11 10.59 -14.73
N LEU C 852 -40.69 9.82 -15.73
CA LEU C 852 -41.40 8.59 -16.09
C LEU C 852 -41.39 7.59 -14.95
N SER C 853 -40.29 7.54 -14.18
CA SER C 853 -40.17 6.59 -13.09
C SER C 853 -41.08 6.94 -11.93
N LYS C 854 -41.26 8.24 -11.68
CA LYS C 854 -42.19 8.60 -10.61
C LYS C 854 -43.64 8.37 -10.99
N GLN C 855 -43.94 8.02 -12.24
CA GLN C 855 -45.29 7.81 -12.72
C GLN C 855 -45.63 6.35 -12.98
N ILE C 856 -44.76 5.62 -13.69
CA ILE C 856 -45.07 4.25 -14.09
C ILE C 856 -44.71 3.22 -13.03
N LEU C 857 -43.74 3.52 -12.16
CA LEU C 857 -43.22 2.54 -11.21
C LEU C 857 -44.11 2.44 -9.98
N PRO C 858 -44.42 1.23 -9.52
CA PRO C 858 -45.14 1.08 -8.26
C PRO C 858 -44.27 1.50 -7.07
N ASN C 859 -44.94 1.87 -5.98
CA ASN C 859 -44.23 2.27 -4.77
C ASN C 859 -43.38 1.11 -4.27
N GLY C 860 -42.12 1.41 -3.95
CA GLY C 860 -41.15 0.40 -3.61
C GLY C 860 -40.18 0.08 -4.72
N MET C 861 -40.40 0.59 -5.92
CA MET C 861 -39.49 0.43 -7.04
C MET C 861 -39.00 1.80 -7.51
N ASN C 862 -37.69 1.89 -7.76
CA ASN C 862 -37.08 3.15 -8.13
C ASN C 862 -35.94 2.88 -9.09
N ILE C 863 -35.58 3.91 -9.87
CA ILE C 863 -34.46 3.81 -10.80
C ILE C 863 -33.20 4.34 -10.13
N GLU C 864 -32.06 3.83 -10.58
CA GLU C 864 -30.77 4.33 -10.14
C GLU C 864 -29.82 4.30 -11.34
N TRP C 865 -29.19 5.44 -11.61
CA TRP C 865 -28.22 5.52 -12.69
C TRP C 865 -26.94 4.79 -12.30
N THR C 866 -26.28 4.20 -13.30
CA THR C 866 -25.01 3.51 -13.09
C THR C 866 -24.05 3.89 -14.21
N ASP C 867 -22.77 3.58 -13.99
CA ASP C 867 -21.69 3.83 -14.96
C ASP C 867 -21.60 5.31 -15.29
N LEU C 868 -21.50 5.67 -16.58
CA LEU C 868 -21.36 7.06 -16.98
C LEU C 868 -22.60 7.87 -16.64
N SER C 869 -23.77 7.23 -16.62
CA SER C 869 -24.97 7.93 -16.19
C SER C 869 -24.88 8.33 -14.72
N PHE C 870 -24.29 7.47 -13.88
CA PHE C 870 -24.03 7.84 -12.49
C PHE C 870 -23.07 9.01 -12.42
N GLN C 871 -22.00 8.96 -13.22
CA GLN C 871 -21.07 10.10 -13.27
C GLN C 871 -21.81 11.38 -13.65
N GLN C 872 -22.69 11.31 -14.64
CA GLN C 872 -23.47 12.48 -15.03
C GLN C 872 -24.40 12.93 -13.92
N ALA C 873 -25.03 11.98 -13.22
CA ALA C 873 -25.96 12.34 -12.15
C ALA C 873 -25.26 13.03 -10.99
N THR C 874 -23.95 12.86 -10.88
CA THR C 874 -23.20 13.71 -9.96
C THR C 874 -22.46 14.86 -10.64
N GLN C 875 -22.46 14.92 -11.98
CA GLN C 875 -21.77 16.01 -12.69
C GLN C 875 -22.50 17.33 -12.53
N GLY C 876 -23.82 17.34 -12.71
CA GLY C 876 -24.62 18.56 -12.68
C GLY C 876 -24.33 19.42 -11.47
N ASN C 877 -23.69 18.81 -10.47
CA ASN C 877 -23.07 19.56 -9.39
C ASN C 877 -21.97 20.46 -9.95
N THR C 878 -20.87 19.85 -10.39
CA THR C 878 -19.57 20.52 -10.42
C THR C 878 -19.59 21.79 -11.28
N ALA C 879 -19.89 21.63 -12.57
CA ALA C 879 -19.70 22.69 -13.56
C ALA C 879 -20.26 24.04 -13.14
N LEU C 880 -21.22 24.06 -12.22
CA LEU C 880 -21.90 25.31 -11.87
C LEU C 880 -21.72 25.69 -10.41
N ILE C 881 -20.80 25.05 -9.68
CA ILE C 881 -20.23 25.71 -8.51
C ILE C 881 -18.86 26.23 -8.94
N VAL C 882 -18.26 25.54 -9.91
CA VAL C 882 -16.84 25.75 -10.15
C VAL C 882 -16.56 27.11 -10.81
N PHE C 883 -17.51 27.64 -11.60
CA PHE C 883 -17.27 28.93 -12.26
C PHE C 883 -17.21 30.08 -11.26
N PRO C 884 -18.20 30.29 -10.38
CA PRO C 884 -18.13 31.44 -9.47
C PRO C 884 -16.93 31.41 -8.54
N VAL C 885 -16.44 30.23 -8.16
CA VAL C 885 -15.22 30.16 -7.36
C VAL C 885 -14.06 30.77 -8.13
N ALA C 886 -13.94 30.45 -9.42
CA ALA C 886 -12.90 31.04 -10.24
C ALA C 886 -13.07 32.56 -10.36
N VAL C 887 -14.31 33.03 -10.53
CA VAL C 887 -14.54 34.48 -10.53
C VAL C 887 -14.00 35.11 -9.25
N LEU C 888 -14.35 34.50 -8.11
CA LEU C 888 -13.95 35.05 -6.82
C LEU C 888 -12.44 35.07 -6.67
N LEU C 889 -11.77 33.98 -7.07
CA LEU C 889 -10.31 33.96 -6.97
C LEU C 889 -9.69 35.04 -7.85
N ALA C 890 -10.20 35.19 -9.07
CA ALA C 890 -9.68 36.24 -9.95
C ALA C 890 -9.86 37.62 -9.35
N PHE C 891 -11.06 37.90 -8.84
CA PHE C 891 -11.34 39.18 -8.17
C PHE C 891 -10.36 39.42 -7.03
N LEU C 892 -10.17 38.41 -6.18
CA LEU C 892 -9.34 38.56 -5.00
C LEU C 892 -7.88 38.82 -5.38
N VAL C 893 -7.33 38.06 -6.34
CA VAL C 893 -5.92 38.28 -6.67
C VAL C 893 -5.75 39.59 -7.44
N LEU C 894 -6.75 39.99 -8.23
CA LEU C 894 -6.65 41.28 -8.91
C LEU C 894 -6.64 42.43 -7.90
N ALA C 895 -7.48 42.36 -6.88
CA ALA C 895 -7.42 43.36 -5.83
C ALA C 895 -6.06 43.32 -5.16
N ALA C 896 -5.56 42.12 -4.85
CA ALA C 896 -4.25 41.97 -4.24
C ALA C 896 -3.17 42.70 -5.06
N LEU C 897 -3.17 42.46 -6.37
CA LEU C 897 -2.13 43.03 -7.22
C LEU C 897 -2.28 44.54 -7.34
N TYR C 898 -3.51 45.03 -7.50
CA TYR C 898 -3.75 46.41 -7.88
C TYR C 898 -4.42 47.25 -6.80
N GLU C 899 -4.52 46.72 -5.58
CA GLU C 899 -4.87 47.50 -4.39
C GLU C 899 -6.20 48.26 -4.55
N SER C 900 -7.22 47.55 -5.02
CA SER C 900 -8.52 48.19 -5.21
C SER C 900 -9.64 47.17 -5.12
N TRP C 901 -10.67 47.50 -4.34
CA TRP C 901 -11.90 46.73 -4.30
C TRP C 901 -12.81 47.02 -5.48
N THR C 902 -12.38 47.87 -6.41
CA THR C 902 -13.23 48.39 -7.47
C THR C 902 -12.76 47.99 -8.86
N LEU C 903 -11.45 47.95 -9.06
CA LEU C 903 -10.88 47.55 -10.35
C LEU C 903 -11.25 46.13 -10.78
N PRO C 904 -11.12 45.10 -9.93
CA PRO C 904 -11.43 43.75 -10.40
C PRO C 904 -12.87 43.61 -10.82
N LEU C 905 -13.77 44.46 -10.34
CA LEU C 905 -15.10 44.53 -10.93
C LEU C 905 -14.98 44.83 -12.41
N ALA C 906 -14.46 46.00 -12.75
CA ALA C 906 -14.35 46.40 -14.16
C ALA C 906 -13.60 45.37 -14.98
N VAL C 907 -12.89 44.44 -14.35
CA VAL C 907 -12.32 43.34 -15.12
C VAL C 907 -13.25 42.12 -15.20
N ILE C 908 -14.02 41.81 -14.16
CA ILE C 908 -14.79 40.57 -14.13
C ILE C 908 -16.22 40.73 -14.62
N LEU C 909 -16.73 41.95 -14.74
CA LEU C 909 -18.10 42.13 -15.23
C LEU C 909 -18.25 41.81 -16.73
N ILE C 910 -17.23 41.33 -17.43
CA ILE C 910 -17.37 40.94 -18.84
C ILE C 910 -17.52 39.43 -19.03
N VAL C 911 -17.24 38.62 -18.00
CA VAL C 911 -17.28 37.17 -18.14
C VAL C 911 -18.67 36.68 -18.53
N PRO C 912 -19.78 37.28 -18.08
CA PRO C 912 -21.08 36.86 -18.65
C PRO C 912 -21.18 37.14 -20.13
N MET C 913 -20.39 38.08 -20.67
CA MET C 913 -20.45 38.36 -22.10
C MET C 913 -19.78 37.26 -22.92
N THR C 914 -18.63 36.76 -22.48
CA THR C 914 -18.05 35.62 -23.18
C THR C 914 -18.90 34.36 -22.96
N MET C 915 -19.55 34.24 -21.80
CA MET C 915 -20.51 33.17 -21.60
C MET C 915 -21.62 33.24 -22.64
N LEU C 916 -22.22 34.43 -22.81
CA LEU C 916 -23.24 34.65 -23.82
C LEU C 916 -22.75 34.27 -25.20
N SER C 917 -21.57 34.77 -25.58
CA SER C 917 -21.08 34.54 -26.94
C SER C 917 -20.85 33.07 -27.20
N ALA C 918 -20.17 32.39 -26.26
CA ALA C 918 -19.90 30.98 -26.42
C ALA C 918 -21.19 30.18 -26.54
N LEU C 919 -22.13 30.37 -25.61
CA LEU C 919 -23.34 29.57 -25.68
C LEU C 919 -24.21 29.95 -26.88
N PHE C 920 -24.08 31.19 -27.36
CA PHE C 920 -24.70 31.62 -28.61
C PHE C 920 -24.19 30.79 -29.78
N GLY C 921 -22.87 30.68 -29.90
CA GLY C 921 -22.29 29.80 -30.91
C GLY C 921 -22.75 28.36 -30.77
N VAL C 922 -22.85 27.87 -29.53
CA VAL C 922 -23.30 26.50 -29.34
C VAL C 922 -24.72 26.32 -29.84
N TRP C 923 -25.61 27.27 -29.55
CA TRP C 923 -26.97 27.20 -30.06
C TRP C 923 -26.98 27.16 -31.58
N LEU C 924 -26.32 28.14 -32.21
CA LEU C 924 -26.35 28.19 -33.68
C LEU C 924 -25.85 26.88 -34.27
N THR C 925 -24.77 26.33 -33.73
CA THR C 925 -24.29 25.03 -34.19
C THR C 925 -25.21 23.88 -33.78
N GLY C 926 -26.07 24.09 -32.79
CA GLY C 926 -27.02 23.06 -32.39
C GLY C 926 -26.49 22.03 -31.40
N GLY C 927 -25.60 22.43 -30.50
CA GLY C 927 -25.02 21.52 -29.53
C GLY C 927 -25.66 21.65 -28.15
N ASP C 928 -25.04 20.97 -27.18
CA ASP C 928 -25.48 20.96 -25.80
C ASP C 928 -24.36 21.47 -24.90
N ASN C 929 -24.71 21.75 -23.65
CA ASN C 929 -23.77 22.32 -22.68
C ASN C 929 -23.06 21.19 -21.93
N ASN C 930 -22.18 20.51 -22.66
CA ASN C 930 -21.46 19.39 -22.09
C ASN C 930 -20.16 19.89 -21.44
N VAL C 931 -19.40 18.95 -20.85
CA VAL C 931 -18.21 19.30 -20.08
C VAL C 931 -17.14 19.92 -20.98
N PHE C 932 -17.12 19.56 -22.26
CA PHE C 932 -16.16 20.15 -23.17
C PHE C 932 -16.51 21.61 -23.47
N VAL C 933 -17.79 21.90 -23.67
CA VAL C 933 -18.23 23.29 -23.73
C VAL C 933 -17.81 24.02 -22.46
N GLN C 934 -17.83 23.32 -21.32
CA GLN C 934 -17.53 23.97 -20.05
C GLN C 934 -16.04 24.30 -19.93
N VAL C 935 -15.16 23.42 -20.40
CA VAL C 935 -13.74 23.76 -20.38
C VAL C 935 -13.47 24.91 -21.34
N GLY C 936 -14.14 24.91 -22.49
CA GLY C 936 -14.07 26.07 -23.35
C GLY C 936 -14.50 27.33 -22.63
N LEU C 937 -15.54 27.23 -21.81
CA LEU C 937 -16.04 28.39 -21.08
C LEU C 937 -15.00 28.89 -20.07
N VAL C 938 -14.31 27.98 -19.38
CA VAL C 938 -13.31 28.43 -18.39
C VAL C 938 -12.15 29.13 -19.09
N VAL C 939 -11.68 28.59 -20.22
CA VAL C 939 -10.54 29.23 -20.88
C VAL C 939 -10.97 30.57 -21.49
N LEU C 940 -12.16 30.63 -22.08
CA LEU C 940 -12.69 31.89 -22.59
C LEU C 940 -12.79 32.92 -21.49
N MET C 941 -13.18 32.48 -20.29
CA MET C 941 -13.28 33.37 -19.14
C MET C 941 -11.92 33.96 -18.78
N GLY C 942 -10.88 33.12 -18.76
CA GLY C 942 -9.55 33.64 -18.50
C GLY C 942 -9.09 34.65 -19.53
N LEU C 943 -9.33 34.36 -20.80
CA LEU C 943 -8.91 35.27 -21.86
C LEU C 943 -9.69 36.58 -21.81
N ALA C 944 -10.98 36.51 -21.49
CA ALA C 944 -11.78 37.71 -21.33
C ALA C 944 -11.21 38.60 -20.24
N CYS C 945 -10.82 37.98 -19.12
CA CYS C 945 -10.06 38.70 -18.12
C CYS C 945 -8.88 39.41 -18.74
N LYS C 946 -8.02 38.65 -19.44
CA LYS C 946 -6.79 39.23 -20.01
C LYS C 946 -7.08 40.49 -20.82
N ASN C 947 -8.06 40.39 -21.73
CA ASN C 947 -8.41 41.52 -22.58
C ASN C 947 -8.83 42.71 -21.74
N ALA C 948 -9.61 42.47 -20.67
CA ALA C 948 -10.00 43.58 -19.80
C ALA C 948 -8.79 44.19 -19.08
N ILE C 949 -7.87 43.33 -18.61
CA ILE C 949 -6.78 43.85 -17.79
C ILE C 949 -5.86 44.72 -18.61
N LEU C 950 -5.64 44.41 -19.89
CA LEU C 950 -4.77 45.27 -20.68
C LEU C 950 -5.22 46.73 -20.62
N ILE C 951 -6.48 46.97 -21.03
CA ILE C 951 -7.08 48.30 -20.99
C ILE C 951 -6.98 48.88 -19.59
N VAL C 952 -7.37 48.08 -18.60
CA VAL C 952 -7.61 48.60 -17.26
C VAL C 952 -6.30 48.98 -16.58
N GLU C 953 -5.30 48.09 -16.65
CA GLU C 953 -3.98 48.39 -16.10
C GLU C 953 -3.40 49.63 -16.74
N PHE C 954 -3.48 49.73 -18.08
CA PHE C 954 -2.90 50.91 -18.72
C PHE C 954 -3.61 52.18 -18.28
N ALA C 955 -4.93 52.15 -18.17
CA ALA C 955 -5.66 53.35 -17.75
C ALA C 955 -5.28 53.75 -16.32
N ARG C 956 -5.13 52.77 -15.44
CA ARG C 956 -4.72 53.07 -14.06
C ARG C 956 -3.36 53.77 -14.04
N GLU C 957 -2.37 53.16 -14.70
CA GLU C 957 -1.04 53.78 -14.69
C GLU C 957 -1.01 55.08 -15.49
N LEU C 958 -1.94 55.26 -16.42
CA LEU C 958 -2.00 56.51 -17.18
C LEU C 958 -2.54 57.64 -16.32
N GLU C 959 -3.61 57.39 -15.56
CA GLU C 959 -4.10 58.43 -14.66
C GLU C 959 -3.06 58.76 -13.60
N ILE C 960 -2.38 57.74 -13.06
CA ILE C 960 -1.34 58.05 -12.08
C ILE C 960 -0.12 58.71 -12.75
N GLN C 961 0.04 58.54 -14.06
CA GLN C 961 1.18 59.08 -14.80
C GLN C 961 0.83 60.30 -15.65
N GLY C 962 -0.25 60.24 -16.41
CA GLY C 962 -0.58 61.30 -17.34
C GLY C 962 -2.04 61.73 -17.32
N LYS C 963 -2.69 61.66 -18.48
CA LYS C 963 -4.00 62.25 -18.75
C LYS C 963 -5.05 61.91 -17.71
N GLY C 964 -6.07 62.77 -17.59
CA GLY C 964 -7.10 62.58 -16.59
C GLY C 964 -7.95 61.35 -16.87
N ILE C 965 -8.68 60.93 -15.83
CA ILE C 965 -9.38 59.64 -15.85
C ILE C 965 -10.29 59.53 -17.06
N MET C 966 -11.12 60.55 -17.29
CA MET C 966 -11.99 60.52 -18.46
C MET C 966 -11.19 60.26 -19.73
N GLU C 967 -10.07 60.97 -19.91
CA GLU C 967 -9.21 60.77 -21.08
C GLU C 967 -8.12 59.74 -20.86
N ALA C 968 -7.81 59.35 -19.60
CA ALA C 968 -6.93 58.21 -19.39
C ALA C 968 -7.55 56.94 -19.96
N ALA C 969 -8.87 56.80 -19.83
CA ALA C 969 -9.54 55.67 -20.46
C ALA C 969 -9.31 55.66 -21.97
N LEU C 970 -9.48 56.82 -22.63
CA LEU C 970 -9.34 56.81 -24.09
C LEU C 970 -7.89 56.63 -24.52
N GLU C 971 -6.93 57.17 -23.76
CA GLU C 971 -5.52 56.93 -24.12
C GLU C 971 -5.14 55.46 -23.94
N ALA C 972 -5.60 54.84 -22.85
CA ALA C 972 -5.35 53.41 -22.68
C ALA C 972 -5.99 52.60 -23.80
N CYS C 973 -7.24 52.95 -24.16
CA CYS C 973 -7.89 52.28 -25.29
C CYS C 973 -7.07 52.42 -26.57
N ARG C 974 -6.68 53.66 -26.89
CA ARG C 974 -5.95 53.91 -28.13
C ARG C 974 -4.64 53.16 -28.19
N LEU C 975 -3.91 53.13 -27.07
CA LEU C 975 -2.57 52.53 -27.09
C LEU C 975 -2.59 51.02 -26.84
N ARG C 976 -3.68 50.46 -26.34
CA ARG C 976 -3.73 49.05 -26.03
C ARG C 976 -4.71 48.27 -26.90
N LEU C 977 -5.41 48.94 -27.84
CA LEU C 977 -6.26 48.20 -28.75
C LEU C 977 -5.47 47.16 -29.51
N ARG C 978 -4.35 47.58 -30.10
CA ARG C 978 -3.63 46.73 -31.04
C ARG C 978 -3.16 45.42 -30.39
N PRO C 979 -2.46 45.43 -29.25
CA PRO C 979 -2.09 44.14 -28.64
C PRO C 979 -3.28 43.26 -28.32
N ILE C 980 -4.33 43.86 -27.74
CA ILE C 980 -5.58 43.12 -27.48
C ILE C 980 -6.01 42.38 -28.73
N VAL C 981 -6.14 43.13 -29.83
CA VAL C 981 -6.71 42.57 -31.04
C VAL C 981 -5.84 41.46 -31.60
N MET C 982 -4.50 41.65 -31.65
CA MET C 982 -3.69 40.61 -32.30
C MET C 982 -3.61 39.35 -31.45
N THR C 983 -3.49 39.47 -30.12
CA THR C 983 -3.53 38.25 -29.31
C THR C 983 -4.86 37.52 -29.49
N SER C 984 -5.96 38.28 -29.52
CA SER C 984 -7.26 37.65 -29.66
C SER C 984 -7.39 36.94 -31.01
N ILE C 985 -6.97 37.59 -32.09
CA ILE C 985 -7.06 36.97 -33.41
C ILE C 985 -6.16 35.74 -33.48
N ALA C 986 -5.00 35.78 -32.82
CA ALA C 986 -4.16 34.59 -32.78
C ALA C 986 -4.88 33.43 -32.11
N PHE C 987 -5.60 33.71 -31.01
CA PHE C 987 -6.39 32.66 -30.39
C PHE C 987 -7.47 32.14 -31.35
N ILE C 988 -8.16 33.05 -32.04
CA ILE C 988 -9.17 32.59 -33.01
C ILE C 988 -8.54 31.66 -34.03
N ALA C 989 -7.40 32.08 -34.58
CA ALA C 989 -6.70 31.25 -35.57
C ALA C 989 -6.37 29.88 -34.99
N GLY C 990 -5.97 29.85 -33.71
CA GLY C 990 -5.74 28.57 -33.06
C GLY C 990 -6.98 27.71 -33.02
N THR C 991 -8.15 28.31 -32.79
CA THR C 991 -9.39 27.53 -32.77
C THR C 991 -9.82 27.06 -34.15
N ILE C 992 -9.38 27.74 -35.22
CA ILE C 992 -9.86 27.38 -36.56
C ILE C 992 -9.69 25.89 -36.88
N PRO C 993 -8.52 25.27 -36.69
CA PRO C 993 -8.39 23.84 -37.04
C PRO C 993 -9.25 22.92 -36.20
N LEU C 994 -9.75 23.37 -35.05
CA LEU C 994 -10.68 22.56 -34.27
C LEU C 994 -12.06 22.54 -34.92
N ILE C 995 -12.52 23.68 -35.43
CA ILE C 995 -13.84 23.76 -36.04
C ILE C 995 -13.87 22.97 -37.33
N LEU C 996 -12.87 23.15 -38.19
CA LEU C 996 -12.81 22.45 -39.46
C LEU C 996 -12.04 21.14 -39.37
N GLY C 997 -11.74 20.69 -38.15
CA GLY C 997 -11.06 19.43 -37.98
C GLY C 997 -11.88 18.26 -38.45
N HIS C 998 -11.20 17.13 -38.62
CA HIS C 998 -11.81 15.96 -39.23
C HIS C 998 -11.13 14.70 -38.70
N GLY C 999 -11.78 13.57 -38.93
CA GLY C 999 -11.21 12.29 -38.56
C GLY C 999 -11.50 11.87 -37.14
N ALA C 1000 -10.62 11.04 -36.57
CA ALA C 1000 -10.84 10.49 -35.23
C ALA C 1000 -10.80 11.61 -34.18
N GLY C 1001 -11.83 11.65 -33.34
CA GLY C 1001 -11.92 12.71 -32.35
C GLY C 1001 -12.28 14.07 -32.92
N ALA C 1002 -12.96 14.10 -34.07
CA ALA C 1002 -13.31 15.39 -34.67
C ALA C 1002 -14.51 16.04 -34.00
N GLU C 1003 -15.48 15.24 -33.55
CA GLU C 1003 -16.69 15.82 -32.95
C GLU C 1003 -16.39 16.56 -31.65
N VAL C 1004 -15.57 15.96 -30.78
CA VAL C 1004 -15.20 16.61 -29.53
C VAL C 1004 -14.45 17.91 -29.81
N ARG C 1005 -13.51 17.84 -30.77
CA ARG C 1005 -12.74 19.01 -31.18
C ARG C 1005 -13.64 20.11 -31.71
N GLY C 1006 -14.62 19.74 -32.54
CA GLY C 1006 -15.53 20.72 -33.08
C GLY C 1006 -16.39 21.37 -32.01
N VAL C 1007 -16.86 20.57 -31.05
CA VAL C 1007 -17.69 21.14 -29.97
C VAL C 1007 -16.91 22.21 -29.23
N THR C 1008 -15.70 21.86 -28.78
CA THR C 1008 -14.90 22.83 -28.03
C THR C 1008 -14.52 24.01 -28.89
N GLY C 1009 -14.17 23.75 -30.15
CA GLY C 1009 -13.72 24.83 -31.03
C GLY C 1009 -14.83 25.82 -31.32
N ILE C 1010 -16.02 25.33 -31.62
CA ILE C 1010 -17.18 26.21 -31.78
C ILE C 1010 -17.32 27.09 -30.54
N THR C 1011 -17.26 26.44 -29.37
CA THR C 1011 -17.41 27.17 -28.12
C THR C 1011 -16.40 28.32 -28.01
N VAL C 1012 -15.11 28.01 -28.15
CA VAL C 1012 -14.07 29.00 -27.87
C VAL C 1012 -14.01 30.05 -28.98
N PHE C 1013 -14.17 29.65 -30.24
CA PHE C 1013 -14.18 30.61 -31.34
C PHE C 1013 -15.27 31.65 -31.13
N SER C 1014 -16.51 31.18 -30.94
CA SER C 1014 -17.61 32.12 -30.81
C SER C 1014 -17.45 32.98 -29.57
N GLY C 1015 -17.04 32.37 -28.45
CA GLY C 1015 -16.86 33.12 -27.23
C GLY C 1015 -15.80 34.19 -27.33
N MET C 1016 -14.65 33.84 -27.93
CA MET C 1016 -13.56 34.80 -28.05
C MET C 1016 -13.93 35.97 -28.94
N LEU C 1017 -14.55 35.70 -30.08
CA LEU C 1017 -14.97 36.79 -30.96
C LEU C 1017 -15.94 37.73 -30.25
N GLY C 1018 -17.01 37.16 -29.68
CA GLY C 1018 -18.00 37.98 -29.01
C GLY C 1018 -17.41 38.78 -27.86
N VAL C 1019 -16.55 38.15 -27.06
CA VAL C 1019 -16.02 38.84 -25.89
C VAL C 1019 -15.01 39.90 -26.30
N THR C 1020 -14.29 39.70 -27.40
CA THR C 1020 -13.37 40.75 -27.84
C THR C 1020 -14.14 42.01 -28.22
N LEU C 1021 -15.21 41.85 -29.01
CA LEU C 1021 -16.01 43.02 -29.36
C LEU C 1021 -16.63 43.66 -28.10
N PHE C 1022 -17.29 42.84 -27.27
CA PHE C 1022 -17.96 43.35 -26.08
C PHE C 1022 -16.97 44.06 -25.16
N GLY C 1023 -15.80 43.45 -24.95
CA GLY C 1023 -14.81 44.06 -24.07
C GLY C 1023 -14.31 45.38 -24.61
N LEU C 1024 -13.97 45.44 -25.91
CA LEU C 1024 -13.52 46.69 -26.50
C LEU C 1024 -14.52 47.80 -26.25
N PHE C 1025 -15.81 47.49 -26.35
CA PHE C 1025 -16.78 48.57 -26.16
C PHE C 1025 -17.13 48.82 -24.68
N LEU C 1026 -17.10 47.80 -23.83
CA LEU C 1026 -17.68 47.88 -22.49
C LEU C 1026 -16.66 48.07 -21.37
N THR C 1027 -15.43 47.54 -21.51
CA THR C 1027 -14.45 47.61 -20.43
C THR C 1027 -14.11 49.05 -20.05
N PRO C 1028 -13.78 49.97 -20.96
CA PRO C 1028 -13.57 51.36 -20.54
C PRO C 1028 -14.80 51.99 -19.89
N VAL C 1029 -16.00 51.60 -20.33
CA VAL C 1029 -17.22 52.09 -19.69
C VAL C 1029 -17.26 51.69 -18.22
N PHE C 1030 -17.03 50.40 -17.93
CA PHE C 1030 -17.01 49.94 -16.55
C PHE C 1030 -15.91 50.62 -15.77
N TYR C 1031 -14.73 50.75 -16.38
CA TYR C 1031 -13.60 51.36 -15.69
C TYR C 1031 -13.92 52.78 -15.26
N VAL C 1032 -14.50 53.57 -16.16
CA VAL C 1032 -14.80 54.96 -15.82
C VAL C 1032 -15.95 55.03 -14.81
N THR C 1033 -17.01 54.22 -15.03
CA THR C 1033 -18.17 54.29 -14.15
C THR C 1033 -17.81 53.91 -12.72
N LEU C 1034 -17.02 52.87 -12.54
CA LEU C 1034 -16.61 52.49 -11.20
C LEU C 1034 -15.47 53.35 -10.67
N ARG C 1035 -14.70 53.99 -11.56
CA ARG C 1035 -13.54 54.76 -11.14
C ARG C 1035 -13.92 56.10 -10.52
N LYS C 1036 -15.05 56.66 -10.92
CA LYS C 1036 -15.47 57.97 -10.45
C LYS C 1036 -16.09 57.96 -9.05
N LEU C 1037 -16.36 56.79 -8.49
CA LEU C 1037 -17.22 56.70 -7.32
C LEU C 1037 -16.48 56.59 -6.00
N VAL C 1038 -15.28 56.00 -5.98
CA VAL C 1038 -14.57 55.81 -4.71
C VAL C 1038 -14.18 57.16 -4.13
N THR C 1039 -13.74 58.09 -4.97
CA THR C 1039 -13.21 59.38 -4.56
C THR C 1039 -13.85 60.51 -5.38
N ARG C 1040 -15.19 60.51 -5.42
CA ARG C 1040 -15.93 61.46 -6.25
C ARG C 1040 -15.55 62.91 -5.99
N ARG C 1041 -15.17 63.24 -4.76
CA ARG C 1041 -14.80 64.61 -4.38
C ARG C 1041 -13.73 65.20 -5.31
C1B LMT D . 13.34 4.02 -18.56
C2B LMT D . 12.37 3.44 -19.62
C3B LMT D . 10.91 3.84 -19.28
C4B LMT D . 10.57 3.53 -17.79
C5B LMT D . 11.70 4.11 -16.91
C6B LMT D . 11.42 3.82 -15.43
O1B LMT D . 13.29 5.41 -18.65
O2B LMT D . 12.74 3.94 -20.84
O3B LMT D . 10.01 3.28 -20.15
O4' LMT D . 9.38 4.12 -17.44
O5B LMT D . 12.97 3.62 -17.28
O6B LMT D . 11.36 2.46 -15.22
C1' LMT D . 15.68 8.79 -18.89
C2' LMT D . 15.48 8.03 -20.23
C3' LMT D . 14.43 6.90 -20.13
C4' LMT D . 14.50 6.11 -18.81
C5' LMT D . 14.57 7.18 -17.70
C6' LMT D . 14.40 6.66 -16.29
O1' LMT D . 16.87 9.47 -18.90
O2' LMT D . 15.02 8.94 -21.16
O3' LMT D . 14.54 6.05 -21.19
O5' LMT D . 15.78 7.87 -17.81
O6' LMT D . 13.15 7.06 -15.88
C1 LMT D . 16.74 10.86 -18.81
C2 LMT D . 18.10 11.34 -18.41
C3 LMT D . 18.24 11.85 -17.01
C4 LMT D . 17.41 13.10 -16.90
C5 LMT D . 17.52 13.66 -15.53
C6 LMT D . 17.93 15.10 -15.55
C7 LMT D . 18.02 15.61 -14.15
C8 LMT D . 18.32 17.08 -14.19
C9 LMT D . 18.87 17.64 -12.91
C10 LMT D . 20.16 18.34 -13.23
C11 LMT D . 20.37 19.56 -12.39
C12 LMT D . 20.56 20.78 -13.23
C1B LMT E . 18.47 -19.07 -6.55
C2B LMT E . 17.54 -17.94 -7.03
C3B LMT E . 16.61 -17.54 -5.87
C4B LMT E . 15.89 -18.76 -5.25
C5B LMT E . 16.89 -19.93 -5.05
C6B LMT E . 16.13 -21.20 -4.71
O1B LMT E . 19.19 -18.63 -5.45
O2B LMT E . 18.32 -16.90 -7.43
O3B LMT E . 15.72 -16.56 -6.26
O4' LMT E . 15.33 -18.44 -4.03
O5B LMT E . 17.71 -20.17 -6.17
O6B LMT E . 15.83 -21.88 -5.87
C1' LMT E . 23.13 -18.00 -4.25
C2' LMT E . 22.44 -16.80 -4.95
C3' LMT E . 20.90 -17.01 -5.08
C4' LMT E . 20.58 -18.41 -5.62
C5' LMT E . 21.34 -19.39 -4.70
C6' LMT E . 20.99 -20.83 -4.92
O1' LMT E . 24.48 -17.93 -4.42
O2' LMT E . 22.69 -15.66 -4.22
O3' LMT E . 20.35 -16.07 -5.90
O5' LMT E . 22.72 -19.21 -4.88
O6' LMT E . 21.07 -21.03 -6.28
C1 LMT E . 25.22 -17.97 -3.23
C2 LMT E . 25.42 -19.43 -2.95
C3 LMT E . 25.14 -19.87 -1.56
C4 LMT E . 25.79 -18.87 -0.63
C5 LMT E . 25.56 -19.28 0.79
C6 LMT E . 25.70 -18.12 1.74
C7 LMT E . 25.60 -18.62 3.15
C8 LMT E . 26.68 -19.62 3.40
C9 LMT E . 26.96 -19.92 4.84
C10 LMT E . 28.45 -19.82 5.02
C11 LMT E . 28.90 -20.53 6.25
C12 LMT E . 30.35 -20.33 6.50
C1B LMT F . 13.71 -26.34 4.85
C2B LMT F . 12.55 -25.90 5.77
C3B LMT F . 12.02 -27.07 6.63
C4B LMT F . 12.61 -28.42 6.15
C5B LMT F . 14.15 -28.28 6.20
C6B LMT F . 14.81 -29.55 5.65
O1B LMT F . 14.35 -25.21 4.34
O2B LMT F . 13.02 -24.88 6.57
O3B LMT F . 10.64 -27.08 6.68
O4' LMT F . 12.21 -29.46 6.98
O5B LMT F . 14.65 -27.14 5.53
O6B LMT F . 14.61 -29.65 4.29
C1' LMT F . 15.11 -22.71 1.34
C2' LMT F . 13.71 -22.45 1.91
C3' LMT F . 13.59 -23.25 3.23
C4' LMT F . 13.97 -24.74 3.07
C5' LMT F . 15.22 -24.86 2.13
C6' LMT F . 15.55 -26.27 1.72
O1' LMT F . 15.37 -21.95 0.24
O2' LMT F . 13.57 -21.11 2.16
O3' LMT F . 12.32 -23.13 3.75
O5' LMT F . 15.11 -24.07 0.96
O6' LMT F . 16.26 -26.82 2.76
C1 LMT F . 16.26 -20.88 0.47
C2 LMT F . 16.55 -20.30 -0.88
C3 LMT F . 17.22 -18.96 -0.91
C4 LMT F . 18.49 -19.09 -1.73
C5 LMT F . 19.64 -19.48 -0.85
C6 LMT F . 19.94 -18.45 0.20
C7 LMT F . 19.84 -19.08 1.56
C8 LMT F . 21.07 -18.76 2.35
C9 LMT F . 21.71 -19.94 3.00
C10 LMT F . 21.59 -19.75 4.49
C11 LMT F . 22.09 -20.95 5.25
C12 LMT F . 23.55 -21.17 5.01
C1 GOL G . -7.20 -42.71 0.57
O1 GOL G . -6.18 -41.75 0.66
C2 GOL G . -8.51 -41.95 0.23
O2 GOL G . -9.00 -42.28 -1.02
C3 GOL G . -9.50 -42.31 1.37
O3 GOL G . -8.90 -41.94 2.57
C1B LMT H . -8.74 -6.71 24.69
C2B LMT H . -7.65 -6.37 23.65
C3B LMT H . -8.24 -6.40 22.23
C4B LMT H . -9.03 -7.72 21.97
C5B LMT H . -10.00 -7.93 23.15
C6B LMT H . -10.77 -9.24 22.96
O1B LMT H . -9.68 -5.69 24.68
O2B LMT H . -7.15 -5.13 23.95
O3B LMT H . -7.28 -6.17 21.27
O4' LMT H . -9.74 -7.64 20.79
O5B LMT H . -9.36 -7.92 24.39
O6B LMT H . -10.19 -10.00 21.99
C1' LMT H . -11.62 -2.83 26.82
C2' LMT H . -10.08 -2.66 26.84
C3' LMT H . -9.44 -3.61 25.79
C4' LMT H . -9.98 -5.04 25.89
C5' LMT H . -11.52 -4.95 25.98
C6' LMT H . -12.21 -6.28 26.04
O1' LMT H . -12.20 -2.07 27.78
O2' LMT H . -9.80 -1.36 26.50
O3' LMT H . -8.09 -3.64 25.93
O5' LMT H . -11.91 -4.18 27.09
O6' LMT H . -11.56 -7.00 27.00
C1 LMT H . -13.53 -1.69 27.47
C2 LMT H . -14.39 -2.50 28.39
C3 LMT H . -15.69 -2.98 27.83
C4 LMT H . -16.15 -1.97 26.80
C5 LMT H . -17.61 -1.70 26.93
C6 LMT H . -18.11 -0.83 25.82
C7 LMT H . -19.57 -1.08 25.59
C8 LMT H . -20.35 -0.37 26.65
C9 LMT H . -21.83 -0.45 26.47
C10 LMT H . -22.45 0.39 27.54
C11 LMT H . -23.94 0.21 27.59
C12 LMT H . -24.58 1.10 28.60
C1B LMT I . -19.30 -13.03 18.85
C2B LMT I . -20.16 -13.11 17.57
C3B LMT I . -21.63 -12.72 17.89
C4B LMT I . -22.17 -13.50 19.11
C5B LMT I . -21.15 -13.41 20.26
C6B LMT I . -21.62 -14.28 21.41
O1B LMT I . -19.16 -11.70 19.24
O2B LMT I . -19.61 -12.25 16.66
O3B LMT I . -22.43 -12.85 16.78
O4' LMT I . -23.37 -12.97 19.54
O5B LMT I . -19.85 -13.79 19.88
O6B LMT I . -22.11 -15.47 20.92
C1' LMT I . -16.28 -8.97 20.41
C2' LMT I . -16.19 -9.40 18.93
C3' LMT I . -17.43 -10.22 18.48
C4' LMT I . -17.85 -11.26 19.54
C5' LMT I . -17.91 -10.48 20.86
C6' LMT I . -18.57 -11.21 22.01
O1' LMT I . -15.09 -8.47 20.85
O2' LMT I . -16.12 -8.25 18.17
O3' LMT I . -17.18 -10.84 17.29
O5' LMT I . -16.62 -10.08 21.22
O6' LMT I . -19.30 -10.26 22.67
C1 LMT I . -15.12 -7.11 21.19
C2 LMT I . -13.78 -6.80 21.80
C3 LMT I . -13.23 -5.43 21.53
C4 LMT I . -13.28 -4.65 22.82
C5 LMT I . -14.67 -4.20 23.12
C6 LMT I . -15.28 -3.42 22.00
C7 LMT I . -16.64 -3.95 21.68
C8 LMT I . -17.68 -3.11 22.32
C9 LMT I . -18.54 -3.84 23.30
C10 LMT I . -19.98 -3.61 22.89
C11 LMT I . -20.90 -4.50 23.67
C12 LMT I . -22.34 -4.15 23.45
C1B LMT J . 25.33 36.18 -28.72
C2B LMT J . 25.71 37.35 -27.77
C3B LMT J . 25.57 38.71 -28.47
C4B LMT J . 26.24 38.70 -29.87
C5B LMT J . 25.74 37.47 -30.63
C6B LMT J . 26.38 37.43 -32.01
O1B LMT J . 23.96 36.15 -28.95
O2B LMT J . 24.87 37.28 -26.67
O3B LMT J . 26.00 39.74 -27.68
O4' LMT J . 25.88 39.83 -30.57
O5B LMT J . 26.00 36.29 -29.93
O6B LMT J . 25.43 37.18 -32.97
C1' LMT J . 20.80 33.40 -28.68
C2' LMT J . 21.20 34.14 -27.37
C3' LMT J . 22.08 35.38 -27.68
C4' LMT J . 23.26 34.98 -28.58
C5' LMT J . 22.57 34.36 -29.81
C6' LMT J . 23.46 34.16 -31.02
O1' LMT J . 20.24 32.19 -28.38
O2' LMT J . 20.07 34.58 -26.73
O3' LMT J . 22.54 35.95 -26.53
O5' LMT J . 21.96 33.14 -29.45
O6' LMT J . 24.49 33.35 -30.61
C1 LMT J . 19.61 31.52 -29.46
C2 LMT J . 18.21 31.22 -28.98
C3 LMT J . 18.06 30.22 -27.90
C4 LMT J . 16.58 30.04 -27.63
C5 LMT J . 16.10 28.72 -28.16
C6 LMT J . 15.07 28.09 -27.29
C7 LMT J . 15.02 26.60 -27.52
C8 LMT J . 14.05 26.31 -28.61
C9 LMT J . 14.19 24.96 -29.22
C10 LMT J . 13.16 24.83 -30.31
C11 LMT J . 13.55 25.63 -31.51
C12 LMT J . 12.95 25.07 -32.76
#